data_4EVN
#
_entry.id   4EVN
#
_cell.length_a   70.110
_cell.length_b   159.270
_cell.length_c   176.440
_cell.angle_alpha   90.00
_cell.angle_beta   89.73
_cell.angle_gamma   90.00
#
_symmetry.space_group_name_H-M   'P 1 21 1'
#
loop_
_entity.id
_entity.type
_entity.pdbx_description
1 polymer 'Fab Heavy Chain'
2 polymer 'Fab Lambda Light Chain'
#
loop_
_entity_poly.entity_id
_entity_poly.type
_entity_poly.pdbx_seq_one_letter_code
_entity_poly.pdbx_strand_id
1 'polypeptide(L)'
;QVQLVESGAEVKKPGSSVKVSCKASGGPFRSYAISWVRQAPGQGPEWMGGIIPIFGTTKYAPKFQGRVTITADDFAGTVY
MELSSLRSEDTAMYYCAKHMGYQVRETMDVWGKGTTVTVSSASTKGPSVFPLAPSSKSTSGGTAALGCLVKDYFPEPVTV
SWNSGALTSGVHTFPAVLQSSGLYSLSSVVTVPSSSLGTQTYICNVNHKPSNTKVDKRVEPKSCDKSGRLVPRGSGHHHH
HH
;
A,C,E,G,I,K,M,O
2 'polypeptide(L)'
;QSVLTQPPSVSAAPGQKVTISCSGSSSNIGNNYVSWYQQLPGTAPKLLIYDNNKRPSGIPDRFSGSKSGTSATLGITGLQ
TGDEADYYCGTWDSSLSAYVVFGGGTKLTVLGQPKANPTVTLFPPSSEELQANKATLVCLISDFYPGAVTVAWKADGSPV
KAGVETTKPSKQSNNKYAASSYLSLTPEQWKSHRSYSCQVTHEGSTVEKTVAPTECS
;
B,D,F,H,J,L,N,P
#
# COMPACT_ATOMS: atom_id res chain seq x y z
N GLN A 1 -0.19 47.19 -8.94
CA GLN A 1 0.43 47.17 -7.62
C GLN A 1 -0.18 46.11 -6.68
N VAL A 2 -0.94 45.17 -7.26
CA VAL A 2 -1.48 44.02 -6.52
C VAL A 2 -1.08 42.66 -7.11
N GLN A 3 -0.45 41.81 -6.30
CA GLN A 3 0.15 40.57 -6.79
C GLN A 3 -0.43 39.35 -6.08
N LEU A 4 -0.54 38.24 -6.80
CA LEU A 4 -1.03 37.01 -6.21
C LEU A 4 0.03 35.94 -6.21
N VAL A 5 0.11 35.20 -5.10
CA VAL A 5 1.08 34.13 -4.94
C VAL A 5 0.43 32.94 -4.23
N GLU A 6 0.33 31.80 -4.91
CA GLU A 6 -0.24 30.61 -4.27
C GLU A 6 0.77 29.74 -3.53
N SER A 7 0.28 28.70 -2.85
CA SER A 7 1.17 27.80 -2.10
C SER A 7 1.86 26.80 -3.02
N GLY A 8 2.71 25.96 -2.44
CA GLY A 8 3.48 25.01 -3.22
C GLY A 8 2.72 23.77 -3.70
N ALA A 9 3.37 22.99 -4.56
CA ALA A 9 2.78 21.81 -5.14
C ALA A 9 2.34 20.79 -4.08
N GLU A 10 1.29 20.04 -4.38
CA GLU A 10 0.82 19.01 -3.48
C GLU A 10 0.71 17.67 -4.20
N VAL A 11 0.97 16.60 -3.46
CA VAL A 11 0.79 15.25 -3.97
C VAL A 11 -0.11 14.49 -3.02
N LYS A 12 -1.19 13.94 -3.56
CA LYS A 12 -2.24 13.35 -2.73
C LYS A 12 -2.66 11.95 -3.18
N LYS A 13 -3.08 11.14 -2.22
CA LYS A 13 -3.65 9.84 -2.55
C LYS A 13 -5.16 9.98 -2.70
N PRO A 14 -5.78 9.15 -3.54
CA PRO A 14 -7.23 9.24 -3.75
C PRO A 14 -8.03 9.13 -2.45
N GLY A 15 -9.03 10.00 -2.29
CA GLY A 15 -9.89 9.96 -1.12
C GLY A 15 -9.51 10.98 -0.08
N SER A 16 -8.29 11.49 -0.17
CA SER A 16 -7.81 12.48 0.79
C SER A 16 -8.26 13.88 0.43
N SER A 17 -8.01 14.83 1.33
CA SER A 17 -8.32 16.24 1.08
C SER A 17 -7.05 17.02 0.77
N VAL A 18 -7.23 18.19 0.17
CA VAL A 18 -6.10 19.10 -0.06
C VAL A 18 -6.57 20.55 0.09
N LYS A 19 -5.77 21.37 0.75
CA LYS A 19 -6.14 22.76 0.99
C LYS A 19 -5.07 23.72 0.50
N VAL A 20 -5.32 24.33 -0.66
CA VAL A 20 -4.41 25.26 -1.30
C VAL A 20 -4.67 26.70 -0.83
N SER A 21 -3.60 27.51 -0.73
CA SER A 21 -3.77 28.90 -0.31
C SER A 21 -3.25 29.93 -1.33
N CYS A 22 -3.78 31.14 -1.26
CA CYS A 22 -3.42 32.21 -2.17
C CYS A 22 -3.21 33.48 -1.36
N LYS A 23 -2.03 34.09 -1.50
CA LYS A 23 -1.69 35.28 -0.74
C LYS A 23 -1.56 36.56 -1.59
N ALA A 24 -2.18 37.64 -1.12
CA ALA A 24 -2.23 38.88 -1.89
C ALA A 24 -1.41 40.01 -1.28
N SER A 25 -0.56 40.63 -2.10
CA SER A 25 0.14 41.85 -1.69
C SER A 25 -0.79 43.02 -1.97
N GLY A 26 -0.33 44.24 -1.73
CA GLY A 26 -1.23 45.39 -1.73
C GLY A 26 -2.27 45.12 -0.65
N GLY A 27 -3.55 45.23 -1.00
CA GLY A 27 -4.63 44.85 -0.10
C GLY A 27 -4.59 45.52 1.25
N PRO A 28 -4.45 44.74 2.34
CA PRO A 28 -4.50 43.27 2.37
C PRO A 28 -5.93 42.78 2.56
N PHE A 29 -6.72 43.53 3.33
CA PHE A 29 -8.15 43.34 3.40
C PHE A 29 -8.69 43.68 2.02
N ARG A 30 -9.58 42.83 1.51
CA ARG A 30 -9.97 42.90 0.12
C ARG A 30 -11.17 43.82 -0.12
N SER A 31 -11.30 44.27 -1.37
CA SER A 31 -12.48 45.00 -1.84
C SER A 31 -12.71 44.50 -3.27
N TYR A 32 -12.22 43.29 -3.51
CA TYR A 32 -12.36 42.61 -4.79
C TYR A 32 -12.66 41.14 -4.56
N ALA A 33 -13.43 40.53 -5.46
CA ALA A 33 -13.70 39.11 -5.38
C ALA A 33 -12.46 38.33 -5.79
N ILE A 34 -12.33 37.11 -5.27
CA ILE A 34 -11.26 36.18 -5.67
C ILE A 34 -11.80 34.80 -6.05
N SER A 35 -11.33 34.24 -7.16
CA SER A 35 -11.82 32.95 -7.64
C SER A 35 -10.73 31.86 -7.71
N TRP A 36 -11.16 30.61 -7.83
CA TRP A 36 -10.23 29.52 -8.11
C TRP A 36 -10.55 28.87 -9.44
N VAL A 37 -9.54 28.70 -10.28
CA VAL A 37 -9.76 28.08 -11.58
C VAL A 37 -8.71 27.02 -11.82
N ARG A 38 -9.16 25.83 -12.19
CA ARG A 38 -8.24 24.74 -12.47
C ARG A 38 -8.12 24.47 -13.98
N GLN A 39 -7.04 23.81 -14.35
CA GLN A 39 -6.85 23.42 -15.73
C GLN A 39 -6.21 22.03 -15.75
N ALA A 40 -6.99 21.03 -16.14
CA ALA A 40 -6.48 19.67 -16.33
C ALA A 40 -5.52 19.70 -17.52
N PRO A 41 -4.51 18.81 -17.53
CA PRO A 41 -3.50 18.86 -18.60
C PRO A 41 -4.13 18.65 -19.99
N GLY A 42 -3.83 19.57 -20.92
CA GLY A 42 -4.49 19.58 -22.22
C GLY A 42 -6.00 19.71 -22.10
N GLN A 43 -6.45 20.80 -21.48
CA GLN A 43 -7.87 21.08 -21.29
C GLN A 43 -8.08 22.58 -21.22
N GLY A 44 -9.31 23.01 -21.48
CA GLY A 44 -9.71 24.38 -21.24
C GLY A 44 -9.84 24.61 -19.74
N PRO A 45 -9.70 25.86 -19.31
CA PRO A 45 -9.82 26.18 -17.89
C PRO A 45 -11.23 25.86 -17.38
N GLU A 46 -11.35 25.72 -16.07
CA GLU A 46 -12.60 25.32 -15.46
C GLU A 46 -12.78 26.10 -14.16
N TRP A 47 -13.84 26.89 -14.07
CA TRP A 47 -14.06 27.65 -12.88
C TRP A 47 -14.56 26.75 -11.77
N MET A 48 -14.02 26.94 -10.56
CA MET A 48 -14.41 26.14 -9.41
C MET A 48 -15.34 26.89 -8.45
N GLY A 49 -14.93 28.11 -8.09
CA GLY A 49 -15.75 28.95 -7.25
C GLY A 49 -15.01 30.23 -6.90
N GLY A 50 -15.70 31.11 -6.17
CA GLY A 50 -15.12 32.37 -5.77
C GLY A 50 -15.73 32.93 -4.50
N ILE A 51 -15.07 33.93 -3.92
CA ILE A 51 -15.54 34.52 -2.67
C ILE A 51 -15.59 36.05 -2.69
N ILE A 52 -16.76 36.59 -2.37
CA ILE A 52 -16.99 38.04 -2.38
C ILE A 52 -16.37 38.65 -1.12
N PRO A 53 -15.77 39.84 -1.25
CA PRO A 53 -15.17 40.50 -0.09
C PRO A 53 -16.23 41.05 0.85
N ILE A 54 -15.81 41.43 2.06
CA ILE A 54 -16.73 41.91 3.11
C ILE A 54 -17.76 40.84 3.46
N PHE A 55 -18.84 40.78 2.68
CA PHE A 55 -19.99 39.90 2.95
C PHE A 55 -19.64 38.41 3.02
N GLY A 56 -18.48 38.03 2.53
CA GLY A 56 -18.03 36.66 2.64
C GLY A 56 -18.83 35.60 1.93
N THR A 57 -19.87 35.99 1.19
CA THR A 57 -20.71 35.02 0.49
C THR A 57 -19.88 34.23 -0.53
N THR A 58 -20.25 32.97 -0.74
CA THR A 58 -19.52 32.13 -1.68
C THR A 58 -20.38 31.60 -2.82
N LYS A 59 -19.79 31.49 -3.99
CA LYS A 59 -20.44 30.84 -5.13
C LYS A 59 -19.56 29.72 -5.69
N TYR A 60 -20.15 28.55 -5.89
CA TYR A 60 -19.40 27.40 -6.40
C TYR A 60 -19.99 26.92 -7.72
N ALA A 61 -19.12 26.47 -8.63
CA ALA A 61 -19.56 25.87 -9.89
C ALA A 61 -20.45 24.67 -9.59
N PRO A 62 -21.35 24.33 -10.51
CA PRO A 62 -22.29 23.24 -10.23
C PRO A 62 -21.53 21.91 -10.06
N LYS A 63 -20.57 21.68 -10.95
CA LYS A 63 -19.76 20.47 -10.96
C LYS A 63 -19.05 20.15 -9.63
N PHE A 64 -18.57 21.18 -8.94
CA PHE A 64 -17.82 20.99 -7.69
C PHE A 64 -18.64 21.22 -6.44
N GLN A 65 -19.91 21.58 -6.64
CA GLN A 65 -20.78 21.92 -5.52
C GLN A 65 -20.79 20.78 -4.49
N GLY A 66 -20.45 21.12 -3.25
CA GLY A 66 -20.56 20.16 -2.16
C GLY A 66 -19.28 19.45 -1.78
N ARG A 67 -18.28 19.49 -2.65
CA ARG A 67 -16.97 18.96 -2.27
C ARG A 67 -15.83 19.96 -2.38
N VAL A 68 -16.15 21.21 -2.72
CA VAL A 68 -15.19 22.32 -2.67
C VAL A 68 -15.64 23.37 -1.65
N THR A 69 -14.69 23.90 -0.89
CA THR A 69 -14.97 24.88 0.15
C THR A 69 -13.96 26.02 0.09
N ILE A 70 -14.47 27.24 -0.08
CA ILE A 70 -13.62 28.41 -0.25
C ILE A 70 -13.78 29.34 0.94
N THR A 71 -12.65 29.76 1.52
CA THR A 71 -12.66 30.57 2.75
C THR A 71 -11.61 31.66 2.71
N ALA A 72 -11.74 32.65 3.60
CA ALA A 72 -10.79 33.75 3.62
C ALA A 72 -10.48 34.23 5.02
N ASP A 73 -9.19 34.39 5.28
CA ASP A 73 -8.74 35.00 6.51
C ASP A 73 -8.32 36.44 6.18
N ASP A 74 -9.18 37.39 6.50
CA ASP A 74 -9.00 38.78 6.08
C ASP A 74 -7.80 39.49 6.72
N PHE A 75 -7.42 39.05 7.91
CA PHE A 75 -6.39 39.73 8.69
C PHE A 75 -5.01 39.38 8.18
N ALA A 76 -4.95 38.49 7.20
CA ALA A 76 -3.68 38.05 6.63
C ALA A 76 -3.70 38.18 5.11
N GLY A 77 -4.83 38.65 4.57
CA GLY A 77 -5.00 38.77 3.14
C GLY A 77 -4.75 37.46 2.42
N THR A 78 -5.44 36.40 2.85
CA THR A 78 -5.23 35.06 2.31
C THR A 78 -6.56 34.31 2.10
N VAL A 79 -6.75 33.72 0.92
CA VAL A 79 -7.93 32.89 0.66
C VAL A 79 -7.54 31.44 0.46
N TYR A 80 -8.43 30.55 0.88
CA TYR A 80 -8.14 29.13 0.77
C TYR A 80 -9.17 28.42 -0.13
N MET A 81 -8.73 27.33 -0.73
CA MET A 81 -9.64 26.47 -1.50
C MET A 81 -9.41 25.06 -0.99
N GLU A 82 -10.48 24.37 -0.60
CA GLU A 82 -10.33 23.01 -0.07
C GLU A 82 -11.19 22.01 -0.85
N LEU A 83 -10.52 21.03 -1.47
CA LEU A 83 -11.21 20.04 -2.28
C LEU A 83 -11.10 18.68 -1.62
N SER A 84 -12.24 18.02 -1.41
CA SER A 84 -12.26 16.76 -0.67
C SER A 84 -12.67 15.58 -1.53
N SER A 85 -12.42 14.38 -1.04
CA SER A 85 -12.66 13.14 -1.79
C SER A 85 -12.01 13.20 -3.18
N LEU A 86 -10.69 13.36 -3.19
CA LEU A 86 -9.92 13.47 -4.43
C LEU A 86 -9.93 12.21 -5.29
N ARG A 87 -10.08 12.39 -6.60
CA ARG A 87 -9.92 11.30 -7.57
C ARG A 87 -8.78 11.68 -8.52
N SER A 88 -8.38 10.76 -9.38
CA SER A 88 -7.26 11.01 -10.30
C SER A 88 -7.60 12.12 -11.29
N GLU A 89 -8.88 12.31 -11.58
CA GLU A 89 -9.35 13.33 -12.52
C GLU A 89 -9.18 14.75 -11.98
N ASP A 90 -8.92 14.86 -10.68
CA ASP A 90 -8.73 16.15 -10.04
C ASP A 90 -7.30 16.65 -10.23
N THR A 91 -6.46 15.86 -10.90
CA THR A 91 -5.09 16.26 -11.15
C THR A 91 -5.10 17.40 -12.13
N ALA A 92 -4.63 18.57 -11.69
CA ALA A 92 -4.61 19.76 -12.54
C ALA A 92 -3.73 20.89 -12.01
N MET A 93 -3.61 21.95 -12.81
CA MET A 93 -3.00 23.19 -12.36
C MET A 93 -4.08 24.07 -11.69
N TYR A 94 -3.77 24.64 -10.53
CA TYR A 94 -4.76 25.39 -9.76
C TYR A 94 -4.42 26.87 -9.59
N TYR A 95 -5.11 27.75 -10.32
CA TYR A 95 -4.88 29.19 -10.22
C TYR A 95 -5.85 29.92 -9.27
N CYS A 96 -5.34 30.93 -8.58
CA CYS A 96 -6.24 31.91 -7.98
C CYS A 96 -6.21 33.12 -8.87
N ALA A 97 -7.32 33.84 -8.93
CA ALA A 97 -7.40 35.02 -9.76
C ALA A 97 -8.33 36.03 -9.14
N LYS A 98 -7.96 37.31 -9.20
CA LYS A 98 -8.82 38.34 -8.67
C LYS A 98 -9.66 38.99 -9.76
N HIS A 99 -10.83 39.49 -9.36
CA HIS A 99 -11.77 40.11 -10.28
C HIS A 99 -11.60 41.62 -10.30
N MET A 100 -11.87 42.25 -11.45
CA MET A 100 -11.75 43.71 -11.56
C MET A 100 -12.97 44.38 -10.94
N GLY A 101 -13.18 44.10 -9.66
CA GLY A 101 -14.36 44.56 -8.93
C GLY A 101 -14.71 43.57 -7.84
N TYR A 102 -15.95 43.61 -7.37
CA TYR A 102 -16.35 42.82 -6.21
C TYR A 102 -17.22 41.62 -6.56
N GLN A 103 -17.56 41.46 -7.84
CA GLN A 103 -18.43 40.38 -8.26
C GLN A 103 -17.67 39.35 -9.05
N VAL A 104 -17.99 38.09 -8.85
CA VAL A 104 -17.45 37.00 -9.66
C VAL A 104 -17.96 37.03 -11.11
N ARG A 105 -18.98 37.86 -11.41
CA ARG A 105 -19.53 38.04 -12.78
C ARG A 105 -18.62 38.91 -13.66
N GLU A 106 -17.42 39.21 -13.14
CA GLU A 106 -16.54 40.19 -13.78
C GLU A 106 -15.19 39.65 -14.21
N THR A 107 -14.55 40.38 -15.11
CA THR A 107 -13.28 39.95 -15.72
C THR A 107 -12.19 39.69 -14.68
N MET A 108 -11.47 38.60 -14.85
CA MET A 108 -10.39 38.25 -13.94
C MET A 108 -9.15 38.89 -14.53
N ASP A 109 -8.69 39.96 -13.90
CA ASP A 109 -7.63 40.80 -14.47
C ASP A 109 -6.19 40.43 -14.02
N VAL A 110 -6.06 39.84 -12.84
CA VAL A 110 -4.76 39.45 -12.32
C VAL A 110 -4.79 37.98 -11.92
N TRP A 111 -3.81 37.21 -12.38
CA TRP A 111 -3.73 35.79 -12.05
C TRP A 111 -2.43 35.43 -11.36
N GLY A 112 -2.46 34.44 -10.47
CA GLY A 112 -1.25 33.93 -9.85
C GLY A 112 -0.51 33.00 -10.81
N LYS A 113 0.76 32.70 -10.53
CA LYS A 113 1.57 31.87 -11.43
C LYS A 113 1.00 30.46 -11.58
N GLY A 114 0.40 29.95 -10.51
CA GLY A 114 -0.30 28.68 -10.57
C GLY A 114 0.35 27.70 -9.61
N THR A 115 -0.38 26.65 -9.24
CA THR A 115 0.20 25.56 -8.43
C THR A 115 -0.42 24.22 -8.79
N THR A 116 0.39 23.17 -8.79
CA THR A 116 -0.08 21.85 -9.21
C THR A 116 -0.45 20.98 -8.03
N VAL A 117 -1.63 20.36 -8.11
CA VAL A 117 -1.89 19.21 -7.28
C VAL A 117 -2.03 17.96 -8.13
N THR A 118 -1.34 16.91 -7.68
CA THR A 118 -1.27 15.64 -8.37
C THR A 118 -1.97 14.58 -7.53
N VAL A 119 -2.95 13.90 -8.11
CA VAL A 119 -3.60 12.79 -7.42
C VAL A 119 -3.19 11.45 -8.04
N SER A 120 -2.50 10.63 -7.24
CA SER A 120 -2.03 9.31 -7.68
C SER A 120 -2.09 8.32 -6.52
N SER A 121 -2.07 7.04 -6.80
CA SER A 121 -2.06 5.97 -5.80
C SER A 121 -0.66 5.57 -5.32
N ALA A 122 0.37 6.16 -5.93
CA ALA A 122 1.77 5.91 -5.58
C ALA A 122 2.26 6.51 -4.25
N SER A 123 3.34 5.93 -3.72
CA SER A 123 3.96 6.41 -2.51
C SER A 123 5.26 7.04 -2.97
N THR A 124 5.87 7.87 -2.12
CA THR A 124 7.05 8.62 -2.52
C THR A 124 8.34 7.75 -2.51
N LYS A 125 8.97 7.64 -3.68
CA LYS A 125 10.17 6.81 -3.84
C LYS A 125 11.31 7.58 -4.50
N GLY A 126 12.50 7.50 -3.91
CA GLY A 126 13.68 8.06 -4.56
C GLY A 126 14.06 7.29 -5.82
N PRO A 127 14.83 7.94 -6.72
CA PRO A 127 15.18 7.28 -7.99
C PRO A 127 16.50 6.46 -7.93
N SER A 128 16.70 5.63 -8.94
CA SER A 128 17.99 5.00 -9.13
C SER A 128 18.64 5.78 -10.26
N VAL A 129 19.94 5.97 -10.19
CA VAL A 129 20.64 6.66 -11.25
C VAL A 129 21.59 5.70 -11.96
N PHE A 130 21.47 5.64 -13.28
CA PHE A 130 22.32 4.79 -14.09
C PHE A 130 23.00 5.65 -15.15
N PRO A 131 24.27 5.34 -15.44
CA PRO A 131 25.03 6.02 -16.49
C PRO A 131 24.67 5.58 -17.92
N LEU A 132 24.55 6.55 -18.82
CA LEU A 132 24.37 6.25 -20.23
C LEU A 132 25.69 6.54 -20.93
N ALA A 133 26.54 5.51 -20.98
CA ALA A 133 27.94 5.62 -21.42
C ALA A 133 28.14 5.93 -22.91
N PRO A 134 29.10 6.84 -23.24
CA PRO A 134 29.35 7.35 -24.60
C PRO A 134 29.47 6.26 -25.66
N SER A 135 30.60 5.54 -25.63
CA SER A 135 30.89 4.40 -26.52
C SER A 135 31.12 4.76 -27.99
N SER A 136 31.47 3.75 -28.78
CA SER A 136 31.70 3.94 -30.20
C SER A 136 30.41 4.17 -31.03
N LYS A 137 29.25 3.76 -30.48
CA LYS A 137 27.92 3.90 -31.14
C LYS A 137 27.36 5.34 -31.12
N SER A 138 27.92 6.19 -30.27
CA SER A 138 27.50 7.60 -30.14
C SER A 138 28.53 8.63 -30.63
N THR A 139 29.70 8.15 -31.07
CA THR A 139 30.80 9.01 -31.54
C THR A 139 30.86 9.21 -33.08
N SER A 140 30.51 10.42 -33.50
CA SER A 140 30.63 10.89 -34.88
C SER A 140 31.04 12.36 -34.86
N GLY A 141 31.62 12.82 -35.97
CA GLY A 141 31.96 14.23 -36.18
C GLY A 141 32.79 14.91 -35.11
N GLY A 142 33.52 14.10 -34.34
CA GLY A 142 34.26 14.60 -33.19
C GLY A 142 33.40 15.08 -32.04
N THR A 143 32.14 14.64 -31.98
CA THR A 143 31.27 14.82 -30.80
C THR A 143 30.90 13.47 -30.15
N ALA A 144 30.54 13.51 -28.88
CA ALA A 144 30.01 12.33 -28.19
C ALA A 144 28.90 12.66 -27.20
N ALA A 145 27.78 11.93 -27.29
CA ALA A 145 26.68 12.11 -26.36
C ALA A 145 26.85 11.15 -25.19
N LEU A 146 26.59 11.65 -23.98
CA LEU A 146 26.58 10.82 -22.77
C LEU A 146 25.52 11.38 -21.81
N GLY A 147 25.15 10.60 -20.81
CA GLY A 147 24.00 10.98 -20.01
C GLY A 147 23.75 10.19 -18.74
N CYS A 148 22.54 10.38 -18.21
CA CYS A 148 22.10 9.78 -16.96
C CYS A 148 20.65 9.36 -17.06
N LEU A 149 20.36 8.14 -16.62
CA LEU A 149 18.98 7.65 -16.53
C LEU A 149 18.48 7.71 -15.07
N VAL A 150 17.46 8.52 -14.83
CA VAL A 150 16.91 8.69 -13.51
C VAL A 150 15.63 7.90 -13.49
N LYS A 151 15.66 6.73 -12.87
CA LYS A 151 14.60 5.72 -13.06
C LYS A 151 13.72 5.52 -11.81
N ASP A 152 12.42 5.40 -12.05
CA ASP A 152 11.44 4.99 -11.01
C ASP A 152 11.40 5.88 -9.79
N TYR A 153 11.02 7.14 -9.96
CA TYR A 153 10.87 8.05 -8.83
C TYR A 153 9.47 8.64 -8.71
N PHE A 154 9.14 9.05 -7.50
CA PHE A 154 7.89 9.74 -7.27
C PHE A 154 8.02 10.67 -6.06
N PRO A 155 7.43 11.88 -6.18
CA PRO A 155 6.81 12.41 -7.39
C PRO A 155 7.77 13.35 -8.11
N GLU A 156 7.29 14.05 -9.13
CA GLU A 156 8.08 15.15 -9.70
C GLU A 156 8.25 16.19 -8.62
N PRO A 157 9.28 17.05 -8.73
CA PRO A 157 10.24 17.13 -9.82
C PRO A 157 11.61 16.61 -9.42
N VAL A 158 12.49 16.46 -10.41
CA VAL A 158 13.87 16.15 -10.12
C VAL A 158 14.83 17.20 -10.75
N THR A 159 16.01 17.36 -10.17
CA THR A 159 16.97 18.36 -10.59
C THR A 159 18.24 17.68 -11.04
N VAL A 160 18.64 17.89 -12.29
CA VAL A 160 19.89 17.34 -12.81
C VAL A 160 20.83 18.43 -13.34
N SER A 161 21.99 18.55 -12.71
CA SER A 161 23.06 19.43 -13.21
C SER A 161 24.34 18.63 -13.45
N TRP A 162 25.34 19.25 -14.05
CA TRP A 162 26.54 18.52 -14.46
C TRP A 162 27.82 19.15 -13.91
N ASN A 163 28.73 18.31 -13.44
CA ASN A 163 29.95 18.73 -12.77
C ASN A 163 29.68 19.78 -11.71
N SER A 164 28.66 19.53 -10.90
CA SER A 164 28.28 20.40 -9.81
C SER A 164 27.91 21.84 -10.21
N GLY A 165 27.68 22.03 -11.51
CA GLY A 165 27.18 23.30 -12.01
C GLY A 165 28.01 23.89 -13.12
N ALA A 166 29.19 23.34 -13.34
CA ALA A 166 30.11 23.92 -14.29
C ALA A 166 29.63 23.74 -15.73
N LEU A 167 29.29 22.51 -16.13
CA LEU A 167 28.82 22.24 -17.48
C LEU A 167 27.37 22.69 -17.69
N THR A 168 27.13 23.59 -18.66
CA THR A 168 25.78 24.01 -18.96
C THR A 168 25.55 24.08 -20.46
N SER A 169 26.40 24.80 -21.16
CA SER A 169 26.28 24.87 -22.59
C SER A 169 26.45 23.47 -23.16
N GLY A 170 25.46 23.02 -23.92
CA GLY A 170 25.47 21.65 -24.44
C GLY A 170 24.86 20.62 -23.50
N VAL A 171 23.84 21.01 -22.74
CA VAL A 171 23.20 20.07 -21.83
C VAL A 171 21.70 20.05 -22.07
N HIS A 172 21.16 18.88 -22.39
CA HIS A 172 19.69 18.70 -22.53
C HIS A 172 19.07 17.71 -21.50
N THR A 173 18.14 18.17 -20.71
CA THR A 173 17.43 17.27 -19.82
C THR A 173 16.02 17.10 -20.34
N PHE A 174 15.72 15.91 -20.84
CA PHE A 174 14.43 15.57 -21.42
C PHE A 174 13.34 15.54 -20.36
N PRO A 175 12.12 15.94 -20.75
CA PRO A 175 10.93 15.79 -19.91
C PRO A 175 10.71 14.32 -19.54
N ALA A 176 10.18 14.07 -18.34
CA ALA A 176 9.96 12.73 -17.83
C ALA A 176 8.91 11.95 -18.63
N VAL A 177 8.82 10.66 -18.35
CA VAL A 177 7.79 9.79 -18.91
C VAL A 177 7.09 9.21 -17.71
N LEU A 178 5.80 8.92 -17.86
CA LEU A 178 5.05 8.35 -16.77
C LEU A 178 4.70 6.92 -17.09
N GLN A 179 5.34 5.97 -16.41
CA GLN A 179 5.09 4.56 -16.64
C GLN A 179 3.74 4.11 -16.08
N SER A 180 3.34 2.89 -16.41
CA SER A 180 2.08 2.35 -15.94
C SER A 180 2.13 1.93 -14.47
N SER A 181 3.34 1.93 -13.91
CA SER A 181 3.53 1.68 -12.49
C SER A 181 3.18 2.92 -11.67
N GLY A 182 2.96 4.03 -12.37
CA GLY A 182 2.77 5.32 -11.73
C GLY A 182 4.05 5.90 -11.15
N LEU A 183 5.18 5.54 -11.75
CA LEU A 183 6.47 6.09 -11.36
C LEU A 183 7.04 6.88 -12.53
N TYR A 184 7.91 7.84 -12.26
CA TYR A 184 8.49 8.65 -13.33
C TYR A 184 9.90 8.18 -13.66
N SER A 185 10.34 8.52 -14.88
CA SER A 185 11.70 8.27 -15.31
C SER A 185 12.10 9.33 -16.33
N LEU A 186 13.28 9.93 -16.14
CA LEU A 186 13.79 10.85 -17.16
C LEU A 186 15.23 10.57 -17.55
N SER A 187 15.70 11.30 -18.56
CA SER A 187 17.07 11.21 -19.05
C SER A 187 17.70 12.59 -19.25
N SER A 188 18.99 12.70 -18.97
CA SER A 188 19.69 13.98 -19.15
C SER A 188 20.94 13.73 -19.97
N VAL A 189 21.10 14.44 -21.09
CA VAL A 189 22.23 14.24 -21.98
C VAL A 189 23.09 15.49 -22.14
N VAL A 190 24.40 15.29 -22.15
CA VAL A 190 25.31 16.39 -22.43
C VAL A 190 26.10 16.06 -23.68
N THR A 191 26.08 16.95 -24.66
CA THR A 191 26.85 16.79 -25.89
C THR A 191 28.23 17.42 -25.77
N VAL A 192 29.27 16.61 -25.97
CA VAL A 192 30.66 17.08 -25.84
C VAL A 192 31.57 16.54 -26.95
N PRO A 193 32.75 17.17 -27.16
CA PRO A 193 33.73 16.70 -28.15
C PRO A 193 34.31 15.27 -27.94
N SER A 194 34.61 14.60 -29.06
CA SER A 194 35.19 13.25 -29.04
C SER A 194 36.53 13.20 -28.32
N SER A 195 37.37 14.19 -28.59
CA SER A 195 38.73 14.26 -28.04
C SER A 195 38.81 14.25 -26.51
N SER A 196 38.03 15.10 -25.86
CA SER A 196 38.07 15.21 -24.41
C SER A 196 37.68 13.91 -23.70
N LEU A 197 36.79 13.14 -24.32
CA LEU A 197 36.15 11.93 -23.75
C LEU A 197 36.92 11.11 -22.70
N GLY A 198 38.15 10.75 -23.01
CA GLY A 198 38.93 9.94 -22.10
C GLY A 198 39.64 10.77 -21.05
N THR A 199 40.13 11.93 -21.46
CA THR A 199 40.84 12.86 -20.58
C THR A 199 39.87 13.52 -19.62
N GLN A 200 38.68 13.80 -20.12
CA GLN A 200 37.72 14.58 -19.37
C GLN A 200 36.79 13.75 -18.49
N THR A 201 36.54 14.27 -17.30
CA THR A 201 35.69 13.60 -16.31
C THR A 201 34.32 14.28 -16.14
N TYR A 202 33.24 13.53 -16.39
CA TYR A 202 31.89 14.08 -16.35
C TYR A 202 31.05 13.44 -15.24
N ILE A 203 30.41 14.26 -14.40
CA ILE A 203 29.58 13.74 -13.31
C ILE A 203 28.23 14.44 -13.29
N CYS A 204 27.14 13.65 -13.22
CA CYS A 204 25.78 14.18 -13.10
C CYS A 204 25.26 14.25 -11.66
N ASN A 205 24.63 15.37 -11.32
CA ASN A 205 24.15 15.62 -9.96
C ASN A 205 22.63 15.63 -9.89
N VAL A 206 22.07 14.48 -9.55
CA VAL A 206 20.62 14.29 -9.46
C VAL A 206 20.10 14.61 -8.06
N ASN A 207 18.99 15.37 -7.99
CA ASN A 207 18.43 15.78 -6.73
C ASN A 207 16.92 15.56 -6.76
N HIS A 208 16.41 14.75 -5.85
CA HIS A 208 14.96 14.58 -5.71
C HIS A 208 14.47 15.02 -4.31
N LYS A 209 14.25 16.33 -4.13
CA LYS A 209 13.90 16.90 -2.82
C LYS A 209 12.74 16.19 -2.06
N PRO A 210 11.65 15.80 -2.76
CA PRO A 210 10.58 15.04 -2.09
C PRO A 210 10.99 13.81 -1.25
N SER A 211 11.93 13.00 -1.71
CA SER A 211 12.36 11.84 -0.90
C SER A 211 13.71 12.07 -0.23
N ASN A 212 14.16 13.33 -0.27
CA ASN A 212 15.45 13.75 0.31
C ASN A 212 16.60 12.83 -0.11
N THR A 213 16.78 12.67 -1.42
CA THR A 213 17.94 11.94 -1.95
C THR A 213 18.71 12.74 -2.99
N LYS A 214 20.02 12.83 -2.81
CA LYS A 214 20.91 13.45 -3.78
C LYS A 214 21.82 12.35 -4.24
N VAL A 215 21.83 12.07 -5.52
CA VAL A 215 22.77 11.08 -6.07
C VAL A 215 23.74 11.76 -7.03
N ASP A 216 25.02 11.45 -6.87
CA ASP A 216 26.05 11.95 -7.77
C ASP A 216 26.62 10.72 -8.48
N LYS A 217 26.71 10.76 -9.79
CA LYS A 217 27.13 9.58 -10.57
C LYS A 217 28.07 9.91 -11.74
N ARG A 218 29.23 9.23 -11.76
CA ARG A 218 30.20 9.47 -12.83
C ARG A 218 29.76 8.69 -14.06
N VAL A 219 30.02 9.23 -15.23
CA VAL A 219 29.66 8.57 -16.47
C VAL A 219 30.93 8.40 -17.30
N GLU A 220 31.33 7.14 -17.50
CA GLU A 220 32.58 6.82 -18.18
C GLU A 220 32.36 5.76 -19.24
N PRO A 221 33.18 5.77 -20.30
CA PRO A 221 33.15 4.71 -21.33
C PRO A 221 33.57 3.35 -20.77
N VAL B 3 -19.56 25.29 -21.77
CA VAL B 3 -19.86 24.87 -23.14
C VAL B 3 -19.74 26.05 -24.13
N LEU B 4 -18.54 26.59 -24.23
CA LEU B 4 -18.22 27.63 -25.21
C LEU B 4 -17.31 27.04 -26.29
N THR B 5 -17.67 27.26 -27.56
CA THR B 5 -16.99 26.58 -28.65
C THR B 5 -16.00 27.45 -29.44
N GLN B 6 -14.74 27.06 -29.41
CA GLN B 6 -13.73 27.69 -30.26
C GLN B 6 -13.13 26.65 -31.21
N PRO B 7 -12.67 27.08 -32.40
CA PRO B 7 -11.91 26.21 -33.30
C PRO B 7 -10.62 25.76 -32.63
N PRO B 8 -10.21 24.50 -32.85
CA PRO B 8 -9.09 24.00 -32.03
C PRO B 8 -7.75 24.66 -32.37
N SER B 9 -7.59 25.16 -33.59
CA SER B 9 -6.33 25.79 -34.00
C SER B 9 -6.44 26.77 -35.16
N VAL B 10 -5.49 27.70 -35.22
CA VAL B 10 -5.48 28.75 -36.24
C VAL B 10 -4.02 29.07 -36.59
N SER B 11 -3.75 29.31 -37.88
CA SER B 11 -2.38 29.56 -38.35
C SER B 11 -2.27 30.71 -39.38
N ALA B 12 -1.20 31.49 -39.29
CA ALA B 12 -0.88 32.55 -40.26
C ALA B 12 0.58 32.97 -40.21
N ALA B 13 1.03 33.63 -41.28
CA ALA B 13 2.41 34.06 -41.39
C ALA B 13 2.66 35.36 -40.60
N PRO B 14 3.91 35.60 -40.22
CA PRO B 14 4.26 36.82 -39.48
C PRO B 14 3.89 38.08 -40.27
N GLY B 15 3.23 39.01 -39.58
CA GLY B 15 2.88 40.28 -40.20
C GLY B 15 1.42 40.37 -40.59
N GLN B 16 0.78 39.22 -40.71
CA GLN B 16 -0.61 39.15 -41.13
C GLN B 16 -1.59 39.23 -39.98
N LYS B 17 -2.87 39.25 -40.34
CA LYS B 17 -3.96 39.29 -39.37
C LYS B 17 -4.61 37.91 -39.22
N VAL B 18 -5.05 37.61 -37.99
CA VAL B 18 -5.87 36.42 -37.70
C VAL B 18 -7.12 36.81 -36.93
N THR B 19 -8.09 35.89 -36.92
CA THR B 19 -9.26 36.00 -36.04
C THR B 19 -9.58 34.66 -35.39
N ILE B 20 -9.94 34.72 -34.12
CA ILE B 20 -10.35 33.56 -33.36
C ILE B 20 -11.78 33.77 -32.88
N SER B 21 -12.68 32.87 -33.28
CA SER B 21 -14.09 33.00 -32.89
C SER B 21 -14.47 32.11 -31.70
N CYS B 22 -15.53 32.50 -31.02
CA CYS B 22 -16.00 31.81 -29.84
C CYS B 22 -17.51 31.88 -29.86
N SER B 23 -18.16 30.72 -29.90
CA SER B 23 -19.61 30.65 -30.03
C SER B 23 -20.29 30.00 -28.82
N GLY B 24 -21.44 30.56 -28.43
CA GLY B 24 -22.19 30.07 -27.29
C GLY B 24 -23.68 30.28 -27.43
N SER B 25 -24.38 30.38 -26.31
CA SER B 25 -25.83 30.58 -26.29
C SER B 25 -26.19 31.97 -25.77
N SER B 26 -27.48 32.25 -25.65
CA SER B 26 -27.93 33.52 -25.12
C SER B 26 -27.76 33.64 -23.60
N SER B 27 -27.83 32.53 -22.87
CA SER B 27 -27.67 32.57 -21.41
C SER B 27 -26.23 32.93 -21.01
N ASN B 28 -25.26 32.68 -21.90
CA ASN B 28 -23.87 33.17 -21.67
C ASN B 28 -23.41 34.36 -22.55
N ILE B 29 -22.84 34.11 -23.72
CA ILE B 29 -22.32 35.20 -24.53
C ILE B 29 -23.37 36.25 -24.90
N GLY B 30 -24.57 35.81 -25.24
CA GLY B 30 -25.62 36.71 -25.63
C GLY B 30 -25.94 37.82 -24.64
N ASN B 31 -26.03 37.45 -23.36
CA ASN B 31 -26.48 38.36 -22.30
C ASN B 31 -25.38 38.89 -21.39
N ASN B 32 -24.13 38.58 -21.67
CA ASN B 32 -23.05 39.00 -20.79
C ASN B 32 -21.85 39.52 -21.55
N TYR B 33 -20.80 39.89 -20.83
CA TYR B 33 -19.58 40.45 -21.44
C TYR B 33 -18.46 39.41 -21.62
N VAL B 34 -17.82 39.45 -22.78
CA VAL B 34 -16.77 38.48 -23.11
C VAL B 34 -15.34 38.98 -22.84
N SER B 35 -14.54 38.15 -22.19
CA SER B 35 -13.11 38.44 -22.06
C SER B 35 -12.27 37.48 -22.92
N TRP B 36 -11.06 37.89 -23.24
CA TRP B 36 -10.11 36.99 -23.88
C TRP B 36 -8.85 36.87 -23.03
N TYR B 37 -8.40 35.64 -22.83
CA TYR B 37 -7.18 35.40 -22.10
C TYR B 37 -6.12 34.76 -22.99
N GLN B 38 -4.86 35.19 -22.83
CA GLN B 38 -3.73 34.58 -23.53
C GLN B 38 -2.87 33.79 -22.56
N GLN B 39 -2.47 32.59 -22.99
CA GLN B 39 -1.60 31.76 -22.17
C GLN B 39 -0.41 31.22 -22.94
N LEU B 40 0.74 31.86 -22.76
CA LEU B 40 2.00 31.34 -23.27
C LEU B 40 2.37 30.13 -22.40
N PRO B 41 3.01 29.12 -23.00
CA PRO B 41 3.44 27.90 -22.28
C PRO B 41 4.12 28.19 -20.95
N GLY B 42 3.56 27.62 -19.88
CA GLY B 42 4.08 27.79 -18.53
C GLY B 42 3.92 29.15 -17.87
N THR B 43 2.95 29.94 -18.30
CA THR B 43 2.67 31.19 -17.59
C THR B 43 1.25 31.25 -17.11
N ALA B 44 1.02 32.16 -16.18
CA ALA B 44 -0.33 32.51 -15.78
C ALA B 44 -1.05 33.08 -17.00
N PRO B 45 -2.33 32.73 -17.17
CA PRO B 45 -3.16 33.42 -18.18
C PRO B 45 -3.16 34.94 -17.96
N LYS B 46 -3.02 35.70 -19.05
CA LYS B 46 -3.05 37.16 -18.97
C LYS B 46 -4.29 37.71 -19.66
N LEU B 47 -4.87 38.77 -19.11
CA LEU B 47 -6.08 39.34 -19.69
C LEU B 47 -5.72 40.20 -20.89
N LEU B 48 -6.28 39.86 -22.04
CA LEU B 48 -6.03 40.60 -23.29
C LEU B 48 -7.12 41.62 -23.56
N ILE B 49 -8.36 41.16 -23.40
CA ILE B 49 -9.53 41.98 -23.73
C ILE B 49 -10.70 41.72 -22.79
N TYR B 50 -11.36 42.78 -22.33
CA TYR B 50 -12.52 42.64 -21.47
C TYR B 50 -13.68 43.52 -21.95
N ASP B 51 -14.87 43.29 -21.41
CA ASP B 51 -16.05 44.04 -21.82
C ASP B 51 -16.23 44.02 -23.34
N ASN B 52 -16.03 42.83 -23.92
CA ASN B 52 -16.16 42.59 -25.36
C ASN B 52 -15.06 43.23 -26.24
N ASN B 53 -14.84 44.54 -26.06
CA ASN B 53 -13.93 45.28 -26.92
C ASN B 53 -12.97 46.22 -26.22
N LYS B 54 -13.01 46.26 -24.89
CA LYS B 54 -12.07 47.11 -24.14
C LYS B 54 -10.75 46.37 -23.86
N ARG B 55 -9.66 47.12 -23.86
CA ARG B 55 -8.34 46.54 -23.75
C ARG B 55 -7.59 47.23 -22.62
N PRO B 56 -7.13 46.44 -21.64
CA PRO B 56 -6.49 46.98 -20.43
C PRO B 56 -5.23 47.77 -20.76
N SER B 57 -4.81 48.67 -19.89
CA SER B 57 -3.58 49.43 -20.12
C SER B 57 -2.42 48.48 -20.07
N GLY B 58 -1.60 48.52 -21.12
CA GLY B 58 -0.44 47.66 -21.18
C GLY B 58 -0.55 46.53 -22.19
N ILE B 59 -1.64 46.53 -22.93
CA ILE B 59 -1.84 45.57 -24.02
C ILE B 59 -1.76 46.28 -25.36
N PRO B 60 -0.87 45.79 -26.26
CA PRO B 60 -0.67 46.36 -27.60
C PRO B 60 -1.99 46.57 -28.33
N ASP B 61 -2.07 47.65 -29.10
CA ASP B 61 -3.32 48.02 -29.78
C ASP B 61 -3.63 47.18 -31.02
N ARG B 62 -2.79 46.20 -31.31
CA ARG B 62 -3.05 45.30 -32.42
C ARG B 62 -3.95 44.14 -31.97
N PHE B 63 -4.26 44.11 -30.68
CA PHE B 63 -5.31 43.24 -30.17
C PHE B 63 -6.66 43.97 -30.15
N SER B 64 -7.68 43.32 -30.69
CA SER B 64 -9.00 43.93 -30.84
C SER B 64 -10.08 42.89 -30.55
N GLY B 65 -11.20 43.34 -30.01
CA GLY B 65 -12.27 42.42 -29.68
C GLY B 65 -13.61 42.90 -30.22
N SER B 66 -14.51 41.96 -30.46
CA SER B 66 -15.86 42.30 -30.93
C SER B 66 -16.86 41.21 -30.57
N LYS B 67 -18.12 41.63 -30.37
CA LYS B 67 -19.20 40.69 -30.07
C LYS B 67 -20.40 41.02 -30.93
N SER B 68 -20.93 39.99 -31.55
CA SER B 68 -22.06 40.16 -32.43
C SER B 68 -23.06 39.04 -32.16
N GLY B 69 -24.18 39.38 -31.51
CA GLY B 69 -25.23 38.41 -31.19
C GLY B 69 -24.84 37.36 -30.18
N THR B 70 -24.71 36.12 -30.64
CA THR B 70 -24.47 34.98 -29.76
C THR B 70 -22.99 34.54 -29.76
N SER B 71 -22.16 35.27 -30.50
CA SER B 71 -20.72 34.95 -30.55
C SER B 71 -19.80 36.18 -30.46
N ALA B 72 -18.52 35.91 -30.27
CA ALA B 72 -17.50 36.96 -30.16
C ALA B 72 -16.23 36.55 -30.92
N THR B 73 -15.50 37.52 -31.44
CA THR B 73 -14.24 37.23 -32.14
C THR B 73 -13.06 38.09 -31.63
N LEU B 74 -11.92 37.43 -31.39
CA LEU B 74 -10.68 38.13 -31.06
C LEU B 74 -9.88 38.35 -32.34
N GLY B 75 -9.15 39.45 -32.41
CA GLY B 75 -8.41 39.80 -33.62
C GLY B 75 -7.01 40.28 -33.31
N ILE B 76 -6.04 39.75 -34.04
CA ILE B 76 -4.65 40.15 -33.86
C ILE B 76 -4.07 40.56 -35.20
N THR B 77 -3.49 41.75 -35.26
CA THR B 77 -2.86 42.22 -36.50
C THR B 77 -1.36 42.32 -36.31
N GLY B 78 -0.64 42.39 -37.44
CA GLY B 78 0.81 42.44 -37.42
C GLY B 78 1.41 41.42 -36.47
N LEU B 79 0.96 40.19 -36.60
CA LEU B 79 1.30 39.21 -35.60
C LEU B 79 2.77 38.79 -35.66
N GLN B 80 3.40 38.78 -34.50
CA GLN B 80 4.81 38.45 -34.36
C GLN B 80 4.90 37.05 -33.79
N THR B 81 6.06 36.43 -33.90
CA THR B 81 6.24 35.04 -33.48
C THR B 81 5.99 34.85 -31.98
N GLY B 82 6.07 35.94 -31.22
CA GLY B 82 5.86 35.87 -29.79
C GLY B 82 4.40 35.71 -29.40
N ASP B 83 3.52 35.74 -30.39
CA ASP B 83 2.08 35.61 -30.20
C ASP B 83 1.60 34.15 -30.11
N GLU B 84 2.51 33.22 -30.41
CA GLU B 84 2.21 31.78 -30.36
C GLU B 84 1.84 31.32 -28.94
N ALA B 85 0.56 31.03 -28.74
CA ALA B 85 0.06 30.58 -27.44
C ALA B 85 -1.34 29.96 -27.54
N ASP B 86 -1.86 29.48 -26.41
CA ASP B 86 -3.24 29.03 -26.38
C ASP B 86 -4.11 30.23 -26.04
N TYR B 87 -5.22 30.42 -26.76
CA TYR B 87 -6.17 31.53 -26.52
C TYR B 87 -7.55 31.08 -26.04
N TYR B 88 -7.98 31.63 -24.91
CA TYR B 88 -9.24 31.26 -24.30
C TYR B 88 -10.23 32.44 -24.18
N CYS B 89 -11.47 32.22 -24.59
CA CYS B 89 -12.58 33.15 -24.30
C CYS B 89 -13.32 32.76 -23.02
N GLY B 90 -13.86 33.76 -22.35
CA GLY B 90 -14.55 33.54 -21.09
C GLY B 90 -15.67 34.54 -20.83
N THR B 91 -16.73 34.07 -20.18
CA THR B 91 -17.86 34.92 -19.88
C THR B 91 -18.61 34.38 -18.66
N TRP B 92 -19.79 34.94 -18.41
CA TRP B 92 -20.68 34.51 -17.33
C TRP B 92 -21.98 33.88 -17.87
N ASP B 93 -22.32 32.69 -17.38
CA ASP B 93 -23.57 32.04 -17.77
C ASP B 93 -24.67 32.43 -16.77
N SER B 94 -25.75 32.99 -17.29
CA SER B 94 -26.74 33.65 -16.47
C SER B 94 -27.92 32.75 -16.15
N SER B 95 -27.94 31.54 -16.72
CA SER B 95 -28.99 30.56 -16.41
C SER B 95 -28.94 30.11 -14.94
N LEU B 96 -29.84 29.22 -14.53
CA LEU B 96 -29.90 28.81 -13.13
C LEU B 96 -28.61 28.17 -12.64
N SER B 97 -27.84 27.63 -13.58
CA SER B 97 -26.50 27.13 -13.32
C SER B 97 -25.64 28.16 -12.58
N ALA B 98 -25.68 29.40 -13.07
CA ALA B 98 -25.00 30.55 -12.46
C ALA B 98 -23.50 30.34 -12.21
N TYR B 99 -22.71 30.43 -13.28
CA TYR B 99 -21.28 30.19 -13.15
C TYR B 99 -20.48 30.84 -14.27
N VAL B 100 -19.15 30.85 -14.08
CA VAL B 100 -18.20 31.34 -15.05
C VAL B 100 -17.84 30.19 -15.99
N VAL B 101 -17.97 30.43 -17.29
CA VAL B 101 -17.79 29.36 -18.28
C VAL B 101 -16.69 29.74 -19.27
N PHE B 102 -15.91 28.76 -19.73
CA PHE B 102 -14.79 29.02 -20.68
C PHE B 102 -14.94 28.27 -22.01
N GLY B 103 -14.17 28.71 -22.99
CA GLY B 103 -14.10 28.05 -24.27
C GLY B 103 -13.08 26.93 -24.26
N GLY B 104 -13.01 26.18 -25.36
CA GLY B 104 -12.11 25.05 -25.44
C GLY B 104 -10.66 25.44 -25.60
N GLY B 105 -10.44 26.64 -26.13
CA GLY B 105 -9.10 27.12 -26.46
C GLY B 105 -8.81 26.95 -27.94
N THR B 106 -8.01 27.86 -28.50
CA THR B 106 -7.42 27.62 -29.83
C THR B 106 -5.90 27.85 -29.75
N LYS B 107 -5.11 26.99 -30.40
CA LYS B 107 -3.67 27.17 -30.42
C LYS B 107 -3.26 27.91 -31.70
N LEU B 108 -2.70 29.10 -31.51
CA LEU B 108 -2.21 29.89 -32.62
C LEU B 108 -0.76 29.53 -32.90
N THR B 109 -0.49 29.03 -34.11
CA THR B 109 0.89 28.78 -34.54
C THR B 109 1.32 29.76 -35.65
N VAL B 110 2.58 30.14 -35.66
CA VAL B 110 3.09 31.02 -36.72
C VAL B 110 3.90 30.24 -37.77
N LEU B 111 3.58 30.48 -39.04
CA LEU B 111 4.17 29.73 -40.16
C LEU B 111 5.68 29.95 -40.31
N GLY B 112 6.36 29.03 -41.01
CA GLY B 112 7.77 29.21 -41.31
C GLY B 112 8.78 29.17 -40.17
N GLN B 113 9.42 28.02 -40.06
CA GLN B 113 10.69 27.74 -39.43
C GLN B 113 11.10 26.64 -40.41
N PRO B 114 12.39 26.46 -40.65
CA PRO B 114 12.81 25.43 -41.62
C PRO B 114 12.57 24.00 -41.10
N LYS B 115 12.27 23.06 -42.00
CA LYS B 115 12.28 21.64 -41.64
C LYS B 115 13.64 21.32 -41.03
N ALA B 116 13.65 20.71 -39.84
CA ALA B 116 14.89 20.23 -39.24
C ALA B 116 14.84 18.73 -39.02
N ASN B 117 15.64 17.97 -39.77
CA ASN B 117 15.63 16.52 -39.62
C ASN B 117 16.18 16.12 -38.22
N PRO B 118 15.56 15.12 -37.57
CA PRO B 118 15.88 14.75 -36.18
C PRO B 118 17.20 14.01 -36.01
N THR B 119 17.85 14.23 -34.87
CA THR B 119 19.09 13.54 -34.58
C THR B 119 18.76 12.51 -33.49
N VAL B 120 19.22 11.27 -33.65
CA VAL B 120 18.77 10.17 -32.81
C VAL B 120 19.92 9.43 -32.07
N THR B 121 19.83 9.43 -30.75
CA THR B 121 20.80 8.72 -29.92
C THR B 121 20.20 7.53 -29.19
N LEU B 122 20.78 6.34 -29.36
CA LEU B 122 20.26 5.13 -28.73
C LEU B 122 21.27 4.52 -27.77
N PHE B 123 20.85 4.38 -26.51
CA PHE B 123 21.67 3.73 -25.47
C PHE B 123 21.09 2.38 -25.05
N PRO B 124 21.97 1.39 -24.83
CA PRO B 124 21.56 0.07 -24.36
C PRO B 124 21.59 0.06 -22.85
N PRO B 125 21.11 -1.02 -22.22
CA PRO B 125 21.13 -1.07 -20.76
C PRO B 125 22.53 -0.92 -20.16
N SER B 126 22.67 -0.12 -19.11
CA SER B 126 23.92 -0.01 -18.37
C SER B 126 24.17 -1.29 -17.60
N SER B 127 25.45 -1.60 -17.36
CA SER B 127 25.78 -2.86 -16.73
C SER B 127 25.27 -2.92 -15.28
N GLU B 128 25.29 -1.78 -14.59
CA GLU B 128 24.81 -1.75 -13.21
C GLU B 128 23.30 -1.94 -13.11
N GLU B 129 22.58 -1.64 -14.19
CA GLU B 129 21.15 -1.82 -14.18
C GLU B 129 20.83 -3.28 -14.43
N LEU B 130 21.58 -3.92 -15.32
CA LEU B 130 21.47 -5.35 -15.57
C LEU B 130 21.76 -6.13 -14.28
N GLN B 131 22.80 -5.70 -13.59
CA GLN B 131 23.17 -6.21 -12.27
C GLN B 131 22.10 -5.95 -11.20
N ALA B 132 21.16 -5.07 -11.48
CA ALA B 132 20.06 -4.80 -10.56
C ALA B 132 18.79 -5.51 -11.05
N ASN B 133 18.99 -6.42 -12.02
CA ASN B 133 17.93 -7.26 -12.57
C ASN B 133 16.83 -6.54 -13.36
N LYS B 134 17.19 -5.42 -13.99
CA LYS B 134 16.26 -4.70 -14.87
C LYS B 134 17.01 -4.34 -16.14
N ALA B 135 16.28 -3.96 -17.20
CA ALA B 135 16.94 -3.54 -18.44
C ALA B 135 16.13 -2.52 -19.21
N THR B 136 16.74 -1.36 -19.46
CA THR B 136 16.06 -0.27 -20.15
C THR B 136 16.85 0.23 -21.33
N LEU B 137 16.28 0.09 -22.55
CA LEU B 137 16.81 0.75 -23.75
C LEU B 137 16.24 2.17 -23.84
N VAL B 138 17.11 3.15 -24.08
CA VAL B 138 16.70 4.55 -24.12
C VAL B 138 16.94 5.14 -25.50
N CYS B 139 15.89 5.65 -26.14
CA CYS B 139 16.08 6.34 -27.44
C CYS B 139 15.74 7.81 -27.29
N LEU B 140 16.74 8.67 -27.51
CA LEU B 140 16.55 10.10 -27.42
C LEU B 140 16.55 10.79 -28.79
N ILE B 141 15.49 11.56 -29.02
CA ILE B 141 15.33 12.27 -30.28
C ILE B 141 15.30 13.79 -30.08
N SER B 142 16.20 14.53 -30.73
CA SER B 142 16.24 15.98 -30.54
C SER B 142 16.37 16.81 -31.82
N ASP B 143 16.00 18.09 -31.71
CA ASP B 143 16.24 19.11 -32.74
C ASP B 143 15.44 18.94 -34.04
N PHE B 144 14.28 18.33 -33.96
CA PHE B 144 13.43 18.20 -35.15
C PHE B 144 12.34 19.29 -35.25
N TYR B 145 11.98 19.63 -36.47
CA TYR B 145 10.83 20.50 -36.69
C TYR B 145 10.24 20.18 -38.06
N PRO B 146 8.90 20.04 -38.16
CA PRO B 146 7.89 20.24 -37.11
C PRO B 146 7.86 19.14 -36.06
N GLY B 147 7.14 19.37 -34.98
CA GLY B 147 7.28 18.57 -33.77
C GLY B 147 6.42 17.33 -33.70
N ALA B 148 6.43 16.52 -34.76
CA ALA B 148 5.68 15.28 -34.75
C ALA B 148 6.50 14.13 -35.33
N VAL B 149 6.83 13.15 -34.49
CA VAL B 149 7.50 11.93 -34.92
C VAL B 149 6.72 10.69 -34.47
N THR B 150 6.84 9.59 -35.21
CA THR B 150 6.41 8.29 -34.68
C THR B 150 7.66 7.44 -34.41
N VAL B 151 7.56 6.54 -33.43
CA VAL B 151 8.70 5.71 -33.01
C VAL B 151 8.33 4.22 -33.06
N ALA B 152 9.22 3.41 -33.62
CA ALA B 152 8.95 1.97 -33.71
C ALA B 152 10.14 1.12 -33.28
N TRP B 153 9.91 0.16 -32.39
CA TRP B 153 10.99 -0.72 -31.94
C TRP B 153 11.05 -2.06 -32.68
N LYS B 154 12.25 -2.62 -32.79
CA LYS B 154 12.50 -3.87 -33.49
C LYS B 154 13.29 -4.86 -32.62
N ALA B 155 12.81 -6.09 -32.50
CA ALA B 155 13.58 -7.17 -31.91
C ALA B 155 14.19 -7.96 -33.06
N ASP B 156 15.50 -7.93 -33.16
CA ASP B 156 16.21 -8.43 -34.36
C ASP B 156 15.73 -7.72 -35.64
N GLY B 157 14.69 -8.28 -36.26
CA GLY B 157 14.11 -7.68 -37.44
C GLY B 157 12.60 -7.53 -37.38
N SER B 158 11.97 -8.10 -36.36
CA SER B 158 10.53 -8.02 -36.22
C SER B 158 10.13 -7.08 -35.09
N PRO B 159 9.01 -6.37 -35.25
CA PRO B 159 8.57 -5.36 -34.27
C PRO B 159 8.16 -5.94 -32.92
N VAL B 160 8.30 -5.15 -31.86
CA VAL B 160 7.74 -5.50 -30.57
C VAL B 160 6.94 -4.31 -30.03
N LYS B 161 5.70 -4.57 -29.63
CA LYS B 161 4.81 -3.50 -29.18
C LYS B 161 4.76 -3.48 -27.66
N ALA B 162 5.13 -4.60 -27.05
CA ALA B 162 5.04 -4.77 -25.61
C ALA B 162 6.23 -4.19 -24.87
N GLY B 163 5.96 -3.35 -23.88
CA GLY B 163 7.02 -2.80 -23.04
C GLY B 163 7.50 -1.41 -23.42
N VAL B 164 6.79 -0.78 -24.34
CA VAL B 164 7.20 0.50 -24.89
C VAL B 164 6.48 1.64 -24.21
N GLU B 165 7.25 2.67 -23.80
CA GLU B 165 6.74 3.97 -23.33
C GLU B 165 7.39 5.13 -24.09
N THR B 166 6.59 5.98 -24.72
CA THR B 166 7.09 7.15 -25.46
C THR B 166 6.44 8.43 -24.92
N THR B 167 7.18 9.54 -24.91
CA THR B 167 6.65 10.82 -24.47
C THR B 167 5.91 11.55 -25.58
N LYS B 168 5.13 12.56 -25.21
CA LYS B 168 4.66 13.55 -26.18
C LYS B 168 5.87 14.39 -26.55
N PRO B 169 5.99 14.74 -27.83
CA PRO B 169 7.09 15.65 -28.22
C PRO B 169 6.93 17.01 -27.53
N SER B 170 8.03 17.65 -27.16
CA SER B 170 7.94 18.93 -26.49
C SER B 170 9.00 19.91 -27.04
N LYS B 171 8.57 21.16 -27.27
CA LYS B 171 9.46 22.24 -27.72
C LYS B 171 10.61 22.52 -26.76
N GLN B 172 11.85 22.36 -27.23
CA GLN B 172 13.04 22.63 -26.45
C GLN B 172 13.23 24.15 -26.28
N SER B 173 14.37 24.54 -25.71
CA SER B 173 14.60 25.96 -25.51
C SER B 173 14.93 26.61 -26.85
N ASN B 174 15.64 25.88 -27.73
CA ASN B 174 16.02 26.44 -29.02
C ASN B 174 14.93 26.43 -30.08
N ASN B 175 13.69 26.30 -29.64
CA ASN B 175 12.51 26.34 -30.52
C ASN B 175 12.36 25.18 -31.48
N LYS B 176 13.11 24.10 -31.26
CA LYS B 176 12.89 22.85 -31.97
C LYS B 176 12.24 21.87 -31.01
N TYR B 177 12.02 20.62 -31.42
CA TYR B 177 11.31 19.66 -30.58
C TYR B 177 12.15 18.45 -30.13
N ALA B 178 11.76 17.84 -29.01
CA ALA B 178 12.46 16.67 -28.47
C ALA B 178 11.50 15.58 -28.06
N ALA B 179 11.97 14.34 -27.97
CA ALA B 179 11.13 13.25 -27.52
C ALA B 179 11.96 12.09 -27.02
N SER B 180 11.42 11.39 -26.04
CA SER B 180 12.09 10.25 -25.44
C SER B 180 11.24 9.00 -25.67
N SER B 181 11.88 7.86 -25.95
CA SER B 181 11.20 6.56 -25.94
C SER B 181 11.98 5.50 -25.16
N TYR B 182 11.32 4.83 -24.23
CA TYR B 182 11.96 3.80 -23.37
C TYR B 182 11.35 2.41 -23.63
N LEU B 183 12.20 1.42 -23.89
CA LEU B 183 11.77 0.03 -24.00
C LEU B 183 12.21 -0.79 -22.77
N SER B 184 11.25 -1.31 -22.00
CA SER B 184 11.60 -2.04 -20.77
C SER B 184 11.61 -3.56 -20.94
N LEU B 185 12.75 -4.18 -20.68
CA LEU B 185 12.92 -5.63 -20.88
C LEU B 185 13.47 -6.32 -19.62
N THR B 186 13.41 -7.65 -19.60
CA THR B 186 14.16 -8.43 -18.61
C THR B 186 15.59 -8.61 -19.13
N PRO B 187 16.55 -8.79 -18.22
CA PRO B 187 17.90 -9.09 -18.69
C PRO B 187 17.91 -10.37 -19.53
N GLU B 188 17.03 -11.32 -19.21
CA GLU B 188 16.93 -12.55 -20.01
C GLU B 188 16.54 -12.21 -21.46
N GLN B 189 15.53 -11.38 -21.66
CA GLN B 189 15.11 -10.97 -23.01
C GLN B 189 16.21 -10.18 -23.74
N TRP B 190 16.86 -9.26 -23.02
CA TRP B 190 17.90 -8.42 -23.59
C TRP B 190 19.04 -9.24 -24.21
N LYS B 191 19.64 -10.10 -23.41
CA LYS B 191 20.70 -11.00 -23.86
C LYS B 191 20.18 -12.09 -24.82
N SER B 192 18.86 -12.13 -25.01
CA SER B 192 18.22 -13.17 -25.82
C SER B 192 18.19 -12.86 -27.31
N HIS B 193 18.56 -11.64 -27.70
CA HIS B 193 18.45 -11.28 -29.11
C HIS B 193 19.78 -10.82 -29.71
N ARG B 194 19.84 -10.80 -31.03
CA ARG B 194 21.01 -10.35 -31.78
C ARG B 194 21.21 -8.84 -31.64
N SER B 195 20.18 -8.08 -32.00
CA SER B 195 20.22 -6.64 -31.84
C SER B 195 18.82 -6.10 -31.66
N TYR B 196 18.74 -4.88 -31.12
CA TYR B 196 17.48 -4.13 -30.97
C TYR B 196 17.61 -2.81 -31.74
N SER B 197 16.52 -2.33 -32.34
CA SER B 197 16.58 -1.10 -33.14
C SER B 197 15.49 -0.13 -32.75
N CYS B 198 15.84 1.15 -32.68
CA CYS B 198 14.88 2.24 -32.47
C CYS B 198 14.75 2.96 -33.80
N GLN B 199 13.52 3.13 -34.29
CA GLN B 199 13.28 3.68 -35.64
C GLN B 199 12.37 4.90 -35.64
N VAL B 200 12.97 6.06 -35.86
CA VAL B 200 12.27 7.36 -35.83
C VAL B 200 11.84 7.83 -37.22
N THR B 201 10.55 8.08 -37.37
CA THR B 201 9.99 8.51 -38.66
C THR B 201 9.43 9.91 -38.55
N HIS B 202 10.08 10.82 -39.27
CA HIS B 202 9.75 12.23 -39.22
C HIS B 202 9.65 12.78 -40.64
N GLU B 203 8.48 13.30 -41.01
CA GLU B 203 8.27 13.91 -42.34
C GLU B 203 8.64 12.99 -43.51
N GLY B 204 8.12 11.77 -43.50
CA GLY B 204 8.38 10.82 -44.57
C GLY B 204 9.84 10.42 -44.78
N SER B 205 10.65 10.58 -43.74
CA SER B 205 12.06 10.16 -43.77
C SER B 205 12.32 9.27 -42.55
N THR B 206 13.27 8.37 -42.65
CA THR B 206 13.52 7.39 -41.59
C THR B 206 14.95 7.43 -41.05
N VAL B 207 15.07 7.50 -39.74
CA VAL B 207 16.36 7.34 -39.10
C VAL B 207 16.28 6.13 -38.18
N GLU B 208 17.30 5.29 -38.20
CA GLU B 208 17.27 4.07 -37.40
C GLU B 208 18.63 3.79 -36.76
N LYS B 209 18.66 3.63 -35.44
CA LYS B 209 19.88 3.30 -34.71
C LYS B 209 19.79 1.90 -34.09
N THR B 210 20.95 1.25 -33.89
CA THR B 210 20.98 -0.15 -33.47
C THR B 210 21.91 -0.38 -32.27
N VAL B 211 21.53 -1.29 -31.39
CA VAL B 211 22.43 -1.79 -30.33
C VAL B 211 22.41 -3.31 -30.18
N ALA B 212 23.50 -3.87 -29.67
CA ALA B 212 23.60 -5.30 -29.44
C ALA B 212 24.18 -5.53 -28.06
N PRO B 213 23.76 -6.62 -27.38
CA PRO B 213 24.27 -7.06 -26.07
C PRO B 213 25.79 -7.08 -26.03
N THR B 214 26.38 -5.94 -25.62
CA THR B 214 27.81 -5.60 -25.82
C THR B 214 28.51 -6.48 -26.85
N GLU B 215 27.98 -6.44 -28.07
CA GLU B 215 28.38 -7.31 -29.17
C GLU B 215 28.19 -8.79 -28.83
N GLN C 1 40.56 21.92 15.44
CA GLN C 1 40.34 22.58 14.17
C GLN C 1 39.74 21.69 13.05
N VAL C 2 39.23 20.50 13.42
CA VAL C 2 38.52 19.62 12.48
C VAL C 2 37.10 19.25 12.97
N GLN C 3 36.10 19.58 12.15
CA GLN C 3 34.70 19.41 12.57
C GLN C 3 33.92 18.46 11.66
N LEU C 4 32.96 17.75 12.24
CA LEU C 4 32.12 16.85 11.47
C LEU C 4 30.67 17.30 11.47
N VAL C 5 30.05 17.22 10.30
CA VAL C 5 28.66 17.59 10.14
C VAL C 5 27.96 16.60 9.23
N GLU C 6 26.95 15.90 9.75
CA GLU C 6 26.20 14.94 8.93
C GLU C 6 24.95 15.52 8.27
N SER C 7 24.34 14.72 7.41
CA SER C 7 23.19 15.17 6.64
C SER C 7 21.94 15.17 7.52
N GLY C 8 20.81 15.61 6.96
CA GLY C 8 19.57 15.75 7.71
C GLY C 8 18.81 14.45 7.93
N ALA C 9 17.78 14.53 8.78
CA ALA C 9 16.93 13.38 9.13
C ALA C 9 16.28 12.71 7.94
N GLU C 10 16.16 11.38 8.01
CA GLU C 10 15.51 10.62 6.95
C GLU C 10 14.34 9.80 7.51
N VAL C 11 13.31 9.63 6.69
CA VAL C 11 12.16 8.79 7.04
C VAL C 11 11.93 7.82 5.89
N LYS C 12 11.94 6.53 6.20
CA LYS C 12 11.99 5.48 5.20
C LYS C 12 10.98 4.37 5.45
N LYS C 13 10.48 3.78 4.37
CA LYS C 13 9.57 2.65 4.47
C LYS C 13 10.40 1.38 4.41
N PRO C 14 9.96 0.33 5.10
CA PRO C 14 10.70 -0.93 5.14
C PRO C 14 11.04 -1.46 3.74
N GLY C 15 12.28 -1.93 3.57
CA GLY C 15 12.71 -2.50 2.29
C GLY C 15 13.46 -1.53 1.40
N SER C 16 13.32 -0.24 1.69
CA SER C 16 14.00 0.78 0.91
C SER C 16 15.44 0.96 1.37
N SER C 17 16.18 1.79 0.65
CA SER C 17 17.56 2.11 1.02
C SER C 17 17.62 3.52 1.59
N VAL C 18 18.73 3.83 2.27
CA VAL C 18 19.01 5.17 2.75
C VAL C 18 20.53 5.44 2.70
N LYS C 19 20.91 6.63 2.23
CA LYS C 19 22.32 7.02 2.13
C LYS C 19 22.59 8.34 2.86
N VAL C 20 23.10 8.21 4.08
CA VAL C 20 23.54 9.33 4.92
C VAL C 20 24.97 9.84 4.59
N SER C 21 25.20 11.15 4.73
CA SER C 21 26.53 11.68 4.42
C SER C 21 27.15 12.43 5.60
N CYS C 22 28.47 12.55 5.58
CA CYS C 22 29.20 13.21 6.65
C CYS C 22 30.24 14.13 6.02
N LYS C 23 30.23 15.41 6.39
CA LYS C 23 31.15 16.38 5.80
C LYS C 23 32.15 16.96 6.79
N ALA C 24 33.42 17.00 6.37
CA ALA C 24 34.51 17.35 7.27
C ALA C 24 35.17 18.68 6.88
N SER C 25 35.28 19.59 7.85
CA SER C 25 36.05 20.81 7.68
C SER C 25 37.51 20.49 7.97
N GLY C 26 38.36 21.50 7.93
CA GLY C 26 39.80 21.24 7.95
C GLY C 26 40.09 20.38 6.74
N GLY C 27 40.77 19.26 6.93
CA GLY C 27 40.97 18.29 5.86
C GLY C 27 41.61 18.88 4.62
N PRO C 28 40.91 18.80 3.46
CA PRO C 28 39.64 18.08 3.28
C PRO C 28 39.91 16.64 2.85
N PHE C 29 40.97 16.43 2.08
CA PHE C 29 41.48 15.09 1.81
C PHE C 29 41.95 14.54 3.13
N ARG C 30 41.61 13.30 3.41
CA ARG C 30 41.80 12.75 4.74
C ARG C 30 43.17 12.08 4.94
N SER C 31 43.57 11.98 6.21
CA SER C 31 44.73 11.22 6.61
C SER C 31 44.35 10.58 7.93
N TYR C 32 43.04 10.42 8.11
CA TYR C 32 42.48 9.77 9.30
C TYR C 32 41.33 8.85 8.85
N ALA C 33 41.12 7.76 9.59
CA ALA C 33 39.99 6.87 9.31
C ALA C 33 38.68 7.49 9.79
N ILE C 34 37.56 7.13 9.17
CA ILE C 34 36.24 7.62 9.58
C ILE C 34 35.29 6.44 9.70
N SER C 35 34.49 6.42 10.77
CA SER C 35 33.60 5.30 11.08
C SER C 35 32.15 5.75 11.18
N TRP C 36 31.24 4.79 11.10
CA TRP C 36 29.84 5.07 11.33
C TRP C 36 29.35 4.27 12.54
N VAL C 37 28.67 4.92 13.47
CA VAL C 37 28.19 4.25 14.68
C VAL C 37 26.73 4.61 14.92
N ARG C 38 25.88 3.60 15.05
CA ARG C 38 24.47 3.84 15.33
C ARG C 38 24.10 3.57 16.78
N GLN C 39 23.00 4.19 17.21
CA GLN C 39 22.50 3.96 18.56
C GLN C 39 20.97 3.86 18.53
N ALA C 40 20.47 2.65 18.73
CA ALA C 40 19.02 2.47 18.82
C ALA C 40 18.53 3.13 20.10
N PRO C 41 17.27 3.58 20.13
CA PRO C 41 16.79 4.33 21.31
C PRO C 41 16.83 3.47 22.58
N GLY C 42 17.49 3.97 23.62
CA GLY C 42 17.74 3.19 24.81
C GLY C 42 18.59 1.95 24.54
N GLN C 43 19.80 2.18 24.01
CA GLN C 43 20.72 1.09 23.69
C GLN C 43 22.15 1.60 23.75
N GLY C 44 23.09 0.66 23.87
CA GLY C 44 24.49 0.99 23.75
C GLY C 44 24.81 1.25 22.29
N PRO C 45 25.83 2.06 22.03
CA PRO C 45 26.26 2.31 20.65
C PRO C 45 26.63 1.02 19.94
N GLU C 46 26.54 1.01 18.61
CA GLU C 46 26.87 -0.16 17.81
C GLU C 46 27.69 0.24 16.60
N TRP C 47 28.92 -0.29 16.48
CA TRP C 47 29.75 0.05 15.33
C TRP C 47 29.25 -0.62 14.06
N MET C 48 29.18 0.14 12.97
CA MET C 48 28.72 -0.37 11.68
C MET C 48 29.82 -0.64 10.67
N GLY C 49 30.71 0.32 10.49
CA GLY C 49 31.93 0.12 9.72
C GLY C 49 32.75 1.37 9.64
N GLY C 50 33.90 1.29 8.95
CA GLY C 50 34.75 2.46 8.77
C GLY C 50 35.58 2.39 7.51
N ILE C 51 36.15 3.51 7.10
CA ILE C 51 36.94 3.55 5.87
C ILE C 51 38.32 4.21 6.08
N ILE C 52 39.37 3.50 5.69
CA ILE C 52 40.75 3.96 5.83
C ILE C 52 41.09 4.98 4.74
N PRO C 53 41.86 6.03 5.08
CA PRO C 53 42.18 7.06 4.08
C PRO C 53 43.22 6.57 3.09
N ILE C 54 43.39 7.29 1.98
CA ILE C 54 44.28 6.88 0.90
C ILE C 54 43.86 5.54 0.28
N PHE C 55 44.24 4.44 0.94
CA PHE C 55 44.03 3.09 0.43
C PHE C 55 42.56 2.71 0.23
N GLY C 56 41.66 3.48 0.83
CA GLY C 56 40.23 3.28 0.60
C GLY C 56 39.65 1.97 1.07
N THR C 57 40.45 1.12 1.72
CA THR C 57 39.95 -0.18 2.18
C THR C 57 38.85 -0.03 3.24
N THR C 58 37.87 -0.91 3.22
CA THR C 58 36.73 -0.82 4.12
C THR C 58 36.63 -1.99 5.08
N LYS C 59 36.16 -1.72 6.29
CA LYS C 59 35.88 -2.76 7.25
C LYS C 59 34.49 -2.59 7.82
N TYR C 60 33.71 -3.67 7.79
CA TYR C 60 32.34 -3.63 8.26
C TYR C 60 32.13 -4.59 9.44
N ALA C 61 31.30 -4.18 10.41
CA ALA C 61 30.90 -5.05 11.51
C ALA C 61 30.29 -6.34 10.97
N PRO C 62 30.40 -7.44 11.72
CA PRO C 62 29.87 -8.70 11.20
C PRO C 62 28.36 -8.62 10.99
N LYS C 63 27.67 -7.96 11.92
CA LYS C 63 26.21 -7.86 11.90
C LYS C 63 25.65 -7.18 10.65
N PHE C 64 26.40 -6.23 10.10
CA PHE C 64 25.89 -5.41 8.99
C PHE C 64 26.52 -5.81 7.68
N GLN C 65 27.45 -6.75 7.75
CA GLN C 65 28.16 -7.23 6.58
C GLN C 65 27.22 -7.63 5.42
N GLY C 66 27.39 -6.95 4.30
CA GLY C 66 26.65 -7.32 3.11
C GLY C 66 25.46 -6.44 2.83
N ARG C 67 25.00 -5.67 3.82
CA ARG C 67 23.92 -4.73 3.54
C ARG C 67 24.25 -3.28 3.90
N VAL C 68 25.47 -3.04 4.35
CA VAL C 68 26.00 -1.69 4.54
C VAL C 68 27.19 -1.44 3.58
N THR C 69 27.23 -0.25 2.99
CA THR C 69 28.27 0.13 2.04
C THR C 69 28.81 1.53 2.38
N ILE C 70 30.12 1.62 2.64
CA ILE C 70 30.74 2.87 3.04
C ILE C 70 31.69 3.36 1.95
N THR C 71 31.54 4.62 1.57
CA THR C 71 32.30 5.19 0.47
C THR C 71 32.77 6.61 0.75
N ALA C 72 33.74 7.09 -0.02
CA ALA C 72 34.26 8.43 0.21
C ALA C 72 34.61 9.14 -1.08
N ASP C 73 34.17 10.39 -1.17
CA ASP C 73 34.54 11.27 -2.25
C ASP C 73 35.59 12.21 -1.68
N ASP C 74 36.84 11.97 -2.02
CA ASP C 74 37.96 12.71 -1.42
C ASP C 74 38.03 14.18 -1.84
N PHE C 75 37.54 14.49 -3.04
CA PHE C 75 37.66 15.84 -3.60
C PHE C 75 36.66 16.80 -2.96
N ALA C 76 35.83 16.29 -2.07
CA ALA C 76 34.82 17.09 -1.40
C ALA C 76 34.89 16.88 0.11
N GLY C 77 35.83 16.04 0.54
CA GLY C 77 35.94 15.69 1.94
C GLY C 77 34.63 15.20 2.54
N THR C 78 34.04 14.20 1.90
CA THR C 78 32.75 13.66 2.33
C THR C 78 32.74 12.13 2.29
N VAL C 79 32.23 11.50 3.36
CA VAL C 79 32.05 10.05 3.37
C VAL C 79 30.58 9.68 3.46
N TYR C 80 30.21 8.58 2.83
CA TYR C 80 28.83 8.19 2.83
C TYR C 80 28.69 6.84 3.54
N MET C 81 27.47 6.55 3.98
CA MET C 81 27.11 5.25 4.53
C MET C 81 25.78 4.89 3.91
N GLU C 82 25.70 3.72 3.27
CA GLU C 82 24.44 3.30 2.66
C GLU C 82 23.90 1.97 3.20
N LEU C 83 22.68 2.00 3.75
CA LEU C 83 22.09 0.81 4.39
C LEU C 83 20.87 0.38 3.62
N SER C 84 20.87 -0.88 3.17
CA SER C 84 19.81 -1.37 2.29
C SER C 84 18.94 -2.42 2.96
N SER C 85 17.77 -2.67 2.36
CA SER C 85 16.74 -3.56 2.93
C SER C 85 16.43 -3.16 4.38
N LEU C 86 15.94 -1.94 4.59
CA LEU C 86 15.69 -1.45 5.94
C LEU C 86 14.55 -2.19 6.63
N ARG C 87 14.72 -2.42 7.93
CA ARG C 87 13.65 -2.94 8.80
C ARG C 87 13.40 -1.92 9.92
N SER C 88 12.34 -2.15 10.69
CA SER C 88 12.00 -1.23 11.77
C SER C 88 13.10 -1.18 12.85
N GLU C 89 13.88 -2.24 12.99
CA GLU C 89 14.96 -2.32 13.98
C GLU C 89 16.16 -1.43 13.61
N ASP C 90 16.16 -0.96 12.37
CA ASP C 90 17.24 -0.10 11.92
C ASP C 90 17.01 1.35 12.34
N THR C 91 15.91 1.60 13.03
CA THR C 91 15.58 2.94 13.49
C THR C 91 16.53 3.32 14.61
N ALA C 92 17.36 4.33 14.35
CA ALA C 92 18.40 4.73 15.30
C ALA C 92 18.99 6.12 15.03
N MET C 93 19.80 6.59 15.97
CA MET C 93 20.66 7.76 15.74
C MET C 93 21.94 7.31 15.03
N TYR C 94 22.31 8.01 13.96
CA TYR C 94 23.50 7.64 13.19
C TYR C 94 24.64 8.67 13.24
N TYR C 95 25.71 8.35 13.97
CA TYR C 95 26.91 9.22 14.05
C TYR C 95 28.07 8.84 13.10
N CYS C 96 28.71 9.82 12.50
CA CYS C 96 30.04 9.61 11.96
C CYS C 96 31.04 10.02 13.01
N ALA C 97 32.21 9.39 13.00
CA ALA C 97 33.26 9.73 13.95
C ALA C 97 34.63 9.49 13.37
N LYS C 98 35.54 10.42 13.59
CA LYS C 98 36.89 10.24 13.08
C LYS C 98 37.81 9.65 14.11
N HIS C 99 38.78 8.89 13.63
CA HIS C 99 39.76 8.23 14.49
C HIS C 99 40.99 9.10 14.73
N MET C 100 41.65 8.91 15.87
CA MET C 100 42.86 9.68 16.17
C MET C 100 44.04 9.02 15.48
N GLY C 101 43.94 8.91 14.16
CA GLY C 101 44.93 8.24 13.33
C GLY C 101 44.28 7.59 12.11
N TYR C 102 44.95 6.61 11.51
CA TYR C 102 44.49 6.10 10.22
C TYR C 102 43.82 4.74 10.30
N GLN C 103 43.80 4.18 11.50
CA GLN C 103 43.21 2.85 11.70
C GLN C 103 41.88 2.91 12.46
N VAL C 104 40.94 2.08 12.03
CA VAL C 104 39.71 1.95 12.78
C VAL C 104 39.91 1.30 14.18
N ARG C 105 41.11 0.79 14.46
CA ARG C 105 41.49 0.11 15.73
C ARG C 105 41.76 1.14 16.82
N GLU C 106 41.55 2.40 16.47
CA GLU C 106 41.96 3.54 17.33
C GLU C 106 40.81 4.39 17.88
N THR C 107 41.12 5.15 18.93
CA THR C 107 40.11 5.94 19.65
C THR C 107 39.44 6.95 18.75
N MET C 108 38.12 7.07 18.90
CA MET C 108 37.34 7.96 18.07
C MET C 108 37.28 9.28 18.85
N ASP C 109 37.98 10.29 18.36
CA ASP C 109 38.23 11.49 19.20
C ASP C 109 37.27 12.66 18.95
N VAL C 110 36.71 12.68 17.74
CA VAL C 110 35.78 13.71 17.32
C VAL C 110 34.51 13.06 16.75
N TRP C 111 33.35 13.52 17.21
CA TRP C 111 32.08 12.96 16.74
C TRP C 111 31.18 14.05 16.19
N GLY C 112 30.38 13.72 15.18
CA GLY C 112 29.36 14.63 14.65
C GLY C 112 28.16 14.70 15.61
N LYS C 113 27.28 15.69 15.44
CA LYS C 113 26.15 15.86 16.36
C LYS C 113 25.17 14.66 16.30
N GLY C 114 25.13 14.00 15.16
CA GLY C 114 24.23 12.87 14.98
C GLY C 114 23.11 13.18 13.99
N THR C 115 22.57 12.13 13.37
CA THR C 115 21.39 12.25 12.51
C THR C 115 20.45 11.04 12.64
N THR C 116 19.15 11.29 12.62
CA THR C 116 18.20 10.19 12.84
C THR C 116 17.67 9.66 11.54
N VAL C 117 17.64 8.34 11.42
CA VAL C 117 16.80 7.73 10.40
C VAL C 117 15.73 6.90 11.09
N THR C 118 14.51 7.08 10.61
CA THR C 118 13.34 6.44 11.17
C THR C 118 12.79 5.48 10.13
N VAL C 119 12.58 4.21 10.51
CA VAL C 119 11.94 3.24 9.61
C VAL C 119 10.54 2.86 10.11
N SER C 120 9.50 3.14 9.30
CA SER C 120 8.06 2.89 9.63
C SER C 120 7.17 2.56 8.37
N SER C 121 5.96 1.89 8.50
CA SER C 121 4.94 1.50 7.44
C SER C 121 3.90 2.58 7.09
N ALA C 122 3.90 3.64 7.90
CA ALA C 122 2.95 4.74 7.80
C ALA C 122 3.19 5.62 6.58
N SER C 123 2.13 6.34 6.15
CA SER C 123 2.27 7.38 5.14
C SER C 123 2.23 8.73 5.84
N THR C 124 2.65 9.78 5.15
CA THR C 124 2.73 11.08 5.81
C THR C 124 1.34 11.76 5.93
N LYS C 125 0.94 12.03 7.18
CA LYS C 125 -0.35 12.68 7.47
C LYS C 125 -0.18 13.96 8.34
N GLY C 126 -0.88 15.03 7.96
CA GLY C 126 -0.97 16.21 8.80
C GLY C 126 -1.79 15.93 10.05
N PRO C 127 -1.60 16.74 11.09
CA PRO C 127 -2.35 16.51 12.34
C PRO C 127 -3.70 17.28 12.41
N SER C 128 -4.54 16.88 13.36
CA SER C 128 -5.70 17.67 13.71
C SER C 128 -5.28 18.44 14.96
N VAL C 129 -5.73 19.68 15.10
CA VAL C 129 -5.48 20.44 16.34
C VAL C 129 -6.79 20.68 17.10
N PHE C 130 -6.82 20.25 18.35
CA PHE C 130 -7.96 20.45 19.23
C PHE C 130 -7.53 21.26 20.46
N PRO C 131 -8.40 22.15 20.94
CA PRO C 131 -8.15 22.95 22.14
C PRO C 131 -8.35 22.21 23.46
N LEU C 132 -7.41 22.37 24.39
CA LEU C 132 -7.59 21.85 25.75
C LEU C 132 -7.98 23.00 26.67
N ALA C 133 -9.29 23.24 26.77
CA ALA C 133 -9.86 24.42 27.43
C ALA C 133 -9.67 24.47 28.94
N PRO C 134 -9.35 25.66 29.48
CA PRO C 134 -9.00 25.89 30.89
C PRO C 134 -9.97 25.29 31.91
N SER C 135 -11.09 25.97 32.15
CA SER C 135 -12.10 25.61 33.16
C SER C 135 -11.60 25.61 34.62
N SER C 136 -12.41 25.03 35.51
CA SER C 136 -12.20 25.13 36.96
C SER C 136 -11.35 24.00 37.61
N LYS C 137 -10.95 22.99 36.81
CA LYS C 137 -10.19 21.82 37.31
C LYS C 137 -8.66 21.99 37.25
N SER C 138 -8.19 22.71 36.23
CA SER C 138 -6.81 23.15 36.19
C SER C 138 -6.70 24.54 36.83
N THR C 139 -7.84 25.06 37.29
CA THR C 139 -7.88 26.30 38.08
C THR C 139 -7.53 26.03 39.54
N SER C 140 -6.23 25.82 39.75
CA SER C 140 -5.69 25.66 41.09
C SER C 140 -5.53 27.02 41.75
N GLY C 141 -6.65 27.74 41.88
CA GLY C 141 -6.69 29.05 42.53
C GLY C 141 -5.61 30.04 42.14
N GLY C 142 -5.86 30.81 41.09
CA GLY C 142 -4.91 31.84 40.68
C GLY C 142 -4.12 31.50 39.43
N THR C 143 -4.17 30.22 39.02
CA THR C 143 -3.47 29.78 37.82
C THR C 143 -4.17 28.72 36.97
N ALA C 144 -4.54 29.14 35.77
CA ALA C 144 -5.08 28.29 34.72
C ALA C 144 -4.03 27.57 33.86
N ALA C 145 -4.21 26.26 33.66
CA ALA C 145 -3.53 25.56 32.58
C ALA C 145 -4.46 25.42 31.38
N LEU C 146 -3.92 25.66 30.20
CA LEU C 146 -4.65 25.46 28.95
C LEU C 146 -3.67 24.94 27.91
N GLY C 147 -4.19 24.38 26.82
CA GLY C 147 -3.30 23.78 25.86
C GLY C 147 -3.83 23.48 24.48
N CYS C 148 -3.11 22.61 23.77
CA CYS C 148 -3.46 22.14 22.44
C CYS C 148 -3.12 20.66 22.27
N LEU C 149 -4.06 19.88 21.74
CA LEU C 149 -3.82 18.47 21.40
C LEU C 149 -3.52 18.33 19.90
N VAL C 150 -2.29 17.94 19.57
CA VAL C 150 -1.88 17.74 18.17
C VAL C 150 -1.99 16.24 17.86
N LYS C 151 -3.04 15.84 17.16
CA LYS C 151 -3.44 14.42 17.11
C LYS C 151 -3.17 13.78 15.74
N ASP C 152 -2.62 12.56 15.75
CA ASP C 152 -2.53 11.68 14.57
C ASP C 152 -1.75 12.25 13.40
N TYR C 153 -0.46 12.50 13.62
CA TYR C 153 0.38 13.01 12.54
C TYR C 153 1.56 12.11 12.27
N PHE C 154 2.09 12.24 11.07
CA PHE C 154 3.29 11.52 10.70
C PHE C 154 4.02 12.25 9.59
N PRO C 155 5.37 12.30 9.69
CA PRO C 155 6.17 11.85 10.83
C PRO C 155 6.57 13.01 11.75
N GLU C 156 7.40 12.73 12.75
CA GLU C 156 7.96 13.80 13.55
C GLU C 156 8.79 14.65 12.60
N PRO C 157 9.07 15.92 12.95
CA PRO C 157 8.69 16.61 14.19
C PRO C 157 7.54 17.59 13.97
N VAL C 158 7.05 18.18 15.06
CA VAL C 158 6.08 19.24 14.94
C VAL C 158 6.53 20.47 15.78
N THR C 159 6.12 21.66 15.36
CA THR C 159 6.51 22.90 16.03
C THR C 159 5.30 23.59 16.63
N VAL C 160 5.30 23.82 17.94
CA VAL C 160 4.20 24.54 18.58
C VAL C 160 4.70 25.75 19.34
N SER C 161 4.26 26.93 18.92
CA SER C 161 4.54 28.15 19.67
C SER C 161 3.22 28.83 20.03
N TRP C 162 3.27 29.88 20.85
CA TRP C 162 2.06 30.54 21.35
C TRP C 162 2.00 32.03 21.05
N ASN C 163 0.82 32.49 20.65
CA ASN C 163 0.59 33.88 20.21
C ASN C 163 1.63 34.34 19.22
N SER C 164 1.90 33.48 18.24
CA SER C 164 2.86 33.73 17.17
C SER C 164 4.30 33.97 17.63
N GLY C 165 4.59 33.65 18.89
CA GLY C 165 5.95 33.76 19.39
C GLY C 165 6.08 34.61 20.63
N ALA C 166 5.02 35.30 21.00
CA ALA C 166 5.10 36.19 22.15
C ALA C 166 5.18 35.45 23.50
N LEU C 167 4.24 34.56 23.75
CA LEU C 167 4.25 33.76 24.98
C LEU C 167 5.34 32.72 24.98
N THR C 168 6.26 32.77 25.96
CA THR C 168 7.28 31.73 26.09
C THR C 168 7.45 31.26 27.53
N SER C 169 7.68 32.22 28.43
CA SER C 169 7.80 31.91 29.83
C SER C 169 6.49 31.29 30.29
N GLY C 170 6.57 30.10 30.88
CA GLY C 170 5.40 29.37 31.30
C GLY C 170 4.75 28.55 30.18
N VAL C 171 5.56 27.95 29.31
CA VAL C 171 5.04 27.11 28.23
C VAL C 171 5.75 25.77 28.23
N HIS C 172 4.99 24.69 28.35
CA HIS C 172 5.55 23.33 28.26
C HIS C 172 4.95 22.55 27.09
N THR C 173 5.79 22.05 26.18
CA THR C 173 5.35 21.17 25.11
C THR C 173 5.89 19.77 25.39
N PHE C 174 4.98 18.86 25.73
CA PHE C 174 5.31 17.48 26.09
C PHE C 174 5.78 16.67 24.89
N PRO C 175 6.72 15.75 25.14
CA PRO C 175 7.20 14.83 24.10
C PRO C 175 6.04 14.00 23.58
N ALA C 176 6.06 13.63 22.30
CA ALA C 176 4.95 12.91 21.68
C ALA C 176 4.78 11.48 22.23
N VAL C 177 3.68 10.84 21.86
CA VAL C 177 3.44 9.45 22.17
C VAL C 177 3.27 8.77 20.83
N LEU C 178 3.67 7.50 20.75
CA LEU C 178 3.51 6.76 19.51
C LEU C 178 2.40 5.72 19.63
N GLN C 179 1.28 5.96 18.96
CA GLN C 179 0.15 5.03 19.05
C GLN C 179 0.38 3.77 18.24
N SER C 180 -0.48 2.77 18.44
CA SER C 180 -0.32 1.50 17.75
C SER C 180 -0.73 1.61 16.28
N SER C 181 -1.31 2.74 15.90
CA SER C 181 -1.65 3.03 14.51
C SER C 181 -0.40 3.46 13.75
N GLY C 182 0.69 3.68 14.48
CA GLY C 182 1.91 4.21 13.90
C GLY C 182 1.80 5.71 13.61
N LEU C 183 0.97 6.41 14.37
CA LEU C 183 0.82 7.84 14.21
C LEU C 183 1.24 8.49 15.51
N TYR C 184 1.65 9.75 15.46
CA TYR C 184 2.08 10.46 16.65
C TYR C 184 0.99 11.40 17.19
N SER C 185 1.04 11.67 18.48
CA SER C 185 0.20 12.70 19.08
C SER C 185 0.91 13.38 20.24
N LEU C 186 0.88 14.73 20.27
CA LEU C 186 1.45 15.44 21.42
C LEU C 186 0.52 16.49 22.02
N SER C 187 0.94 17.05 23.15
CA SER C 187 0.22 18.13 23.82
C SER C 187 1.15 19.29 24.19
N SER C 188 0.62 20.51 24.13
CA SER C 188 1.40 21.68 24.54
C SER C 188 0.56 22.51 25.51
N VAL C 189 1.11 22.81 26.69
CA VAL C 189 0.37 23.51 27.73
C VAL C 189 1.08 24.80 28.13
N VAL C 190 0.30 25.84 28.36
CA VAL C 190 0.83 27.08 28.86
C VAL C 190 0.17 27.41 30.20
N THR C 191 0.97 27.62 31.23
CA THR C 191 0.44 27.99 32.55
C THR C 191 0.36 29.50 32.67
N VAL C 192 -0.82 30.00 33.01
CA VAL C 192 -1.09 31.45 33.10
C VAL C 192 -1.99 31.77 34.31
N PRO C 193 -2.00 33.04 34.77
CA PRO C 193 -2.89 33.48 35.85
C PRO C 193 -4.40 33.33 35.62
N SER C 194 -5.15 33.09 36.69
CA SER C 194 -6.61 32.96 36.64
C SER C 194 -7.29 34.22 36.12
N SER C 195 -6.82 35.37 36.60
CA SER C 195 -7.44 36.66 36.30
C SER C 195 -7.51 36.99 34.80
N SER C 196 -6.38 36.84 34.11
CA SER C 196 -6.30 37.18 32.69
C SER C 196 -7.24 36.35 31.81
N LEU C 197 -7.47 35.10 32.21
CA LEU C 197 -8.27 34.09 31.47
C LEU C 197 -9.37 34.56 30.49
N GLY C 198 -10.29 35.38 30.97
CA GLY C 198 -11.39 35.84 30.14
C GLY C 198 -10.99 37.03 29.28
N THR C 199 -10.23 37.94 29.88
CA THR C 199 -9.75 39.14 29.17
C THR C 199 -8.70 38.78 28.14
N GLN C 200 -7.88 37.79 28.46
CA GLN C 200 -6.73 37.44 27.64
C GLN C 200 -7.01 36.38 26.56
N THR C 201 -6.45 36.63 25.38
CA THR C 201 -6.64 35.76 24.22
C THR C 201 -5.37 34.96 23.89
N TYR C 202 -5.50 33.63 23.90
CA TYR C 202 -4.37 32.72 23.70
C TYR C 202 -4.54 31.89 22.42
N ILE C 203 -3.52 31.88 21.56
CA ILE C 203 -3.56 31.11 20.32
C ILE C 203 -2.30 30.27 20.13
N CYS C 204 -2.48 29.00 19.81
CA CYS C 204 -1.35 28.10 19.57
C CYS C 204 -1.08 27.92 18.07
N ASN C 205 0.22 27.94 17.72
CA ASN C 205 0.64 27.89 16.32
C ASN C 205 1.41 26.61 16.00
N VAL C 206 0.68 25.64 15.44
CA VAL C 206 1.19 24.31 15.16
C VAL C 206 1.73 24.22 13.73
N ASN C 207 2.91 23.65 13.57
CA ASN C 207 3.55 23.59 12.27
C ASN C 207 4.09 22.20 12.04
N HIS C 208 3.59 21.52 11.00
CA HIS C 208 4.12 20.21 10.63
C HIS C 208 4.74 20.25 9.22
N LYS C 209 6.00 20.68 9.11
CA LYS C 209 6.65 20.90 7.80
C LYS C 209 6.63 19.72 6.80
N PRO C 210 6.80 18.45 7.29
CA PRO C 210 6.66 17.28 6.40
C PRO C 210 5.36 17.19 5.55
N SER C 211 4.18 17.48 6.10
CA SER C 211 2.96 17.47 5.30
C SER C 211 2.53 18.87 4.85
N ASN C 212 3.42 19.84 5.05
CA ASN C 212 3.15 21.25 4.72
C ASN C 212 1.79 21.79 5.22
N THR C 213 1.53 21.60 6.52
CA THR C 213 0.33 22.17 7.16
C THR C 213 0.70 23.05 8.36
N LYS C 214 0.19 24.28 8.36
CA LYS C 214 0.30 25.15 9.53
C LYS C 214 -1.13 25.33 10.06
N VAL C 215 -1.37 24.95 11.31
CA VAL C 215 -2.67 25.21 11.90
C VAL C 215 -2.54 26.22 13.03
N ASP C 216 -3.46 27.18 13.07
CA ASP C 216 -3.53 28.15 14.14
C ASP C 216 -4.87 27.95 14.84
N LYS C 217 -4.86 27.78 16.16
CA LYS C 217 -6.09 27.48 16.90
C LYS C 217 -6.23 28.25 18.21
N ARG C 218 -7.36 28.95 18.38
CA ARG C 218 -7.59 29.72 19.60
C ARG C 218 -8.08 28.78 20.68
N VAL C 219 -7.70 29.05 21.93
CA VAL C 219 -8.11 28.22 23.05
C VAL C 219 -8.88 29.07 24.04
N GLU C 220 -10.17 28.77 24.20
CA GLU C 220 -11.06 29.57 25.03
C GLU C 220 -11.87 28.68 25.98
N PRO C 221 -12.25 29.22 27.14
CA PRO C 221 -13.16 28.51 28.08
C PRO C 221 -14.55 28.32 27.48
N VAL D 3 29.89 -7.24 23.16
CA VAL D 3 29.61 -7.92 24.43
C VAL D 3 30.55 -7.44 25.56
N LEU D 4 30.44 -6.15 25.87
CA LEU D 4 31.18 -5.56 26.99
C LEU D 4 30.21 -5.23 28.10
N THR D 5 30.52 -5.61 29.35
CA THR D 5 29.56 -5.54 30.42
C THR D 5 29.83 -4.42 31.40
N GLN D 6 28.88 -3.49 31.52
CA GLN D 6 28.94 -2.47 32.56
C GLN D 6 27.71 -2.58 33.41
N PRO D 7 27.80 -2.19 34.69
CA PRO D 7 26.65 -2.06 35.58
C PRO D 7 25.67 -1.03 35.02
N PRO D 8 24.37 -1.27 35.17
CA PRO D 8 23.42 -0.39 34.46
C PRO D 8 23.34 1.04 35.04
N SER D 9 23.68 1.21 36.32
CA SER D 9 23.61 2.53 36.92
C SER D 9 24.48 2.67 38.16
N VAL D 10 24.87 3.91 38.45
CA VAL D 10 25.77 4.26 39.56
C VAL D 10 25.40 5.65 40.13
N SER D 11 25.44 5.81 41.46
CA SER D 11 24.96 7.02 42.11
C SER D 11 25.87 7.46 43.24
N ALA D 12 26.07 8.78 43.40
CA ALA D 12 26.80 9.38 44.53
C ALA D 12 26.46 10.84 44.73
N ALA D 13 26.78 11.37 45.91
CA ALA D 13 26.49 12.76 46.24
C ALA D 13 27.53 13.71 45.66
N PRO D 14 27.17 14.98 45.48
CA PRO D 14 28.12 15.95 44.92
C PRO D 14 29.35 16.13 45.76
N GLY D 15 30.52 16.10 45.12
CA GLY D 15 31.80 16.23 45.82
C GLY D 15 32.55 14.93 46.03
N GLN D 16 31.82 13.82 45.96
CA GLN D 16 32.41 12.51 46.20
C GLN D 16 32.97 11.86 44.94
N LYS D 17 33.57 10.70 45.11
CA LYS D 17 34.15 9.94 44.02
C LYS D 17 33.22 8.79 43.61
N VAL D 18 33.21 8.46 42.32
CA VAL D 18 32.59 7.22 41.80
C VAL D 18 33.55 6.40 40.92
N THR D 19 33.19 5.15 40.70
CA THR D 19 33.89 4.33 39.72
C THR D 19 32.89 3.58 38.88
N ILE D 20 33.18 3.50 37.58
CA ILE D 20 32.40 2.72 36.63
C ILE D 20 33.25 1.62 36.01
N SER D 21 32.89 0.35 36.23
CA SER D 21 33.68 -0.76 35.69
C SER D 21 33.13 -1.29 34.37
N CYS D 22 33.99 -1.91 33.59
CA CYS D 22 33.63 -2.44 32.29
C CYS D 22 34.40 -3.75 32.12
N SER D 23 33.67 -4.85 31.95
CA SER D 23 34.29 -6.17 31.88
C SER D 23 34.12 -6.86 30.52
N GLY D 24 35.16 -7.55 30.08
CA GLY D 24 35.19 -8.20 28.78
C GLY D 24 36.04 -9.46 28.78
N SER D 25 36.50 -9.83 27.58
CA SER D 25 37.34 -11.02 27.42
C SER D 25 38.77 -10.63 27.01
N SER D 26 39.60 -11.62 26.77
CA SER D 26 40.95 -11.35 26.32
C SER D 26 41.03 -10.89 24.87
N SER D 27 40.10 -11.31 24.02
CA SER D 27 40.17 -10.91 22.62
C SER D 27 39.81 -9.42 22.44
N ASN D 28 39.13 -8.84 23.42
CA ASN D 28 38.88 -7.40 23.40
C ASN D 28 39.68 -6.60 24.45
N ILE D 29 39.13 -6.36 25.64
CA ILE D 29 39.81 -5.56 26.67
C ILE D 29 41.22 -6.06 27.02
N GLY D 30 41.35 -7.38 27.12
CA GLY D 30 42.62 -8.00 27.46
C GLY D 30 43.79 -7.59 26.58
N ASN D 31 43.56 -7.56 25.26
CA ASN D 31 44.64 -7.37 24.28
C ASN D 31 44.60 -6.05 23.55
N ASN D 32 43.71 -5.15 23.95
CA ASN D 32 43.63 -3.85 23.28
C ASN D 32 43.47 -2.68 24.25
N TYR D 33 43.31 -1.48 23.72
CA TYR D 33 43.27 -0.27 24.55
C TYR D 33 41.84 0.21 24.75
N VAL D 34 41.50 0.62 25.97
CA VAL D 34 40.12 1.01 26.29
C VAL D 34 39.91 2.53 26.27
N SER D 35 38.84 2.99 25.64
CA SER D 35 38.42 4.39 25.72
C SER D 35 37.13 4.55 26.53
N TRP D 36 36.90 5.72 27.11
CA TRP D 36 35.63 6.01 27.76
C TRP D 36 34.98 7.19 27.08
N TYR D 37 33.68 7.09 26.80
CA TYR D 37 32.97 8.18 26.15
C TYR D 37 31.86 8.67 27.06
N GLN D 38 31.64 9.98 27.09
CA GLN D 38 30.55 10.54 27.89
C GLN D 38 29.48 11.09 26.96
N GLN D 39 28.22 10.87 27.32
CA GLN D 39 27.10 11.34 26.52
C GLN D 39 26.03 12.00 27.37
N LEU D 40 26.07 13.33 27.39
CA LEU D 40 25.00 14.12 27.99
C LEU D 40 23.83 14.06 27.05
N PRO D 41 22.60 14.05 27.60
CA PRO D 41 21.36 13.95 26.82
C PRO D 41 21.37 14.88 25.62
N GLY D 42 21.16 14.32 24.44
CA GLY D 42 21.09 15.09 23.22
C GLY D 42 22.39 15.70 22.70
N THR D 43 23.53 15.14 23.10
CA THR D 43 24.79 15.55 22.49
C THR D 43 25.52 14.41 21.81
N ALA D 44 26.50 14.78 20.99
CA ALA D 44 27.48 13.84 20.47
C ALA D 44 28.26 13.28 21.64
N PRO D 45 28.55 11.97 21.60
CA PRO D 45 29.50 11.40 22.56
C PRO D 45 30.81 12.18 22.52
N LYS D 46 31.39 12.43 23.70
CA LYS D 46 32.69 13.08 23.79
C LYS D 46 33.72 12.13 24.37
N LEU D 47 34.97 12.21 23.89
CA LEU D 47 36.04 11.35 24.39
C LEU D 47 36.61 11.84 25.72
N LEU D 48 36.54 11.00 26.75
CA LEU D 48 36.98 11.35 28.10
C LEU D 48 38.36 10.82 28.37
N ILE D 49 38.59 9.57 27.99
CA ILE D 49 39.85 8.89 28.25
C ILE D 49 40.18 7.94 27.11
N TYR D 50 41.44 7.85 26.72
CA TYR D 50 41.85 6.91 25.68
C TYR D 50 43.14 6.22 26.10
N ASP D 51 43.55 5.16 25.37
CA ASP D 51 44.74 4.38 25.73
C ASP D 51 44.75 3.95 27.19
N ASN D 52 43.59 3.54 27.70
CA ASN D 52 43.40 3.09 29.09
C ASN D 52 43.42 4.20 30.16
N ASN D 53 44.46 5.02 30.15
CA ASN D 53 44.64 6.00 31.20
C ASN D 53 45.01 7.40 30.75
N LYS D 54 45.12 7.60 29.44
CA LYS D 54 45.46 8.92 28.88
C LYS D 54 44.21 9.81 28.69
N ARG D 55 44.38 11.09 28.94
CA ARG D 55 43.26 12.03 28.93
C ARG D 55 43.53 13.18 27.96
N PRO D 56 42.68 13.34 26.95
CA PRO D 56 42.92 14.33 25.90
C PRO D 56 43.02 15.74 26.48
N SER D 57 43.62 16.66 25.75
CA SER D 57 43.72 18.02 26.25
C SER D 57 42.33 18.61 26.25
N GLY D 58 41.96 19.19 27.39
CA GLY D 58 40.64 19.79 27.50
C GLY D 58 39.64 19.04 28.34
N ILE D 59 40.12 17.97 28.98
CA ILE D 59 39.31 17.18 29.89
C ILE D 59 39.85 17.33 31.31
N PRO D 60 39.00 17.79 32.25
CA PRO D 60 39.35 17.99 33.65
C PRO D 60 40.12 16.81 34.22
N ASP D 61 41.07 17.08 35.12
CA ASP D 61 41.94 16.04 35.66
C ASP D 61 41.28 15.16 36.72
N ARG D 62 40.02 15.41 37.00
CA ARG D 62 39.29 14.60 37.97
C ARG D 62 38.68 13.37 37.29
N PHE D 63 38.89 13.26 35.98
CA PHE D 63 38.63 12.03 35.24
C PHE D 63 39.91 11.21 35.14
N SER D 64 39.81 9.94 35.48
CA SER D 64 40.97 9.06 35.52
C SER D 64 40.58 7.72 34.96
N GLY D 65 41.54 6.99 34.39
CA GLY D 65 41.27 5.69 33.80
C GLY D 65 42.28 4.64 34.21
N SER D 66 41.87 3.38 34.26
CA SER D 66 42.80 2.29 34.57
C SER D 66 42.32 0.97 33.98
N LYS D 67 43.25 0.09 33.68
CA LYS D 67 42.93 -1.24 33.16
C LYS D 67 43.79 -2.28 33.86
N SER D 68 43.14 -3.32 34.38
CA SER D 68 43.84 -4.42 35.03
C SER D 68 43.31 -5.73 34.51
N GLY D 69 44.13 -6.45 33.76
CA GLY D 69 43.73 -7.74 33.23
C GLY D 69 42.66 -7.69 32.17
N THR D 70 41.48 -8.20 32.49
CA THR D 70 40.41 -8.37 31.51
C THR D 70 39.33 -7.31 31.68
N SER D 71 39.54 -6.36 32.58
CA SER D 71 38.60 -5.26 32.77
C SER D 71 39.22 -3.85 32.92
N ALA D 72 38.39 -2.82 32.88
CA ALA D 72 38.85 -1.45 32.97
C ALA D 72 37.85 -0.65 33.79
N THR D 73 38.34 0.36 34.52
CA THR D 73 37.47 1.20 35.35
C THR D 73 37.69 2.70 35.04
N LEU D 74 36.58 3.43 34.91
CA LEU D 74 36.62 4.89 34.84
C LEU D 74 36.39 5.46 36.23
N GLY D 75 37.06 6.56 36.54
CA GLY D 75 36.90 7.18 37.85
C GLY D 75 36.67 8.67 37.75
N ILE D 76 35.70 9.17 38.51
CA ILE D 76 35.45 10.61 38.59
C ILE D 76 35.52 11.07 40.04
N THR D 77 36.32 12.09 40.32
CA THR D 77 36.36 12.66 41.67
C THR D 77 35.71 14.04 41.70
N GLY D 78 35.40 14.53 42.90
CA GLY D 78 34.76 15.82 43.08
C GLY D 78 33.60 16.07 42.11
N LEU D 79 32.70 15.11 42.04
CA LEU D 79 31.74 15.10 40.97
C LEU D 79 30.68 16.16 41.17
N GLN D 80 30.41 16.88 40.10
CA GLN D 80 29.48 17.99 40.10
C GLN D 80 28.21 17.51 39.42
N THR D 81 27.13 18.26 39.57
CA THR D 81 25.86 17.85 39.02
C THR D 81 25.84 17.80 37.49
N GLY D 82 26.80 18.46 36.86
CA GLY D 82 26.87 18.46 35.40
C GLY D 82 27.47 17.20 34.84
N ASP D 83 27.87 16.28 35.72
CA ASP D 83 28.45 15.00 35.34
C ASP D 83 27.40 13.92 35.03
N GLU D 84 26.14 14.19 35.36
CA GLU D 84 25.02 13.30 35.09
C GLU D 84 24.83 13.01 33.59
N ALA D 85 25.19 11.80 33.17
CA ALA D 85 25.07 11.39 31.77
C ALA D 85 25.22 9.86 31.65
N ASP D 86 25.07 9.34 30.43
CA ASP D 86 25.32 7.93 30.17
C ASP D 86 26.81 7.76 29.84
N TYR D 87 27.48 6.77 30.44
CA TYR D 87 28.92 6.54 30.20
C TYR D 87 29.21 5.20 29.54
N TYR D 88 29.91 5.24 28.41
CA TYR D 88 30.17 4.06 27.60
C TYR D 88 31.67 3.76 27.48
N CYS D 89 32.05 2.50 27.71
CA CYS D 89 33.40 2.02 27.39
C CYS D 89 33.47 1.43 25.98
N GLY D 90 34.64 1.45 25.36
CA GLY D 90 34.78 0.98 23.99
C GLY D 90 36.20 0.51 23.75
N THR D 91 36.35 -0.53 22.94
CA THR D 91 37.66 -1.06 22.60
C THR D 91 37.60 -1.75 21.26
N TRP D 92 38.67 -2.48 20.93
CA TRP D 92 38.72 -3.29 19.71
C TRP D 92 38.77 -4.79 19.98
N ASP D 93 37.89 -5.56 19.34
CA ASP D 93 37.90 -7.01 19.48
C ASP D 93 38.82 -7.60 18.42
N SER D 94 39.78 -8.41 18.86
CA SER D 94 40.87 -8.81 18.00
C SER D 94 40.66 -10.22 17.40
N SER D 95 39.56 -10.87 17.81
CA SER D 95 39.20 -12.20 17.28
C SER D 95 38.83 -12.11 15.79
N LEU D 96 38.48 -13.25 15.18
CA LEU D 96 38.21 -13.27 13.74
C LEU D 96 37.07 -12.36 13.34
N SER D 97 36.18 -12.10 14.30
CA SER D 97 35.12 -11.10 14.16
C SER D 97 35.67 -9.76 13.65
N ALA D 98 36.74 -9.27 14.29
CA ALA D 98 37.47 -8.05 13.88
C ALA D 98 36.58 -6.79 13.78
N TYR D 99 36.24 -6.25 14.94
CA TYR D 99 35.39 -5.10 14.97
C TYR D 99 35.52 -4.31 16.26
N VAL D 100 34.92 -3.12 16.26
CA VAL D 100 34.85 -2.22 17.38
C VAL D 100 33.63 -2.59 18.23
N VAL D 101 33.83 -2.80 19.51
CA VAL D 101 32.79 -3.31 20.39
C VAL D 101 32.55 -2.32 21.55
N PHE D 102 31.29 -2.16 21.97
CA PHE D 102 30.95 -1.24 23.06
C PHE D 102 30.32 -1.91 24.28
N GLY D 103 30.27 -1.14 25.37
CA GLY D 103 29.64 -1.55 26.60
C GLY D 103 28.14 -1.22 26.58
N GLY D 104 27.44 -1.68 27.62
CA GLY D 104 26.03 -1.44 27.71
C GLY D 104 25.68 -0.01 28.08
N GLY D 105 26.61 0.66 28.74
CA GLY D 105 26.29 1.97 29.29
C GLY D 105 26.01 1.89 30.78
N THR D 106 26.41 2.93 31.52
CA THR D 106 25.90 3.10 32.87
C THR D 106 25.43 4.52 33.02
N LYS D 107 24.28 4.73 33.66
CA LYS D 107 23.74 6.08 33.87
C LYS D 107 24.16 6.54 35.25
N LEU D 108 24.93 7.63 35.30
CA LEU D 108 25.36 8.25 36.55
C LEU D 108 24.38 9.32 36.98
N THR D 109 23.79 9.18 38.16
CA THR D 109 22.86 10.18 38.69
C THR D 109 23.48 10.80 39.96
N VAL D 110 23.32 12.12 40.17
CA VAL D 110 23.77 12.76 41.43
C VAL D 110 22.75 12.81 42.56
N LEU D 111 23.17 12.35 43.72
CA LEU D 111 22.32 12.27 44.91
C LEU D 111 21.89 13.61 45.48
N GLY D 112 20.60 13.71 45.77
CA GLY D 112 20.08 14.80 46.57
C GLY D 112 19.32 15.97 45.95
N GLN D 113 18.96 15.97 44.66
CA GLN D 113 17.91 16.89 44.23
C GLN D 113 16.74 16.53 45.15
N PRO D 114 15.96 17.54 45.59
CA PRO D 114 14.85 17.24 46.51
C PRO D 114 13.73 16.44 45.84
N LYS D 115 13.08 15.56 46.60
CA LYS D 115 11.80 14.99 46.15
C LYS D 115 10.87 16.13 45.75
N ALA D 116 10.30 16.05 44.54
CA ALA D 116 9.29 17.00 44.11
C ALA D 116 8.00 16.26 43.76
N ASN D 117 6.94 16.47 44.55
CA ASN D 117 5.69 15.78 44.29
C ASN D 117 5.08 16.31 42.98
N PRO D 118 4.45 15.42 42.19
CA PRO D 118 3.96 15.76 40.84
C PRO D 118 2.66 16.56 40.81
N THR D 119 2.55 17.43 39.82
CA THR D 119 1.36 18.25 39.64
C THR D 119 0.63 17.67 38.42
N VAL D 120 -0.68 17.46 38.56
CA VAL D 120 -1.43 16.69 37.57
C VAL D 120 -2.61 17.46 36.96
N THR D 121 -2.57 17.63 35.65
CA THR D 121 -3.68 18.27 34.94
C THR D 121 -4.44 17.28 34.06
N LEU D 122 -5.76 17.20 34.23
CA LEU D 122 -6.58 16.28 33.42
C LEU D 122 -7.61 17.01 32.58
N PHE D 123 -7.51 16.82 31.26
CA PHE D 123 -8.47 17.39 30.32
C PHE D 123 -9.42 16.32 29.76
N PRO D 124 -10.71 16.66 29.59
CA PRO D 124 -11.67 15.76 28.95
C PRO D 124 -11.71 16.04 27.43
N PRO D 125 -12.43 15.22 26.63
CA PRO D 125 -12.48 15.47 25.17
C PRO D 125 -13.04 16.86 24.82
N SER D 126 -12.40 17.52 23.86
CA SER D 126 -12.89 18.80 23.36
C SER D 126 -14.18 18.55 22.59
N SER D 127 -15.05 19.57 22.51
CA SER D 127 -16.33 19.35 21.82
C SER D 127 -16.13 19.15 20.31
N GLU D 128 -15.14 19.83 19.71
CA GLU D 128 -14.88 19.66 18.27
C GLU D 128 -14.35 18.27 17.94
N GLU D 129 -13.74 17.61 18.92
CA GLU D 129 -13.18 16.28 18.70
C GLU D 129 -14.32 15.26 18.76
N LEU D 130 -15.21 15.45 19.72
CA LEU D 130 -16.42 14.64 19.80
C LEU D 130 -17.24 14.77 18.51
N GLN D 131 -17.34 15.99 18.00
CA GLN D 131 -18.00 16.29 16.74
C GLN D 131 -17.29 15.64 15.55
N ALA D 132 -16.04 15.26 15.73
CA ALA D 132 -15.29 14.58 14.68
C ALA D 132 -15.31 13.07 14.90
N ASN D 133 -16.20 12.63 15.78
CA ASN D 133 -16.40 11.22 16.12
C ASN D 133 -15.20 10.48 16.77
N LYS D 134 -14.39 11.21 17.54
CA LYS D 134 -13.33 10.60 18.33
C LYS D 134 -13.35 11.20 19.75
N ALA D 135 -12.66 10.58 20.70
CA ALA D 135 -12.62 11.13 22.06
C ALA D 135 -11.33 10.75 22.76
N THR D 136 -10.63 11.77 23.25
CA THR D 136 -9.34 11.58 23.89
C THR D 136 -9.26 12.32 25.22
N LEU D 137 -9.11 11.56 26.31
CA LEU D 137 -8.78 12.13 27.62
C LEU D 137 -7.26 12.29 27.74
N VAL D 138 -6.83 13.45 28.21
CA VAL D 138 -5.41 13.78 28.27
C VAL D 138 -4.97 14.04 29.72
N CYS D 139 -4.00 13.26 30.20
CA CYS D 139 -3.48 13.48 31.55
C CYS D 139 -2.01 13.92 31.51
N LEU D 140 -1.77 15.15 31.96
CA LEU D 140 -0.44 15.73 31.94
C LEU D 140 0.17 15.87 33.32
N ILE D 141 1.38 15.31 33.45
CA ILE D 141 2.07 15.20 34.74
C ILE D 141 3.41 15.91 34.64
N SER D 142 3.64 16.87 35.52
CA SER D 142 4.88 17.63 35.43
C SER D 142 5.54 17.93 36.78
N ASP D 143 6.82 18.25 36.72
CA ASP D 143 7.60 18.77 37.86
C ASP D 143 7.83 17.77 39.00
N PHE D 144 7.88 16.50 38.66
CA PHE D 144 8.18 15.48 39.68
C PHE D 144 9.65 15.08 39.68
N TYR D 145 10.13 14.65 40.84
CA TYR D 145 11.45 14.05 40.97
C TYR D 145 11.45 13.14 42.21
N PRO D 146 12.00 11.92 42.09
CA PRO D 146 12.68 11.33 40.92
C PRO D 146 11.72 11.00 39.79
N GLY D 147 12.26 10.65 38.64
CA GLY D 147 11.49 10.62 37.40
C GLY D 147 10.80 9.32 37.09
N ALA D 148 10.07 8.79 38.06
CA ALA D 148 9.35 7.55 37.84
C ALA D 148 7.96 7.59 38.46
N VAL D 149 6.94 7.53 37.61
CA VAL D 149 5.55 7.46 38.04
C VAL D 149 4.81 6.31 37.36
N THR D 150 3.80 5.77 38.03
CA THR D 150 2.88 4.83 37.36
C THR D 150 1.53 5.51 37.21
N VAL D 151 0.81 5.17 36.15
CA VAL D 151 -0.48 5.82 35.84
C VAL D 151 -1.60 4.79 35.73
N ALA D 152 -2.71 5.06 36.42
CA ALA D 152 -3.87 4.15 36.35
C ALA D 152 -5.19 4.89 36.05
N TRP D 153 -5.90 4.42 35.02
CA TRP D 153 -7.21 4.99 34.67
C TRP D 153 -8.42 4.26 35.29
N LYS D 154 -9.50 5.02 35.51
CA LYS D 154 -10.71 4.52 36.15
C LYS D 154 -11.96 4.87 35.34
N ALA D 155 -12.78 3.86 35.06
CA ALA D 155 -14.12 4.10 34.53
C ALA D 155 -15.10 4.06 35.71
N ASP D 156 -15.67 5.21 36.04
CA ASP D 156 -16.48 5.38 37.26
C ASP D 156 -15.64 5.07 38.49
N GLY D 157 -15.66 3.82 38.93
CA GLY D 157 -14.86 3.37 40.06
C GLY D 157 -13.95 2.19 39.74
N SER D 158 -14.17 1.54 38.60
CA SER D 158 -13.39 0.36 38.22
C SER D 158 -12.37 0.67 37.11
N PRO D 159 -11.19 0.02 37.17
CA PRO D 159 -10.10 0.28 36.21
C PRO D 159 -10.43 -0.12 34.77
N VAL D 160 -9.79 0.54 33.80
CA VAL D 160 -9.84 0.12 32.41
C VAL D 160 -8.43 0.07 31.85
N LYS D 161 -8.06 -1.07 31.27
CA LYS D 161 -6.69 -1.25 30.75
C LYS D 161 -6.66 -1.02 29.24
N ALA D 162 -7.82 -1.12 28.62
CA ALA D 162 -7.94 -1.01 27.16
C ALA D 162 -8.01 0.43 26.67
N GLY D 163 -7.17 0.77 25.69
CA GLY D 163 -7.21 2.07 25.05
C GLY D 163 -6.25 3.08 25.65
N VAL D 164 -5.30 2.59 26.45
CA VAL D 164 -4.37 3.45 27.17
C VAL D 164 -3.02 3.49 26.49
N GLU D 165 -2.47 4.71 26.35
CA GLU D 165 -1.10 4.98 25.87
C GLU D 165 -0.42 5.97 26.83
N THR D 166 0.71 5.57 27.40
CA THR D 166 1.49 6.45 28.27
C THR D 166 2.91 6.58 27.72
N THR D 167 3.54 7.73 27.92
CA THR D 167 4.93 7.96 27.51
C THR D 167 5.92 7.49 28.57
N LYS D 168 7.18 7.30 28.15
CA LYS D 168 8.28 7.27 29.12
C LYS D 168 8.40 8.67 29.73
N PRO D 169 8.68 8.73 31.04
CA PRO D 169 8.97 10.03 31.66
C PRO D 169 10.22 10.66 31.05
N SER D 170 10.26 11.98 30.94
CA SER D 170 11.42 12.63 30.35
C SER D 170 11.79 13.92 31.11
N LYS D 171 13.09 14.11 31.38
CA LYS D 171 13.58 15.28 32.11
C LYS D 171 13.26 16.55 31.35
N GLN D 172 12.60 17.50 32.03
CA GLN D 172 12.22 18.79 31.44
C GLN D 172 13.44 19.69 31.43
N SER D 173 13.24 20.94 31.04
CA SER D 173 14.35 21.89 31.01
C SER D 173 14.77 22.22 32.43
N ASN D 174 13.82 22.36 33.34
CA ASN D 174 14.17 22.72 34.73
C ASN D 174 14.64 21.57 35.60
N ASN D 175 15.14 20.51 34.97
CA ASN D 175 15.74 19.37 35.65
C ASN D 175 14.80 18.51 36.46
N LYS D 176 13.51 18.68 36.28
CA LYS D 176 12.52 17.77 36.85
C LYS D 176 11.99 16.90 35.71
N TYR D 177 10.99 16.08 35.98
CA TYR D 177 10.48 15.15 34.97
C TYR D 177 9.02 15.38 34.56
N ALA D 178 8.68 15.00 33.33
CA ALA D 178 7.30 15.11 32.81
C ALA D 178 6.79 13.84 32.14
N ALA D 179 5.47 13.69 32.07
CA ALA D 179 4.88 12.50 31.45
C ALA D 179 3.48 12.74 30.96
N SER D 180 3.13 12.12 29.83
CA SER D 180 1.82 12.24 29.25
C SER D 180 1.12 10.89 29.24
N SER D 181 -0.18 10.87 29.52
CA SER D 181 -0.98 9.66 29.35
C SER D 181 -2.32 9.94 28.65
N TYR D 182 -2.60 9.21 27.56
CA TYR D 182 -3.79 9.44 26.74
C TYR D 182 -4.72 8.21 26.75
N LEU D 183 -6.00 8.44 27.04
CA LEU D 183 -7.01 7.37 26.99
C LEU D 183 -7.96 7.59 25.81
N SER D 184 -7.95 6.67 24.85
CA SER D 184 -8.73 6.83 23.62
C SER D 184 -10.05 6.08 23.68
N LEU D 185 -11.16 6.81 23.55
CA LEU D 185 -12.51 6.25 23.66
C LEU D 185 -13.38 6.59 22.46
N THR D 186 -14.51 5.90 22.31
CA THR D 186 -15.56 6.35 21.39
C THR D 186 -16.39 7.41 22.12
N PRO D 187 -17.02 8.31 21.36
CA PRO D 187 -17.94 9.26 22.01
C PRO D 187 -19.07 8.52 22.74
N GLU D 188 -19.49 7.37 22.21
CA GLU D 188 -20.49 6.54 22.87
C GLU D 188 -20.03 6.11 24.28
N GLN D 189 -18.80 5.59 24.38
CA GLN D 189 -18.23 5.21 25.68
C GLN D 189 -18.07 6.39 26.64
N TRP D 190 -17.57 7.51 26.11
CA TRP D 190 -17.35 8.71 26.91
C TRP D 190 -18.63 9.23 27.61
N LYS D 191 -19.69 9.45 26.83
CA LYS D 191 -20.98 9.86 27.38
C LYS D 191 -21.65 8.73 28.18
N SER D 192 -21.07 7.53 28.13
CA SER D 192 -21.65 6.34 28.75
C SER D 192 -21.37 6.19 30.25
N HIS D 193 -20.49 7.02 30.80
CA HIS D 193 -20.09 6.87 32.20
C HIS D 193 -20.35 8.13 33.03
N ARG D 194 -20.32 7.97 34.35
CA ARG D 194 -20.49 9.06 35.30
C ARG D 194 -19.27 9.97 35.31
N SER D 195 -18.11 9.38 35.57
CA SER D 195 -16.85 10.11 35.54
C SER D 195 -15.69 9.19 35.21
N TYR D 196 -14.59 9.78 34.76
CA TYR D 196 -13.36 9.07 34.47
C TYR D 196 -12.26 9.70 35.33
N SER D 197 -11.34 8.88 35.82
CA SER D 197 -10.25 9.35 36.70
C SER D 197 -8.85 8.96 36.21
N CYS D 198 -7.92 9.90 36.28
CA CYS D 198 -6.49 9.63 36.03
C CYS D 198 -5.78 9.63 37.37
N GLN D 199 -5.06 8.54 37.68
CA GLN D 199 -4.46 8.38 39.01
C GLN D 199 -2.94 8.17 38.97
N VAL D 200 -2.21 9.22 39.34
CA VAL D 200 -0.75 9.22 39.31
C VAL D 200 -0.15 8.81 40.66
N THR D 201 0.73 7.81 40.63
CA THR D 201 1.36 7.31 41.84
C THR D 201 2.87 7.54 41.76
N HIS D 202 3.36 8.38 42.67
CA HIS D 202 4.76 8.77 42.66
C HIS D 202 5.29 8.70 44.09
N GLU D 203 6.33 7.87 44.30
CA GLU D 203 6.96 7.72 45.61
C GLU D 203 5.99 7.40 46.74
N GLY D 204 5.16 6.38 46.56
CA GLY D 204 4.22 5.96 47.59
C GLY D 204 3.17 6.99 47.99
N SER D 205 2.89 7.94 47.10
CA SER D 205 1.85 8.94 47.33
C SER D 205 0.93 8.95 46.11
N THR D 206 -0.33 9.32 46.31
CA THR D 206 -1.29 9.30 45.22
C THR D 206 -1.92 10.68 44.90
N VAL D 207 -1.92 11.06 43.62
CA VAL D 207 -2.68 12.21 43.16
C VAL D 207 -3.71 11.71 42.17
N GLU D 208 -4.95 12.16 42.29
CA GLU D 208 -6.02 11.71 41.40
C GLU D 208 -6.90 12.90 40.93
N LYS D 209 -7.01 13.09 39.62
CA LYS D 209 -7.95 14.08 39.07
C LYS D 209 -9.14 13.43 38.37
N THR D 210 -10.27 14.15 38.28
CA THR D 210 -11.51 13.56 37.77
C THR D 210 -12.19 14.47 36.73
N VAL D 211 -12.83 13.85 35.74
CA VAL D 211 -13.67 14.59 34.78
C VAL D 211 -15.00 13.89 34.52
N ALA D 212 -16.01 14.67 34.12
CA ALA D 212 -17.32 14.10 33.79
C ALA D 212 -17.82 14.72 32.49
N PRO D 213 -18.57 13.94 31.68
CA PRO D 213 -19.19 14.40 30.43
C PRO D 213 -19.92 15.74 30.62
N THR D 214 -19.22 16.86 30.38
CA THR D 214 -19.62 18.22 30.83
C THR D 214 -20.72 18.23 31.90
N GLU D 215 -20.43 17.57 33.02
CA GLU D 215 -21.39 17.31 34.10
C GLU D 215 -22.59 16.50 33.63
N GLN E 1 -25.88 -32.98 13.93
CA GLN E 1 -25.99 -33.35 12.52
C GLN E 1 -25.67 -32.16 11.60
N VAL E 2 -25.10 -31.10 12.17
CA VAL E 2 -24.59 -29.96 11.39
C VAL E 2 -23.11 -29.67 11.64
N GLN E 3 -22.29 -29.72 10.58
CA GLN E 3 -20.83 -29.62 10.68
C GLN E 3 -20.27 -28.40 9.97
N LEU E 4 -19.19 -27.83 10.51
CA LEU E 4 -18.51 -26.71 9.85
C LEU E 4 -17.09 -27.07 9.41
N VAL E 5 -16.75 -26.63 8.20
CA VAL E 5 -15.44 -26.89 7.62
C VAL E 5 -14.93 -25.65 6.90
N GLU E 6 -13.82 -25.09 7.36
CA GLU E 6 -13.29 -23.88 6.73
C GLU E 6 -12.27 -24.19 5.65
N SER E 7 -11.84 -23.14 4.94
CA SER E 7 -10.90 -23.28 3.82
C SER E 7 -9.48 -23.48 4.35
N GLY E 8 -8.52 -23.72 3.46
CA GLY E 8 -7.14 -23.97 3.87
C GLY E 8 -6.32 -22.74 4.26
N ALA E 9 -5.15 -23.01 4.85
CA ALA E 9 -4.21 -21.98 5.27
C ALA E 9 -3.86 -20.99 4.19
N GLU E 10 -3.70 -19.72 4.60
CA GLU E 10 -3.30 -18.67 3.68
C GLU E 10 -2.03 -17.99 4.18
N VAL E 11 -1.19 -17.55 3.23
CA VAL E 11 0.03 -16.79 3.52
C VAL E 11 0.02 -15.51 2.70
N LYS E 12 0.15 -14.38 3.38
CA LYS E 12 -0.15 -13.11 2.77
C LYS E 12 0.97 -12.11 3.07
N LYS E 13 1.23 -11.18 2.15
CA LYS E 13 2.14 -10.06 2.41
C LYS E 13 1.33 -8.87 2.95
N PRO E 14 1.95 -8.01 3.76
CA PRO E 14 1.25 -6.85 4.31
C PRO E 14 0.63 -5.93 3.25
N GLY E 15 -0.61 -5.51 3.48
CA GLY E 15 -1.33 -4.63 2.57
C GLY E 15 -2.30 -5.35 1.65
N SER E 16 -2.13 -6.66 1.52
CA SER E 16 -2.99 -7.45 0.65
C SER E 16 -4.29 -7.84 1.34
N SER E 17 -5.18 -8.49 0.59
CA SER E 17 -6.46 -8.94 1.11
C SER E 17 -6.44 -10.45 1.23
N VAL E 18 -7.33 -10.99 2.06
CA VAL E 18 -7.52 -12.43 2.19
C VAL E 18 -9.00 -12.78 2.44
N LYS E 19 -9.50 -13.77 1.70
CA LYS E 19 -10.90 -14.19 1.79
C LYS E 19 -11.05 -15.67 2.16
N VAL E 20 -11.30 -15.93 3.43
CA VAL E 20 -11.51 -17.25 3.98
C VAL E 20 -12.97 -17.69 3.85
N SER E 21 -13.20 -18.99 3.64
CA SER E 21 -14.58 -19.49 3.54
C SER E 21 -14.95 -20.56 4.57
N CYS E 22 -16.25 -20.71 4.81
CA CYS E 22 -16.73 -21.69 5.78
C CYS E 22 -17.91 -22.43 5.16
N LYS E 23 -17.81 -23.76 5.06
CA LYS E 23 -18.88 -24.56 4.45
C LYS E 23 -19.66 -25.45 5.44
N ALA E 24 -20.98 -25.43 5.33
CA ALA E 24 -21.84 -26.09 6.30
C ALA E 24 -22.56 -27.29 5.69
N SER E 25 -22.48 -28.43 6.36
CA SER E 25 -23.29 -29.60 6.03
C SER E 25 -24.63 -29.45 6.74
N GLY E 26 -25.52 -30.44 6.60
CA GLY E 26 -26.90 -30.26 7.02
C GLY E 26 -27.47 -29.10 6.21
N GLY E 27 -28.06 -28.12 6.89
CA GLY E 27 -28.48 -26.88 6.23
C GLY E 27 -29.38 -27.11 5.04
N PRO E 28 -28.95 -26.68 3.83
CA PRO E 28 -27.74 -25.88 3.58
C PRO E 28 -28.06 -24.38 3.68
N PHE E 29 -29.26 -24.00 3.26
CA PHE E 29 -29.80 -22.69 3.52
C PHE E 29 -29.95 -22.59 5.04
N ARG E 30 -29.54 -21.46 5.58
CA ARG E 30 -29.40 -21.33 7.02
C ARG E 30 -30.68 -20.82 7.70
N SER E 31 -30.78 -21.09 9.00
CA SER E 31 -31.81 -20.53 9.86
C SER E 31 -31.11 -20.27 11.18
N TYR E 32 -29.79 -20.11 11.10
CA TYR E 32 -28.92 -19.82 12.24
C TYR E 32 -27.90 -18.76 11.85
N ALA E 33 -27.51 -17.92 12.80
CA ALA E 33 -26.45 -16.96 12.55
C ALA E 33 -25.07 -17.66 12.50
N ILE E 34 -24.13 -17.05 11.80
CA ILE E 34 -22.75 -17.55 11.72
C ILE E 34 -21.75 -16.41 11.97
N SER E 35 -20.72 -16.68 12.78
CA SER E 35 -19.76 -15.64 13.19
C SER E 35 -18.33 -16.03 12.86
N TRP E 36 -17.45 -15.04 12.82
CA TRP E 36 -16.02 -15.29 12.66
C TRP E 36 -15.31 -14.84 13.91
N VAL E 37 -14.39 -15.68 14.41
CA VAL E 37 -13.62 -15.41 15.62
C VAL E 37 -12.18 -15.78 15.38
N ARG E 38 -11.30 -14.83 15.66
CA ARG E 38 -9.86 -15.09 15.52
C ARG E 38 -9.13 -15.20 16.85
N GLN E 39 -7.98 -15.85 16.81
CA GLN E 39 -7.19 -16.01 18.02
C GLN E 39 -5.74 -15.85 17.66
N ALA E 40 -5.17 -14.74 18.11
CA ALA E 40 -3.75 -14.47 17.92
C ALA E 40 -2.99 -15.44 18.81
N PRO E 41 -1.76 -15.83 18.42
CA PRO E 41 -1.04 -16.86 19.18
C PRO E 41 -0.80 -16.39 20.61
N GLY E 42 -1.16 -17.23 21.57
CA GLY E 42 -1.12 -16.86 22.98
C GLY E 42 -1.98 -15.64 23.27
N GLN E 43 -3.27 -15.77 23.00
CA GLN E 43 -4.23 -14.69 23.20
C GLN E 43 -5.64 -15.26 23.44
N GLY E 44 -6.49 -14.44 24.04
CA GLY E 44 -7.90 -14.75 24.16
C GLY E 44 -8.54 -14.60 22.81
N PRO E 45 -9.64 -15.34 22.56
CA PRO E 45 -10.36 -15.23 21.29
C PRO E 45 -10.92 -13.83 21.11
N GLU E 46 -11.21 -13.45 19.88
CA GLU E 46 -11.63 -12.11 19.55
C GLU E 46 -12.69 -12.19 18.49
N TRP E 47 -13.87 -11.67 18.81
CA TRP E 47 -14.95 -11.70 17.84
C TRP E 47 -14.72 -10.66 16.73
N MET E 48 -14.94 -11.06 15.48
CA MET E 48 -14.76 -10.16 14.36
C MET E 48 -16.09 -9.65 13.80
N GLY E 49 -17.02 -10.57 13.58
CA GLY E 49 -18.32 -10.22 13.05
C GLY E 49 -19.19 -11.45 12.81
N GLY E 50 -20.45 -11.23 12.47
CA GLY E 50 -21.35 -12.31 12.16
C GLY E 50 -22.45 -11.93 11.20
N ILE E 51 -23.12 -12.93 10.62
CA ILE E 51 -24.17 -12.65 9.65
C ILE E 51 -25.50 -13.39 9.92
N ILE E 52 -26.59 -12.63 9.99
CA ILE E 52 -27.90 -13.18 10.29
C ILE E 52 -28.51 -13.87 9.07
N PRO E 53 -29.19 -15.01 9.28
CA PRO E 53 -29.78 -15.71 8.13
C PRO E 53 -31.00 -14.99 7.58
N ILE E 54 -31.43 -15.36 6.37
CA ILE E 54 -32.55 -14.71 5.69
C ILE E 54 -32.23 -13.23 5.44
N PHE E 55 -32.45 -12.39 6.45
CA PHE E 55 -32.34 -10.92 6.33
C PHE E 55 -30.95 -10.44 5.88
N GLY E 56 -29.94 -11.29 6.00
CA GLY E 56 -28.61 -10.98 5.55
C GLY E 56 -27.90 -9.83 6.25
N THR E 57 -28.53 -9.25 7.28
CA THR E 57 -27.90 -8.13 8.00
C THR E 57 -26.56 -8.57 8.65
N THR E 58 -25.60 -7.65 8.70
CA THR E 58 -24.29 -7.96 9.26
C THR E 58 -23.94 -7.08 10.46
N LYS E 59 -23.21 -7.66 11.41
CA LYS E 59 -22.70 -6.91 12.55
C LYS E 59 -21.21 -7.18 12.70
N TYR E 60 -20.44 -6.12 12.86
CA TYR E 60 -19.00 -6.22 12.97
C TYR E 60 -18.50 -5.64 14.28
N ALA E 61 -17.48 -6.25 14.86
CA ALA E 61 -16.85 -5.74 16.05
C ALA E 61 -16.33 -4.34 15.77
N PRO E 62 -16.25 -3.49 16.81
CA PRO E 62 -15.81 -2.12 16.59
C PRO E 62 -14.38 -2.05 16.04
N LYS E 63 -13.51 -2.90 16.58
CA LYS E 63 -12.10 -2.94 16.20
C LYS E 63 -11.88 -3.20 14.70
N PHE E 64 -12.75 -4.01 14.09
CA PHE E 64 -12.54 -4.44 12.70
C PHE E 64 -13.45 -3.71 11.74
N GLN E 65 -14.29 -2.87 12.30
CA GLN E 65 -15.25 -2.12 11.51
C GLN E 65 -14.60 -1.37 10.35
N GLY E 66 -15.04 -1.70 9.13
CA GLY E 66 -14.61 -1.00 7.95
C GLY E 66 -13.51 -1.67 7.15
N ARG E 67 -12.84 -2.66 7.73
CA ARG E 67 -11.87 -3.43 6.95
C ARG E 67 -12.12 -4.95 6.95
N VAL E 68 -13.25 -5.36 7.52
CA VAL E 68 -13.74 -6.73 7.44
C VAL E 68 -15.11 -6.75 6.77
N THR E 69 -15.31 -7.73 5.89
CA THR E 69 -16.56 -7.84 5.16
C THR E 69 -17.03 -9.29 5.18
N ILE E 70 -18.25 -9.51 5.67
CA ILE E 70 -18.77 -10.86 5.80
C ILE E 70 -19.98 -11.05 4.86
N THR E 71 -19.98 -12.16 4.14
CA THR E 71 -20.98 -12.39 3.10
C THR E 71 -21.39 -13.85 3.05
N ALA E 72 -22.51 -14.13 2.39
CA ALA E 72 -23.01 -15.50 2.31
C ALA E 72 -23.66 -15.81 0.98
N ASP E 73 -23.29 -16.96 0.43
CA ASP E 73 -23.92 -17.51 -0.75
C ASP E 73 -24.83 -18.64 -0.32
N ASP E 74 -26.13 -18.35 -0.21
CA ASP E 74 -27.09 -19.27 0.39
C ASP E 74 -27.31 -20.57 -0.40
N PHE E 75 -27.09 -20.50 -1.72
CA PHE E 75 -27.36 -21.64 -2.60
C PHE E 75 -26.27 -22.69 -2.53
N ALA E 76 -25.23 -22.41 -1.75
CA ALA E 76 -24.12 -23.34 -1.59
C ALA E 76 -23.83 -23.60 -0.11
N GLY E 77 -24.63 -22.97 0.75
CA GLY E 77 -24.41 -23.05 2.19
C GLY E 77 -23.00 -22.69 2.58
N THR E 78 -22.56 -21.50 2.17
CA THR E 78 -21.18 -21.06 2.41
C THR E 78 -21.12 -19.58 2.83
N VAL E 79 -20.41 -19.27 3.92
CA VAL E 79 -20.19 -17.88 4.31
C VAL E 79 -18.72 -17.48 4.16
N TYR E 80 -18.49 -16.22 3.82
CA TYR E 80 -17.14 -15.74 3.61
C TYR E 80 -16.79 -14.64 4.60
N MET E 81 -15.51 -14.50 4.89
CA MET E 81 -14.99 -13.41 5.70
C MET E 81 -13.82 -12.79 4.93
N GLU E 82 -13.86 -11.50 4.65
CA GLU E 82 -12.76 -10.87 3.92
C GLU E 82 -12.08 -9.73 4.69
N LEU E 83 -10.77 -9.85 4.87
CA LEU E 83 -10.06 -8.88 5.70
C LEU E 83 -9.06 -8.18 4.83
N SER E 84 -9.13 -6.86 4.79
CA SER E 84 -8.30 -6.12 3.87
C SER E 84 -7.24 -5.22 4.59
N SER E 85 -6.23 -4.77 3.85
CA SER E 85 -5.10 -4.03 4.42
C SER E 85 -4.47 -4.77 5.59
N LEU E 86 -3.98 -5.97 5.30
CA LEU E 86 -3.41 -6.83 6.33
C LEU E 86 -2.10 -6.29 6.94
N ARG E 87 -1.97 -6.44 8.25
CA ARG E 87 -0.73 -6.13 8.96
C ARG E 87 -0.23 -7.39 9.66
N SER E 88 0.97 -7.35 10.23
CA SER E 88 1.54 -8.54 10.85
C SER E 88 0.72 -9.00 12.06
N GLU E 89 0.03 -8.05 12.70
CA GLU E 89 -0.81 -8.32 13.88
C GLU E 89 -2.09 -9.12 13.54
N ASP E 90 -2.41 -9.21 12.26
CA ASP E 90 -3.58 -9.96 11.84
C ASP E 90 -3.27 -11.46 11.73
N THR E 91 -2.04 -11.84 12.06
CA THR E 91 -1.64 -13.23 12.04
C THR E 91 -2.33 -13.96 13.19
N ALA E 92 -3.20 -14.91 12.83
CA ALA E 92 -3.98 -15.63 13.84
C ALA E 92 -4.67 -16.90 13.30
N MET E 93 -5.22 -17.68 14.21
CA MET E 93 -6.15 -18.75 13.84
C MET E 93 -7.56 -18.19 13.61
N TYR E 94 -8.18 -18.58 12.49
CA TYR E 94 -9.52 -18.05 12.17
C TYR E 94 -10.67 -19.10 12.19
N TYR E 95 -11.53 -19.04 13.20
CA TYR E 95 -12.68 -19.97 13.30
C TYR E 95 -14.01 -19.40 12.77
N CYS E 96 -14.79 -20.22 12.07
CA CYS E 96 -16.21 -19.92 11.93
C CYS E 96 -16.98 -20.67 13.01
N ALA E 97 -18.08 -20.09 13.47
CA ALA E 97 -18.86 -20.74 14.50
C ALA E 97 -20.32 -20.38 14.37
N LYS E 98 -21.18 -21.39 14.49
CA LYS E 98 -22.60 -21.12 14.36
C LYS E 98 -23.24 -20.84 15.71
N HIS E 99 -24.33 -20.09 15.68
CA HIS E 99 -25.06 -19.73 16.89
C HIS E 99 -26.25 -20.66 17.15
N MET E 100 -26.60 -20.88 18.41
CA MET E 100 -27.71 -21.76 18.73
C MET E 100 -29.00 -20.97 18.56
N GLY E 101 -29.19 -20.44 17.35
CA GLY E 101 -30.35 -19.62 17.03
C GLY E 101 -30.00 -18.67 15.91
N TYR E 102 -30.72 -17.58 15.78
CA TYR E 102 -30.56 -16.69 14.62
C TYR E 102 -29.90 -15.36 14.97
N GLN E 103 -29.58 -15.17 16.25
CA GLN E 103 -28.92 -13.93 16.67
C GLN E 103 -27.52 -14.15 17.12
N VAL E 104 -26.65 -13.21 16.75
CA VAL E 104 -25.26 -13.22 17.21
C VAL E 104 -25.08 -12.98 18.75
N ARG E 105 -26.17 -12.57 19.42
CA ARG E 105 -26.21 -12.39 20.89
C ARG E 105 -26.27 -13.75 21.63
N GLU E 106 -26.16 -14.85 20.89
CA GLU E 106 -26.43 -16.20 21.44
C GLU E 106 -25.24 -17.14 21.41
N THR E 107 -25.28 -18.17 22.26
CA THR E 107 -24.13 -19.04 22.49
C THR E 107 -23.69 -19.71 21.19
N MET E 108 -22.38 -19.82 21.00
CA MET E 108 -21.83 -20.42 19.78
C MET E 108 -21.63 -21.88 20.08
N ASP E 109 -22.48 -22.73 19.52
CA ASP E 109 -22.55 -24.13 19.98
C ASP E 109 -21.71 -25.09 19.16
N VAL E 110 -21.50 -24.77 17.88
CA VAL E 110 -20.68 -25.58 16.99
C VAL E 110 -19.57 -24.76 16.35
N TRP E 111 -18.33 -25.24 16.43
CA TRP E 111 -17.18 -24.54 15.86
C TRP E 111 -16.45 -25.37 14.81
N GLY E 112 -15.91 -24.70 13.80
CA GLY E 112 -15.05 -25.39 12.82
C GLY E 112 -13.66 -25.66 13.39
N LYS E 113 -12.89 -26.55 12.76
CA LYS E 113 -11.57 -26.93 13.29
C LYS E 113 -10.62 -25.72 13.35
N GLY E 114 -10.80 -24.78 12.42
CA GLY E 114 -9.99 -23.58 12.41
C GLY E 114 -9.12 -23.53 11.16
N THR E 115 -8.70 -22.33 10.80
CA THR E 115 -7.75 -22.14 9.69
C THR E 115 -6.79 -20.96 9.95
N THR E 116 -5.52 -21.12 9.58
CA THR E 116 -4.53 -20.09 9.87
C THR E 116 -4.30 -19.16 8.70
N VAL E 117 -4.31 -17.85 9.00
CA VAL E 117 -3.68 -16.91 8.06
C VAL E 117 -2.44 -16.28 8.69
N THR E 118 -1.39 -16.22 7.89
CA THR E 118 -0.08 -15.77 8.33
C THR E 118 0.27 -14.54 7.51
N VAL E 119 0.57 -13.43 8.19
CA VAL E 119 1.00 -12.21 7.50
C VAL E 119 2.48 -11.86 7.78
N SER E 120 3.31 -11.84 6.71
CA SER E 120 4.80 -11.65 6.76
C SER E 120 5.38 -10.90 5.45
N SER E 121 6.58 -10.21 5.47
CA SER E 121 7.28 -9.43 4.35
C SER E 121 8.15 -10.26 3.38
N ALA E 122 8.35 -11.51 3.80
CA ALA E 122 9.19 -12.49 3.10
C ALA E 122 8.61 -12.96 1.78
N SER E 123 9.47 -13.45 0.89
CA SER E 123 9.05 -14.10 -0.35
C SER E 123 9.18 -15.61 -0.12
N THR E 124 8.60 -16.39 -1.01
CA THR E 124 8.62 -17.83 -0.80
C THR E 124 9.96 -18.43 -1.27
N LYS E 125 10.67 -19.05 -0.33
CA LYS E 125 11.93 -19.72 -0.62
C LYS E 125 11.96 -21.21 -0.20
N GLY E 126 12.43 -22.09 -1.10
CA GLY E 126 12.70 -23.47 -0.73
C GLY E 126 13.83 -23.60 0.30
N PRO E 127 13.89 -24.71 1.04
CA PRO E 127 14.93 -24.84 2.05
C PRO E 127 16.20 -25.51 1.51
N SER E 128 17.27 -25.41 2.29
CA SER E 128 18.45 -26.25 2.07
C SER E 128 18.37 -27.42 3.06
N VAL E 129 18.84 -28.60 2.67
CA VAL E 129 18.80 -29.71 3.60
C VAL E 129 20.23 -30.11 3.88
N PHE E 130 20.61 -30.11 5.16
CA PHE E 130 21.91 -30.58 5.60
C PHE E 130 21.76 -31.78 6.54
N PRO E 131 22.69 -32.73 6.46
CA PRO E 131 22.73 -33.89 7.37
C PRO E 131 23.30 -33.58 8.78
N LEU E 132 22.64 -34.09 9.81
CA LEU E 132 23.17 -34.03 11.16
C LEU E 132 23.71 -35.41 11.52
N ALA E 133 24.97 -35.63 11.17
CA ALA E 133 25.65 -36.91 11.24
C ALA E 133 25.88 -37.48 12.67
N PRO E 134 25.65 -38.80 12.87
CA PRO E 134 25.69 -39.48 14.17
C PRO E 134 26.94 -39.17 15.02
N SER E 135 28.11 -39.69 14.62
CA SER E 135 29.40 -39.52 15.34
C SER E 135 29.53 -40.35 16.63
N SER E 136 30.64 -40.18 17.36
CA SER E 136 30.78 -40.76 18.70
C SER E 136 30.33 -39.86 19.86
N LYS E 137 30.12 -38.56 19.62
CA LYS E 137 29.57 -37.65 20.64
C LYS E 137 28.03 -37.81 20.78
N SER E 138 27.45 -38.64 19.91
CA SER E 138 26.03 -38.98 20.01
C SER E 138 25.79 -40.46 20.43
N THR E 139 26.87 -41.18 20.75
CA THR E 139 26.76 -42.57 21.22
C THR E 139 26.89 -42.70 22.75
N SER E 140 25.78 -42.44 23.42
CA SER E 140 25.61 -42.83 24.81
C SER E 140 25.33 -44.32 24.78
N GLY E 141 26.41 -45.11 24.71
CA GLY E 141 26.39 -46.57 24.56
C GLY E 141 25.05 -47.27 24.49
N GLY E 142 24.67 -47.70 23.28
CA GLY E 142 23.35 -48.29 23.07
C GLY E 142 22.64 -47.67 21.89
N THR E 143 22.12 -46.46 22.06
CA THR E 143 21.45 -45.73 20.98
C THR E 143 22.33 -44.60 20.38
N ALA E 144 21.95 -44.15 19.18
CA ALA E 144 22.65 -43.11 18.44
C ALA E 144 21.68 -42.21 17.68
N ALA E 145 21.79 -40.90 17.87
CA ALA E 145 20.89 -39.93 17.24
C ALA E 145 21.46 -39.40 15.93
N LEU E 146 20.62 -39.25 14.91
CA LEU E 146 21.00 -38.61 13.65
C LEU E 146 19.79 -37.87 13.10
N GLY E 147 20.02 -36.95 12.17
CA GLY E 147 18.93 -36.11 11.72
C GLY E 147 19.12 -35.28 10.45
N CYS E 148 18.25 -34.29 10.27
CA CYS E 148 18.32 -33.41 9.11
C CYS E 148 18.02 -31.98 9.52
N LEU E 149 18.83 -31.05 9.01
CA LEU E 149 18.58 -29.62 9.22
C LEU E 149 17.89 -29.02 7.99
N VAL E 150 16.64 -28.61 8.13
CA VAL E 150 15.92 -27.95 7.05
C VAL E 150 16.01 -26.42 7.25
N LYS E 151 16.87 -25.76 6.49
CA LYS E 151 17.30 -24.39 6.77
C LYS E 151 16.73 -23.35 5.79
N ASP E 152 16.26 -22.23 6.34
CA ASP E 152 15.90 -21.02 5.58
C ASP E 152 14.81 -21.20 4.55
N TYR E 153 13.60 -21.53 5.01
CA TYR E 153 12.50 -21.75 4.06
C TYR E 153 11.33 -20.88 4.40
N PHE E 154 10.52 -20.59 3.40
CA PHE E 154 9.30 -19.85 3.63
C PHE E 154 8.26 -20.24 2.58
N PRO E 155 6.99 -20.39 3.01
CA PRO E 155 6.56 -20.32 4.41
C PRO E 155 6.40 -21.73 4.99
N GLU E 156 5.82 -21.85 6.18
CA GLU E 156 5.40 -23.16 6.69
C GLU E 156 4.31 -23.67 5.76
N PRO E 157 4.09 -25.00 5.74
CA PRO E 157 4.74 -26.04 6.52
C PRO E 157 5.71 -26.87 5.68
N VAL E 158 6.47 -27.71 6.37
CA VAL E 158 7.35 -28.65 5.69
C VAL E 158 7.04 -30.09 6.19
N THR E 159 7.28 -31.06 5.32
CA THR E 159 7.01 -32.45 5.62
C THR E 159 8.32 -33.21 5.64
N VAL E 160 8.64 -33.84 6.76
CA VAL E 160 9.83 -34.71 6.84
C VAL E 160 9.46 -36.15 7.24
N SER E 161 9.72 -37.09 6.34
CA SER E 161 9.62 -38.54 6.68
C SER E 161 10.96 -39.25 6.45
N TRP E 162 11.05 -40.50 6.87
CA TRP E 162 12.33 -41.21 6.83
C TRP E 162 12.23 -42.51 6.06
N ASN E 163 13.25 -42.78 5.25
CA ASN E 163 13.29 -43.95 4.35
C ASN E 163 12.03 -44.12 3.53
N SER E 164 11.54 -43.00 3.01
CA SER E 164 10.32 -42.94 2.21
C SER E 164 9.05 -43.42 2.92
N GLY E 165 9.09 -43.50 4.24
CA GLY E 165 7.90 -43.83 5.00
C GLY E 165 8.06 -45.05 5.88
N ALA E 166 9.14 -45.79 5.69
CA ALA E 166 9.36 -46.99 6.49
C ALA E 166 9.65 -46.71 7.99
N LEU E 167 10.67 -45.90 8.28
CA LEU E 167 11.01 -45.54 9.66
C LEU E 167 10.01 -44.57 10.30
N THR E 168 9.40 -44.98 11.41
CA THR E 168 8.47 -44.09 12.11
C THR E 168 8.69 -44.16 13.60
N SER E 169 8.70 -45.37 14.14
CA SER E 169 8.90 -45.52 15.55
C SER E 169 10.30 -45.03 15.85
N GLY E 170 10.42 -44.12 16.80
CA GLY E 170 11.69 -43.50 17.11
C GLY E 170 12.05 -42.33 16.20
N VAL E 171 11.07 -41.51 15.81
CA VAL E 171 11.32 -40.35 14.97
C VAL E 171 10.69 -39.11 15.57
N HIS E 172 11.51 -38.10 15.85
CA HIS E 172 11.05 -36.79 16.35
C HIS E 172 11.36 -35.65 15.35
N THR E 173 10.35 -34.93 14.90
CA THR E 173 10.55 -33.73 14.11
C THR E 173 10.18 -32.51 14.95
N PHE E 174 11.18 -31.72 15.32
CA PHE E 174 11.00 -30.56 16.19
C PHE E 174 10.23 -29.43 15.51
N PRO E 175 9.49 -28.65 16.30
CA PRO E 175 8.80 -27.47 15.77
C PRO E 175 9.83 -26.49 15.25
N ALA E 176 9.50 -25.72 14.21
CA ALA E 176 10.42 -24.80 13.59
C ALA E 176 10.76 -23.62 14.54
N VAL E 177 11.80 -22.87 14.15
CA VAL E 177 12.18 -21.63 14.79
C VAL E 177 12.02 -20.54 13.74
N LEU E 178 11.68 -19.34 14.18
CA LEU E 178 11.53 -18.23 13.25
C LEU E 178 12.68 -17.27 13.43
N GLN E 179 13.59 -17.21 12.46
CA GLN E 179 14.73 -16.29 12.56
C GLN E 179 14.35 -14.84 12.34
N SER E 180 15.28 -13.94 12.57
CA SER E 180 15.01 -12.53 12.37
C SER E 180 14.99 -12.15 10.88
N SER E 181 15.40 -13.09 10.01
CA SER E 181 15.38 -12.88 8.58
C SER E 181 13.96 -13.09 8.07
N GLY E 182 13.11 -13.59 8.97
CA GLY E 182 11.76 -14.00 8.65
C GLY E 182 11.72 -15.28 7.83
N LEU E 183 12.70 -16.14 8.06
CA LEU E 183 12.77 -17.43 7.40
C LEU E 183 12.64 -18.50 8.48
N TYR E 184 12.20 -19.69 8.11
CA TYR E 184 12.03 -20.73 9.12
C TYR E 184 13.14 -21.75 9.01
N SER E 185 13.39 -22.45 10.11
CA SER E 185 14.36 -23.54 10.13
C SER E 185 13.94 -24.59 11.13
N LEU E 186 13.95 -25.86 10.72
CA LEU E 186 13.62 -26.97 11.65
C LEU E 186 14.61 -28.15 11.59
N SER E 187 14.48 -29.05 12.53
CA SER E 187 15.30 -30.25 12.58
C SER E 187 14.45 -31.49 12.81
N SER E 188 14.87 -32.61 12.23
CA SER E 188 14.19 -33.88 12.43
C SER E 188 15.20 -34.96 12.84
N VAL E 189 14.95 -35.60 13.98
CA VAL E 189 15.90 -36.58 14.49
C VAL E 189 15.27 -37.96 14.60
N VAL E 190 16.03 -38.98 14.26
CA VAL E 190 15.59 -40.35 14.45
C VAL E 190 16.56 -41.06 15.40
N THR E 191 16.03 -41.62 16.48
CA THR E 191 16.84 -42.38 17.43
C THR E 191 16.91 -43.86 17.04
N VAL E 192 18.13 -44.37 16.86
CA VAL E 192 18.36 -45.76 16.43
C VAL E 192 19.52 -46.43 17.18
N PRO E 193 19.57 -47.78 17.17
CA PRO E 193 20.68 -48.52 17.78
C PRO E 193 22.10 -48.24 17.23
N SER E 194 23.11 -48.31 18.11
CA SER E 194 24.52 -48.12 17.74
C SER E 194 25.00 -49.11 16.70
N SER E 195 24.65 -50.37 16.89
CA SER E 195 25.07 -51.47 16.02
C SER E 195 24.73 -51.29 14.53
N SER E 196 23.47 -50.98 14.24
CA SER E 196 23.02 -50.83 12.86
C SER E 196 23.74 -49.72 12.09
N LEU E 197 24.12 -48.66 12.80
CA LEU E 197 24.74 -47.44 12.24
C LEU E 197 25.52 -47.49 10.92
N GLY E 198 26.49 -48.39 10.85
CA GLY E 198 27.31 -48.49 9.65
C GLY E 198 26.66 -49.36 8.59
N THR E 199 26.03 -50.45 9.03
CA THR E 199 25.34 -51.39 8.14
C THR E 199 24.08 -50.75 7.57
N GLN E 200 23.41 -49.96 8.41
CA GLN E 200 22.11 -49.42 8.06
C GLN E 200 22.14 -48.07 7.34
N THR E 201 21.28 -47.95 6.33
CA THR E 201 21.20 -46.75 5.51
C THR E 201 19.93 -45.92 5.83
N TYR E 202 20.13 -44.65 6.21
CA TYR E 202 19.03 -43.79 6.62
C TYR E 202 18.92 -42.59 5.69
N ILE E 203 17.72 -42.33 5.18
CA ILE E 203 17.49 -41.18 4.28
C ILE E 203 16.25 -40.37 4.69
N CYS E 204 16.39 -39.06 4.72
CA CYS E 204 15.27 -38.19 5.10
C CYS E 204 14.63 -37.53 3.88
N ASN E 205 13.29 -37.49 3.86
CA ASN E 205 12.53 -37.02 2.70
C ASN E 205 11.77 -35.74 3.01
N VAL E 206 12.40 -34.61 2.67
CA VAL E 206 11.92 -33.27 2.98
C VAL E 206 11.06 -32.74 1.84
N ASN E 207 9.90 -32.18 2.18
CA ASN E 207 8.92 -31.76 1.17
C ASN E 207 8.37 -30.40 1.56
N HIS E 208 8.56 -29.43 0.70
CA HIS E 208 8.05 -28.09 0.95
C HIS E 208 7.09 -27.68 -0.18
N LYS E 209 5.82 -28.11 -0.10
CA LYS E 209 4.86 -27.90 -1.19
C LYS E 209 4.74 -26.46 -1.72
N PRO E 210 4.77 -25.44 -0.83
CA PRO E 210 4.71 -24.03 -1.29
C PRO E 210 5.73 -23.59 -2.35
N SER E 211 6.97 -24.05 -2.27
CA SER E 211 7.96 -23.74 -3.32
C SER E 211 8.22 -24.90 -4.30
N ASN E 212 7.36 -25.92 -4.23
CA ASN E 212 7.47 -27.14 -5.03
C ASN E 212 8.87 -27.70 -5.11
N THR E 213 9.48 -27.90 -3.94
CA THR E 213 10.76 -28.62 -3.80
C THR E 213 10.69 -29.86 -2.89
N LYS E 214 11.16 -31.00 -3.40
CA LYS E 214 11.27 -32.20 -2.61
C LYS E 214 12.76 -32.51 -2.55
N VAL E 215 13.32 -32.61 -1.36
CA VAL E 215 14.73 -32.95 -1.27
C VAL E 215 14.87 -34.25 -0.52
N ASP E 216 15.69 -35.16 -1.05
CA ASP E 216 16.00 -36.42 -0.36
C ASP E 216 17.48 -36.38 0.01
N LYS E 217 17.80 -36.66 1.26
CA LYS E 217 19.20 -36.55 1.71
C LYS E 217 19.62 -37.71 2.60
N ARG E 218 20.70 -38.39 2.22
CA ARG E 218 21.27 -39.48 3.03
C ARG E 218 22.05 -38.89 4.19
N VAL E 219 21.99 -39.57 5.33
CA VAL E 219 22.70 -39.13 6.53
C VAL E 219 23.65 -40.25 6.95
N GLU E 220 24.95 -39.96 6.90
CA GLU E 220 25.98 -40.96 7.15
C GLU E 220 27.04 -40.39 8.08
N PRO E 221 27.69 -41.26 8.88
CA PRO E 221 28.86 -40.86 9.69
C PRO E 221 30.08 -40.44 8.85
N VAL F 3 -13.12 -7.00 27.28
CA VAL F 3 -12.53 -6.72 28.60
C VAL F 3 -13.19 -7.56 29.71
N LEU F 4 -13.06 -8.88 29.57
CA LEU F 4 -13.51 -9.82 30.60
C LEU F 4 -12.31 -10.43 31.32
N THR F 5 -12.31 -10.42 32.65
CA THR F 5 -11.10 -10.74 33.39
C THR F 5 -11.17 -12.11 34.05
N GLN F 6 -10.23 -12.98 33.67
CA GLN F 6 -10.07 -14.29 34.32
C GLN F 6 -8.67 -14.40 34.87
N PRO F 7 -8.50 -15.17 35.96
CA PRO F 7 -7.16 -15.46 36.49
C PRO F 7 -6.35 -16.22 35.45
N PRO F 8 -5.04 -15.95 35.34
CA PRO F 8 -4.34 -16.54 34.20
C PRO F 8 -4.18 -18.06 34.31
N SER F 9 -4.20 -18.62 35.53
CA SER F 9 -4.01 -20.06 35.70
C SER F 9 -4.55 -20.62 37.02
N VAL F 10 -4.87 -21.91 36.99
CA VAL F 10 -5.46 -22.61 38.13
C VAL F 10 -4.97 -24.06 38.16
N SER F 11 -4.70 -24.59 39.35
CA SER F 11 -4.16 -25.94 39.49
C SER F 11 -4.79 -26.75 40.64
N ALA F 12 -4.99 -28.04 40.41
CA ALA F 12 -5.44 -28.95 41.46
C ALA F 12 -5.11 -30.41 41.12
N ALA F 13 -5.17 -31.29 42.12
CA ALA F 13 -4.85 -32.71 41.96
C ALA F 13 -6.04 -33.47 41.37
N PRO F 14 -5.76 -34.60 40.70
CA PRO F 14 -6.83 -35.46 40.16
C PRO F 14 -7.85 -35.93 41.20
N GLY F 15 -9.13 -35.74 40.91
CA GLY F 15 -10.18 -36.13 41.82
C GLY F 15 -10.83 -34.99 42.56
N GLN F 16 -10.12 -33.87 42.63
CA GLN F 16 -10.61 -32.72 43.38
C GLN F 16 -11.43 -31.76 42.54
N LYS F 17 -11.97 -30.73 43.19
CA LYS F 17 -12.80 -29.73 42.54
C LYS F 17 -11.97 -28.44 42.30
N VAL F 18 -12.25 -27.76 41.19
CA VAL F 18 -11.72 -26.42 40.93
C VAL F 18 -12.84 -25.42 40.57
N THR F 19 -12.52 -24.13 40.66
CA THR F 19 -13.40 -23.09 40.14
C THR F 19 -12.59 -22.08 39.36
N ILE F 20 -13.16 -21.61 38.25
CA ILE F 20 -12.58 -20.57 37.42
C ILE F 20 -13.55 -19.39 37.36
N SER F 21 -13.13 -18.21 37.81
CA SER F 21 -14.00 -17.05 37.83
C SER F 21 -13.76 -16.13 36.64
N CYS F 22 -14.78 -15.35 36.31
CA CYS F 22 -14.72 -14.43 35.18
C CYS F 22 -15.46 -13.17 35.60
N SER F 23 -14.78 -12.03 35.58
CA SER F 23 -15.37 -10.79 36.07
C SER F 23 -15.50 -9.73 34.97
N GLY F 24 -16.63 -9.02 34.96
CA GLY F 24 -16.88 -7.95 34.01
C GLY F 24 -17.70 -6.79 34.55
N SER F 25 -18.42 -6.11 33.66
CA SER F 25 -19.26 -4.98 34.06
C SER F 25 -20.73 -5.33 33.89
N SER F 26 -21.60 -4.37 34.16
CA SER F 26 -23.03 -4.54 33.96
C SER F 26 -23.46 -4.54 32.48
N SER F 27 -22.72 -3.85 31.61
CA SER F 27 -23.10 -3.83 30.20
C SER F 27 -22.85 -5.18 29.53
N ASN F 28 -21.98 -6.00 30.11
CA ASN F 28 -21.78 -7.38 29.61
C ASN F 28 -22.33 -8.49 30.52
N ILE F 29 -21.52 -9.01 31.45
CA ILE F 29 -21.97 -10.12 32.30
C ILE F 29 -23.24 -9.84 33.11
N GLY F 30 -23.35 -8.62 33.63
CA GLY F 30 -24.49 -8.20 34.44
C GLY F 30 -25.84 -8.36 33.75
N ASN F 31 -25.93 -7.96 32.49
CA ASN F 31 -27.19 -7.93 31.75
C ASN F 31 -27.36 -9.01 30.69
N ASN F 32 -26.42 -9.93 30.59
CA ASN F 32 -26.50 -10.96 29.55
C ASN F 32 -26.17 -12.35 30.08
N TYR F 33 -26.18 -13.34 29.18
CA TYR F 33 -25.93 -14.73 29.58
C TYR F 33 -24.49 -15.14 29.29
N VAL F 34 -23.88 -15.84 30.24
CA VAL F 34 -22.49 -16.26 30.11
C VAL F 34 -22.32 -17.71 29.61
N SER F 35 -21.47 -17.90 28.60
CA SER F 35 -21.08 -19.25 28.16
C SER F 35 -19.63 -19.58 28.60
N TRP F 36 -19.31 -20.88 28.67
CA TRP F 36 -17.94 -21.31 28.91
C TRP F 36 -17.48 -22.22 27.76
N TYR F 37 -16.28 -21.97 27.25
CA TYR F 37 -15.75 -22.79 26.18
C TYR F 37 -14.49 -23.45 26.67
N GLN F 38 -14.28 -24.71 26.28
CA GLN F 38 -13.03 -25.41 26.58
C GLN F 38 -12.21 -25.63 25.32
N GLN F 39 -10.90 -25.43 25.41
CA GLN F 39 -10.04 -25.64 24.25
C GLN F 39 -8.81 -26.44 24.59
N LEU F 40 -8.86 -27.71 24.22
CA LEU F 40 -7.70 -28.59 24.32
C LEU F 40 -6.75 -28.22 23.21
N PRO F 41 -5.44 -28.29 23.46
CA PRO F 41 -4.42 -27.91 22.48
C PRO F 41 -4.71 -28.46 21.08
N GLY F 42 -4.79 -27.57 20.10
CA GLY F 42 -5.01 -27.96 18.72
C GLY F 42 -6.39 -28.46 18.35
N THR F 43 -7.40 -28.05 19.12
CA THR F 43 -8.78 -28.34 18.74
C THR F 43 -9.63 -27.09 18.64
N ALA F 44 -10.79 -27.26 17.99
CA ALA F 44 -11.83 -26.26 18.00
C ALA F 44 -12.32 -26.08 19.43
N PRO F 45 -12.58 -24.83 19.84
CA PRO F 45 -13.25 -24.61 21.12
C PRO F 45 -14.57 -25.39 21.17
N LYS F 46 -14.87 -26.03 22.31
CA LYS F 46 -16.13 -26.74 22.51
C LYS F 46 -17.00 -26.07 23.59
N LEU F 47 -18.32 -26.07 23.38
CA LEU F 47 -19.23 -25.42 24.31
C LEU F 47 -19.41 -26.34 25.52
N LEU F 48 -19.07 -25.82 26.70
CA LEU F 48 -19.24 -26.53 27.97
C LEU F 48 -20.53 -26.17 28.68
N ILE F 49 -20.81 -24.87 28.73
CA ILE F 49 -21.95 -24.35 29.48
C ILE F 49 -22.49 -23.09 28.83
N TYR F 50 -23.81 -22.97 28.79
CA TYR F 50 -24.46 -21.80 28.19
C TYR F 50 -25.59 -21.34 29.10
N ASP F 51 -26.13 -20.16 28.83
CA ASP F 51 -27.21 -19.59 29.65
C ASP F 51 -26.86 -19.63 31.14
N ASN F 52 -25.60 -19.31 31.44
CA ASN F 52 -25.06 -19.26 32.83
C ASN F 52 -24.86 -20.62 33.48
N ASN F 53 -25.90 -21.44 33.47
CA ASN F 53 -25.88 -22.70 34.20
C ASN F 53 -26.37 -23.93 33.45
N LYS F 54 -26.77 -23.76 32.20
CA LYS F 54 -27.28 -24.87 31.40
C LYS F 54 -26.13 -25.60 30.67
N ARG F 55 -26.25 -26.91 30.55
CA ARG F 55 -25.19 -27.74 30.01
C ARG F 55 -25.71 -28.55 28.85
N PRO F 56 -25.10 -28.40 27.65
CA PRO F 56 -25.60 -29.04 26.43
C PRO F 56 -25.58 -30.57 26.57
N SER F 57 -26.39 -31.28 25.80
CA SER F 57 -26.39 -32.74 25.84
C SER F 57 -25.06 -33.27 25.32
N GLY F 58 -24.41 -34.12 26.10
CA GLY F 58 -23.09 -34.61 25.72
C GLY F 58 -21.92 -34.01 26.47
N ILE F 59 -22.22 -33.27 27.53
CA ILE F 59 -21.22 -32.77 28.44
C ILE F 59 -21.43 -33.41 29.81
N PRO F 60 -20.37 -34.01 30.36
CA PRO F 60 -20.39 -34.64 31.70
C PRO F 60 -20.97 -33.71 32.77
N ASP F 61 -21.68 -34.29 33.73
CA ASP F 61 -22.41 -33.50 34.73
C ASP F 61 -21.51 -32.93 35.82
N ARG F 62 -20.21 -33.19 35.72
CA ARG F 62 -19.29 -32.65 36.71
C ARG F 62 -18.85 -31.23 36.31
N PHE F 63 -19.33 -30.79 35.16
CA PHE F 63 -19.24 -29.38 34.78
C PHE F 63 -20.49 -28.62 35.22
N SER F 64 -20.27 -27.48 35.89
CA SER F 64 -21.36 -26.70 36.47
C SER F 64 -21.07 -25.21 36.31
N GLY F 65 -22.11 -24.42 36.15
CA GLY F 65 -21.93 -22.98 35.95
C GLY F 65 -22.82 -22.16 36.87
N SER F 66 -22.38 -20.95 37.18
CA SER F 66 -23.17 -20.05 38.01
C SER F 66 -22.84 -18.59 37.73
N LYS F 67 -23.82 -17.72 37.90
CA LYS F 67 -23.61 -16.28 37.74
C LYS F 67 -24.24 -15.53 38.91
N SER F 68 -23.43 -14.67 39.55
CA SER F 68 -23.91 -13.86 40.66
C SER F 68 -23.49 -12.41 40.43
N GLY F 69 -24.46 -11.56 40.14
CA GLY F 69 -24.19 -10.15 39.92
C GLY F 69 -23.40 -9.82 38.66
N THR F 70 -22.16 -9.37 38.86
CA THR F 70 -21.35 -8.86 37.76
C THR F 70 -20.28 -9.89 37.34
N SER F 71 -20.31 -11.06 37.95
CA SER F 71 -19.37 -12.13 37.61
C SER F 71 -19.99 -13.54 37.49
N ALA F 72 -19.20 -14.47 36.97
CA ALA F 72 -19.63 -15.85 36.74
C ALA F 72 -18.50 -16.82 37.07
N THR F 73 -18.85 -18.00 37.59
CA THR F 73 -17.82 -18.99 37.89
C THR F 73 -18.13 -20.34 37.23
N LEU F 74 -17.12 -20.95 36.61
CA LEU F 74 -17.19 -22.33 36.10
C LEU F 74 -16.66 -23.30 37.16
N GLY F 75 -17.25 -24.48 37.24
CA GLY F 75 -16.86 -25.46 38.25
C GLY F 75 -16.65 -26.84 37.66
N ILE F 76 -15.54 -27.48 38.02
CA ILE F 76 -15.29 -28.85 37.60
C ILE F 76 -15.02 -29.71 38.82
N THR F 77 -15.75 -30.81 38.96
CA THR F 77 -15.51 -31.75 40.05
C THR F 77 -14.94 -33.04 39.50
N GLY F 78 -14.36 -33.86 40.39
CA GLY F 78 -13.75 -35.12 40.02
C GLY F 78 -12.87 -34.98 38.80
N LEU F 79 -11.96 -34.00 38.82
CA LEU F 79 -11.26 -33.64 37.59
C LEU F 79 -10.19 -34.65 37.23
N GLN F 80 -10.21 -35.06 35.97
CA GLN F 80 -9.34 -36.08 35.44
C GLN F 80 -8.28 -35.37 34.62
N THR F 81 -7.20 -36.06 34.30
CA THR F 81 -6.06 -35.44 33.64
C THR F 81 -6.39 -34.96 32.23
N GLY F 82 -7.51 -35.44 31.70
CA GLY F 82 -7.91 -35.03 30.36
C GLY F 82 -8.57 -33.67 30.33
N ASP F 83 -8.77 -33.07 31.51
CA ASP F 83 -9.37 -31.74 31.64
C ASP F 83 -8.37 -30.58 31.43
N GLU F 84 -7.09 -30.92 31.34
CA GLU F 84 -6.04 -29.92 31.16
C GLU F 84 -6.23 -29.19 29.82
N ALA F 85 -6.68 -27.94 29.88
CA ALA F 85 -6.85 -27.13 28.69
C ALA F 85 -6.91 -25.62 29.01
N ASP F 86 -7.05 -24.78 27.99
CA ASP F 86 -7.34 -23.37 28.24
C ASP F 86 -8.87 -23.18 28.34
N TYR F 87 -9.35 -22.42 29.33
CA TYR F 87 -10.81 -22.19 29.52
C TYR F 87 -11.22 -20.73 29.36
N TYR F 88 -12.18 -20.49 28.48
CA TYR F 88 -12.60 -19.13 28.14
C TYR F 88 -14.07 -18.88 28.45
N CYS F 89 -14.36 -17.76 29.11
CA CYS F 89 -15.74 -17.31 29.27
C CYS F 89 -16.12 -16.34 28.15
N GLY F 90 -17.40 -16.27 27.84
CA GLY F 90 -17.88 -15.39 26.79
C GLY F 90 -19.30 -14.91 27.05
N THR F 91 -19.61 -13.73 26.55
CA THR F 91 -20.94 -13.15 26.71
C THR F 91 -21.16 -12.10 25.63
N TRP F 92 -22.24 -11.34 25.81
CA TRP F 92 -22.56 -10.21 24.91
C TRP F 92 -22.50 -8.87 25.65
N ASP F 93 -21.75 -7.90 25.10
CA ASP F 93 -21.72 -6.55 25.66
C ASP F 93 -22.83 -5.70 25.03
N SER F 94 -23.66 -5.13 25.90
CA SER F 94 -24.92 -4.51 25.48
C SER F 94 -24.79 -3.00 25.28
N SER F 95 -23.64 -2.43 25.63
CA SER F 95 -23.38 -1.01 25.42
C SER F 95 -23.39 -0.65 23.93
N LEU F 96 -23.17 0.62 23.61
CA LEU F 96 -23.25 1.07 22.21
C LEU F 96 -22.23 0.35 21.30
N SER F 97 -21.17 -0.13 21.93
CA SER F 97 -20.19 -0.96 21.27
C SER F 97 -20.86 -2.12 20.52
N ALA F 98 -21.78 -2.80 21.21
CA ALA F 98 -22.61 -3.89 20.64
C ALA F 98 -21.81 -5.02 20.00
N TYR F 99 -21.24 -5.88 20.84
CA TYR F 99 -20.39 -6.95 20.33
C TYR F 99 -20.25 -8.10 21.32
N VAL F 100 -19.69 -9.19 20.81
CA VAL F 100 -19.36 -10.39 21.58
C VAL F 100 -17.96 -10.25 22.18
N VAL F 101 -17.86 -10.39 23.49
CA VAL F 101 -16.64 -10.11 24.20
C VAL F 101 -16.18 -11.38 24.94
N PHE F 102 -14.87 -11.63 24.99
CA PHE F 102 -14.32 -12.80 25.67
C PHE F 102 -13.38 -12.49 26.84
N GLY F 103 -13.14 -13.50 27.67
CA GLY F 103 -12.19 -13.42 28.76
C GLY F 103 -10.75 -13.70 28.32
N GLY F 104 -9.81 -13.48 29.23
CA GLY F 104 -8.40 -13.69 28.90
C GLY F 104 -8.05 -15.14 28.73
N GLY F 105 -8.80 -16.01 29.40
CA GLY F 105 -8.47 -17.42 29.43
C GLY F 105 -7.77 -17.77 30.74
N THR F 106 -8.00 -19.00 31.23
CA THR F 106 -7.18 -19.55 32.32
C THR F 106 -6.71 -20.95 31.91
N LYS F 107 -5.43 -21.26 32.17
CA LYS F 107 -4.90 -22.59 31.87
C LYS F 107 -4.99 -23.47 33.13
N LEU F 108 -5.78 -24.53 33.00
CA LEU F 108 -5.91 -25.51 34.07
C LEU F 108 -4.83 -26.59 33.91
N THR F 109 -3.96 -26.71 34.91
CA THR F 109 -2.99 -27.80 34.92
C THR F 109 -3.37 -28.84 35.96
N VAL F 110 -3.42 -30.10 35.50
CA VAL F 110 -3.64 -31.26 36.37
C VAL F 110 -2.29 -31.68 36.87
N LEU F 111 -2.12 -31.61 38.18
CA LEU F 111 -0.83 -31.75 38.85
C LEU F 111 -0.41 -33.23 38.99
N GLY F 112 0.83 -33.56 38.62
CA GLY F 112 1.43 -34.84 39.00
C GLY F 112 1.85 -35.89 37.97
N GLN F 113 2.71 -35.51 37.03
CA GLN F 113 3.50 -36.37 36.17
C GLN F 113 4.87 -36.31 36.85
N PRO F 114 5.69 -37.36 36.72
CA PRO F 114 7.00 -37.36 37.37
C PRO F 114 7.98 -36.35 36.71
N LYS F 115 8.85 -35.73 37.51
CA LYS F 115 9.96 -34.96 36.96
C LYS F 115 10.69 -35.86 35.98
N ALA F 116 10.93 -35.37 34.76
CA ALA F 116 11.77 -36.09 33.83
C ALA F 116 12.95 -35.23 33.43
N ASN F 117 14.15 -35.66 33.77
CA ASN F 117 15.35 -34.91 33.45
C ASN F 117 15.57 -34.94 31.90
N PRO F 118 15.97 -33.80 31.30
CA PRO F 118 16.09 -33.68 29.83
C PRO F 118 17.32 -34.39 29.24
N THR F 119 17.18 -34.86 28.01
CA THR F 119 18.25 -35.53 27.32
C THR F 119 18.68 -34.55 26.23
N VAL F 120 19.98 -34.34 26.06
CA VAL F 120 20.48 -33.27 25.19
C VAL F 120 21.44 -33.74 24.10
N THR F 121 21.08 -33.48 22.85
CA THR F 121 21.92 -33.82 21.71
C THR F 121 22.46 -32.56 21.01
N LEU F 122 23.79 -32.47 20.88
CA LEU F 122 24.41 -31.32 20.20
C LEU F 122 25.16 -31.70 18.92
N PHE F 123 24.75 -31.09 17.81
CA PHE F 123 25.40 -31.25 16.50
C PHE F 123 26.21 -30.03 16.09
N PRO F 124 27.39 -30.25 15.49
CA PRO F 124 28.22 -29.16 14.96
C PRO F 124 27.87 -28.94 13.49
N PRO F 125 28.41 -27.88 12.85
CA PRO F 125 28.06 -27.63 11.45
C PRO F 125 28.43 -28.79 10.54
N SER F 126 27.56 -29.11 9.59
CA SER F 126 27.86 -30.15 8.61
C SER F 126 28.89 -29.61 7.66
N SER F 127 29.66 -30.49 7.04
CA SER F 127 30.71 -30.02 6.14
C SER F 127 30.14 -29.35 4.87
N GLU F 128 28.99 -29.83 4.38
CA GLU F 128 28.38 -29.24 3.19
C GLU F 128 27.80 -27.86 3.46
N GLU F 129 27.48 -27.58 4.73
CA GLU F 129 27.01 -26.25 5.09
C GLU F 129 28.17 -25.28 5.19
N LEU F 130 29.28 -25.72 5.78
CA LEU F 130 30.52 -24.95 5.80
C LEU F 130 30.96 -24.61 4.38
N GLN F 131 30.86 -25.59 3.50
CA GLN F 131 31.16 -25.44 2.09
C GLN F 131 30.21 -24.46 1.40
N ALA F 132 29.09 -24.17 2.04
CA ALA F 132 28.12 -23.26 1.46
C ALA F 132 28.27 -21.90 2.13
N ASN F 133 29.36 -21.77 2.88
CA ASN F 133 29.73 -20.53 3.59
C ASN F 133 28.79 -20.11 4.73
N LYS F 134 28.18 -21.10 5.40
CA LYS F 134 27.34 -20.83 6.57
C LYS F 134 27.74 -21.80 7.69
N ALA F 135 27.29 -21.59 8.92
CA ALA F 135 27.58 -22.54 9.99
C ALA F 135 26.52 -22.46 11.07
N THR F 136 25.90 -23.61 11.33
CA THR F 136 24.85 -23.66 12.33
C THR F 136 25.08 -24.80 13.30
N LEU F 137 25.22 -24.45 14.58
CA LEU F 137 25.25 -25.40 15.68
C LEU F 137 23.82 -25.67 16.12
N VAL F 138 23.46 -26.95 16.29
CA VAL F 138 22.08 -27.35 16.63
C VAL F 138 22.02 -28.07 17.98
N CYS F 139 21.27 -27.52 18.93
CA CYS F 139 21.10 -28.20 20.23
C CYS F 139 19.65 -28.64 20.37
N LEU F 140 19.44 -29.95 20.46
CA LEU F 140 18.09 -30.50 20.62
C LEU F 140 17.88 -31.08 22.01
N ILE F 141 16.83 -30.60 22.67
CA ILE F 141 16.45 -31.02 24.02
C ILE F 141 15.09 -31.75 24.04
N SER F 142 15.06 -32.99 24.54
CA SER F 142 13.80 -33.73 24.55
C SER F 142 13.49 -34.45 25.86
N ASP F 143 12.21 -34.80 26.03
CA ASP F 143 11.70 -35.68 27.08
C ASP F 143 11.81 -35.13 28.50
N PHE F 144 11.73 -33.80 28.64
CA PHE F 144 11.77 -33.19 29.97
C PHE F 144 10.39 -32.83 30.50
N TYR F 145 10.26 -32.84 31.83
CA TYR F 145 9.04 -32.37 32.48
C TYR F 145 9.39 -31.92 33.89
N PRO F 146 8.88 -30.77 34.32
CA PRO F 146 7.97 -29.85 33.62
C PRO F 146 8.64 -29.09 32.46
N GLY F 147 7.84 -28.37 31.69
CA GLY F 147 8.25 -27.92 30.37
C GLY F 147 8.88 -26.53 30.33
N ALA F 148 9.85 -26.31 31.19
CA ALA F 148 10.58 -25.06 31.16
C ALA F 148 12.08 -25.25 31.36
N VAL F 149 12.84 -24.89 30.35
CA VAL F 149 14.29 -24.96 30.42
C VAL F 149 14.83 -23.60 30.01
N THR F 150 16.05 -23.28 30.48
CA THR F 150 16.80 -22.15 29.91
C THR F 150 18.03 -22.70 29.19
N VAL F 151 18.49 -22.01 28.16
CA VAL F 151 19.62 -22.46 27.35
C VAL F 151 20.74 -21.42 27.27
N ALA F 152 21.97 -21.83 27.49
CA ALA F 152 23.09 -20.88 27.44
C ALA F 152 24.24 -21.40 26.58
N TRP F 153 24.73 -20.59 25.64
CA TRP F 153 25.88 -20.97 24.82
C TRP F 153 27.23 -20.45 25.33
N LYS F 154 28.29 -21.17 24.99
CA LYS F 154 29.65 -20.86 25.44
C LYS F 154 30.64 -20.89 24.28
N ALA F 155 31.42 -19.83 24.12
CA ALA F 155 32.56 -19.83 23.22
C ALA F 155 33.80 -20.13 24.05
N ASP F 156 34.40 -21.29 23.82
CA ASP F 156 35.46 -21.85 24.68
C ASP F 156 34.96 -22.00 26.11
N GLY F 157 35.10 -20.92 26.89
CA GLY F 157 34.61 -20.92 28.25
C GLY F 157 33.75 -19.70 28.60
N SER F 158 33.70 -18.73 27.71
CA SER F 158 32.93 -17.52 27.98
C SER F 158 31.67 -17.49 27.12
N PRO F 159 30.58 -16.96 27.69
CA PRO F 159 29.27 -16.94 27.02
C PRO F 159 29.24 -16.09 25.75
N VAL F 160 28.36 -16.43 24.83
CA VAL F 160 28.04 -15.58 23.68
C VAL F 160 26.53 -15.42 23.54
N LYS F 161 26.08 -14.18 23.49
CA LYS F 161 24.65 -13.91 23.43
C LYS F 161 24.22 -13.61 22.00
N ALA F 162 25.20 -13.28 21.16
CA ALA F 162 24.91 -12.88 19.78
C ALA F 162 24.80 -14.08 18.85
N GLY F 163 23.72 -14.12 18.09
CA GLY F 163 23.54 -15.14 17.07
C GLY F 163 22.71 -16.33 17.53
N VAL F 164 22.04 -16.19 18.66
CA VAL F 164 21.27 -17.28 19.26
C VAL F 164 19.79 -17.15 18.98
N GLU F 165 19.18 -18.27 18.56
CA GLU F 165 17.73 -18.43 18.40
C GLU F 165 17.24 -19.70 19.13
N THR F 166 16.33 -19.54 20.09
CA THR F 166 15.75 -20.67 20.81
C THR F 166 14.22 -20.69 20.63
N THR F 167 13.61 -21.88 20.59
CA THR F 167 12.16 -22.00 20.49
C THR F 167 11.50 -21.94 21.88
N LYS F 168 10.19 -21.68 21.89
CA LYS F 168 9.38 -22.00 23.06
C LYS F 168 9.34 -23.51 23.21
N PRO F 169 9.34 -24.01 24.46
CA PRO F 169 9.21 -25.47 24.67
C PRO F 169 7.82 -25.92 24.24
N SER F 170 7.71 -27.12 23.69
CA SER F 170 6.39 -27.59 23.26
C SER F 170 6.17 -29.05 23.62
N LYS F 171 4.97 -29.35 24.11
CA LYS F 171 4.64 -30.74 24.51
C LYS F 171 4.67 -31.70 23.32
N GLN F 172 5.47 -32.76 23.43
CA GLN F 172 5.63 -33.79 22.40
C GLN F 172 4.40 -34.69 22.42
N SER F 173 4.43 -35.75 21.62
CA SER F 173 3.31 -36.65 21.59
C SER F 173 3.25 -37.44 22.90
N ASN F 174 4.42 -37.85 23.42
CA ASN F 174 4.43 -38.65 24.64
C ASN F 174 4.24 -37.87 25.94
N ASN F 175 3.64 -36.68 25.83
CA ASN F 175 3.28 -35.86 26.97
C ASN F 175 4.45 -35.29 27.77
N LYS F 176 5.64 -35.34 27.21
CA LYS F 176 6.78 -34.63 27.76
C LYS F 176 7.07 -33.39 26.88
N TYR F 177 8.15 -32.66 27.16
CA TYR F 177 8.42 -31.42 26.42
C TYR F 177 9.70 -31.47 25.56
N ALA F 178 9.73 -30.67 24.50
CA ALA F 178 10.91 -30.55 23.64
C ALA F 178 11.27 -29.10 23.28
N ALA F 179 12.54 -28.86 22.98
CA ALA F 179 12.99 -27.51 22.62
C ALA F 179 14.23 -27.53 21.75
N SER F 180 14.32 -26.58 20.84
CA SER F 180 15.43 -26.49 19.92
C SER F 180 16.18 -25.16 20.13
N SER F 181 17.51 -25.17 20.05
CA SER F 181 18.27 -23.91 20.07
C SER F 181 19.36 -23.91 19.00
N TYR F 182 19.37 -22.89 18.14
CA TYR F 182 20.31 -22.78 17.02
C TYR F 182 21.29 -21.61 17.21
N LEU F 183 22.60 -21.87 17.09
CA LEU F 183 23.61 -20.81 17.11
C LEU F 183 24.17 -20.57 15.71
N SER F 184 23.99 -19.36 15.18
CA SER F 184 24.43 -19.09 13.81
C SER F 184 25.77 -18.36 13.78
N LEU F 185 26.77 -18.97 13.17
CA LEU F 185 28.11 -18.40 13.10
C LEU F 185 28.65 -18.30 11.67
N THR F 186 29.74 -17.55 11.46
CA THR F 186 30.47 -17.64 10.20
C THR F 186 31.42 -18.84 10.28
N PRO F 187 31.80 -19.41 9.12
CA PRO F 187 32.82 -20.47 9.18
C PRO F 187 34.13 -19.98 9.80
N GLU F 188 34.46 -18.71 9.59
CA GLU F 188 35.63 -18.12 10.21
C GLU F 188 35.54 -18.20 11.74
N GLN F 189 34.41 -17.80 12.32
CA GLN F 189 34.21 -17.87 13.77
C GLN F 189 34.23 -19.30 14.29
N TRP F 190 33.61 -20.20 13.54
CA TRP F 190 33.51 -21.59 13.96
C TRP F 190 34.88 -22.23 14.10
N LYS F 191 35.69 -22.14 13.06
CA LYS F 191 37.05 -22.69 13.09
C LYS F 191 37.95 -21.87 14.01
N SER F 192 37.45 -20.74 14.50
CA SER F 192 38.23 -19.80 15.29
C SER F 192 38.34 -20.16 16.78
N HIS F 193 37.58 -21.15 17.24
CA HIS F 193 37.58 -21.47 18.67
C HIS F 193 37.95 -22.91 18.96
N ARG F 194 38.22 -23.20 20.23
CA ARG F 194 38.63 -24.53 20.69
C ARG F 194 37.43 -25.44 20.72
N SER F 195 36.40 -25.02 21.44
CA SER F 195 35.15 -25.77 21.50
C SER F 195 34.00 -24.83 21.78
N TYR F 196 32.80 -25.28 21.46
CA TYR F 196 31.57 -24.55 21.74
C TYR F 196 30.71 -25.47 22.63
N SER F 197 29.97 -24.89 23.57
CA SER F 197 29.11 -25.69 24.46
C SER F 197 27.65 -25.20 24.50
N CYS F 198 26.71 -26.15 24.51
CA CYS F 198 25.28 -25.86 24.75
C CYS F 198 24.95 -26.33 26.16
N GLN F 199 24.40 -25.42 26.98
CA GLN F 199 24.16 -25.70 28.41
C GLN F 199 22.67 -25.57 28.82
N VAL F 200 22.03 -26.71 29.02
CA VAL F 200 20.61 -26.76 29.37
C VAL F 200 20.40 -26.85 30.87
N THR F 201 19.61 -25.91 31.40
CA THR F 201 19.32 -25.85 32.82
C THR F 201 17.84 -26.09 33.07
N HIS F 202 17.53 -27.21 33.72
CA HIS F 202 16.16 -27.63 33.97
C HIS F 202 16.00 -28.06 35.44
N GLU F 203 15.12 -27.37 36.18
CA GLU F 203 14.84 -27.69 37.60
C GLU F 203 16.08 -27.73 38.48
N GLY F 204 16.89 -26.68 38.43
CA GLY F 204 18.10 -26.59 39.23
C GLY F 204 19.17 -27.63 38.97
N SER F 205 19.14 -28.26 37.80
CA SER F 205 20.15 -29.24 37.41
C SER F 205 20.74 -28.82 36.06
N THR F 206 21.97 -29.20 35.78
CA THR F 206 22.62 -28.75 34.55
C THR F 206 23.11 -29.88 33.67
N VAL F 207 22.77 -29.82 32.39
CA VAL F 207 23.34 -30.74 31.42
C VAL F 207 24.08 -29.91 30.41
N GLU F 208 25.30 -30.33 30.03
CA GLU F 208 26.11 -29.58 29.09
C GLU F 208 26.80 -30.51 28.09
N LYS F 209 26.59 -30.25 26.79
CA LYS F 209 27.29 -30.98 25.73
C LYS F 209 28.29 -30.07 24.99
N THR F 210 29.32 -30.67 24.39
CA THR F 210 30.41 -29.92 23.78
C THR F 210 30.76 -30.41 22.38
N VAL F 211 31.13 -29.50 21.49
CA VAL F 211 31.67 -29.85 20.17
C VAL F 211 32.91 -29.04 19.82
N ALA F 212 33.76 -29.60 18.96
CA ALA F 212 34.95 -28.91 18.50
C ALA F 212 35.07 -29.06 16.98
N PRO F 213 35.63 -28.04 16.30
CA PRO F 213 35.90 -28.06 14.86
C PRO F 213 36.60 -29.34 14.42
N THR F 214 35.82 -30.35 14.02
CA THR F 214 36.27 -31.76 13.88
C THR F 214 37.61 -32.07 14.55
N GLU F 215 37.64 -31.83 15.87
CA GLU F 215 38.85 -31.89 16.68
C GLU F 215 39.94 -30.92 16.21
N GLN G 1 -44.28 0.68 0.59
CA GLN G 1 -45.10 -0.24 -0.21
C GLN G 1 -45.67 -1.40 0.64
N VAL G 2 -45.59 -1.25 1.97
CA VAL G 2 -46.16 -2.24 2.90
C VAL G 2 -47.14 -1.58 3.89
N GLN G 3 -48.39 -2.05 3.88
CA GLN G 3 -49.46 -1.44 4.66
C GLN G 3 -50.08 -2.39 5.67
N LEU G 4 -50.53 -1.84 6.81
CA LEU G 4 -51.16 -2.64 7.85
C LEU G 4 -52.62 -2.23 8.07
N VAL G 5 -53.49 -3.22 8.18
CA VAL G 5 -54.92 -2.99 8.38
C VAL G 5 -55.49 -3.98 9.39
N GLU G 6 -55.96 -3.48 10.53
CA GLU G 6 -56.49 -4.36 11.56
C GLU G 6 -57.98 -4.60 11.39
N SER G 7 -58.54 -5.46 12.23
CA SER G 7 -59.96 -5.79 12.18
C SER G 7 -60.81 -4.71 12.85
N GLY G 8 -62.13 -4.88 12.82
CA GLY G 8 -63.06 -3.89 13.33
C GLY G 8 -63.22 -3.86 14.84
N ALA G 9 -63.92 -2.84 15.33
CA ALA G 9 -64.14 -2.66 16.77
C ALA G 9 -64.83 -3.85 17.43
N GLU G 10 -64.51 -4.08 18.70
CA GLU G 10 -65.10 -5.18 19.45
C GLU G 10 -65.67 -4.62 20.76
N VAL G 11 -66.77 -5.22 21.19
CA VAL G 11 -67.40 -4.90 22.47
C VAL G 11 -67.55 -6.23 23.22
N LYS G 12 -67.03 -6.25 24.45
CA LYS G 12 -66.92 -7.50 25.19
C LYS G 12 -67.34 -7.34 26.64
N LYS G 13 -67.87 -8.42 27.20
CA LYS G 13 -68.29 -8.43 28.60
C LYS G 13 -67.12 -8.98 29.40
N PRO G 14 -66.97 -8.55 30.66
CA PRO G 14 -65.85 -9.02 31.48
C PRO G 14 -65.77 -10.54 31.57
N GLY G 15 -64.56 -11.09 31.49
CA GLY G 15 -64.37 -12.52 31.60
C GLY G 15 -64.28 -13.23 30.26
N SER G 16 -64.80 -12.58 29.22
CA SER G 16 -64.77 -13.16 27.87
C SER G 16 -63.40 -12.99 27.19
N SER G 17 -63.25 -13.62 26.02
CA SER G 17 -62.04 -13.48 25.21
C SER G 17 -62.30 -12.60 24.00
N VAL G 18 -61.22 -12.14 23.39
CA VAL G 18 -61.31 -11.34 22.17
C VAL G 18 -60.08 -11.61 21.31
N LYS G 19 -60.28 -11.77 20.02
CA LYS G 19 -59.18 -12.07 19.10
C LYS G 19 -59.14 -11.10 17.92
N VAL G 20 -58.19 -10.16 18.00
CA VAL G 20 -58.02 -9.09 17.01
C VAL G 20 -57.07 -9.57 15.92
N SER G 21 -57.27 -9.12 14.67
CA SER G 21 -56.40 -9.54 13.57
C SER G 21 -55.79 -8.35 12.84
N CYS G 22 -54.65 -8.59 12.20
CA CYS G 22 -53.89 -7.56 11.50
C CYS G 22 -53.46 -8.10 10.15
N LYS G 23 -53.85 -7.44 9.06
CA LYS G 23 -53.53 -7.93 7.71
C LYS G 23 -52.53 -7.06 6.95
N ALA G 24 -51.55 -7.70 6.32
CA ALA G 24 -50.45 -6.98 5.67
C ALA G 24 -50.47 -7.09 4.14
N SER G 25 -50.41 -5.95 3.46
CA SER G 25 -50.20 -5.93 2.03
C SER G 25 -48.69 -6.05 1.77
N GLY G 26 -48.28 -5.99 0.51
CA GLY G 26 -46.91 -6.33 0.16
C GLY G 26 -46.70 -7.77 0.58
N GLY G 27 -45.65 -8.04 1.36
CA GLY G 27 -45.45 -9.35 1.97
C GLY G 27 -45.45 -10.51 0.98
N PRO G 28 -46.40 -11.46 1.14
CA PRO G 28 -47.33 -11.58 2.27
C PRO G 28 -46.73 -12.42 3.40
N PHE G 29 -45.95 -13.42 3.02
CA PHE G 29 -45.08 -14.12 3.96
C PHE G 29 -44.08 -13.10 4.47
N ARG G 30 -43.87 -13.10 5.77
CA ARG G 30 -43.12 -12.02 6.40
C ARG G 30 -41.63 -12.30 6.48
N SER G 31 -40.88 -11.22 6.58
CA SER G 31 -39.45 -11.29 6.85
C SER G 31 -39.20 -10.13 7.80
N TYR G 32 -40.24 -9.80 8.55
CA TYR G 32 -40.18 -8.74 9.56
C TYR G 32 -41.00 -9.16 10.78
N ALA G 33 -40.59 -8.71 11.96
CA ALA G 33 -41.33 -9.01 13.17
C ALA G 33 -42.56 -8.10 13.19
N ILE G 34 -43.60 -8.55 13.89
CA ILE G 34 -44.83 -7.77 14.08
C ILE G 34 -45.21 -7.76 15.56
N SER G 35 -45.53 -6.58 16.09
CA SER G 35 -45.91 -6.41 17.50
C SER G 35 -47.37 -5.92 17.72
N TRP G 36 -47.87 -6.08 18.94
CA TRP G 36 -49.15 -5.49 19.32
C TRP G 36 -48.93 -4.47 20.44
N VAL G 37 -49.48 -3.27 20.28
CA VAL G 37 -49.31 -2.22 21.28
C VAL G 37 -50.65 -1.61 21.58
N ARG G 38 -51.00 -1.54 22.86
CA ARG G 38 -52.27 -0.93 23.26
C ARG G 38 -52.06 0.42 23.93
N GLN G 39 -53.11 1.25 23.89
CA GLN G 39 -53.09 2.55 24.53
C GLN G 39 -54.43 2.80 25.21
N ALA G 40 -54.43 2.72 26.53
CA ALA G 40 -55.61 3.07 27.32
C ALA G 40 -55.89 4.55 27.14
N PRO G 41 -57.16 4.96 27.25
CA PRO G 41 -57.48 6.37 27.00
C PRO G 41 -56.75 7.32 27.96
N GLY G 42 -56.04 8.30 27.39
CA GLY G 42 -55.22 9.19 28.19
C GLY G 42 -54.09 8.45 28.90
N GLN G 43 -53.28 7.75 28.11
CA GLN G 43 -52.17 6.94 28.64
C GLN G 43 -51.06 6.84 27.62
N GLY G 44 -49.87 6.54 28.10
CA GLY G 44 -48.76 6.21 27.22
C GLY G 44 -49.00 4.83 26.63
N PRO G 45 -48.43 4.58 25.42
CA PRO G 45 -48.54 3.26 24.79
C PRO G 45 -47.96 2.18 25.68
N GLU G 46 -48.36 0.94 25.42
CA GLU G 46 -47.98 -0.21 26.23
C GLU G 46 -47.76 -1.41 25.33
N TRP G 47 -46.55 -1.93 25.32
CA TRP G 47 -46.24 -3.06 24.47
C TRP G 47 -46.83 -4.31 25.10
N MET G 48 -47.42 -5.16 24.26
CA MET G 48 -48.05 -6.41 24.70
C MET G 48 -47.23 -7.64 24.32
N GLY G 49 -46.85 -7.70 23.07
CA GLY G 49 -45.98 -8.78 22.60
C GLY G 49 -45.74 -8.72 21.11
N GLY G 50 -44.90 -9.62 20.61
CA GLY G 50 -44.62 -9.64 19.19
C GLY G 50 -44.23 -11.01 18.70
N ILE G 51 -44.21 -11.17 17.39
CA ILE G 51 -43.88 -12.47 16.83
C ILE G 51 -42.83 -12.38 15.71
N ILE G 52 -41.77 -13.18 15.84
CA ILE G 52 -40.67 -13.19 14.87
C ILE G 52 -41.06 -14.03 13.64
N PRO G 53 -40.66 -13.58 12.44
CA PRO G 53 -41.00 -14.32 11.21
C PRO G 53 -40.19 -15.60 11.09
N ILE G 54 -40.59 -16.46 10.15
CA ILE G 54 -39.99 -17.78 9.99
C ILE G 54 -40.09 -18.61 11.28
N PHE G 55 -39.15 -18.39 12.21
CA PHE G 55 -39.03 -19.20 13.43
C PHE G 55 -40.25 -19.17 14.34
N GLY G 56 -41.15 -18.21 14.12
CA GLY G 56 -42.41 -18.16 14.84
C GLY G 56 -42.33 -17.99 16.36
N THR G 57 -41.12 -17.80 16.89
CA THR G 57 -40.98 -17.59 18.34
C THR G 57 -41.72 -16.32 18.80
N THR G 58 -42.25 -16.36 20.02
CA THR G 58 -43.04 -15.25 20.52
C THR G 58 -42.44 -14.69 21.79
N LYS G 59 -42.60 -13.38 21.98
CA LYS G 59 -42.17 -12.72 23.19
C LYS G 59 -43.30 -11.84 23.68
N TYR G 60 -43.63 -11.96 24.97
CA TYR G 60 -44.73 -11.24 25.58
C TYR G 60 -44.25 -10.34 26.71
N ALA G 61 -44.86 -9.17 26.85
CA ALA G 61 -44.54 -8.27 27.97
C ALA G 61 -44.83 -8.99 29.29
N PRO G 62 -44.11 -8.63 30.35
CA PRO G 62 -44.28 -9.33 31.63
C PRO G 62 -45.72 -9.19 32.14
N LYS G 63 -46.25 -7.98 32.05
CA LYS G 63 -47.61 -7.66 32.51
C LYS G 63 -48.74 -8.55 31.92
N PHE G 64 -48.61 -8.91 30.65
CA PHE G 64 -49.66 -9.66 29.97
C PHE G 64 -49.34 -11.13 29.85
N GLN G 65 -48.18 -11.52 30.37
CA GLN G 65 -47.69 -12.89 30.26
C GLN G 65 -48.72 -13.89 30.78
N GLY G 66 -49.15 -14.80 29.91
CA GLY G 66 -50.02 -15.88 30.34
C GLY G 66 -51.48 -15.67 30.02
N ARG G 67 -51.86 -14.43 29.69
CA ARG G 67 -53.23 -14.23 29.23
C ARG G 67 -53.33 -13.57 27.85
N VAL G 68 -52.19 -13.36 27.20
CA VAL G 68 -52.17 -12.92 25.82
C VAL G 68 -51.49 -13.97 24.94
N THR G 69 -52.04 -14.19 23.75
CA THR G 69 -51.53 -15.17 22.81
C THR G 69 -51.44 -14.58 21.40
N ILE G 70 -50.22 -14.60 20.84
CA ILE G 70 -49.97 -14.03 19.51
C ILE G 70 -49.61 -15.13 18.52
N THR G 71 -50.28 -15.12 17.37
CA THR G 71 -50.14 -16.20 16.36
C THR G 71 -50.13 -15.64 14.95
N ALA G 72 -49.76 -16.47 13.98
CA ALA G 72 -49.65 -16.00 12.61
C ALA G 72 -49.98 -17.09 11.62
N ASP G 73 -50.86 -16.74 10.69
CA ASP G 73 -51.15 -17.59 9.55
C ASP G 73 -50.40 -17.01 8.35
N ASP G 74 -49.28 -17.65 8.00
CA ASP G 74 -48.35 -17.11 7.01
C ASP G 74 -48.88 -17.12 5.56
N PHE G 75 -49.78 -18.06 5.29
CA PHE G 75 -50.33 -18.25 3.94
C PHE G 75 -51.37 -17.19 3.59
N ALA G 76 -51.68 -16.33 4.56
CA ALA G 76 -52.66 -15.27 4.36
C ALA G 76 -52.07 -13.92 4.75
N GLY G 77 -50.81 -13.94 5.21
CA GLY G 77 -50.15 -12.74 5.70
C GLY G 77 -50.97 -12.05 6.77
N THR G 78 -51.31 -12.78 7.82
CA THR G 78 -52.17 -12.25 8.89
C THR G 78 -51.66 -12.71 10.27
N VAL G 79 -51.59 -11.77 11.21
CA VAL G 79 -51.23 -12.10 12.60
C VAL G 79 -52.39 -11.78 13.56
N TYR G 80 -52.50 -12.58 14.61
CA TYR G 80 -53.59 -12.45 15.53
C TYR G 80 -53.06 -12.13 16.91
N MET G 81 -53.89 -11.46 17.70
CA MET G 81 -53.62 -11.24 19.10
C MET G 81 -54.88 -11.65 19.89
N GLU G 82 -54.71 -12.54 20.87
CA GLU G 82 -55.84 -13.00 21.66
C GLU G 82 -55.66 -12.73 23.15
N LEU G 83 -56.56 -11.93 23.71
CA LEU G 83 -56.50 -11.55 25.12
C LEU G 83 -57.70 -12.17 25.86
N SER G 84 -57.40 -12.90 26.93
CA SER G 84 -58.43 -13.66 27.64
C SER G 84 -58.62 -13.14 29.06
N SER G 85 -59.76 -13.50 29.66
CA SER G 85 -60.17 -13.01 30.99
C SER G 85 -60.16 -11.48 31.06
N LEU G 86 -60.91 -10.85 30.14
CA LEU G 86 -60.97 -9.40 30.03
C LEU G 86 -61.51 -8.71 31.29
N ARG G 87 -60.88 -7.60 31.65
CA ARG G 87 -61.39 -6.70 32.69
C ARG G 87 -61.67 -5.32 32.08
N SER G 88 -62.29 -4.43 32.85
CA SER G 88 -62.62 -3.10 32.35
C SER G 88 -61.36 -2.29 32.01
N GLU G 89 -60.25 -2.61 32.68
CA GLU G 89 -58.97 -1.92 32.47
C GLU G 89 -58.34 -2.27 31.13
N ASP G 90 -58.85 -3.32 30.50
CA ASP G 90 -58.34 -3.74 29.19
C ASP G 90 -58.95 -2.90 28.05
N THR G 91 -59.79 -1.94 28.41
CA THR G 91 -60.38 -1.07 27.41
C THR G 91 -59.33 -0.14 26.88
N ALA G 92 -59.03 -0.26 25.58
CA ALA G 92 -58.01 0.56 24.96
C ALA G 92 -58.05 0.52 23.44
N MET G 93 -57.17 1.33 22.83
CA MET G 93 -56.90 1.26 21.40
C MET G 93 -55.82 0.20 21.14
N TYR G 94 -56.04 -0.65 20.14
CA TYR G 94 -55.09 -1.74 19.87
C TYR G 94 -54.41 -1.70 18.49
N TYR G 95 -53.14 -1.29 18.48
CA TYR G 95 -52.38 -1.22 17.23
C TYR G 95 -51.54 -2.46 16.94
N CYS G 96 -51.49 -2.86 15.67
CA CYS G 96 -50.37 -3.70 15.23
C CYS G 96 -49.28 -2.82 14.61
N ALA G 97 -48.04 -3.24 14.70
CA ALA G 97 -46.94 -2.46 14.11
C ALA G 97 -45.82 -3.38 13.69
N LYS G 98 -45.24 -3.10 12.53
CA LYS G 98 -44.13 -3.91 12.06
C LYS G 98 -42.79 -3.26 12.39
N HIS G 99 -41.79 -4.11 12.58
CA HIS G 99 -40.46 -3.67 12.94
C HIS G 99 -39.61 -3.50 11.69
N MET G 100 -38.63 -2.62 11.77
CA MET G 100 -37.72 -2.38 10.64
C MET G 100 -36.63 -3.46 10.64
N GLY G 101 -37.07 -4.71 10.53
CA GLY G 101 -36.18 -5.85 10.64
C GLY G 101 -36.92 -7.03 11.24
N TYR G 102 -36.19 -7.98 11.80
CA TYR G 102 -36.81 -9.23 12.21
C TYR G 102 -36.88 -9.39 13.71
N GLN G 103 -36.31 -8.42 14.42
CA GLN G 103 -36.31 -8.47 15.86
C GLN G 103 -37.30 -7.48 16.45
N VAL G 104 -37.95 -7.87 17.55
CA VAL G 104 -38.79 -6.96 18.29
C VAL G 104 -37.99 -5.89 19.05
N ARG G 105 -36.64 -6.05 19.10
CA ARG G 105 -35.72 -5.09 19.75
C ARG G 105 -35.51 -3.84 18.87
N GLU G 106 -36.28 -3.73 17.79
CA GLU G 106 -36.05 -2.74 16.74
C GLU G 106 -37.20 -1.76 16.54
N THR G 107 -36.89 -0.63 15.90
CA THR G 107 -37.84 0.47 15.75
C THR G 107 -39.07 0.00 14.96
N MET G 108 -40.24 0.43 15.42
CA MET G 108 -41.49 0.09 14.76
C MET G 108 -41.79 1.21 13.75
N ASP G 109 -41.60 0.90 12.47
CA ASP G 109 -41.59 1.92 11.44
C ASP G 109 -42.95 2.14 10.75
N VAL G 110 -43.78 1.10 10.75
CA VAL G 110 -45.10 1.18 10.12
C VAL G 110 -46.20 0.71 11.08
N TRP G 111 -47.22 1.55 11.25
CA TRP G 111 -48.30 1.26 12.19
C TRP G 111 -49.65 1.23 11.50
N GLY G 112 -50.53 0.36 11.97
CA GLY G 112 -51.90 0.34 11.48
C GLY G 112 -52.71 1.46 12.08
N LYS G 113 -53.87 1.76 11.51
CA LYS G 113 -54.67 2.89 11.95
C LYS G 113 -55.19 2.71 13.39
N GLY G 114 -55.39 1.46 13.78
CA GLY G 114 -55.75 1.12 15.14
C GLY G 114 -57.14 0.54 15.18
N THR G 115 -57.44 -0.18 16.27
CA THR G 115 -58.79 -0.69 16.49
C THR G 115 -59.15 -0.71 17.99
N THR G 116 -60.39 -0.40 18.32
CA THR G 116 -60.82 -0.31 19.71
C THR G 116 -61.48 -1.58 20.19
N VAL G 117 -61.09 -2.04 21.38
CA VAL G 117 -61.92 -2.99 22.10
C VAL G 117 -62.37 -2.36 23.41
N THR G 118 -63.65 -2.54 23.67
CA THR G 118 -64.32 -1.92 24.79
C THR G 118 -64.80 -3.01 25.72
N VAL G 119 -64.35 -2.97 26.97
CA VAL G 119 -64.82 -3.94 27.95
C VAL G 119 -65.77 -3.28 28.92
N SER G 120 -67.04 -3.63 28.76
CA SER G 120 -68.05 -3.10 29.62
C SER G 120 -68.82 -4.24 30.12
N SER G 121 -68.82 -4.17 31.39
CA SER G 121 -69.78 -4.93 32.06
C SER G 121 -71.18 -4.57 31.51
N ALA G 122 -71.31 -3.44 30.80
CA ALA G 122 -72.60 -3.00 30.27
C ALA G 122 -73.19 -3.88 29.15
N SER G 123 -74.51 -3.78 29.01
CA SER G 123 -75.23 -4.37 27.88
C SER G 123 -75.65 -3.26 26.93
N THR G 124 -76.08 -3.63 25.73
CA THR G 124 -76.34 -2.63 24.69
C THR G 124 -77.73 -1.99 24.87
N LYS G 125 -77.73 -0.66 25.06
CA LYS G 125 -78.96 0.10 25.28
C LYS G 125 -79.07 1.29 24.31
N GLY G 126 -80.24 1.43 23.69
CA GLY G 126 -80.57 2.64 22.94
C GLY G 126 -80.69 3.86 23.84
N PRO G 127 -80.55 5.07 23.25
CA PRO G 127 -80.60 6.30 24.06
C PRO G 127 -82.00 6.90 24.18
N SER G 128 -82.18 7.81 25.14
CA SER G 128 -83.37 8.64 25.16
C SER G 128 -82.93 9.98 24.60
N VAL G 129 -83.82 10.63 23.86
CA VAL G 129 -83.48 11.94 23.31
C VAL G 129 -84.37 13.02 23.92
N PHE G 130 -83.75 14.03 24.51
CA PHE G 130 -84.46 15.15 25.11
C PHE G 130 -84.06 16.45 24.43
N PRO G 131 -85.01 17.37 24.25
CA PRO G 131 -84.72 18.69 23.66
C PRO G 131 -84.06 19.65 24.64
N LEU G 132 -83.05 20.39 24.17
CA LEU G 132 -82.49 21.50 24.92
C LEU G 132 -83.01 22.82 24.36
N ALA G 133 -84.15 23.27 24.88
CA ALA G 133 -84.93 24.37 24.31
C ALA G 133 -84.26 25.75 24.42
N PRO G 134 -84.33 26.55 23.34
CA PRO G 134 -83.67 27.86 23.23
C PRO G 134 -83.85 28.84 24.41
N SER G 135 -84.90 29.65 24.33
CA SER G 135 -85.21 30.74 25.27
C SER G 135 -84.20 31.91 25.38
N SER G 136 -84.65 32.97 26.03
CA SER G 136 -83.85 34.12 26.47
C SER G 136 -82.42 33.73 26.90
N LYS G 137 -82.33 32.59 27.59
CA LYS G 137 -81.15 32.19 28.36
C LYS G 137 -79.96 31.64 27.55
N SER G 138 -80.18 31.39 26.27
CA SER G 138 -79.11 30.93 25.40
C SER G 138 -78.92 31.86 24.21
N THR G 139 -79.31 33.11 24.40
CA THR G 139 -79.25 34.11 23.34
C THR G 139 -78.17 35.11 23.63
N SER G 140 -77.46 35.52 22.60
CA SER G 140 -76.67 36.74 22.68
C SER G 140 -76.56 37.43 21.33
N GLY G 141 -77.56 38.25 21.04
CA GLY G 141 -77.54 39.18 19.92
C GLY G 141 -77.66 38.52 18.57
N GLY G 142 -78.89 38.29 18.14
CA GLY G 142 -79.13 37.85 16.78
C GLY G 142 -78.63 36.45 16.43
N THR G 143 -77.91 35.80 17.34
CA THR G 143 -77.76 34.34 17.29
C THR G 143 -77.94 33.71 18.67
N ALA G 144 -78.42 32.46 18.70
CA ALA G 144 -78.76 31.81 19.95
C ALA G 144 -78.25 30.38 20.03
N ALA G 145 -78.89 29.57 20.87
CA ALA G 145 -78.46 28.17 20.96
C ALA G 145 -79.59 27.21 21.33
N LEU G 146 -79.65 26.08 20.64
CA LEU G 146 -80.62 25.03 20.97
C LEU G 146 -79.96 23.72 20.68
N GLY G 147 -80.49 22.63 21.24
CA GLY G 147 -79.81 21.36 21.13
C GLY G 147 -80.59 20.11 21.42
N CYS G 148 -79.85 19.01 21.58
CA CYS G 148 -80.40 17.68 21.87
C CYS G 148 -79.54 16.94 22.89
N LEU G 149 -80.19 16.40 23.93
CA LEU G 149 -79.48 15.59 24.91
C LEU G 149 -79.68 14.11 24.61
N VAL G 150 -78.61 13.41 24.23
CA VAL G 150 -78.71 11.98 23.94
C VAL G 150 -78.23 11.18 25.14
N LYS G 151 -79.17 10.63 25.90
CA LYS G 151 -78.90 10.17 27.27
C LYS G 151 -78.84 8.65 27.40
N ASP G 152 -77.86 8.16 28.17
CA ASP G 152 -77.80 6.75 28.59
C ASP G 152 -77.82 5.72 27.46
N TYR G 153 -76.79 5.71 26.62
CA TYR G 153 -76.71 4.72 25.55
C TYR G 153 -75.44 3.91 25.64
N PHE G 154 -75.50 2.72 25.05
CA PHE G 154 -74.31 1.88 24.93
C PHE G 154 -74.39 0.98 23.69
N PRO G 155 -73.27 0.82 22.97
CA PRO G 155 -71.99 1.55 23.13
C PRO G 155 -71.89 2.71 22.15
N GLU G 156 -70.73 3.37 22.12
CA GLU G 156 -70.46 4.33 21.05
C GLU G 156 -70.51 3.56 19.72
N PRO G 157 -70.75 4.27 18.59
CA PRO G 157 -70.93 5.71 18.46
C PRO G 157 -72.40 6.07 18.23
N VAL G 158 -72.69 7.37 18.24
CA VAL G 158 -73.99 7.85 17.85
C VAL G 158 -73.86 8.96 16.78
N THR G 159 -74.85 9.05 15.90
CA THR G 159 -74.84 10.01 14.80
C THR G 159 -75.95 11.05 14.97
N VAL G 160 -75.57 12.32 15.02
CA VAL G 160 -76.57 13.38 15.12
C VAL G 160 -76.45 14.36 13.96
N SER G 161 -77.50 14.49 13.16
CA SER G 161 -77.55 15.51 12.12
C SER G 161 -78.79 16.36 12.35
N TRP G 162 -78.95 17.42 11.57
CA TRP G 162 -80.05 18.37 11.77
C TRP G 162 -80.90 18.62 10.53
N ASN G 163 -82.23 18.66 10.72
CA ASN G 163 -83.19 18.77 9.62
C ASN G 163 -82.90 17.80 8.50
N SER G 164 -82.66 16.55 8.89
CA SER G 164 -82.36 15.46 7.95
C SER G 164 -81.14 15.69 7.08
N GLY G 165 -80.30 16.65 7.46
CA GLY G 165 -79.03 16.86 6.76
C GLY G 165 -78.87 18.26 6.19
N ALA G 166 -79.94 19.05 6.21
CA ALA G 166 -79.90 20.40 5.65
C ALA G 166 -79.02 21.37 6.46
N LEU G 167 -79.29 21.50 7.76
CA LEU G 167 -78.50 22.34 8.65
C LEU G 167 -77.12 21.74 8.95
N THR G 168 -76.06 22.48 8.58
CA THR G 168 -74.71 22.04 8.88
C THR G 168 -73.86 23.18 9.41
N SER G 169 -73.80 24.27 8.67
CA SER G 169 -73.06 25.44 9.13
C SER G 169 -73.70 25.91 10.43
N GLY G 170 -72.87 26.01 11.48
CA GLY G 170 -73.31 26.42 12.80
C GLY G 170 -73.80 25.27 13.68
N VAL G 171 -73.19 24.10 13.52
CA VAL G 171 -73.60 22.90 14.24
C VAL G 171 -72.45 22.25 14.98
N HIS G 172 -72.54 22.19 16.30
CA HIS G 172 -71.51 21.51 17.10
C HIS G 172 -72.09 20.32 17.86
N THR G 173 -71.47 19.15 17.67
CA THR G 173 -71.83 17.95 18.42
C THR G 173 -70.70 17.60 19.38
N PHE G 174 -70.91 17.85 20.67
CA PHE G 174 -69.89 17.62 21.71
C PHE G 174 -69.53 16.13 21.88
N PRO G 175 -68.25 15.87 22.20
CA PRO G 175 -67.82 14.51 22.55
C PRO G 175 -68.61 13.99 23.76
N ALA G 176 -68.83 12.68 23.80
CA ALA G 176 -69.60 12.04 24.87
C ALA G 176 -68.93 12.14 26.23
N VAL G 177 -69.70 11.81 27.27
CA VAL G 177 -69.20 11.70 28.63
C VAL G 177 -69.50 10.28 29.05
N LEU G 178 -68.64 9.71 29.89
CA LEU G 178 -68.87 8.34 30.33
C LEU G 178 -69.23 8.37 31.79
N GLN G 179 -70.50 8.08 32.07
CA GLN G 179 -70.99 8.08 33.45
C GLN G 179 -70.47 6.88 34.22
N SER G 180 -70.71 6.89 35.54
CA SER G 180 -70.24 5.81 36.41
C SER G 180 -71.17 4.59 36.30
N SER G 181 -72.30 4.77 35.62
CA SER G 181 -73.15 3.64 35.28
C SER G 181 -72.62 2.83 34.09
N GLY G 182 -71.58 3.35 33.45
CA GLY G 182 -71.03 2.71 32.26
C GLY G 182 -71.93 2.92 31.05
N LEU G 183 -72.64 4.03 31.07
CA LEU G 183 -73.44 4.44 29.93
C LEU G 183 -72.95 5.78 29.41
N TYR G 184 -73.22 6.04 28.13
CA TYR G 184 -72.72 7.28 27.52
C TYR G 184 -73.84 8.32 27.43
N SER G 185 -73.46 9.59 27.39
CA SER G 185 -74.39 10.65 27.09
C SER G 185 -73.68 11.77 26.35
N LEU G 186 -74.30 12.31 25.30
CA LEU G 186 -73.75 13.47 24.61
C LEU G 186 -74.78 14.58 24.34
N SER G 187 -74.28 15.71 23.87
CA SER G 187 -75.12 16.83 23.48
C SER G 187 -74.73 17.34 22.09
N SER G 188 -75.71 17.84 21.35
CA SER G 188 -75.43 18.47 20.07
C SER G 188 -76.15 19.81 20.01
N VAL G 189 -75.41 20.87 19.71
CA VAL G 189 -75.98 22.22 19.67
C VAL G 189 -75.87 22.87 18.30
N VAL G 190 -76.91 23.57 17.89
CA VAL G 190 -76.87 24.34 16.66
C VAL G 190 -77.08 25.81 17.01
N THR G 191 -76.15 26.65 16.56
CA THR G 191 -76.28 28.11 16.75
C THR G 191 -77.05 28.75 15.60
N VAL G 192 -78.13 29.48 15.91
CA VAL G 192 -78.97 30.11 14.88
C VAL G 192 -79.43 31.52 15.29
N PRO G 193 -79.88 32.34 14.31
CA PRO G 193 -80.44 33.68 14.61
C PRO G 193 -81.69 33.74 15.53
N SER G 194 -81.79 34.82 16.32
CA SER G 194 -82.92 35.05 17.21
C SER G 194 -84.24 35.17 16.46
N SER G 195 -84.21 35.91 15.36
CA SER G 195 -85.40 36.16 14.55
C SER G 195 -86.14 34.90 14.06
N SER G 196 -85.40 33.98 13.45
CA SER G 196 -86.00 32.78 12.86
C SER G 196 -86.69 31.90 13.89
N LEU G 197 -86.20 31.93 15.13
CA LEU G 197 -86.64 31.04 16.24
C LEU G 197 -88.08 30.52 16.28
N GLY G 198 -89.05 31.42 16.20
CA GLY G 198 -90.45 31.02 16.25
C GLY G 198 -90.95 30.56 14.91
N THR G 199 -90.52 31.25 13.87
CA THR G 199 -90.89 30.92 12.50
C THR G 199 -90.23 29.62 12.02
N GLN G 200 -89.03 29.40 12.50
CA GLN G 200 -88.26 28.31 11.98
C GLN G 200 -88.38 27.01 12.78
N THR G 201 -88.42 25.89 12.06
CA THR G 201 -88.58 24.57 12.66
C THR G 201 -87.28 23.77 12.58
N TYR G 202 -86.78 23.35 13.76
CA TYR G 202 -85.51 22.61 13.87
C TYR G 202 -85.68 21.19 14.43
N ILE G 203 -85.17 20.20 13.71
CA ILE G 203 -85.30 18.79 14.12
C ILE G 203 -83.96 18.06 14.14
N CYS G 204 -83.65 17.42 15.26
CA CYS G 204 -82.43 16.61 15.32
C CYS G 204 -82.65 15.12 15.04
N ASN G 205 -81.74 14.54 14.28
CA ASN G 205 -81.83 13.15 13.84
C ASN G 205 -80.74 12.31 14.46
N VAL G 206 -81.07 11.65 15.56
CA VAL G 206 -80.14 10.80 16.29
C VAL G 206 -80.19 9.34 15.78
N ASN G 207 -79.03 8.74 15.60
CA ASN G 207 -78.90 7.39 15.06
C ASN G 207 -77.90 6.57 15.87
N HIS G 208 -78.36 5.47 16.47
CA HIS G 208 -77.48 4.61 17.25
C HIS G 208 -77.48 3.19 16.65
N LYS G 209 -76.73 3.00 15.56
CA LYS G 209 -76.71 1.71 14.83
C LYS G 209 -76.55 0.42 15.67
N PRO G 210 -75.70 0.44 16.71
CA PRO G 210 -75.59 -0.74 17.59
C PRO G 210 -76.90 -1.31 18.20
N SER G 211 -77.83 -0.47 18.65
CA SER G 211 -79.11 -0.96 19.19
C SER G 211 -80.24 -0.82 18.17
N ASN G 212 -79.87 -0.51 16.93
CA ASN G 212 -80.82 -0.24 15.84
C ASN G 212 -81.97 0.69 16.21
N THR G 213 -81.64 1.89 16.71
CA THR G 213 -82.65 2.90 17.00
C THR G 213 -82.33 4.20 16.28
N LYS G 214 -83.32 4.77 15.60
CA LYS G 214 -83.22 6.12 15.06
C LYS G 214 -84.28 6.95 15.73
N VAL G 215 -83.87 8.01 16.40
CA VAL G 215 -84.84 8.91 17.01
C VAL G 215 -84.80 10.24 16.26
N ASP G 216 -85.97 10.82 15.97
CA ASP G 216 -86.10 12.18 15.42
C ASP G 216 -86.87 13.03 16.44
N LYS G 217 -86.31 14.18 16.81
CA LYS G 217 -86.92 15.00 17.87
C LYS G 217 -86.91 16.48 17.50
N ARG G 218 -88.09 17.10 17.49
CA ARG G 218 -88.20 18.55 17.29
C ARG G 218 -87.80 19.28 18.57
N VAL G 219 -87.18 20.44 18.37
CA VAL G 219 -86.76 21.29 19.48
C VAL G 219 -87.40 22.66 19.36
N GLU G 220 -88.25 22.98 20.33
CA GLU G 220 -89.07 24.19 20.26
C GLU G 220 -88.99 24.92 21.60
N PRO G 221 -89.15 26.25 21.58
CA PRO G 221 -89.23 27.03 22.82
C PRO G 221 -90.48 26.68 23.64
N VAL H 3 -41.22 2.30 32.33
CA VAL H 3 -40.84 3.36 33.25
C VAL H 3 -39.83 4.35 32.62
N LEU H 4 -40.29 5.01 31.55
CA LEU H 4 -39.54 6.07 30.89
C LEU H 4 -40.21 7.41 31.18
N THR H 5 -39.43 8.39 31.64
CA THR H 5 -40.00 9.64 32.13
C THR H 5 -39.88 10.84 31.17
N GLN H 6 -41.02 11.38 30.74
CA GLN H 6 -41.04 12.62 29.96
C GLN H 6 -41.83 13.67 30.73
N PRO H 7 -41.48 14.96 30.52
CA PRO H 7 -42.29 16.05 31.07
C PRO H 7 -43.68 15.98 30.45
N PRO H 8 -44.74 16.31 31.23
CA PRO H 8 -46.10 16.07 30.71
C PRO H 8 -46.48 17.02 29.55
N SER H 9 -45.86 18.21 29.49
CA SER H 9 -46.19 19.16 28.42
C SER H 9 -45.09 20.20 28.14
N VAL H 10 -45.12 20.73 26.91
CA VAL H 10 -44.15 21.70 26.44
C VAL H 10 -44.83 22.69 25.47
N SER H 11 -44.48 23.98 25.57
CA SER H 11 -45.10 25.02 24.74
C SER H 11 -44.08 26.01 24.15
N ALA H 12 -44.32 26.44 22.91
CA ALA H 12 -43.54 27.52 22.29
C ALA H 12 -44.27 28.15 21.10
N ALA H 13 -43.82 29.34 20.70
CA ALA H 13 -44.46 30.08 19.62
C ALA H 13 -44.05 29.55 18.25
N PRO H 14 -44.89 29.75 17.22
CA PRO H 14 -44.55 29.35 15.85
C PRO H 14 -43.22 29.96 15.36
N GLY H 15 -42.35 29.10 14.81
CA GLY H 15 -41.09 29.56 14.27
C GLY H 15 -39.91 29.23 15.16
N GLN H 16 -40.18 29.03 16.44
CA GLN H 16 -39.13 28.78 17.42
C GLN H 16 -38.75 27.32 17.56
N LYS H 17 -37.73 27.06 18.37
CA LYS H 17 -37.27 25.71 18.65
C LYS H 17 -37.78 25.19 20.01
N VAL H 18 -38.06 23.88 20.08
CA VAL H 18 -38.37 23.19 21.33
C VAL H 18 -37.49 21.95 21.53
N THR H 19 -37.43 21.47 22.76
CA THR H 19 -36.82 20.18 23.06
C THR H 19 -37.69 19.40 24.03
N ILE H 20 -37.79 18.09 23.77
CA ILE H 20 -38.52 17.15 24.63
C ILE H 20 -37.54 16.09 25.12
N SER H 21 -37.39 15.99 26.45
CA SER H 21 -36.44 15.05 27.01
C SER H 21 -37.14 13.79 27.52
N CYS H 22 -36.37 12.71 27.58
CA CYS H 22 -36.87 11.42 27.99
C CYS H 22 -35.77 10.76 28.84
N SER H 23 -36.10 10.43 30.08
CA SER H 23 -35.10 9.88 31.01
C SER H 23 -35.44 8.46 31.49
N GLY H 24 -34.40 7.62 31.61
CA GLY H 24 -34.57 6.26 32.06
C GLY H 24 -33.34 5.72 32.79
N SER H 25 -33.15 4.41 32.73
CA SER H 25 -32.03 3.76 33.40
C SER H 25 -31.04 3.21 32.38
N SER H 26 -30.02 2.51 32.87
CA SER H 26 -29.03 1.89 32.00
C SER H 26 -29.53 0.60 31.32
N SER H 27 -30.46 -0.11 31.95
CA SER H 27 -31.00 -1.33 31.33
C SER H 27 -31.86 -1.02 30.10
N ASN H 28 -32.42 0.19 30.04
CA ASN H 28 -33.14 0.64 28.82
C ASN H 28 -32.38 1.67 27.93
N ILE H 29 -32.62 2.96 28.13
CA ILE H 29 -31.99 4.00 27.29
C ILE H 29 -30.44 3.91 27.23
N GLY H 30 -29.81 3.66 28.38
CA GLY H 30 -28.37 3.56 28.45
C GLY H 30 -27.72 2.58 27.49
N ASN H 31 -28.32 1.39 27.37
CA ASN H 31 -27.75 0.29 26.58
C ASN H 31 -28.47 -0.01 25.26
N ASN H 32 -29.45 0.80 24.90
CA ASN H 32 -30.21 0.54 23.67
C ASN H 32 -30.46 1.80 22.84
N TYR H 33 -31.12 1.64 21.70
CA TYR H 33 -31.39 2.75 20.80
C TYR H 33 -32.80 3.34 21.01
N VAL H 34 -32.88 4.67 21.02
CA VAL H 34 -34.12 5.38 21.28
C VAL H 34 -34.84 5.82 19.99
N SER H 35 -36.15 5.55 19.91
CA SER H 35 -36.97 6.07 18.82
C SER H 35 -37.92 7.15 19.35
N TRP H 36 -38.37 8.02 18.45
CA TRP H 36 -39.41 9.00 18.79
C TRP H 36 -40.65 8.78 17.88
N TYR H 37 -41.83 8.74 18.48
CA TYR H 37 -43.04 8.62 17.72
C TYR H 37 -43.91 9.87 17.88
N GLN H 38 -44.56 10.29 16.79
CA GLN H 38 -45.48 11.42 16.84
C GLN H 38 -46.92 10.93 16.65
N GLN H 39 -47.85 11.44 17.46
CA GLN H 39 -49.24 11.05 17.33
C GLN H 39 -50.18 12.24 17.32
N LEU H 40 -50.61 12.63 16.13
CA LEU H 40 -51.66 13.63 15.95
C LEU H 40 -52.95 12.97 16.37
N PRO H 41 -53.86 13.74 16.97
CA PRO H 41 -55.17 13.23 17.42
C PRO H 41 -55.86 12.35 16.38
N GLY H 42 -56.21 11.12 16.77
CA GLY H 42 -56.91 10.19 15.88
C GLY H 42 -56.09 9.59 14.74
N THR H 43 -54.77 9.57 14.86
CA THR H 43 -53.96 8.88 13.85
C THR H 43 -53.10 7.81 14.47
N ALA H 44 -52.60 6.92 13.61
CA ALA H 44 -51.58 5.96 13.96
C ALA H 44 -50.33 6.75 14.35
N PRO H 45 -49.62 6.29 15.40
CA PRO H 45 -48.28 6.83 15.67
C PRO H 45 -47.40 6.73 14.43
N LYS H 46 -46.67 7.79 14.13
CA LYS H 46 -45.70 7.78 13.04
C LYS H 46 -44.26 7.89 13.57
N LEU H 47 -43.34 7.18 12.91
CA LEU H 47 -41.94 7.18 13.32
C LEU H 47 -41.27 8.46 12.85
N LEU H 48 -40.73 9.22 13.80
CA LEU H 48 -40.02 10.49 13.54
C LEU H 48 -38.51 10.32 13.48
N ILE H 49 -38.00 9.57 14.46
CA ILE H 49 -36.56 9.36 14.62
C ILE H 49 -36.27 7.98 15.20
N TYR H 50 -35.24 7.34 14.66
CA TYR H 50 -34.82 6.02 15.14
C TYR H 50 -33.30 5.98 15.30
N ASP H 51 -32.79 4.95 15.96
CA ASP H 51 -31.35 4.81 16.21
C ASP H 51 -30.77 6.08 16.83
N ASN H 52 -31.49 6.63 17.80
CA ASN H 52 -31.11 7.86 18.51
C ASN H 52 -31.19 9.15 17.69
N ASN H 53 -30.54 9.16 16.52
CA ASN H 53 -30.40 10.39 15.74
C ASN H 53 -30.71 10.26 14.24
N LYS H 54 -31.06 9.06 13.79
CA LYS H 54 -31.37 8.84 12.38
C LYS H 54 -32.84 9.14 12.07
N ARG H 55 -33.08 9.65 10.87
CA ARG H 55 -34.40 10.13 10.50
C ARG H 55 -34.83 9.49 9.20
N PRO H 56 -35.97 8.77 9.23
CA PRO H 56 -36.45 8.01 8.06
C PRO H 56 -36.73 8.93 6.88
N SER H 57 -36.68 8.38 5.67
CA SER H 57 -36.97 9.17 4.48
C SER H 57 -38.43 9.62 4.53
N GLY H 58 -38.65 10.91 4.32
CA GLY H 58 -39.99 11.47 4.32
C GLY H 58 -40.30 12.26 5.58
N ILE H 59 -39.29 12.45 6.43
CA ILE H 59 -39.42 13.27 7.64
C ILE H 59 -38.60 14.55 7.48
N PRO H 60 -39.25 15.71 7.61
CA PRO H 60 -38.60 17.03 7.53
C PRO H 60 -37.33 17.08 8.37
N ASP H 61 -36.32 17.80 7.89
CA ASP H 61 -35.02 17.84 8.55
C ASP H 61 -34.96 18.74 9.79
N ARG H 62 -36.09 19.37 10.13
CA ARG H 62 -36.15 20.20 11.33
C ARG H 62 -36.41 19.36 12.57
N PHE H 63 -36.62 18.06 12.34
CA PHE H 63 -36.63 17.05 13.41
C PHE H 63 -35.22 16.49 13.62
N SER H 64 -34.77 16.49 14.87
CA SER H 64 -33.41 16.07 15.23
C SER H 64 -33.45 15.30 16.55
N GLY H 65 -32.57 14.32 16.69
CA GLY H 65 -32.55 13.49 17.87
C GLY H 65 -31.15 13.38 18.44
N SER H 66 -31.07 13.16 19.75
CA SER H 66 -29.76 12.96 20.40
C SER H 66 -29.91 12.13 21.67
N LYS H 67 -28.83 11.43 22.02
CA LYS H 67 -28.79 10.63 23.24
C LYS H 67 -27.47 10.86 23.96
N SER H 68 -27.55 11.19 25.25
CA SER H 68 -26.36 11.39 26.07
C SER H 68 -26.51 10.65 27.39
N GLY H 69 -25.78 9.56 27.54
CA GLY H 69 -25.80 8.77 28.76
C GLY H 69 -27.08 8.00 28.98
N THR H 70 -27.83 8.39 30.01
CA THR H 70 -29.02 7.66 30.42
C THR H 70 -30.31 8.32 29.92
N SER H 71 -30.16 9.40 29.14
CA SER H 71 -31.34 10.10 28.58
C SER H 71 -31.20 10.48 27.10
N ALA H 72 -32.31 10.92 26.52
CA ALA H 72 -32.37 11.31 25.12
C ALA H 72 -33.27 12.52 24.95
N THR H 73 -32.96 13.36 23.96
CA THR H 73 -33.80 14.53 23.69
C THR H 73 -34.22 14.63 22.21
N LEU H 74 -35.52 14.85 21.98
CA LEU H 74 -36.04 15.20 20.65
C LEU H 74 -35.99 16.71 20.46
N GLY H 75 -35.74 17.15 19.22
CA GLY H 75 -35.68 18.56 18.92
C GLY H 75 -36.46 18.92 17.66
N ILE H 76 -37.25 19.99 17.74
CA ILE H 76 -37.98 20.50 16.57
C ILE H 76 -37.67 21.98 16.40
N THR H 77 -37.26 22.37 15.20
CA THR H 77 -37.00 23.78 14.88
C THR H 77 -38.04 24.30 13.89
N GLY H 78 -38.14 25.62 13.79
CA GLY H 78 -39.12 26.27 12.92
C GLY H 78 -40.50 25.65 13.03
N LEU H 79 -40.97 25.49 14.26
CA LEU H 79 -42.15 24.68 14.47
C LEU H 79 -43.42 25.38 13.99
N GLN H 80 -44.22 24.65 13.23
CA GLN H 80 -45.45 25.14 12.64
C GLN H 80 -46.61 24.61 13.46
N THR H 81 -47.78 25.20 13.30
CA THR H 81 -48.95 24.82 14.10
C THR H 81 -49.40 23.37 13.89
N GLY H 82 -48.94 22.76 12.79
CA GLY H 82 -49.27 21.39 12.47
C GLY H 82 -48.48 20.36 13.29
N ASP H 83 -47.55 20.86 14.10
CA ASP H 83 -46.72 20.03 14.98
C ASP H 83 -47.38 19.68 16.32
N GLU H 84 -48.52 20.31 16.60
CA GLU H 84 -49.23 20.08 17.85
C GLU H 84 -49.71 18.62 17.92
N ALA H 85 -49.07 17.83 18.78
CA ALA H 85 -49.43 16.42 18.98
C ALA H 85 -48.84 15.86 20.27
N ASP H 86 -49.22 14.63 20.62
CA ASP H 86 -48.57 13.93 21.73
C ASP H 86 -47.28 13.28 21.20
N TYR H 87 -46.16 13.42 21.92
CA TYR H 87 -44.85 12.85 21.53
C TYR H 87 -44.31 11.81 22.50
N TYR H 88 -44.01 10.62 21.97
CA TYR H 88 -43.63 9.48 22.79
C TYR H 88 -42.21 8.97 22.42
N CYS H 89 -41.38 8.75 23.43
CA CYS H 89 -40.10 8.08 23.23
C CYS H 89 -40.26 6.59 23.49
N GLY H 90 -39.41 5.78 22.86
CA GLY H 90 -39.46 4.34 23.01
C GLY H 90 -38.09 3.69 22.84
N THR H 91 -37.88 2.62 23.59
CA THR H 91 -36.65 1.86 23.48
C THR H 91 -36.87 0.41 23.92
N TRP H 92 -35.77 -0.31 24.10
CA TRP H 92 -35.83 -1.69 24.57
C TRP H 92 -35.18 -1.79 25.95
N ASP H 93 -35.86 -2.45 26.88
CA ASP H 93 -35.29 -2.72 28.21
C ASP H 93 -34.60 -4.10 28.20
N SER H 94 -33.32 -4.09 28.56
CA SER H 94 -32.44 -5.25 28.37
C SER H 94 -32.31 -6.12 29.62
N SER H 95 -32.94 -5.70 30.72
CA SER H 95 -32.95 -6.48 31.96
C SER H 95 -33.73 -7.79 31.76
N LEU H 96 -33.85 -8.59 32.82
CA LEU H 96 -34.51 -9.89 32.71
C LEU H 96 -35.98 -9.79 32.29
N SER H 97 -36.58 -8.63 32.59
CA SER H 97 -37.90 -8.26 32.11
C SER H 97 -38.05 -8.48 30.60
N ALA H 98 -37.05 -8.01 29.84
CA ALA H 98 -36.95 -8.21 28.38
C ALA H 98 -38.20 -7.77 27.62
N TYR H 99 -38.37 -6.45 27.48
CA TYR H 99 -39.54 -5.92 26.80
C TYR H 99 -39.32 -4.53 26.21
N VAL H 100 -40.29 -4.12 25.39
CA VAL H 100 -40.34 -2.79 24.79
C VAL H 100 -41.03 -1.84 25.75
N VAL H 101 -40.35 -0.74 26.09
CA VAL H 101 -40.85 0.17 27.11
C VAL H 101 -41.06 1.56 26.51
N PHE H 102 -42.12 2.26 26.96
CA PHE H 102 -42.44 3.61 26.44
C PHE H 102 -42.41 4.70 27.52
N GLY H 103 -42.34 5.95 27.07
CA GLY H 103 -42.44 7.11 27.94
C GLY H 103 -43.88 7.51 28.20
N GLY H 104 -44.07 8.46 29.11
CA GLY H 104 -45.39 8.90 29.47
C GLY H 104 -46.06 9.73 28.39
N GLY H 105 -45.25 10.35 27.54
CA GLY H 105 -45.76 11.27 26.53
C GLY H 105 -45.58 12.72 26.98
N THR H 106 -45.40 13.62 26.01
CA THR H 106 -45.54 15.05 26.25
C THR H 106 -46.46 15.68 25.18
N LYS H 107 -47.38 16.53 25.61
CA LYS H 107 -48.24 17.25 24.67
C LYS H 107 -47.62 18.60 24.30
N LEU H 108 -47.29 18.75 23.03
CA LEU H 108 -46.75 19.99 22.51
C LEU H 108 -47.88 20.88 22.03
N THR H 109 -48.01 22.06 22.65
CA THR H 109 -48.99 23.05 22.20
C THR H 109 -48.28 24.26 21.58
N VAL H 110 -48.80 24.79 20.47
CA VAL H 110 -48.29 26.04 19.88
C VAL H 110 -48.92 27.28 20.53
N LEU H 111 -48.09 28.22 20.97
CA LEU H 111 -48.55 29.55 21.36
C LEU H 111 -49.01 30.30 20.10
N GLY H 112 -48.84 31.62 20.06
CA GLY H 112 -49.24 32.36 18.88
C GLY H 112 -50.74 32.50 18.67
N GLN H 113 -51.51 31.41 18.84
CA GLN H 113 -52.97 31.52 18.70
C GLN H 113 -53.41 32.47 19.80
N PRO H 114 -54.35 33.38 19.47
CA PRO H 114 -54.76 34.39 20.45
C PRO H 114 -55.59 33.79 21.59
N LYS H 115 -55.49 34.34 22.80
CA LYS H 115 -56.39 33.95 23.90
C LYS H 115 -57.80 34.14 23.38
N ALA H 116 -58.64 33.11 23.51
CA ALA H 116 -60.07 33.26 23.22
C ALA H 116 -60.92 32.92 24.46
N ASN H 117 -61.57 33.95 25.01
CA ASN H 117 -62.44 33.78 26.17
C ASN H 117 -63.65 32.90 25.84
N PRO H 118 -64.02 31.99 26.76
CA PRO H 118 -65.03 30.96 26.48
C PRO H 118 -66.46 31.48 26.47
N THR H 119 -67.30 30.88 25.63
CA THR H 119 -68.70 31.21 25.61
C THR H 119 -69.49 30.05 26.26
N VAL H 120 -70.40 30.38 27.17
CA VAL H 120 -71.03 29.38 28.04
C VAL H 120 -72.55 29.32 27.96
N THR H 121 -73.07 28.17 27.59
CA THR H 121 -74.52 27.98 27.51
C THR H 121 -74.98 26.98 28.56
N LEU H 122 -75.98 27.36 29.34
CA LEU H 122 -76.50 26.47 30.38
C LEU H 122 -77.97 26.14 30.18
N PHE H 123 -78.27 24.87 30.05
CA PHE H 123 -79.66 24.39 29.93
C PHE H 123 -80.15 23.71 31.22
N PRO H 124 -81.42 23.94 31.60
CA PRO H 124 -82.03 23.24 32.72
C PRO H 124 -82.70 21.94 32.23
N PRO H 125 -83.17 21.07 33.14
CA PRO H 125 -83.86 19.84 32.71
C PRO H 125 -85.07 20.11 31.80
N SER H 126 -85.17 19.32 30.73
CA SER H 126 -86.35 19.39 29.87
C SER H 126 -87.57 18.89 30.62
N SER H 127 -88.76 19.34 30.24
CA SER H 127 -89.94 18.89 30.96
C SER H 127 -90.17 17.38 30.76
N GLU H 128 -89.86 16.86 29.56
CA GLU H 128 -90.12 15.43 29.29
C GLU H 128 -89.18 14.53 30.08
N GLU H 129 -88.02 15.08 30.46
CA GLU H 129 -87.07 14.31 31.24
C GLU H 129 -87.52 14.27 32.69
N LEU H 130 -88.02 15.40 33.18
CA LEU H 130 -88.56 15.45 34.52
C LEU H 130 -89.72 14.47 34.61
N GLN H 131 -90.51 14.42 33.53
CA GLN H 131 -91.69 13.55 33.45
C GLN H 131 -91.25 12.08 33.39
N ALA H 132 -89.96 11.87 33.08
CA ALA H 132 -89.38 10.51 33.05
C ALA H 132 -88.63 10.22 34.33
N ASN H 133 -88.87 11.07 35.33
CA ASN H 133 -88.29 10.93 36.68
C ASN H 133 -86.77 11.00 36.74
N LYS H 134 -86.18 11.81 35.87
CA LYS H 134 -84.75 12.10 35.95
C LYS H 134 -84.57 13.60 35.75
N ALA H 135 -83.38 14.12 36.06
CA ALA H 135 -83.06 15.55 35.87
C ALA H 135 -81.58 15.80 35.58
N THR H 136 -81.31 16.41 34.43
CA THR H 136 -79.96 16.69 34.01
C THR H 136 -79.77 18.15 33.60
N LEU H 137 -78.94 18.87 34.35
CA LEU H 137 -78.45 20.19 33.95
C LEU H 137 -77.26 20.02 33.02
N VAL H 138 -77.28 20.75 31.90
CA VAL H 138 -76.25 20.68 30.87
C VAL H 138 -75.49 22.00 30.70
N CYS H 139 -74.17 21.99 30.92
CA CYS H 139 -73.35 23.19 30.69
C CYS H 139 -72.39 22.99 29.54
N LEU H 140 -72.59 23.77 28.49
CA LEU H 140 -71.78 23.68 27.28
C LEU H 140 -70.84 24.87 27.09
N ILE H 141 -69.55 24.58 26.96
CA ILE H 141 -68.50 25.58 26.90
C ILE H 141 -67.78 25.44 25.57
N SER H 142 -67.73 26.50 24.78
CA SER H 142 -67.08 26.44 23.47
C SER H 142 -66.19 27.63 23.11
N ASP H 143 -65.29 27.40 22.15
CA ASP H 143 -64.46 28.43 21.51
C ASP H 143 -63.41 29.08 22.42
N PHE H 144 -62.91 28.33 23.39
CA PHE H 144 -61.85 28.89 24.24
C PHE H 144 -60.46 28.46 23.80
N TYR H 145 -59.45 29.28 24.10
CA TYR H 145 -58.06 28.91 23.91
C TYR H 145 -57.21 29.73 24.88
N PRO H 146 -56.24 29.09 25.57
CA PRO H 146 -55.85 27.67 25.50
C PRO H 146 -56.93 26.71 26.08
N GLY H 147 -56.74 25.41 25.86
CA GLY H 147 -57.81 24.45 26.10
C GLY H 147 -57.87 23.85 27.50
N ALA H 148 -57.82 24.71 28.52
CA ALA H 148 -57.90 24.25 29.90
C ALA H 148 -58.83 25.12 30.72
N VAL H 149 -59.97 24.54 31.12
CA VAL H 149 -60.92 25.22 32.00
C VAL H 149 -61.25 24.37 33.23
N THR H 150 -61.58 25.01 34.35
CA THR H 150 -62.16 24.28 35.47
C THR H 150 -63.64 24.66 35.57
N VAL H 151 -64.47 23.70 36.02
CA VAL H 151 -65.91 23.90 36.14
C VAL H 151 -66.38 23.70 37.59
N ALA H 152 -67.20 24.63 38.10
CA ALA H 152 -67.73 24.48 39.46
C ALA H 152 -69.25 24.69 39.54
N TRP H 153 -69.96 23.77 40.18
CA TRP H 153 -71.42 23.92 40.31
C TRP H 153 -71.87 24.52 41.65
N LYS H 154 -73.02 25.19 41.62
CA LYS H 154 -73.58 25.87 42.79
C LYS H 154 -75.05 25.48 43.02
N ALA H 155 -75.38 25.07 44.25
CA ALA H 155 -76.77 24.94 44.65
C ALA H 155 -77.14 26.20 45.43
N ASP H 156 -78.02 27.01 44.85
CA ASP H 156 -78.31 28.37 45.35
C ASP H 156 -77.04 29.23 45.38
N GLY H 157 -76.32 29.20 46.50
CA GLY H 157 -75.07 29.91 46.63
C GLY H 157 -73.91 29.06 47.12
N SER H 158 -74.19 27.84 47.55
CA SER H 158 -73.14 26.93 48.04
C SER H 158 -72.84 25.81 47.03
N PRO H 159 -71.56 25.38 46.94
CA PRO H 159 -71.13 24.37 45.97
C PRO H 159 -71.70 22.98 46.22
N VAL H 160 -71.83 22.19 45.16
CA VAL H 160 -72.18 20.78 45.29
C VAL H 160 -71.21 19.95 44.46
N LYS H 161 -70.58 18.97 45.10
CA LYS H 161 -69.58 18.17 44.42
C LYS H 161 -70.17 16.85 43.95
N ALA H 162 -71.32 16.49 44.53
CA ALA H 162 -71.95 15.22 44.25
C ALA H 162 -72.84 15.28 43.01
N GLY H 163 -72.64 14.33 42.09
CA GLY H 163 -73.51 14.18 40.93
C GLY H 163 -72.96 14.85 39.66
N VAL H 164 -71.69 15.24 39.72
CA VAL H 164 -71.06 15.97 38.64
C VAL H 164 -70.21 15.07 37.73
N GLU H 165 -70.41 15.21 36.40
CA GLU H 165 -69.56 14.60 35.36
C GLU H 165 -69.11 15.66 34.34
N THR H 166 -67.79 15.84 34.18
CA THR H 166 -67.25 16.78 33.20
C THR H 166 -66.32 16.04 32.24
N THR H 167 -66.27 16.49 30.98
CA THR H 167 -65.39 15.88 29.98
C THR H 167 -63.97 16.47 30.01
N LYS H 168 -63.02 15.76 29.41
CA LYS H 168 -61.75 16.38 29.06
C LYS H 168 -62.06 17.40 27.95
N PRO H 169 -61.44 18.60 28.02
CA PRO H 169 -61.59 19.56 26.91
C PRO H 169 -61.04 18.97 25.61
N SER H 170 -61.66 19.28 24.48
CA SER H 170 -61.20 18.69 23.21
C SER H 170 -61.23 19.71 22.07
N LYS H 171 -60.14 19.77 21.31
CA LYS H 171 -60.03 20.71 20.18
C LYS H 171 -61.16 20.51 19.17
N GLN H 172 -61.95 21.56 18.93
CA GLN H 172 -63.00 21.56 17.90
C GLN H 172 -62.39 21.61 16.51
N SER H 173 -63.27 21.77 15.51
CA SER H 173 -62.82 21.84 14.13
C SER H 173 -62.08 23.15 13.84
N ASN H 174 -62.63 24.24 14.36
CA ASN H 174 -62.00 25.55 14.15
C ASN H 174 -60.78 25.85 15.03
N ASN H 175 -60.07 24.80 15.45
CA ASN H 175 -58.83 24.91 16.25
C ASN H 175 -58.94 25.58 17.63
N LYS H 176 -60.17 25.71 18.12
CA LYS H 176 -60.41 26.13 19.52
C LYS H 176 -60.84 24.91 20.31
N TYR H 177 -61.16 25.09 21.59
CA TYR H 177 -61.50 23.96 22.45
C TYR H 177 -62.97 23.97 22.94
N ALA H 178 -63.49 22.80 23.26
CA ALA H 178 -64.84 22.68 23.79
C ALA H 178 -64.87 21.71 24.98
N ALA H 179 -65.90 21.86 25.82
CA ALA H 179 -66.06 20.98 26.98
C ALA H 179 -67.52 20.91 27.43
N SER H 180 -67.93 19.74 27.92
CA SER H 180 -69.29 19.59 28.45
C SER H 180 -69.19 19.25 29.95
N SER H 181 -70.18 19.73 30.71
CA SER H 181 -70.37 19.33 32.12
C SER H 181 -71.84 19.03 32.47
N TYR H 182 -72.09 17.84 33.01
CA TYR H 182 -73.45 17.42 33.33
C TYR H 182 -73.64 17.24 34.85
N LEU H 183 -74.70 17.84 35.40
CA LEU H 183 -75.06 17.65 36.80
C LEU H 183 -76.34 16.83 36.89
N SER H 184 -76.25 15.64 37.47
CA SER H 184 -77.41 14.74 37.55
C SER H 184 -78.14 14.79 38.90
N LEU H 185 -79.41 15.17 38.88
CA LEU H 185 -80.20 15.34 40.11
C LEU H 185 -81.51 14.52 40.06
N THR H 186 -82.19 14.41 41.20
CA THR H 186 -83.57 13.93 41.21
C THR H 186 -84.48 15.12 40.93
N PRO H 187 -85.69 14.86 40.38
CA PRO H 187 -86.63 15.96 40.21
C PRO H 187 -86.97 16.63 41.56
N GLU H 188 -86.95 15.84 42.63
CA GLU H 188 -87.15 16.39 43.97
C GLU H 188 -86.09 17.45 44.34
N GLN H 189 -84.80 17.12 44.12
CA GLN H 189 -83.72 18.09 44.36
C GLN H 189 -83.79 19.32 43.46
N TRP H 190 -84.06 19.11 42.18
CA TRP H 190 -84.13 20.20 41.21
C TRP H 190 -85.16 21.27 41.59
N LYS H 191 -86.41 20.84 41.84
CA LYS H 191 -87.48 21.75 42.28
C LYS H 191 -87.23 22.24 43.70
N SER H 192 -86.20 21.67 44.33
CA SER H 192 -85.86 21.94 45.72
C SER H 192 -85.08 23.22 46.01
N HIS H 193 -84.55 23.83 44.96
CA HIS H 193 -83.70 24.99 45.15
C HIS H 193 -84.20 26.24 44.40
N ARG H 194 -83.63 27.39 44.77
CA ARG H 194 -83.95 28.67 44.14
C ARG H 194 -83.35 28.72 42.74
N SER H 195 -82.05 28.51 42.66
CA SER H 195 -81.34 28.47 41.38
C SER H 195 -80.10 27.57 41.44
N TYR H 196 -79.65 27.15 40.27
CA TYR H 196 -78.40 26.39 40.13
C TYR H 196 -77.48 27.19 39.20
N SER H 197 -76.18 27.16 39.46
CA SER H 197 -75.20 27.91 38.65
C SER H 197 -74.04 27.04 38.15
N CYS H 198 -73.68 27.24 36.89
CA CYS H 198 -72.49 26.61 36.30
C CYS H 198 -71.42 27.70 36.16
N GLN H 199 -70.23 27.46 36.70
CA GLN H 199 -69.20 28.50 36.76
C GLN H 199 -67.89 28.07 36.11
N VAL H 200 -67.62 28.63 34.93
CA VAL H 200 -66.44 28.29 34.15
C VAL H 200 -65.28 29.27 34.42
N THR H 201 -64.15 28.72 34.82
CA THR H 201 -62.97 29.53 35.07
C THR H 201 -61.88 29.23 34.06
N HIS H 202 -61.58 30.23 33.23
CA HIS H 202 -60.59 30.11 32.17
C HIS H 202 -59.58 31.28 32.19
N GLU H 203 -58.29 30.97 32.35
CA GLU H 203 -57.24 31.99 32.36
C GLU H 203 -57.48 33.13 33.35
N GLY H 204 -57.75 32.78 34.61
CA GLY H 204 -57.99 33.77 35.65
C GLY H 204 -59.17 34.69 35.42
N SER H 205 -60.13 34.25 34.60
CA SER H 205 -61.37 34.99 34.36
C SER H 205 -62.57 34.09 34.62
N THR H 206 -63.69 34.67 35.03
CA THR H 206 -64.84 33.87 35.41
C THR H 206 -66.09 34.17 34.59
N VAL H 207 -66.71 33.12 34.06
CA VAL H 207 -68.02 33.24 33.44
C VAL H 207 -69.00 32.38 34.23
N GLU H 208 -70.19 32.89 34.51
CA GLU H 208 -71.17 32.15 35.28
C GLU H 208 -72.61 32.31 34.75
N LYS H 209 -73.25 31.20 34.42
CA LYS H 209 -74.65 31.21 33.98
C LYS H 209 -75.56 30.58 35.05
N THR H 210 -76.82 31.00 35.06
CA THR H 210 -77.78 30.58 36.11
C THR H 210 -79.12 30.09 35.53
N VAL H 211 -79.71 29.08 36.18
CA VAL H 211 -81.05 28.61 35.83
C VAL H 211 -81.91 28.39 37.08
N ALA H 212 -83.23 28.52 36.93
CA ALA H 212 -84.15 28.30 38.03
C ALA H 212 -85.29 27.42 37.54
N PRO H 213 -85.85 26.59 38.44
CA PRO H 213 -87.03 25.74 38.18
C PRO H 213 -88.19 26.51 37.49
N THR H 214 -88.20 26.52 36.14
CA THR H 214 -88.97 27.47 35.30
C THR H 214 -89.49 28.67 36.07
N GLU H 215 -88.55 29.42 36.65
CA GLU H 215 -88.83 30.52 37.56
C GLU H 215 -89.61 30.06 38.79
N GLN I 1 -35.20 44.68 13.47
CA GLN I 1 -34.61 45.76 14.25
C GLN I 1 -34.05 46.91 13.37
N VAL I 2 -34.42 46.92 12.08
CA VAL I 2 -34.02 47.99 11.15
C VAL I 2 -35.23 48.62 10.46
N GLN I 3 -35.38 49.93 10.64
CA GLN I 3 -36.55 50.65 10.16
C GLN I 3 -36.20 51.75 9.16
N LEU I 4 -37.10 51.97 8.21
CA LEU I 4 -36.93 53.03 7.21
C LEU I 4 -37.98 54.14 7.35
N VAL I 5 -37.50 55.38 7.26
CA VAL I 5 -38.37 56.56 7.37
C VAL I 5 -37.99 57.63 6.35
N GLU I 6 -38.87 57.91 5.39
CA GLU I 6 -38.56 58.89 4.37
C GLU I 6 -38.97 60.30 4.77
N SER I 7 -38.66 61.27 3.90
CA SER I 7 -38.98 62.67 4.18
C SER I 7 -40.44 62.98 3.84
N GLY I 8 -40.87 64.21 4.11
CA GLY I 8 -42.27 64.58 3.92
C GLY I 8 -42.67 64.92 2.49
N ALA I 9 -43.97 65.07 2.28
CA ALA I 9 -44.54 65.30 0.93
C ALA I 9 -43.95 66.54 0.26
N GLU I 10 -43.90 66.49 -1.06
CA GLU I 10 -43.37 67.60 -1.84
C GLU I 10 -44.37 67.98 -2.93
N VAL I 11 -44.42 69.28 -3.23
CA VAL I 11 -45.25 69.79 -4.32
C VAL I 11 -44.37 70.66 -5.22
N LYS I 12 -44.36 70.32 -6.51
CA LYS I 12 -43.36 70.86 -7.43
C LYS I 12 -44.00 71.31 -8.73
N LYS I 13 -43.42 72.34 -9.33
CA LYS I 13 -43.86 72.83 -10.63
C LYS I 13 -43.01 72.17 -11.70
N PRO I 14 -43.58 71.93 -12.90
CA PRO I 14 -42.88 71.24 -13.97
C PRO I 14 -41.55 71.90 -14.30
N GLY I 15 -40.52 71.10 -14.48
CA GLY I 15 -39.20 71.62 -14.84
C GLY I 15 -38.24 71.74 -13.66
N SER I 16 -38.79 71.80 -12.45
CA SER I 16 -37.99 71.91 -11.23
C SER I 16 -37.37 70.56 -10.80
N SER I 17 -36.56 70.62 -9.75
CA SER I 17 -35.96 69.41 -9.18
C SER I 17 -36.60 69.11 -7.83
N VAL I 18 -36.49 67.86 -7.41
CA VAL I 18 -36.92 67.43 -6.08
C VAL I 18 -35.95 66.37 -5.51
N LYS I 19 -35.61 66.51 -4.22
CA LYS I 19 -34.66 65.61 -3.57
C LYS I 19 -35.26 65.05 -2.29
N VAL I 20 -35.71 63.80 -2.39
CA VAL I 20 -36.31 63.04 -1.29
C VAL I 20 -35.22 62.28 -0.50
N SER I 21 -35.40 62.17 0.82
CA SER I 21 -34.43 61.46 1.65
C SER I 21 -35.05 60.27 2.39
N CYS I 22 -34.19 59.32 2.77
CA CYS I 22 -34.60 58.11 3.48
C CYS I 22 -33.65 57.88 4.65
N LYS I 23 -34.18 57.76 5.86
CA LYS I 23 -33.32 57.59 7.04
C LYS I 23 -33.50 56.23 7.72
N ALA I 24 -32.38 55.61 8.06
CA ALA I 24 -32.38 54.24 8.59
C ALA I 24 -31.95 54.16 10.05
N SER I 25 -32.78 53.51 10.87
CA SER I 25 -32.40 53.17 12.23
C SER I 25 -31.58 51.88 12.19
N GLY I 26 -31.18 51.37 13.35
CA GLY I 26 -30.19 50.30 13.38
C GLY I 26 -28.95 50.85 12.70
N GLY I 27 -28.41 50.12 11.73
CA GLY I 27 -27.31 50.60 10.91
C GLY I 27 -26.09 51.06 11.72
N PRO I 28 -25.72 52.35 11.62
CA PRO I 28 -26.28 53.34 10.67
C PRO I 28 -25.51 53.31 9.34
N PHE I 29 -24.20 53.05 9.42
CA PHE I 29 -23.40 52.73 8.26
C PHE I 29 -23.95 51.41 7.72
N ARG I 30 -24.14 51.34 6.41
CA ARG I 30 -24.89 50.25 5.81
C ARG I 30 -24.00 49.06 5.43
N SER I 31 -24.63 47.89 5.36
CA SER I 31 -23.99 46.71 4.82
C SER I 31 -25.06 46.03 3.97
N TYR I 32 -26.00 46.85 3.51
CA TYR I 32 -27.09 46.40 2.64
C TYR I 32 -27.35 47.44 1.55
N ALA I 33 -27.78 46.99 0.39
CA ALA I 33 -28.13 47.91 -0.68
C ALA I 33 -29.48 48.58 -0.37
N ILE I 34 -29.71 49.76 -0.94
CA ILE I 34 -30.95 50.51 -0.76
C ILE I 34 -31.43 51.02 -2.12
N SER I 35 -32.74 50.88 -2.38
CA SER I 35 -33.34 51.19 -3.67
C SER I 35 -34.47 52.21 -3.55
N TRP I 36 -34.82 52.84 -4.67
CA TRP I 36 -35.98 53.71 -4.73
C TRP I 36 -36.97 53.15 -5.73
N VAL I 37 -38.24 53.06 -5.31
CA VAL I 37 -39.30 52.55 -6.15
C VAL I 37 -40.48 53.49 -6.08
N ARG I 38 -40.95 53.90 -7.26
CA ARG I 38 -42.15 54.74 -7.31
C ARG I 38 -43.38 53.96 -7.78
N GLN I 39 -44.55 54.50 -7.45
CA GLN I 39 -45.78 53.92 -7.91
C GLN I 39 -46.70 55.08 -8.30
N ALA I 40 -46.92 55.26 -9.60
CA ALA I 40 -47.95 56.19 -10.09
C ALA I 40 -49.36 55.73 -9.64
N PRO I 41 -50.31 56.67 -9.46
CA PRO I 41 -51.61 56.25 -8.95
C PRO I 41 -52.31 55.27 -9.90
N GLY I 42 -52.73 54.11 -9.35
CA GLY I 42 -53.30 53.05 -10.15
C GLY I 42 -52.30 52.49 -11.15
N GLN I 43 -51.16 52.05 -10.64
CA GLN I 43 -50.09 51.51 -11.47
C GLN I 43 -49.28 50.48 -10.69
N GLY I 44 -48.61 49.60 -11.42
CA GLY I 44 -47.66 48.70 -10.81
C GLY I 44 -46.44 49.48 -10.38
N PRO I 45 -45.72 48.99 -9.35
CA PRO I 45 -44.48 49.65 -8.92
C PRO I 45 -43.47 49.73 -10.05
N GLU I 46 -42.51 50.64 -9.90
CA GLU I 46 -41.51 50.92 -10.93
C GLU I 46 -40.17 51.21 -10.27
N TRP I 47 -39.19 50.37 -10.55
CA TRP I 47 -37.88 50.58 -9.95
C TRP I 47 -37.16 51.75 -10.62
N MET I 48 -36.55 52.60 -9.79
CA MET I 48 -35.83 53.78 -10.29
C MET I 48 -34.30 53.62 -10.23
N GLY I 49 -33.81 53.18 -9.08
CA GLY I 49 -32.39 52.86 -8.97
C GLY I 49 -32.04 52.42 -7.57
N GLY I 50 -30.78 52.06 -7.36
CA GLY I 50 -30.31 51.65 -6.05
C GLY I 50 -28.82 51.92 -5.83
N ILE I 51 -28.40 51.86 -4.58
CA ILE I 51 -27.02 52.15 -4.26
C ILE I 51 -26.41 51.07 -3.35
N ILE I 52 -25.27 50.53 -3.79
CA ILE I 52 -24.53 49.48 -3.07
C ILE I 52 -23.72 50.10 -1.92
N PRO I 53 -23.70 49.42 -0.76
CA PRO I 53 -22.95 49.95 0.39
C PRO I 53 -21.45 49.82 0.18
N ILE I 54 -20.68 50.51 1.02
CA ILE I 54 -19.22 50.56 0.90
C ILE I 54 -18.80 51.16 -0.45
N PHE I 55 -18.77 50.33 -1.49
CA PHE I 55 -18.27 50.72 -2.81
C PHE I 55 -19.04 51.89 -3.46
N GLY I 56 -20.23 52.20 -2.94
CA GLY I 56 -20.98 53.36 -3.40
C GLY I 56 -21.42 53.35 -4.87
N THR I 57 -21.19 52.24 -5.58
CA THR I 57 -21.57 52.16 -6.99
C THR I 57 -23.09 52.27 -7.13
N THR I 58 -23.55 52.89 -8.20
CA THR I 58 -24.99 53.10 -8.41
C THR I 58 -25.53 52.40 -9.67
N LYS I 59 -26.77 51.95 -9.61
CA LYS I 59 -27.43 51.40 -10.79
C LYS I 59 -28.79 52.04 -10.95
N TYR I 60 -29.07 52.50 -12.16
CA TYR I 60 -30.32 53.19 -12.43
C TYR I 60 -31.14 52.46 -13.50
N ALA I 61 -32.47 52.48 -13.35
CA ALA I 61 -33.35 51.90 -14.37
C ALA I 61 -33.11 52.61 -15.71
N PRO I 62 -33.35 51.89 -16.82
CA PRO I 62 -33.07 52.50 -18.13
C PRO I 62 -33.91 53.75 -18.34
N LYS I 63 -35.19 53.66 -17.98
CA LYS I 63 -36.17 54.74 -18.13
C LYS I 63 -35.77 56.07 -17.48
N PHE I 64 -35.13 56.00 -16.31
CA PHE I 64 -34.78 57.21 -15.55
C PHE I 64 -33.33 57.60 -15.70
N GLN I 65 -32.58 56.80 -16.46
CA GLN I 65 -31.17 57.04 -16.66
C GLN I 65 -30.89 58.49 -17.11
N GLY I 66 -30.09 59.19 -16.33
CA GLY I 66 -29.60 60.49 -16.72
C GLY I 66 -30.40 61.63 -16.14
N ARG I 67 -31.56 61.34 -15.56
CA ARG I 67 -32.25 62.40 -14.83
C ARG I 67 -32.60 62.03 -13.37
N VAL I 68 -32.17 60.86 -12.94
CA VAL I 68 -32.23 60.48 -11.53
C VAL I 68 -30.80 60.32 -10.95
N THR I 69 -30.60 60.82 -9.73
CA THR I 69 -29.31 60.72 -9.06
C THR I 69 -29.48 60.21 -7.64
N ILE I 70 -28.82 59.10 -7.31
CA ILE I 70 -28.93 58.52 -5.98
C ILE I 70 -27.61 58.62 -5.23
N THR I 71 -27.67 59.10 -4.00
CA THR I 71 -26.48 59.36 -3.18
C THR I 71 -26.66 58.97 -1.71
N ALA I 72 -25.55 58.85 -0.98
CA ALA I 72 -25.64 58.43 0.41
C ALA I 72 -24.61 59.13 1.28
N ASP I 73 -25.09 59.64 2.41
CA ASP I 73 -24.23 60.20 3.45
C ASP I 73 -24.14 59.16 4.56
N ASP I 74 -23.03 58.44 4.61
CA ASP I 74 -22.87 57.27 5.48
C ASP I 74 -22.80 57.62 6.97
N PHE I 75 -22.34 58.83 7.28
CA PHE I 75 -22.14 59.25 8.66
C PHE I 75 -23.45 59.62 9.34
N ALA I 76 -24.54 59.59 8.58
CA ALA I 76 -25.85 59.92 9.11
C ALA I 76 -26.84 58.82 8.80
N GLY I 77 -26.37 57.76 8.15
CA GLY I 77 -27.23 56.68 7.71
C GLY I 77 -28.42 57.18 6.90
N THR I 78 -28.14 57.95 5.86
CA THR I 78 -29.21 58.57 5.04
C THR I 78 -28.89 58.45 3.54
N VAL I 79 -29.89 58.03 2.75
CA VAL I 79 -29.73 58.01 1.29
C VAL I 79 -30.71 58.99 0.63
N TYR I 80 -30.31 59.52 -0.52
CA TYR I 80 -31.08 60.54 -1.19
C TYR I 80 -31.40 60.06 -2.59
N MET I 81 -32.48 60.59 -3.14
CA MET I 81 -32.88 60.36 -4.51
C MET I 81 -33.24 61.72 -5.08
N GLU I 82 -32.63 62.08 -6.21
CA GLU I 82 -32.90 63.38 -6.81
C GLU I 82 -33.37 63.25 -8.26
N LEU I 83 -34.58 63.75 -8.52
CA LEU I 83 -35.19 63.64 -9.84
C LEU I 83 -35.34 65.02 -10.44
N SER I 84 -34.82 65.22 -11.65
CA SER I 84 -34.75 66.54 -12.26
C SER I 84 -35.60 66.62 -13.52
N SER I 85 -35.91 67.85 -13.94
CA SER I 85 -36.78 68.11 -15.09
C SER I 85 -38.12 67.39 -14.93
N LEU I 86 -38.81 67.69 -13.85
CA LEU I 86 -40.06 67.02 -13.51
C LEU I 86 -41.16 67.30 -14.52
N ARG I 87 -41.95 66.28 -14.82
CA ARG I 87 -43.18 66.43 -15.62
C ARG I 87 -44.34 65.97 -14.78
N SER I 88 -45.56 66.19 -15.29
CA SER I 88 -46.76 65.77 -14.56
C SER I 88 -46.84 64.24 -14.34
N GLU I 89 -46.25 63.47 -15.27
CA GLU I 89 -46.20 61.99 -15.20
C GLU I 89 -45.34 61.48 -14.05
N ASP I 90 -44.50 62.35 -13.48
CA ASP I 90 -43.65 61.97 -12.36
C ASP I 90 -44.40 62.02 -11.03
N THR I 91 -45.69 62.33 -11.08
CA THR I 91 -46.50 62.35 -9.86
C THR I 91 -46.73 60.92 -9.41
N ALA I 92 -46.22 60.59 -8.22
CA ALA I 92 -46.33 59.24 -7.70
C ALA I 92 -45.98 59.15 -6.22
N MET I 93 -46.18 57.94 -5.66
CA MET I 93 -45.70 57.62 -4.34
C MET I 93 -44.26 57.11 -4.44
N TYR I 94 -43.40 57.58 -3.54
CA TYR I 94 -41.96 57.24 -3.64
C TYR I 94 -41.43 56.48 -2.41
N TYR I 95 -41.19 55.18 -2.57
CA TYR I 95 -40.70 54.36 -1.47
C TYR I 95 -39.19 54.14 -1.52
N CYS I 96 -38.55 54.13 -0.35
CA CYS I 96 -37.23 53.55 -0.25
C CYS I 96 -37.38 52.16 0.32
N ALA I 97 -36.50 51.25 -0.08
CA ALA I 97 -36.54 49.87 0.39
C ALA I 97 -35.14 49.28 0.44
N LYS I 98 -34.89 48.51 1.50
CA LYS I 98 -33.59 47.89 1.63
C LYS I 98 -33.63 46.47 1.13
N HIS I 99 -32.48 46.01 0.67
CA HIS I 99 -32.33 44.66 0.15
C HIS I 99 -31.87 43.68 1.24
N MET I 100 -32.22 42.42 1.10
CA MET I 100 -31.78 41.41 2.06
C MET I 100 -30.36 40.95 1.72
N GLY I 101 -29.44 41.91 1.68
CA GLY I 101 -28.07 41.68 1.29
C GLY I 101 -27.49 42.95 0.69
N TYR I 102 -26.45 42.80 -0.13
CA TYR I 102 -25.72 43.96 -0.62
C TYR I 102 -25.92 44.24 -2.10
N GLN I 103 -26.67 43.37 -2.76
CA GLN I 103 -26.93 43.54 -4.17
C GLN I 103 -28.37 43.97 -4.42
N VAL I 104 -28.55 44.85 -5.40
CA VAL I 104 -29.88 45.24 -5.85
C VAL I 104 -30.60 44.10 -6.58
N ARG I 105 -29.89 43.01 -6.90
CA ARG I 105 -30.46 41.81 -7.56
C ARG I 105 -31.26 40.96 -6.58
N GLU I 106 -31.45 41.47 -5.36
CA GLU I 106 -32.01 40.69 -4.25
C GLU I 106 -33.33 41.23 -3.69
N THR I 107 -34.06 40.36 -2.98
CA THR I 107 -35.39 40.69 -2.47
C THR I 107 -35.37 41.90 -1.55
N MET I 108 -36.33 42.79 -1.75
CA MET I 108 -36.47 43.97 -0.90
C MET I 108 -37.38 43.59 0.27
N ASP I 109 -36.77 43.42 1.44
CA ASP I 109 -37.44 42.84 2.60
C ASP I 109 -38.07 43.87 3.55
N VAL I 110 -37.52 45.08 3.58
CA VAL I 110 -38.05 46.13 4.43
C VAL I 110 -38.35 47.39 3.63
N TRP I 111 -39.56 47.90 3.74
CA TRP I 111 -39.97 49.10 3.02
C TRP I 111 -40.38 50.24 3.96
N GLY I 112 -40.11 51.47 3.55
CA GLY I 112 -40.60 52.64 4.26
C GLY I 112 -42.09 52.85 3.98
N LYS I 113 -42.74 53.68 4.80
CA LYS I 113 -44.18 53.92 4.65
C LYS I 113 -44.53 54.60 3.31
N GLY I 114 -43.59 55.40 2.81
CA GLY I 114 -43.72 56.02 1.51
C GLY I 114 -43.88 57.51 1.63
N THR I 115 -43.63 58.22 0.53
CA THR I 115 -43.83 59.67 0.49
C THR I 115 -44.29 60.13 -0.91
N THR I 116 -45.19 61.12 -0.95
CA THR I 116 -45.74 61.58 -2.21
C THR I 116 -45.05 62.84 -2.76
N VAL I 117 -44.74 62.82 -4.04
CA VAL I 117 -44.41 64.05 -4.71
C VAL I 117 -45.44 64.26 -5.81
N THR I 118 -45.94 65.48 -5.84
CA THR I 118 -46.98 65.89 -6.73
C THR I 118 -46.39 66.90 -7.70
N VAL I 119 -46.53 66.65 -9.00
CA VAL I 119 -46.10 67.63 -9.98
C VAL I 119 -47.31 68.24 -10.65
N SER I 120 -47.53 69.49 -10.33
CA SER I 120 -48.61 70.20 -10.92
C SER I 120 -48.08 71.44 -11.47
N SER I 121 -48.33 71.42 -12.74
CA SER I 121 -48.26 72.65 -13.38
C SER I 121 -49.18 73.64 -12.65
N ALA I 122 -50.13 73.16 -11.83
CA ALA I 122 -51.04 74.04 -11.09
C ALA I 122 -50.40 74.90 -9.98
N SER I 123 -51.10 75.99 -9.65
CA SER I 123 -50.78 76.83 -8.49
C SER I 123 -51.82 76.62 -7.41
N THR I 124 -51.53 77.10 -6.21
CA THR I 124 -52.39 76.72 -5.09
C THR I 124 -53.63 77.60 -4.98
N LYS I 125 -54.80 76.95 -5.06
CA LYS I 125 -56.09 77.65 -5.03
C LYS I 125 -57.04 77.07 -3.98
N GLY I 126 -57.64 77.96 -3.19
CA GLY I 126 -58.73 77.57 -2.31
C GLY I 126 -59.99 77.20 -3.08
N PRO I 127 -60.90 76.45 -2.43
CA PRO I 127 -62.07 75.94 -3.14
C PRO I 127 -63.28 76.87 -2.99
N SER I 128 -64.28 76.65 -3.83
CA SER I 128 -65.58 77.28 -3.63
C SER I 128 -66.44 76.19 -3.01
N VAL I 129 -67.33 76.57 -2.11
CA VAL I 129 -68.24 75.59 -1.51
C VAL I 129 -69.68 75.89 -1.93
N PHE I 130 -70.33 74.87 -2.50
CA PHE I 130 -71.74 74.97 -2.91
C PHE I 130 -72.60 73.94 -2.18
N PRO I 131 -73.80 74.33 -1.78
CA PRO I 131 -74.73 73.41 -1.13
C PRO I 131 -75.37 72.41 -2.10
N LEU I 132 -75.48 71.16 -1.68
CA LEU I 132 -76.29 70.18 -2.41
C LEU I 132 -77.62 69.94 -1.66
N ALA I 133 -78.61 70.77 -1.98
CA ALA I 133 -79.85 70.84 -1.22
C ALA I 133 -80.73 69.59 -1.33
N PRO I 134 -81.36 69.17 -0.21
CA PRO I 134 -82.17 67.94 -0.08
C PRO I 134 -83.23 67.65 -1.18
N SER I 135 -84.46 68.16 -1.05
CA SER I 135 -85.57 67.84 -1.98
C SER I 135 -86.00 66.36 -2.04
N SER I 136 -87.15 66.11 -2.68
CA SER I 136 -87.72 64.75 -2.83
C SER I 136 -86.85 63.75 -3.65
N LYS I 137 -85.89 64.28 -4.41
CA LYS I 137 -85.04 63.47 -5.30
C LYS I 137 -83.79 62.89 -4.61
N SER I 138 -83.72 63.08 -3.29
CA SER I 138 -82.68 62.51 -2.43
C SER I 138 -83.31 62.07 -1.11
N THR I 139 -84.61 62.37 -0.98
CA THR I 139 -85.46 61.83 0.06
C THR I 139 -85.99 60.51 -0.44
N SER I 140 -86.04 59.55 0.47
CA SER I 140 -86.52 58.21 0.18
C SER I 140 -86.66 57.51 1.53
N GLY I 141 -87.88 57.48 2.05
CA GLY I 141 -88.19 56.66 3.21
C GLY I 141 -87.62 57.09 4.55
N GLY I 142 -88.01 58.27 5.00
CA GLY I 142 -87.54 58.72 6.29
C GLY I 142 -86.20 59.34 6.09
N THR I 143 -85.23 58.55 5.62
CA THR I 143 -83.89 59.05 5.31
C THR I 143 -83.86 60.03 4.13
N ALA I 144 -83.00 61.04 4.22
CA ALA I 144 -82.84 62.03 3.18
C ALA I 144 -81.35 62.27 2.95
N ALA I 145 -80.99 62.81 1.80
CA ALA I 145 -79.58 63.09 1.52
C ALA I 145 -79.35 64.57 1.22
N LEU I 146 -78.30 65.13 1.83
CA LEU I 146 -77.90 66.52 1.55
C LEU I 146 -76.40 66.57 1.67
N GLY I 147 -75.80 67.61 1.10
CA GLY I 147 -74.35 67.64 1.01
C GLY I 147 -73.67 68.95 0.67
N CYS I 148 -72.40 68.84 0.30
CA CYS I 148 -71.55 70.00 -0.02
C CYS I 148 -70.59 69.72 -1.18
N LEU I 149 -70.62 70.52 -2.23
CA LEU I 149 -69.70 70.36 -3.33
C LEU I 149 -68.47 71.28 -3.13
N VAL I 150 -67.29 70.69 -2.96
CA VAL I 150 -66.08 71.47 -2.76
C VAL I 150 -65.34 71.54 -4.08
N LYS I 151 -65.40 72.69 -4.74
CA LYS I 151 -65.05 72.80 -6.15
C LYS I 151 -63.71 73.51 -6.43
N ASP I 152 -62.94 72.96 -7.37
CA ASP I 152 -61.76 73.64 -7.91
C ASP I 152 -60.70 74.07 -6.89
N TYR I 153 -60.10 73.10 -6.17
CA TYR I 153 -59.05 73.43 -5.22
C TYR I 153 -57.75 72.74 -5.56
N PHE I 154 -56.67 73.32 -5.07
CA PHE I 154 -55.35 72.71 -5.19
C PHE I 154 -54.42 73.12 -4.05
N PRO I 155 -53.68 72.16 -3.45
CA PRO I 155 -53.72 70.73 -3.74
C PRO I 155 -54.49 69.99 -2.67
N GLU I 156 -54.53 68.64 -2.75
CA GLU I 156 -55.09 67.85 -1.67
C GLU I 156 -54.27 68.17 -0.40
N PRO I 157 -54.83 67.94 0.79
CA PRO I 157 -56.16 67.40 1.08
C PRO I 157 -57.15 68.47 1.54
N VAL I 158 -58.41 68.07 1.70
CA VAL I 158 -59.39 68.96 2.28
C VAL I 158 -60.14 68.23 3.41
N THR I 159 -60.60 68.97 4.41
CA THR I 159 -61.25 68.39 5.58
C THR I 159 -62.70 68.84 5.64
N VAL I 160 -63.64 67.89 5.63
CA VAL I 160 -65.05 68.24 5.77
C VAL I 160 -65.72 67.59 6.98
N SER I 161 -66.22 68.39 7.92
CA SER I 161 -66.98 67.85 9.04
C SER I 161 -68.34 68.54 9.08
N TRP I 162 -69.23 68.06 9.95
CA TRP I 162 -70.59 68.58 9.97
C TRP I 162 -71.01 69.12 11.34
N ASN I 163 -71.71 70.25 11.32
CA ASN I 163 -72.13 70.92 12.54
C ASN I 163 -70.98 71.08 13.52
N SER I 164 -69.84 71.53 13.01
CA SER I 164 -68.62 71.75 13.80
C SER I 164 -68.10 70.50 14.52
N GLY I 165 -68.56 69.32 14.10
CA GLY I 165 -68.07 68.08 14.67
C GLY I 165 -69.13 67.20 15.32
N ALA I 166 -70.32 67.75 15.52
CA ALA I 166 -71.39 66.99 16.18
C ALA I 166 -71.93 65.80 15.35
N LEU I 167 -72.35 66.07 14.11
CA LEU I 167 -72.83 65.01 13.20
C LEU I 167 -71.71 64.16 12.66
N THR I 168 -71.75 62.86 12.96
CA THR I 168 -70.76 61.92 12.41
C THR I 168 -71.41 60.64 11.89
N SER I 169 -72.26 60.02 12.71
CA SER I 169 -72.99 58.84 12.25
C SER I 169 -73.87 59.26 11.08
N GLY I 170 -73.71 58.56 9.95
CA GLY I 170 -74.46 58.86 8.74
C GLY I 170 -73.84 59.94 7.90
N VAL I 171 -72.50 59.97 7.84
CA VAL I 171 -71.77 60.99 7.08
C VAL I 171 -70.76 60.32 6.15
N HIS I 172 -70.90 60.57 4.84
CA HIS I 172 -69.95 60.06 3.85
C HIS I 172 -69.30 61.17 3.06
N THR I 173 -67.97 61.18 3.06
CA THR I 173 -67.21 62.16 2.27
C THR I 173 -66.50 61.42 1.14
N PHE I 174 -66.99 61.59 -0.09
CA PHE I 174 -66.43 60.91 -1.28
C PHE I 174 -64.99 61.31 -1.60
N PRO I 175 -64.20 60.36 -2.12
CA PRO I 175 -62.86 60.70 -2.62
C PRO I 175 -62.95 61.73 -3.74
N ALA I 176 -61.91 62.55 -3.87
CA ALA I 176 -61.89 63.61 -4.88
C ALA I 176 -61.80 63.09 -6.31
N VAL I 177 -61.99 64.00 -7.26
CA VAL I 177 -61.89 63.71 -8.68
C VAL I 177 -60.89 64.70 -9.17
N LEU I 178 -60.11 64.32 -10.16
CA LEU I 178 -59.10 65.22 -10.69
C LEU I 178 -59.50 65.63 -12.09
N GLN I 179 -59.86 66.90 -12.23
CA GLN I 179 -60.30 67.42 -13.51
C GLN I 179 -59.15 67.62 -14.45
N SER I 180 -59.45 67.93 -15.71
CA SER I 180 -58.43 68.12 -16.72
C SER I 180 -57.78 69.50 -16.59
N SER I 181 -58.36 70.36 -15.76
CA SER I 181 -57.75 71.64 -15.41
C SER I 181 -56.61 71.46 -14.39
N GLY I 182 -56.48 70.26 -13.84
CA GLY I 182 -55.51 70.01 -12.78
C GLY I 182 -55.96 70.60 -11.46
N LEU I 183 -57.27 70.65 -11.26
CA LEU I 183 -57.86 71.08 -9.99
C LEU I 183 -58.71 69.95 -9.44
N TYR I 184 -58.89 69.94 -8.12
CA TYR I 184 -59.63 68.87 -7.48
C TYR I 184 -61.03 69.32 -7.13
N SER I 185 -61.93 68.36 -7.01
CA SER I 185 -63.27 68.64 -6.51
C SER I 185 -63.78 67.41 -5.79
N LEU I 186 -64.45 67.61 -4.66
CA LEU I 186 -65.06 66.50 -3.95
C LEU I 186 -66.48 66.81 -3.45
N SER I 187 -67.18 65.76 -2.98
CA SER I 187 -68.50 65.93 -2.37
C SER I 187 -68.56 65.26 -0.99
N SER I 188 -69.42 65.77 -0.12
CA SER I 188 -69.61 65.15 1.18
C SER I 188 -71.11 65.15 1.45
N VAL I 189 -71.65 63.96 1.74
CA VAL I 189 -73.08 63.79 1.97
C VAL I 189 -73.38 63.28 3.36
N VAL I 190 -74.47 63.76 3.94
CA VAL I 190 -74.93 63.27 5.22
C VAL I 190 -76.35 62.77 5.02
N THR I 191 -76.60 61.53 5.43
CA THR I 191 -77.93 60.93 5.36
C THR I 191 -78.69 61.18 6.67
N VAL I 192 -79.87 61.78 6.57
CA VAL I 192 -80.68 62.13 7.75
C VAL I 192 -82.18 61.88 7.53
N PRO I 193 -82.97 61.79 8.62
CA PRO I 193 -84.43 61.63 8.51
C PRO I 193 -85.21 62.75 7.80
N SER I 194 -86.31 62.38 7.14
CA SER I 194 -87.17 63.31 6.42
C SER I 194 -87.79 64.34 7.36
N SER I 195 -88.25 63.88 8.52
CA SER I 195 -88.94 64.71 9.49
C SER I 195 -88.13 65.93 9.98
N SER I 196 -86.90 65.69 10.41
CA SER I 196 -86.05 66.75 10.94
C SER I 196 -85.76 67.87 9.93
N LEU I 197 -85.66 67.51 8.65
CA LEU I 197 -85.29 68.41 7.53
C LEU I 197 -85.55 69.93 7.65
N GLY I 198 -86.78 70.32 7.96
CA GLY I 198 -87.13 71.73 8.05
C GLY I 198 -86.80 72.32 9.42
N THR I 199 -87.05 71.53 10.46
CA THR I 199 -86.77 71.93 11.82
C THR I 199 -85.27 71.95 12.08
N GLN I 200 -84.55 71.01 11.47
CA GLN I 200 -83.12 70.82 11.74
C GLN I 200 -82.17 71.62 10.84
N THR I 201 -81.14 72.17 11.46
CA THR I 201 -80.15 73.00 10.76
C THR I 201 -78.84 72.23 10.58
N TYR I 202 -78.38 72.12 9.34
CA TYR I 202 -77.15 71.39 9.00
C TYR I 202 -76.10 72.29 8.35
N ILE I 203 -74.89 72.25 8.88
CA ILE I 203 -73.80 73.10 8.39
C ILE I 203 -72.53 72.29 8.13
N CYS I 204 -71.95 72.43 6.95
CA CYS I 204 -70.69 71.76 6.65
C CYS I 204 -69.46 72.67 6.84
N ASN I 205 -68.40 72.08 7.40
CA ASN I 205 -67.20 72.82 7.74
C ASN I 205 -66.01 72.33 6.92
N VAL I 206 -65.73 73.04 5.83
CA VAL I 206 -64.68 72.71 4.88
C VAL I 206 -63.38 73.44 5.26
N ASN I 207 -62.26 72.71 5.22
CA ASN I 207 -60.97 73.24 5.63
C ASN I 207 -59.87 72.84 4.66
N HIS I 208 -59.23 73.81 4.01
CA HIS I 208 -58.16 73.53 3.06
C HIS I 208 -56.87 74.17 3.53
N LYS I 209 -56.18 73.54 4.49
CA LYS I 209 -54.95 74.11 5.10
C LYS I 209 -53.89 74.68 4.14
N PRO I 210 -53.62 74.02 2.99
CA PRO I 210 -52.66 74.58 2.02
C PRO I 210 -52.90 76.03 1.55
N SER I 211 -54.14 76.44 1.29
CA SER I 211 -54.42 77.83 0.88
C SER I 211 -54.93 78.68 2.05
N ASN I 212 -54.84 78.13 3.26
CA ASN I 212 -55.38 78.75 4.47
C ASN I 212 -56.80 79.31 4.35
N THR I 213 -57.74 78.50 3.90
CA THR I 213 -59.15 78.90 3.84
C THR I 213 -60.03 77.93 4.62
N LYS I 214 -60.89 78.46 5.48
CA LYS I 214 -61.92 77.65 6.13
C LYS I 214 -63.24 78.19 5.69
N VAL I 215 -64.07 77.36 5.06
CA VAL I 215 -65.40 77.81 4.66
C VAL I 215 -66.43 77.08 5.50
N ASP I 216 -67.45 77.79 5.99
CA ASP I 216 -68.61 77.17 6.65
C ASP I 216 -69.85 77.50 5.84
N LYS I 217 -70.64 76.49 5.48
CA LYS I 217 -71.81 76.71 4.61
C LYS I 217 -73.04 75.93 5.09
N ARG I 218 -74.15 76.65 5.29
CA ARG I 218 -75.40 75.99 5.66
C ARG I 218 -76.02 75.38 4.40
N VAL I 219 -76.72 74.27 4.60
CA VAL I 219 -77.39 73.56 3.51
C VAL I 219 -78.87 73.44 3.83
N GLU I 220 -79.69 74.10 3.01
CA GLU I 220 -81.12 74.21 3.27
C GLU I 220 -81.89 73.87 2.00
N PRO I 221 -83.11 73.34 2.15
CA PRO I 221 -84.01 73.14 1.01
C PRO I 221 -84.41 74.46 0.34
N VAL J 3 -41.97 44.41 -17.70
CA VAL J 3 -42.94 43.68 -18.54
C VAL J 3 -43.25 42.28 -17.99
N LEU J 4 -43.77 42.26 -16.77
CA LEU J 4 -44.23 41.03 -16.13
C LEU J 4 -45.75 41.02 -16.10
N THR J 5 -46.35 39.91 -16.53
CA THR J 5 -47.79 39.87 -16.73
C THR J 5 -48.56 39.12 -15.64
N GLN J 6 -49.47 39.82 -14.95
CA GLN J 6 -50.40 39.20 -14.01
C GLN J 6 -51.83 39.47 -14.46
N PRO J 7 -52.75 38.54 -14.14
CA PRO J 7 -54.18 38.80 -14.36
C PRO J 7 -54.58 40.00 -13.52
N PRO J 8 -55.50 40.82 -14.03
CA PRO J 8 -55.82 42.06 -13.30
C PRO J 8 -56.54 41.83 -11.97
N SER J 9 -57.30 40.74 -11.85
CA SER J 9 -58.05 40.46 -10.62
C SER J 9 -58.41 39.00 -10.41
N VAL J 10 -58.61 38.66 -9.14
CA VAL J 10 -58.93 37.30 -8.73
C VAL J 10 -59.89 37.33 -7.51
N SER J 11 -60.87 36.42 -7.50
CA SER J 11 -61.88 36.40 -6.43
C SER J 11 -62.23 34.98 -5.92
N ALA J 12 -62.45 34.89 -4.60
CA ALA J 12 -62.89 33.64 -3.97
C ALA J 12 -63.50 33.88 -2.59
N ALA J 13 -64.27 32.89 -2.13
CA ALA J 13 -64.97 33.00 -0.85
C ALA J 13 -64.02 32.74 0.33
N PRO J 14 -64.35 33.27 1.52
CA PRO J 14 -63.56 33.02 2.72
C PRO J 14 -63.40 31.53 3.05
N GLY J 15 -62.16 31.12 3.31
CA GLY J 15 -61.87 29.72 3.66
C GLY J 15 -61.29 28.91 2.52
N GLN J 16 -61.47 29.39 1.30
CA GLN J 16 -61.00 28.68 0.10
C GLN J 16 -59.59 29.07 -0.30
N LYS J 17 -59.06 28.38 -1.32
CA LYS J 17 -57.73 28.65 -1.85
C LYS J 17 -57.79 29.48 -3.15
N VAL J 18 -56.78 30.31 -3.35
CA VAL J 18 -56.59 31.03 -4.62
C VAL J 18 -55.17 30.87 -5.15
N THR J 19 -55.00 31.16 -6.43
CA THR J 19 -53.68 31.26 -7.04
C THR J 19 -53.58 32.49 -7.93
N ILE J 20 -52.45 33.17 -7.83
CA ILE J 20 -52.14 34.33 -8.66
C ILE J 20 -50.87 34.03 -9.49
N SER J 21 -51.00 34.07 -10.81
CA SER J 21 -49.86 33.75 -11.67
C SER J 21 -49.19 35.01 -12.20
N CYS J 22 -47.92 34.85 -12.54
CA CYS J 22 -47.08 35.94 -13.02
C CYS J 22 -46.20 35.37 -14.14
N SER J 23 -46.33 35.91 -15.35
CA SER J 23 -45.62 35.36 -16.50
C SER J 23 -44.63 36.36 -17.12
N GLY J 24 -43.47 35.83 -17.55
CA GLY J 24 -42.41 36.66 -18.11
C GLY J 24 -41.58 35.92 -19.13
N SER J 25 -40.33 36.35 -19.29
CA SER J 25 -39.42 35.76 -20.25
C SER J 25 -38.29 35.05 -19.54
N SER J 26 -37.34 34.52 -20.31
CA SER J 26 -36.18 33.87 -19.73
C SER J 26 -35.15 34.87 -19.14
N SER J 27 -35.06 36.08 -19.70
CA SER J 27 -34.10 37.05 -19.17
C SER J 27 -34.49 37.55 -17.78
N ASN J 28 -35.77 37.42 -17.43
CA ASN J 28 -36.21 37.74 -16.05
C ASN J 28 -36.60 36.52 -15.17
N ILE J 29 -37.88 36.12 -15.17
CA ILE J 29 -38.33 35.00 -14.31
C ILE J 29 -37.59 33.68 -14.55
N GLY J 30 -37.29 33.38 -15.81
CA GLY J 30 -36.58 32.16 -16.17
C GLY J 30 -35.23 31.97 -15.49
N ASN J 31 -34.43 33.03 -15.41
CA ASN J 31 -33.06 32.95 -14.92
C ASN J 31 -32.83 33.59 -13.55
N ASN J 32 -33.89 34.02 -12.87
CA ASN J 32 -33.71 34.68 -11.58
C ASN J 32 -34.74 34.22 -10.56
N TYR J 33 -34.70 34.79 -9.35
CA TYR J 33 -35.61 34.41 -8.27
C TYR J 33 -36.77 35.38 -8.13
N VAL J 34 -37.97 34.82 -7.93
CA VAL J 34 -39.19 35.63 -7.86
C VAL J 34 -39.64 35.94 -6.42
N SER J 35 -39.97 37.20 -6.14
CA SER J 35 -40.56 37.59 -4.87
C SER J 35 -42.05 37.95 -5.05
N TRP J 36 -42.81 37.86 -3.97
CA TRP J 36 -44.20 38.36 -3.96
C TRP J 36 -44.35 39.42 -2.90
N TYR J 37 -44.99 40.52 -3.27
CA TYR J 37 -45.24 41.59 -2.31
C TYR J 37 -46.74 41.82 -2.16
N GLN J 38 -47.19 42.05 -0.91
CA GLN J 38 -48.59 42.35 -0.63
C GLN J 38 -48.74 43.83 -0.24
N GLN J 39 -49.76 44.47 -0.78
CA GLN J 39 -50.01 45.86 -0.44
C GLN J 39 -51.47 46.09 -0.09
N LEU J 40 -51.74 46.17 1.21
CA LEU J 40 -53.04 46.63 1.72
C LEU J 40 -53.12 48.11 1.46
N PRO J 41 -54.32 48.60 1.13
CA PRO J 41 -54.55 50.04 0.86
C PRO J 41 -53.88 50.96 1.88
N GLY J 42 -53.03 51.87 1.39
CA GLY J 42 -52.34 52.82 2.24
C GLY J 42 -51.24 52.27 3.15
N THR J 43 -50.64 51.15 2.78
CA THR J 43 -49.46 50.68 3.50
C THR J 43 -48.26 50.50 2.57
N ALA J 44 -47.11 50.41 3.21
CA ALA J 44 -45.90 49.98 2.54
C ALA J 44 -46.11 48.55 2.05
N PRO J 45 -45.62 48.24 0.84
CA PRO J 45 -45.56 46.84 0.40
C PRO J 45 -44.81 45.99 1.41
N LYS J 46 -45.32 44.80 1.70
CA LYS J 46 -44.66 43.87 2.61
C LYS J 46 -44.20 42.62 1.83
N LEU J 47 -43.07 42.06 2.22
CA LEU J 47 -42.56 40.87 1.56
C LEU J 47 -43.29 39.65 2.07
N LEU J 48 -43.89 38.89 1.16
CA LEU J 48 -44.62 37.66 1.47
C LEU J 48 -43.78 36.42 1.21
N ILE J 49 -43.12 36.41 0.06
CA ILE J 49 -42.36 35.26 -0.39
C ILE J 49 -41.13 35.71 -1.18
N TYR J 50 -40.01 35.06 -0.94
CA TYR J 50 -38.78 35.36 -1.68
C TYR J 50 -38.09 34.05 -2.13
N ASP J 51 -37.11 34.17 -3.02
CA ASP J 51 -36.41 33.00 -3.54
C ASP J 51 -37.39 31.96 -4.07
N ASN J 52 -38.40 32.42 -4.81
CA ASN J 52 -39.46 31.58 -5.38
C ASN J 52 -40.43 30.99 -4.37
N ASN J 53 -39.91 30.28 -3.37
CA ASN J 53 -40.75 29.49 -2.45
C ASN J 53 -40.46 29.65 -0.96
N LYS J 54 -39.47 30.47 -0.63
CA LYS J 54 -39.13 30.71 0.78
C LYS J 54 -39.98 31.83 1.36
N ARG J 55 -40.30 31.69 2.65
CA ARG J 55 -41.21 32.60 3.32
C ARG J 55 -40.58 33.16 4.59
N PRO J 56 -40.45 34.50 4.67
CA PRO J 56 -39.76 35.17 5.79
C PRO J 56 -40.42 34.86 7.12
N SER J 57 -39.67 34.96 8.20
CA SER J 57 -40.23 34.68 9.52
C SER J 57 -41.28 35.73 9.83
N GLY J 58 -42.45 35.28 10.26
CA GLY J 58 -43.54 36.19 10.57
C GLY J 58 -44.64 36.25 9.52
N ILE J 59 -44.53 35.37 8.53
CA ILE J 59 -45.55 35.25 7.50
C ILE J 59 -46.26 33.93 7.67
N PRO J 60 -47.60 33.97 7.80
CA PRO J 60 -48.44 32.77 7.96
C PRO J 60 -48.11 31.71 6.91
N ASP J 61 -48.19 30.44 7.29
CA ASP J 61 -47.78 29.35 6.42
C ASP J 61 -48.81 28.99 5.33
N ARG J 62 -49.92 29.71 5.30
CA ARG J 62 -50.92 29.48 4.27
C ARG J 62 -50.54 30.22 2.99
N PHE J 63 -49.46 30.99 3.06
CA PHE J 63 -48.83 31.58 1.89
C PHE J 63 -47.78 30.62 1.34
N SER J 64 -47.85 30.35 0.04
CA SER J 64 -46.94 29.43 -0.61
C SER J 64 -46.57 29.95 -1.98
N GLY J 65 -45.34 29.67 -2.42
CA GLY J 65 -44.86 30.13 -3.71
C GLY J 65 -44.24 29.02 -4.52
N SER J 66 -44.28 29.17 -5.85
CA SER J 66 -43.68 28.18 -6.74
C SER J 66 -43.30 28.82 -8.08
N LYS J 67 -42.27 28.26 -8.71
CA LYS J 67 -41.83 28.71 -10.02
C LYS J 67 -41.58 27.51 -10.93
N SER J 68 -42.17 27.54 -12.12
CA SER J 68 -41.99 26.49 -13.12
C SER J 68 -41.69 27.11 -14.48
N GLY J 69 -40.43 26.98 -14.92
CA GLY J 69 -40.03 27.50 -16.21
C GLY J 69 -39.97 29.02 -16.32
N THR J 70 -40.89 29.58 -17.10
CA THR J 70 -40.87 31.01 -17.39
C THR J 70 -41.91 31.79 -16.58
N SER J 71 -42.61 31.09 -15.68
CA SER J 71 -43.61 31.74 -14.84
C SER J 71 -43.56 31.29 -13.36
N ALA J 72 -44.31 32.01 -12.51
CA ALA J 72 -44.38 31.72 -11.09
C ALA J 72 -45.82 31.92 -10.59
N THR J 73 -46.22 31.15 -9.57
CA THR J 73 -47.55 31.34 -8.97
C THR J 73 -47.50 31.49 -7.45
N LEU J 74 -48.24 32.49 -6.95
CA LEU J 74 -48.47 32.65 -5.52
C LEU J 74 -49.73 31.88 -5.11
N GLY J 75 -49.76 31.31 -3.92
CA GLY J 75 -50.91 30.57 -3.44
C GLY J 75 -51.30 30.96 -2.03
N ILE J 76 -52.60 31.20 -1.81
CA ILE J 76 -53.11 31.47 -0.47
C ILE J 76 -54.22 30.48 -0.14
N THR J 77 -54.12 29.82 1.02
CA THR J 77 -55.17 28.90 1.47
C THR J 77 -55.84 29.46 2.71
N GLY J 78 -57.02 28.92 3.04
CA GLY J 78 -57.86 29.41 4.15
C GLY J 78 -57.96 30.93 4.20
N LEU J 79 -58.30 31.54 3.08
CA LEU J 79 -58.14 32.99 2.97
C LEU J 79 -59.22 33.73 3.77
N GLN J 80 -58.75 34.69 4.55
CA GLN J 80 -59.61 35.47 5.41
C GLN J 80 -59.82 36.82 4.75
N THR J 81 -60.82 37.56 5.21
CA THR J 81 -61.19 38.83 4.60
C THR J 81 -60.04 39.87 4.68
N GLY J 82 -59.10 39.64 5.60
CA GLY J 82 -57.98 40.54 5.77
C GLY J 82 -56.94 40.44 4.66
N ASP J 83 -57.12 39.46 3.78
CA ASP J 83 -56.20 39.22 2.65
C ASP J 83 -56.48 40.09 1.43
N GLU J 84 -57.59 40.82 1.45
CA GLU J 84 -57.99 41.68 0.34
C GLU J 84 -56.94 42.80 0.15
N ALA J 85 -56.12 42.66 -0.90
CA ALA J 85 -55.14 43.69 -1.24
C ALA J 85 -54.66 43.56 -2.69
N ASP J 86 -53.80 44.48 -3.12
CA ASP J 86 -53.14 44.35 -4.42
C ASP J 86 -51.89 43.45 -4.23
N TYR J 87 -51.66 42.50 -5.15
CA TYR J 87 -50.50 41.58 -5.08
C TYR J 87 -49.57 41.70 -6.27
N TYR J 88 -48.30 41.96 -5.99
CA TYR J 88 -47.30 42.21 -7.02
C TYR J 88 -46.18 41.19 -6.97
N CYS J 89 -45.79 40.69 -8.14
CA CYS J 89 -44.60 39.83 -8.26
C CYS J 89 -43.43 40.70 -8.70
N GLY J 90 -42.23 40.24 -8.36
CA GLY J 90 -41.03 40.99 -8.67
C GLY J 90 -39.82 40.09 -8.86
N THR J 91 -38.93 40.50 -9.77
CA THR J 91 -37.70 39.77 -10.03
C THR J 91 -36.62 40.68 -10.60
N TRP J 92 -35.55 40.07 -11.09
CA TRP J 92 -34.46 40.79 -11.73
C TRP J 92 -34.35 40.41 -13.22
N ASP J 93 -34.30 41.41 -14.10
CA ASP J 93 -34.11 41.17 -15.54
C ASP J 93 -32.63 41.22 -15.87
N SER J 94 -32.13 40.13 -16.45
CA SER J 94 -30.70 39.87 -16.58
C SER J 94 -30.14 40.30 -17.95
N SER J 95 -31.02 40.73 -18.85
CA SER J 95 -30.61 41.24 -20.15
C SER J 95 -29.77 42.53 -20.01
N LEU J 96 -29.33 43.10 -21.13
CA LEU J 96 -28.47 44.29 -21.08
C LEU J 96 -29.14 45.48 -20.40
N SER J 97 -30.47 45.48 -20.39
CA SER J 97 -31.26 46.44 -19.64
C SER J 97 -30.79 46.51 -18.17
N ALA J 98 -30.61 45.33 -17.56
CA ALA J 98 -30.13 45.19 -16.17
C ALA J 98 -30.93 46.02 -15.15
N TYR J 99 -32.10 45.52 -14.77
CA TYR J 99 -32.93 46.25 -13.83
C TYR J 99 -33.92 45.34 -13.11
N VAL J 100 -34.49 45.90 -12.06
CA VAL J 100 -35.57 45.30 -11.27
C VAL J 100 -36.91 45.55 -11.97
N VAL J 101 -37.65 44.48 -12.26
CA VAL J 101 -38.88 44.58 -13.04
C VAL J 101 -40.07 44.05 -12.21
N PHE J 102 -41.25 44.66 -12.34
CA PHE J 102 -42.43 44.24 -11.58
C PHE J 102 -43.59 43.86 -12.49
N GLY J 103 -44.57 43.18 -11.89
CA GLY J 103 -45.81 42.80 -12.57
C GLY J 103 -46.87 43.89 -12.50
N GLY J 104 -47.96 43.70 -13.21
CA GLY J 104 -49.00 44.71 -13.25
C GLY J 104 -49.80 44.79 -11.95
N GLY J 105 -49.78 43.70 -11.19
CA GLY J 105 -50.57 43.56 -9.98
C GLY J 105 -51.87 42.83 -10.26
N THR J 106 -52.38 42.15 -9.23
CA THR J 106 -53.75 41.64 -9.25
C THR J 106 -54.46 42.05 -7.96
N LYS J 107 -55.72 42.46 -8.06
CA LYS J 107 -56.49 42.81 -6.87
C LYS J 107 -57.31 41.60 -6.45
N LEU J 108 -57.05 41.15 -5.22
CA LEU J 108 -57.78 40.01 -4.66
C LEU J 108 -58.96 40.55 -3.86
N THR J 109 -60.17 40.19 -4.28
CA THR J 109 -61.37 40.51 -3.51
C THR J 109 -61.91 39.23 -2.86
N VAL J 110 -61.96 39.16 -1.53
CA VAL J 110 -62.68 38.07 -0.90
C VAL J 110 -64.14 38.37 -1.21
N LEU J 111 -64.90 37.36 -1.67
CA LEU J 111 -66.36 37.54 -1.76
C LEU J 111 -66.73 37.74 -0.30
N GLY J 112 -67.14 36.66 0.36
CA GLY J 112 -67.62 36.75 1.74
C GLY J 112 -68.60 37.89 1.79
N GLN J 113 -69.22 38.13 0.64
CA GLN J 113 -70.05 39.28 0.66
C GLN J 113 -71.18 39.16 -0.30
N PRO J 114 -72.37 39.48 0.20
CA PRO J 114 -73.59 39.44 -0.61
C PRO J 114 -73.60 40.56 -1.65
N LYS J 115 -74.17 40.29 -2.83
CA LYS J 115 -74.42 41.33 -3.82
C LYS J 115 -75.21 42.41 -3.11
N ALA J 116 -74.76 43.65 -3.21
CA ALA J 116 -75.53 44.79 -2.71
C ALA J 116 -75.80 45.76 -3.85
N ASN J 117 -77.08 45.89 -4.20
CA ASN J 117 -77.48 46.79 -5.27
C ASN J 117 -77.24 48.28 -4.88
N PRO J 118 -76.75 49.11 -5.82
CA PRO J 118 -76.31 50.49 -5.51
C PRO J 118 -77.46 51.48 -5.28
N THR J 119 -77.22 52.42 -4.38
CA THR J 119 -78.21 53.47 -4.13
C THR J 119 -77.66 54.75 -4.76
N VAL J 120 -78.52 55.44 -5.51
CA VAL J 120 -78.08 56.55 -6.37
C VAL J 120 -78.73 57.93 -6.10
N THR J 121 -77.93 58.91 -5.72
CA THR J 121 -78.46 60.25 -5.48
C THR J 121 -77.97 61.23 -6.54
N LEU J 122 -78.90 61.94 -7.18
CA LEU J 122 -78.52 62.93 -8.20
C LEU J 122 -78.90 64.36 -7.87
N PHE J 123 -77.90 65.23 -7.80
CA PHE J 123 -78.13 66.64 -7.51
C PHE J 123 -77.95 67.50 -8.78
N PRO J 124 -78.80 68.51 -8.94
CA PRO J 124 -78.64 69.45 -10.05
C PRO J 124 -77.78 70.66 -9.58
N PRO J 125 -77.38 71.57 -10.49
CA PRO J 125 -76.59 72.74 -10.09
C PRO J 125 -77.26 73.60 -9.03
N SER J 126 -76.48 74.04 -8.04
CA SER J 126 -77.01 74.92 -7.00
C SER J 126 -77.27 76.26 -7.65
N SER J 127 -78.13 77.08 -7.04
CA SER J 127 -78.42 78.37 -7.64
C SER J 127 -77.19 79.29 -7.52
N GLU J 128 -76.43 79.19 -6.41
CA GLU J 128 -75.25 80.06 -6.21
C GLU J 128 -74.17 79.75 -7.22
N GLU J 129 -74.15 78.52 -7.71
CA GLU J 129 -73.15 78.13 -8.67
C GLU J 129 -73.51 78.66 -10.04
N LEU J 130 -74.79 78.56 -10.37
CA LEU J 130 -75.27 79.12 -11.61
C LEU J 130 -74.98 80.61 -11.64
N GLN J 131 -75.17 81.26 -10.50
CA GLN J 131 -74.97 82.71 -10.34
C GLN J 131 -73.48 83.03 -10.45
N ALA J 132 -72.66 81.99 -10.32
CA ALA J 132 -71.22 82.12 -10.47
C ALA J 132 -70.78 81.69 -11.86
N ASN J 133 -71.75 81.60 -12.77
CA ASN J 133 -71.52 81.25 -14.17
C ASN J 133 -70.88 79.89 -14.44
N LYS J 134 -71.18 78.92 -13.59
CA LYS J 134 -70.76 77.55 -13.82
C LYS J 134 -71.94 76.61 -13.51
N ALA J 135 -71.88 75.35 -13.96
CA ALA J 135 -72.95 74.39 -13.67
C ALA J 135 -72.45 72.95 -13.55
N THR J 136 -72.67 72.35 -12.39
CA THR J 136 -72.19 71.00 -12.14
C THR J 136 -73.28 70.06 -11.65
N LEU J 137 -73.60 69.07 -12.45
CA LEU J 137 -74.45 67.96 -12.01
C LEU J 137 -73.60 66.92 -11.26
N VAL J 138 -74.08 66.50 -10.09
CA VAL J 138 -73.35 65.57 -9.22
C VAL J 138 -74.14 64.26 -9.03
N CYS J 139 -73.58 63.14 -9.49
CA CYS J 139 -74.17 61.83 -9.25
C CYS J 139 -73.38 61.02 -8.22
N LEU J 140 -74.00 60.73 -7.07
CA LEU J 140 -73.36 59.96 -6.02
C LEU J 140 -73.93 58.56 -5.89
N ILE J 141 -73.03 57.57 -5.95
CA ILE J 141 -73.40 56.15 -5.89
C ILE J 141 -72.75 55.50 -4.68
N SER J 142 -73.55 54.91 -3.80
CA SER J 142 -72.99 54.26 -2.61
C SER J 142 -73.57 52.87 -2.27
N ASP J 143 -72.81 52.13 -1.47
CA ASP J 143 -73.22 50.84 -0.89
C ASP J 143 -73.42 49.70 -1.87
N PHE J 144 -72.67 49.69 -2.97
CA PHE J 144 -72.71 48.55 -3.88
C PHE J 144 -71.60 47.52 -3.65
N TYR J 145 -71.88 46.26 -3.99
CA TYR J 145 -70.87 45.21 -4.01
C TYR J 145 -71.29 44.14 -5.02
N PRO J 146 -70.36 43.67 -5.89
CA PRO J 146 -68.94 44.03 -6.00
C PRO J 146 -68.70 45.46 -6.49
N GLY J 147 -67.45 45.93 -6.39
CA GLY J 147 -67.13 47.32 -6.59
C GLY J 147 -66.89 47.79 -8.01
N ALA J 148 -67.76 47.42 -8.95
CA ALA J 148 -67.60 47.84 -10.33
C ALA J 148 -68.91 48.29 -10.94
N VAL J 149 -68.99 49.58 -11.26
CA VAL J 149 -70.16 50.14 -11.94
C VAL J 149 -69.72 50.86 -13.21
N THR J 150 -70.62 51.00 -14.19
CA THR J 150 -70.38 51.94 -15.28
C THR J 150 -71.42 53.06 -15.17
N VAL J 151 -71.06 54.27 -15.61
CA VAL J 151 -71.96 55.42 -15.52
C VAL J 151 -72.21 56.04 -16.89
N ALA J 152 -73.47 56.36 -17.20
CA ALA J 152 -73.80 56.97 -18.48
C ALA J 152 -74.72 58.20 -18.34
N TRP J 153 -74.36 59.32 -18.96
CA TRP J 153 -75.18 60.52 -18.89
C TRP J 153 -76.09 60.72 -20.10
N LYS J 154 -77.24 61.36 -19.87
CA LYS J 154 -78.25 61.61 -20.89
C LYS J 154 -78.66 63.09 -20.94
N ALA J 155 -78.65 63.65 -22.15
CA ALA J 155 -79.27 64.95 -22.38
C ALA J 155 -80.65 64.70 -22.98
N ASP J 156 -81.69 65.03 -22.22
CA ASP J 156 -83.07 64.68 -22.57
C ASP J 156 -83.21 63.17 -22.69
N GLY J 157 -82.97 62.65 -23.90
CA GLY J 157 -83.01 61.22 -24.13
C GLY J 157 -81.76 60.66 -24.78
N SER J 158 -80.91 61.53 -25.31
CA SER J 158 -79.70 61.11 -26.02
C SER J 158 -78.44 61.32 -25.17
N PRO J 159 -77.46 60.41 -25.32
CA PRO J 159 -76.26 60.44 -24.48
C PRO J 159 -75.35 61.64 -24.76
N VAL J 160 -74.60 62.06 -23.75
CA VAL J 160 -73.55 63.06 -23.95
C VAL J 160 -72.26 62.54 -23.34
N LYS J 161 -71.19 62.52 -24.13
CA LYS J 161 -69.91 62.01 -23.66
C LYS J 161 -68.98 63.14 -23.25
N ALA J 162 -69.28 64.36 -23.72
CA ALA J 162 -68.46 65.53 -23.44
C ALA J 162 -68.74 66.19 -22.09
N GLY J 163 -67.71 66.38 -21.29
CA GLY J 163 -67.84 67.12 -20.04
C GLY J 163 -67.98 66.23 -18.81
N VAL J 164 -67.73 64.94 -19.01
CA VAL J 164 -67.92 63.96 -17.94
C VAL J 164 -66.61 63.60 -17.23
N GLU J 165 -66.65 63.59 -15.90
CA GLU J 165 -65.58 63.07 -15.04
C GLU J 165 -66.15 62.08 -14.02
N THR J 166 -65.64 60.85 -14.02
CA THR J 166 -66.03 59.85 -13.03
C THR J 166 -64.80 59.36 -12.24
N THR J 167 -64.98 59.07 -10.95
CA THR J 167 -63.91 58.48 -10.15
C THR J 167 -63.76 56.97 -10.32
N LYS J 168 -62.61 56.43 -9.89
CA LYS J 168 -62.49 54.99 -9.67
C LYS J 168 -63.35 54.65 -8.45
N PRO J 169 -64.08 53.52 -8.50
CA PRO J 169 -64.86 53.12 -7.32
C PRO J 169 -63.94 52.88 -6.16
N SER J 170 -64.38 53.17 -4.94
CA SER J 170 -63.47 52.96 -3.80
C SER J 170 -64.19 52.40 -2.56
N LYS J 171 -63.62 51.35 -1.97
CA LYS J 171 -64.20 50.71 -0.79
C LYS J 171 -64.41 51.73 0.35
N GLN J 172 -65.66 51.90 0.77
CA GLN J 172 -66.01 52.72 1.93
C GLN J 172 -65.57 52.05 3.22
N SER J 173 -66.00 52.64 4.34
CA SER J 173 -65.64 52.11 5.65
C SER J 173 -66.39 50.82 5.94
N ASN J 174 -67.67 50.78 5.58
CA ASN J 174 -68.49 49.59 5.81
C ASN J 174 -68.29 48.43 4.82
N ASN J 175 -67.10 48.38 4.21
CA ASN J 175 -66.71 47.32 3.29
C ASN J 175 -67.53 47.19 1.99
N LYS J 176 -68.32 48.22 1.69
CA LYS J 176 -68.97 48.33 0.40
C LYS J 176 -68.23 49.35 -0.46
N TYR J 177 -68.72 49.62 -1.66
CA TYR J 177 -68.01 50.53 -2.56
C TYR J 177 -68.79 51.84 -2.85
N ALA J 178 -68.06 52.91 -3.18
CA ALA J 178 -68.70 54.17 -3.56
C ALA J 178 -68.03 54.78 -4.80
N ALA J 179 -68.76 55.67 -5.45
CA ALA J 179 -68.28 56.31 -6.68
C ALA J 179 -68.95 57.67 -6.94
N SER J 180 -68.22 58.60 -7.52
CA SER J 180 -68.78 59.89 -7.84
C SER J 180 -68.68 60.10 -9.35
N SER J 181 -69.68 60.74 -9.94
CA SER J 181 -69.59 61.21 -11.33
C SER J 181 -70.08 62.66 -11.49
N TYR J 182 -69.26 63.52 -12.09
CA TYR J 182 -69.59 64.92 -12.25
C TYR J 182 -69.73 65.31 -13.72
N LEU J 183 -70.84 65.96 -14.08
CA LEU J 183 -71.06 66.48 -15.45
C LEU J 183 -71.01 68.01 -15.47
N SER J 184 -70.00 68.56 -16.14
CA SER J 184 -69.77 70.02 -16.13
C SER J 184 -70.34 70.69 -17.36
N LEU J 185 -71.31 71.59 -17.15
CA LEU J 185 -71.99 72.30 -18.24
C LEU J 185 -71.89 73.83 -18.09
N THR J 186 -72.25 74.56 -19.15
CA THR J 186 -72.52 76.00 -19.03
C THR J 186 -73.95 76.21 -18.52
N PRO J 187 -74.21 77.35 -17.86
CA PRO J 187 -75.60 77.61 -17.47
C PRO J 187 -76.52 77.64 -18.69
N GLU J 188 -75.98 78.10 -19.82
CA GLU J 188 -76.74 78.14 -21.05
C GLU J 188 -77.19 76.73 -21.46
N GLN J 189 -76.26 75.77 -21.44
CA GLN J 189 -76.60 74.37 -21.74
C GLN J 189 -77.58 73.75 -20.75
N TRP J 190 -77.35 73.97 -19.46
CA TRP J 190 -78.21 73.43 -18.41
C TRP J 190 -79.67 73.84 -18.57
N LYS J 191 -79.93 75.15 -18.71
CA LYS J 191 -81.29 75.67 -18.91
C LYS J 191 -81.81 75.33 -20.30
N SER J 192 -80.94 74.78 -21.14
CA SER J 192 -81.27 74.50 -22.54
C SER J 192 -81.98 73.18 -22.80
N HIS J 193 -82.12 72.33 -21.78
CA HIS J 193 -82.73 71.01 -21.98
C HIS J 193 -83.91 70.77 -21.05
N ARG J 194 -84.67 69.73 -21.36
CA ARG J 194 -85.85 69.32 -20.59
C ARG J 194 -85.41 68.67 -19.28
N SER J 195 -84.58 67.64 -19.40
CA SER J 195 -84.04 66.96 -18.22
C SER J 195 -82.69 66.33 -18.53
N TYR J 196 -81.94 66.04 -17.49
CA TYR J 196 -80.69 65.33 -17.59
C TYR J 196 -80.80 64.08 -16.72
N SER J 197 -80.19 62.98 -17.15
CA SER J 197 -80.27 61.71 -16.42
C SER J 197 -78.88 61.11 -16.16
N CYS J 198 -78.68 60.58 -14.94
CA CYS J 198 -77.48 59.83 -14.58
C CYS J 198 -77.90 58.37 -14.49
N GLN J 199 -77.20 57.49 -15.21
CA GLN J 199 -77.61 56.07 -15.30
C GLN J 199 -76.53 55.08 -14.87
N VAL J 200 -76.73 54.49 -13.69
CA VAL J 200 -75.76 53.56 -13.10
C VAL J 200 -76.09 52.11 -13.44
N THR J 201 -75.11 51.41 -14.00
CA THR J 201 -75.28 50.01 -14.36
C THR J 201 -74.34 49.12 -13.55
N HIS J 202 -74.94 48.29 -12.70
CA HIS J 202 -74.21 47.44 -11.76
C HIS J 202 -74.75 46.01 -11.81
N GLU J 203 -73.91 45.05 -12.19
CA GLU J 203 -74.29 43.64 -12.24
C GLU J 203 -75.53 43.39 -13.09
N GLY J 204 -75.53 43.88 -14.33
CA GLY J 204 -76.65 43.67 -15.24
C GLY J 204 -78.01 44.20 -14.78
N SER J 205 -77.98 45.19 -13.89
CA SER J 205 -79.18 45.88 -13.42
C SER J 205 -78.99 47.39 -13.59
N THR J 206 -80.08 48.12 -13.79
CA THR J 206 -79.99 49.54 -14.09
C THR J 206 -80.73 50.42 -13.08
N VAL J 207 -80.05 51.43 -12.56
CA VAL J 207 -80.70 52.46 -11.76
C VAL J 207 -80.53 53.79 -12.51
N GLU J 208 -81.59 54.59 -12.59
CA GLU J 208 -81.52 55.86 -13.28
C GLU J 208 -82.28 56.99 -12.55
N LYS J 209 -81.58 58.08 -12.25
CA LYS J 209 -82.20 59.24 -11.60
C LYS J 209 -82.27 60.42 -12.58
N THR J 210 -83.21 61.33 -12.37
CA THR J 210 -83.43 62.43 -13.31
C THR J 210 -83.58 63.79 -12.63
N VAL J 211 -83.08 64.84 -13.28
CA VAL J 211 -83.29 66.20 -12.80
C VAL J 211 -83.69 67.16 -13.93
N ALA J 212 -84.41 68.23 -13.58
CA ALA J 212 -84.80 69.24 -14.56
C ALA J 212 -84.53 70.61 -14.00
N PRO J 213 -84.19 71.57 -14.88
CA PRO J 213 -83.97 72.99 -14.53
C PRO J 213 -85.09 73.56 -13.63
N THR J 214 -84.92 73.48 -12.31
CA THR J 214 -85.99 73.61 -11.29
C THR J 214 -87.40 73.55 -11.89
N GLU J 215 -87.69 72.41 -12.52
CA GLU J 215 -88.90 72.17 -13.29
C GLU J 215 -89.03 73.17 -14.44
N GLN K 1 24.30 -37.76 -3.94
CA GLN K 1 23.89 -39.07 -3.41
C GLN K 1 23.22 -39.94 -4.48
N VAL K 2 23.36 -39.55 -5.76
CA VAL K 2 22.86 -40.34 -6.90
C VAL K 2 23.96 -40.65 -7.92
N GLN K 3 24.20 -41.93 -8.17
CA GLN K 3 25.33 -42.38 -8.99
C GLN K 3 24.85 -43.16 -10.21
N LEU K 4 25.58 -43.02 -11.31
CA LEU K 4 25.28 -43.79 -12.53
C LEU K 4 26.40 -44.77 -12.88
N VAL K 5 26.00 -45.97 -13.29
CA VAL K 5 26.95 -47.02 -13.65
C VAL K 5 26.47 -47.78 -14.86
N GLU K 6 27.20 -47.70 -15.96
CA GLU K 6 26.78 -48.40 -17.18
C GLU K 6 27.32 -49.82 -17.27
N SER K 7 26.89 -50.55 -18.30
CA SER K 7 27.31 -51.93 -18.50
C SER K 7 28.69 -52.01 -19.16
N GLY K 8 29.20 -53.22 -19.35
CA GLY K 8 30.55 -53.44 -19.84
C GLY K 8 30.74 -53.25 -21.33
N ALA K 9 32.00 -53.26 -21.76
CA ALA K 9 32.36 -53.00 -23.16
C ALA K 9 31.73 -54.02 -24.09
N GLU K 10 31.40 -53.60 -25.30
CA GLU K 10 30.83 -54.51 -26.29
C GLU K 10 31.62 -54.46 -27.57
N VAL K 11 31.70 -55.62 -28.24
CA VAL K 11 32.36 -55.74 -29.54
C VAL K 11 31.37 -56.40 -30.48
N LYS K 12 31.14 -55.75 -31.62
CA LYS K 12 30.06 -56.11 -32.51
C LYS K 12 30.47 -56.10 -33.97
N LYS K 13 29.83 -56.96 -34.76
CA LYS K 13 30.13 -57.03 -36.19
C LYS K 13 29.08 -56.18 -36.90
N PRO K 14 29.44 -55.59 -38.05
CA PRO K 14 28.54 -54.67 -38.74
C PRO K 14 27.21 -55.33 -39.06
N GLY K 15 26.12 -54.61 -38.86
CA GLY K 15 24.79 -55.12 -39.15
C GLY K 15 24.06 -55.64 -37.91
N SER K 16 24.82 -55.97 -36.87
CA SER K 16 24.24 -56.48 -35.64
C SER K 16 23.61 -55.39 -34.78
N SER K 17 22.97 -55.79 -33.68
CA SER K 17 22.43 -54.86 -32.69
C SER K 17 23.25 -54.90 -31.42
N VAL K 18 23.06 -53.89 -30.57
CA VAL K 18 23.73 -53.83 -29.28
C VAL K 18 22.79 -53.11 -28.32
N LYS K 19 22.72 -53.62 -27.10
CA LYS K 19 21.86 -53.01 -26.10
C LYS K 19 22.61 -52.74 -24.79
N VAL K 20 22.91 -51.46 -24.55
CA VAL K 20 23.71 -51.00 -23.41
C VAL K 20 22.76 -50.64 -22.27
N SER K 21 23.17 -50.85 -21.03
CA SER K 21 22.33 -50.50 -19.89
C SER K 21 23.02 -49.51 -18.92
N CYS K 22 22.20 -48.79 -18.16
CA CYS K 22 22.66 -47.78 -17.22
C CYS K 22 21.90 -47.95 -15.91
N LYS K 23 22.62 -48.14 -14.80
CA LYS K 23 21.96 -48.41 -13.52
C LYS K 23 22.18 -47.28 -12.51
N ALA K 24 21.09 -46.89 -11.84
CA ALA K 24 21.12 -45.74 -10.94
C ALA K 24 20.96 -46.11 -9.47
N SER K 25 21.87 -45.63 -8.62
CA SER K 25 21.68 -45.73 -7.16
C SER K 25 20.80 -44.56 -6.72
N GLY K 26 20.60 -44.44 -5.40
CA GLY K 26 19.60 -43.53 -4.91
C GLY K 26 18.28 -43.99 -5.52
N GLY K 27 17.57 -43.08 -6.18
CA GLY K 27 16.36 -43.44 -6.92
C GLY K 27 15.33 -44.20 -6.12
N PRO K 28 15.00 -45.45 -6.53
CA PRO K 28 15.43 -46.06 -7.79
C PRO K 28 14.45 -45.73 -8.92
N PHE K 29 13.16 -45.64 -8.58
CA PHE K 29 12.17 -45.08 -9.48
C PHE K 29 12.53 -43.62 -9.68
N ARG K 30 12.52 -43.17 -10.92
CA ARG K 30 13.10 -41.90 -11.28
C ARG K 30 12.10 -40.75 -11.15
N SER K 31 12.64 -39.54 -11.00
CA SER K 31 11.88 -38.31 -11.07
C SER K 31 12.76 -37.33 -11.82
N TYR K 32 13.67 -37.88 -12.64
CA TYR K 32 14.59 -37.11 -13.47
C TYR K 32 14.74 -37.75 -14.84
N ALA K 33 14.99 -36.96 -15.86
CA ALA K 33 15.17 -37.51 -17.19
C ALA K 33 16.56 -38.12 -17.28
N ILE K 34 16.73 -39.08 -18.20
CA ILE K 34 18.03 -39.69 -18.44
C ILE K 34 18.30 -39.74 -19.94
N SER K 35 19.53 -39.37 -20.33
CA SER K 35 19.93 -39.27 -21.74
C SER K 35 21.10 -40.22 -22.11
N TRP K 36 21.27 -40.47 -23.41
CA TRP K 36 22.45 -41.18 -23.86
C TRP K 36 23.27 -40.28 -24.80
N VAL K 37 24.56 -40.19 -24.54
CA VAL K 37 25.44 -39.34 -25.31
C VAL K 37 26.68 -40.12 -25.73
N ARG K 38 26.96 -40.14 -27.03
CA ARG K 38 28.15 -40.85 -27.49
C ARG K 38 29.28 -39.87 -27.86
N GLN K 39 30.51 -40.37 -27.89
CA GLN K 39 31.64 -39.56 -28.34
C GLN K 39 32.57 -40.41 -29.16
N ALA K 40 32.57 -40.19 -30.48
CA ALA K 40 33.48 -40.90 -31.36
C ALA K 40 34.90 -40.42 -31.01
N PRO K 41 35.91 -41.27 -31.25
CA PRO K 41 37.27 -40.89 -30.84
C PRO K 41 37.75 -39.62 -31.55
N GLY K 42 38.23 -38.65 -30.78
CA GLY K 42 38.58 -37.35 -31.32
C GLY K 42 37.37 -36.65 -31.96
N GLN K 43 36.31 -36.51 -31.18
CA GLN K 43 35.10 -35.85 -31.63
C GLN K 43 34.40 -35.12 -30.47
N GLY K 44 33.56 -34.15 -30.79
CA GLY K 44 32.68 -33.57 -29.81
C GLY K 44 31.63 -34.60 -29.45
N PRO K 45 31.09 -34.52 -28.23
CA PRO K 45 29.97 -35.38 -27.86
C PRO K 45 28.76 -35.22 -28.81
N GLU K 46 27.88 -36.20 -28.81
CA GLU K 46 26.74 -36.23 -29.71
C GLU K 46 25.57 -36.78 -28.92
N TRP K 47 24.48 -36.03 -28.84
CA TRP K 47 23.32 -36.53 -28.13
C TRP K 47 22.64 -37.56 -29.01
N MET K 48 22.26 -38.67 -28.40
CA MET K 48 21.44 -39.68 -29.09
C MET K 48 19.93 -39.63 -28.81
N GLY K 49 19.57 -39.58 -27.52
CA GLY K 49 18.19 -39.48 -27.09
C GLY K 49 18.07 -39.58 -25.59
N GLY K 50 16.84 -39.45 -25.09
CA GLY K 50 16.61 -39.52 -23.66
C GLY K 50 15.16 -39.82 -23.32
N ILE K 51 14.90 -40.14 -22.06
CA ILE K 51 13.59 -40.63 -21.67
C ILE K 51 13.11 -39.93 -20.42
N ILE K 52 11.88 -39.42 -20.47
CA ILE K 52 11.25 -38.67 -19.37
C ILE K 52 10.65 -39.64 -18.36
N PRO K 53 10.77 -39.34 -17.06
CA PRO K 53 10.25 -40.24 -16.00
C PRO K 53 8.75 -40.19 -15.92
N ILE K 54 8.16 -41.12 -15.19
CA ILE K 54 6.71 -41.35 -15.15
C ILE K 54 6.10 -41.59 -16.54
N PHE K 55 5.89 -40.52 -17.30
CA PHE K 55 5.19 -40.57 -18.59
C PHE K 55 5.88 -41.41 -19.67
N GLY K 56 7.16 -41.71 -19.46
CA GLY K 56 7.90 -42.62 -20.33
C GLY K 56 8.10 -42.17 -21.76
N THR K 57 7.74 -40.92 -22.06
CA THR K 57 7.86 -40.45 -23.45
C THR K 57 9.32 -40.36 -23.85
N THR K 58 9.60 -40.59 -25.12
CA THR K 58 10.97 -40.58 -25.58
C THR K 58 11.25 -39.52 -26.63
N LYS K 59 12.46 -38.96 -26.58
CA LYS K 59 12.93 -38.05 -27.62
C LYS K 59 14.28 -38.47 -28.19
N TYR K 60 14.38 -38.54 -29.51
CA TYR K 60 15.60 -39.03 -30.16
C TYR K 60 16.17 -37.91 -31.05
N ALA K 61 17.49 -37.85 -31.16
CA ALA K 61 18.15 -36.93 -32.09
C ALA K 61 17.77 -37.27 -33.52
N PRO K 62 17.79 -36.28 -34.43
CA PRO K 62 17.32 -36.50 -35.80
C PRO K 62 18.16 -37.54 -36.50
N LYS K 63 19.47 -37.45 -36.30
CA LYS K 63 20.42 -38.35 -36.93
C LYS K 63 20.16 -39.84 -36.58
N PHE K 64 19.75 -40.15 -35.36
CA PHE K 64 19.61 -41.54 -34.93
C PHE K 64 18.18 -42.03 -34.97
N GLN K 65 17.28 -41.14 -35.34
CA GLN K 65 15.87 -41.47 -35.38
C GLN K 65 15.52 -42.70 -36.22
N GLY K 66 14.83 -43.65 -35.59
CA GLY K 66 14.46 -44.87 -36.26
C GLY K 66 15.42 -46.03 -36.14
N ARG K 67 16.68 -45.81 -35.75
CA ARG K 67 17.53 -46.96 -35.43
C ARG K 67 18.10 -46.96 -34.02
N VAL K 68 17.63 -46.05 -33.20
CA VAL K 68 17.90 -46.07 -31.75
C VAL K 68 16.59 -46.23 -30.95
N THR K 69 16.63 -47.03 -29.89
CA THR K 69 15.45 -47.26 -29.06
C THR K 69 15.86 -47.17 -27.60
N ILE K 70 15.20 -46.29 -26.84
CA ILE K 70 15.51 -46.06 -25.43
C ILE K 70 14.34 -46.48 -24.54
N THR K 71 14.63 -47.27 -23.50
CA THR K 71 13.61 -47.90 -22.67
C THR K 71 14.01 -47.92 -21.20
N ALA K 72 13.05 -48.12 -20.32
CA ALA K 72 13.32 -48.12 -18.88
C ALA K 72 12.50 -49.16 -18.12
N ASP K 73 13.19 -49.90 -17.28
CA ASP K 73 12.54 -50.81 -16.34
C ASP K 73 12.59 -50.13 -14.98
N ASP K 74 11.47 -49.54 -14.56
CA ASP K 74 11.41 -48.71 -13.35
C ASP K 74 11.61 -49.45 -12.04
N PHE K 75 11.29 -50.74 -12.03
CA PHE K 75 11.33 -51.56 -10.83
C PHE K 75 12.74 -51.99 -10.50
N ALA K 76 13.67 -51.63 -11.37
CA ALA K 76 15.07 -51.97 -11.17
C ALA K 76 15.96 -50.74 -11.24
N GLY K 77 15.33 -49.59 -11.48
CA GLY K 77 16.06 -48.35 -11.72
C GLY K 77 17.12 -48.48 -12.80
N THR K 78 16.71 -48.94 -13.99
CA THR K 78 17.64 -49.20 -15.09
C THR K 78 17.06 -48.70 -16.41
N VAL K 79 17.87 -47.98 -17.20
CA VAL K 79 17.46 -47.57 -18.56
C VAL K 79 18.36 -48.21 -19.60
N TYR K 80 17.79 -48.50 -20.76
CA TYR K 80 18.51 -49.18 -21.82
C TYR K 80 18.57 -48.32 -23.05
N MET K 81 19.61 -48.51 -23.85
CA MET K 81 19.70 -47.87 -25.15
C MET K 81 20.04 -48.97 -26.17
N GLU K 82 19.29 -49.04 -27.25
CA GLU K 82 19.52 -50.10 -28.23
C GLU K 82 19.74 -49.53 -29.62
N LEU K 83 20.87 -49.81 -30.22
CA LEU K 83 21.24 -49.24 -31.50
C LEU K 83 21.39 -50.38 -32.50
N SER K 84 20.73 -50.24 -33.65
CA SER K 84 20.57 -51.39 -34.56
C SER K 84 21.15 -51.04 -35.90
N SER K 85 21.45 -52.07 -36.72
CA SER K 85 22.17 -51.92 -37.99
C SER K 85 23.49 -51.15 -37.83
N LEU K 86 24.37 -51.66 -36.98
CA LEU K 86 25.61 -51.00 -36.64
C LEU K 86 26.53 -50.85 -37.85
N ARG K 87 27.21 -49.70 -37.94
CA ARG K 87 28.29 -49.50 -38.91
C ARG K 87 29.59 -49.20 -38.18
N SER K 88 30.70 -49.14 -38.91
CA SER K 88 31.99 -48.87 -38.27
C SER K 88 32.04 -47.49 -37.61
N GLU K 89 31.26 -46.55 -38.15
CA GLU K 89 31.16 -45.17 -37.65
C GLU K 89 30.48 -45.06 -36.28
N ASP K 90 29.82 -46.14 -35.88
CA ASP K 90 29.12 -46.16 -34.59
C ASP K 90 30.08 -46.51 -33.45
N THR K 91 31.36 -46.67 -33.78
CA THR K 91 32.36 -46.97 -32.77
C THR K 91 32.60 -45.73 -31.95
N ALA K 92 32.27 -45.79 -30.67
CA ALA K 92 32.40 -44.64 -29.81
C ALA K 92 32.37 -44.97 -28.33
N MET K 93 32.56 -43.95 -27.49
CA MET K 93 32.29 -44.04 -26.08
C MET K 93 30.82 -43.68 -25.81
N TYR K 94 30.13 -44.48 -25.00
CA TYR K 94 28.70 -44.30 -24.75
C TYR K 94 28.37 -43.96 -23.29
N TYR K 95 27.99 -42.71 -23.03
CA TYR K 95 27.65 -42.28 -21.66
C TYR K 95 26.14 -42.23 -21.43
N CYS K 96 25.72 -42.62 -20.22
CA CYS K 96 24.40 -42.17 -19.76
C CYS K 96 24.55 -40.93 -18.84
N ALA K 97 23.56 -40.07 -18.83
CA ALA K 97 23.66 -38.90 -17.99
C ALA K 97 22.27 -38.49 -17.56
N LYS K 98 22.14 -38.08 -16.29
CA LYS K 98 20.86 -37.65 -15.79
C LYS K 98 20.75 -36.14 -15.85
N HIS K 99 19.52 -35.67 -15.95
CA HIS K 99 19.24 -34.25 -16.08
C HIS K 99 18.88 -33.68 -14.71
N MET K 100 19.16 -32.39 -14.52
CA MET K 100 18.83 -31.74 -13.25
C MET K 100 17.34 -31.35 -13.22
N GLY K 101 16.49 -32.35 -13.39
CA GLY K 101 15.06 -32.14 -13.52
C GLY K 101 14.46 -33.22 -14.41
N TYR K 102 13.27 -32.97 -14.93
CA TYR K 102 12.52 -34.02 -15.61
C TYR K 102 12.53 -33.89 -17.12
N GLN K 103 13.17 -32.82 -17.61
CA GLN K 103 13.14 -32.52 -19.03
C GLN K 103 14.51 -32.75 -19.63
N VAL K 104 14.55 -33.21 -20.86
CA VAL K 104 15.83 -33.37 -21.53
C VAL K 104 16.36 -32.02 -22.02
N ARG K 105 15.56 -30.94 -21.91
CA ARG K 105 15.94 -29.54 -22.27
C ARG K 105 16.86 -28.92 -21.20
N GLU K 106 17.28 -29.72 -20.23
CA GLU K 106 17.96 -29.23 -19.03
C GLU K 106 19.37 -29.78 -18.85
N THR K 107 20.18 -29.08 -18.05
CA THR K 107 21.59 -29.40 -17.85
C THR K 107 21.79 -30.82 -17.32
N MET K 108 22.79 -31.51 -17.87
CA MET K 108 23.11 -32.88 -17.47
C MET K 108 24.14 -32.80 -16.39
N ASP K 109 23.71 -33.02 -15.15
CA ASP K 109 24.54 -32.73 -13.97
C ASP K 109 25.38 -33.90 -13.45
N VAL K 110 24.92 -35.12 -13.69
CA VAL K 110 25.66 -36.31 -13.28
C VAL K 110 25.85 -37.26 -14.44
N TRP K 111 27.10 -37.66 -14.67
CA TRP K 111 27.44 -38.55 -15.78
C TRP K 111 28.07 -39.85 -15.29
N GLY K 112 27.81 -40.94 -16.01
CA GLY K 112 28.47 -42.20 -15.70
C GLY K 112 29.86 -42.22 -16.28
N LYS K 113 30.70 -43.16 -15.83
CA LYS K 113 32.10 -43.22 -16.26
C LYS K 113 32.27 -43.46 -17.76
N GLY K 114 31.30 -44.16 -18.34
CA GLY K 114 31.29 -44.39 -19.77
C GLY K 114 31.48 -45.85 -20.12
N THR K 115 31.09 -46.24 -21.34
CA THR K 115 31.35 -47.59 -21.81
C THR K 115 31.57 -47.61 -23.33
N THR K 116 32.48 -48.46 -23.79
CA THR K 116 32.83 -48.49 -25.21
C THR K 116 32.10 -49.57 -25.98
N VAL K 117 31.56 -49.22 -27.14
CA VAL K 117 31.21 -50.24 -28.10
C VAL K 117 32.03 -50.04 -29.35
N THR K 118 32.54 -51.16 -29.85
CA THR K 118 33.49 -51.18 -30.94
C THR K 118 32.80 -51.91 -32.06
N VAL K 119 32.71 -51.29 -33.24
CA VAL K 119 32.17 -52.00 -34.39
C VAL K 119 33.25 -52.26 -35.39
N SER K 120 33.57 -53.55 -35.54
CA SER K 120 34.62 -53.94 -36.43
C SER K 120 34.10 -55.02 -37.26
N SER K 121 34.31 -54.68 -38.49
CA SER K 121 34.26 -55.71 -39.44
C SER K 121 35.18 -56.84 -38.95
N ALA K 122 36.16 -56.54 -38.08
CA ALA K 122 37.08 -57.55 -37.54
C ALA K 122 36.47 -58.64 -36.66
N SER K 123 37.18 -59.75 -36.56
CA SER K 123 36.88 -60.83 -35.61
C SER K 123 37.91 -60.83 -34.51
N THR K 124 37.68 -61.63 -33.47
CA THR K 124 38.52 -61.54 -32.27
C THR K 124 39.77 -62.37 -32.37
N LYS K 125 40.94 -61.72 -32.36
CA LYS K 125 42.25 -62.39 -32.50
C LYS K 125 43.21 -62.05 -31.37
N GLY K 126 43.85 -63.09 -30.83
CA GLY K 126 44.91 -62.92 -29.87
C GLY K 126 46.16 -62.36 -30.52
N PRO K 127 47.08 -61.79 -29.72
CA PRO K 127 48.25 -61.12 -30.31
C PRO K 127 49.45 -62.04 -30.39
N SER K 128 50.43 -61.64 -31.18
CA SER K 128 51.74 -62.26 -31.12
C SER K 128 52.61 -61.31 -30.29
N VAL K 129 53.51 -61.88 -29.48
CA VAL K 129 54.42 -61.06 -28.69
C VAL K 129 55.87 -61.23 -29.15
N PHE K 130 56.50 -60.13 -29.53
CA PHE K 130 57.88 -60.14 -29.96
C PHE K 130 58.74 -59.28 -29.04
N PRO K 131 59.97 -59.74 -28.75
CA PRO K 131 60.91 -58.98 -27.92
C PRO K 131 61.56 -57.80 -28.64
N LEU K 132 61.63 -56.66 -27.97
CA LEU K 132 62.43 -55.55 -28.47
C LEU K 132 63.77 -55.45 -27.71
N ALA K 133 64.76 -56.16 -28.23
CA ALA K 133 66.01 -56.41 -27.51
C ALA K 133 66.88 -55.16 -27.34
N PRO K 134 67.51 -55.00 -26.14
CA PRO K 134 68.31 -53.82 -25.74
C PRO K 134 69.35 -53.35 -26.76
N SER K 135 70.55 -53.92 -26.69
CA SER K 135 71.67 -53.57 -27.56
C SER K 135 72.24 -52.15 -27.40
N SER K 136 73.50 -51.99 -27.77
CA SER K 136 74.15 -50.68 -27.79
C SER K 136 73.28 -49.54 -28.36
N LYS K 137 72.48 -49.84 -29.39
CA LYS K 137 71.70 -48.80 -30.10
C LYS K 137 70.53 -48.15 -29.31
N SER K 138 70.21 -48.71 -28.15
CA SER K 138 69.15 -48.17 -27.30
C SER K 138 69.71 -47.76 -25.95
N THR K 139 71.04 -47.86 -25.86
CA THR K 139 71.77 -47.47 -24.67
C THR K 139 72.15 -46.02 -24.84
N SER K 140 71.93 -45.24 -23.79
CA SER K 140 72.38 -43.85 -23.79
C SER K 140 73.13 -43.51 -22.50
N GLY K 141 73.90 -44.48 -21.99
CA GLY K 141 74.70 -44.31 -20.79
C GLY K 141 73.91 -44.25 -19.50
N GLY K 142 74.22 -45.11 -18.55
CA GLY K 142 73.55 -45.11 -17.26
C GLY K 142 72.22 -45.83 -17.33
N THR K 143 71.54 -45.71 -18.47
CA THR K 143 70.23 -46.30 -18.70
C THR K 143 70.16 -46.89 -20.10
N ALA K 144 69.22 -47.82 -20.30
CA ALA K 144 68.98 -48.42 -21.61
C ALA K 144 67.52 -48.74 -21.75
N ALA K 145 67.13 -49.20 -22.91
CA ALA K 145 65.71 -49.44 -23.12
C ALA K 145 65.47 -50.83 -23.71
N LEU K 146 64.43 -51.51 -23.24
CA LEU K 146 64.03 -52.81 -23.80
C LEU K 146 62.54 -52.90 -23.70
N GLY K 147 61.93 -53.79 -24.48
CA GLY K 147 60.49 -53.82 -24.50
C GLY K 147 59.83 -55.03 -25.13
N CYS K 148 58.55 -54.87 -25.45
CA CYS K 148 57.71 -55.92 -26.04
C CYS K 148 56.78 -55.37 -27.12
N LEU K 149 56.75 -56.00 -28.28
CA LEU K 149 55.81 -55.61 -29.33
C LEU K 149 54.59 -56.55 -29.32
N VAL K 150 53.42 -56.01 -29.01
CA VAL K 150 52.20 -56.82 -28.97
C VAL K 150 51.44 -56.59 -30.28
N LYS K 151 51.51 -57.56 -31.18
CA LYS K 151 51.17 -57.33 -32.59
C LYS K 151 49.85 -57.98 -33.00
N ASP K 152 49.05 -57.25 -33.79
CA ASP K 152 47.86 -57.81 -34.44
C ASP K 152 46.81 -58.45 -33.50
N TYR K 153 46.24 -57.66 -32.59
CA TYR K 153 45.17 -58.20 -31.75
C TYR K 153 43.86 -57.47 -31.92
N PHE K 154 42.79 -58.14 -31.56
CA PHE K 154 41.47 -57.52 -31.53
C PHE K 154 40.58 -58.19 -30.50
N PRO K 155 39.83 -57.40 -29.71
CA PRO K 155 39.86 -55.93 -29.67
C PRO K 155 40.66 -55.43 -28.48
N GLU K 156 40.68 -54.12 -28.24
CA GLU K 156 41.26 -53.59 -27.01
C GLU K 156 40.43 -54.20 -25.85
N PRO K 157 41.00 -54.24 -24.63
CA PRO K 157 42.31 -53.72 -24.26
C PRO K 157 43.30 -54.86 -24.05
N VAL K 158 44.56 -54.53 -23.83
CA VAL K 158 45.55 -55.52 -23.45
C VAL K 158 46.30 -55.05 -22.18
N THR K 159 46.79 -56.00 -21.39
CA THR K 159 47.46 -55.71 -20.13
C THR K 159 48.91 -56.15 -20.17
N VAL K 160 49.84 -55.21 -20.01
CA VAL K 160 51.25 -55.57 -19.96
C VAL K 160 51.87 -55.18 -18.63
N SER K 161 52.37 -56.17 -17.90
CA SER K 161 53.17 -55.92 -16.70
C SER K 161 54.57 -56.55 -16.83
N TRP K 162 55.46 -56.26 -15.87
CA TRP K 162 56.82 -56.74 -15.96
C TRP K 162 57.24 -57.58 -14.75
N ASN K 163 57.98 -58.67 -15.02
CA ASN K 163 58.40 -59.63 -14.00
C ASN K 163 57.29 -59.99 -13.05
N SER K 164 56.13 -60.32 -13.65
CA SER K 164 54.92 -60.72 -12.93
C SER K 164 54.41 -59.66 -11.95
N GLY K 165 54.83 -58.41 -12.11
CA GLY K 165 54.32 -57.33 -11.29
C GLY K 165 55.39 -56.61 -10.47
N ALA K 166 56.58 -57.17 -10.42
CA ALA K 166 57.62 -56.59 -9.59
C ALA K 166 58.16 -55.24 -10.15
N LEU K 167 58.59 -55.23 -11.42
CA LEU K 167 59.06 -54.01 -12.09
C LEU K 167 57.91 -53.05 -12.36
N THR K 168 58.01 -51.85 -11.80
CA THR K 168 57.02 -50.82 -12.12
C THR K 168 57.66 -49.47 -12.36
N SER K 169 58.50 -49.03 -11.44
CA SER K 169 59.21 -47.77 -11.62
C SER K 169 60.10 -47.89 -12.86
N GLY K 170 59.91 -46.98 -13.81
CA GLY K 170 60.65 -47.00 -15.06
C GLY K 170 60.03 -47.86 -16.14
N VAL K 171 58.70 -47.90 -16.18
CA VAL K 171 57.96 -48.70 -17.16
C VAL K 171 56.93 -47.86 -17.91
N HIS K 172 57.06 -47.81 -19.23
CA HIS K 172 56.10 -47.09 -20.06
C HIS K 172 55.44 -48.00 -21.09
N THR K 173 54.11 -48.02 -21.08
CA THR K 173 53.35 -48.81 -22.05
C THR K 173 52.61 -47.85 -22.97
N PHE K 174 53.07 -47.73 -24.21
CA PHE K 174 52.53 -46.76 -25.17
C PHE K 174 51.12 -47.13 -25.56
N PRO K 175 50.31 -46.11 -25.90
CA PRO K 175 48.96 -46.33 -26.44
C PRO K 175 49.04 -47.07 -27.77
N ALA K 176 48.02 -47.87 -28.07
CA ALA K 176 48.01 -48.67 -29.30
C ALA K 176 47.95 -47.83 -30.56
N VAL K 177 48.11 -48.50 -31.69
CA VAL K 177 47.96 -47.91 -33.01
C VAL K 177 46.93 -48.78 -33.68
N LEU K 178 46.14 -48.20 -34.56
CA LEU K 178 45.13 -48.98 -35.25
C LEU K 178 45.49 -49.09 -36.71
N GLN K 179 45.83 -50.30 -37.14
CA GLN K 179 46.30 -50.51 -38.51
C GLN K 179 45.13 -50.52 -39.47
N SER K 180 45.43 -50.54 -40.77
CA SER K 180 44.40 -50.50 -41.80
C SER K 180 43.77 -51.87 -41.99
N SER K 181 44.35 -52.87 -41.35
CA SER K 181 43.74 -54.19 -41.29
C SER K 181 42.64 -54.28 -40.22
N GLY K 182 42.49 -53.21 -39.45
CA GLY K 182 41.56 -53.21 -38.34
C GLY K 182 42.02 -54.12 -37.22
N LEU K 183 43.33 -54.18 -37.03
CA LEU K 183 43.91 -54.87 -35.88
C LEU K 183 44.76 -53.87 -35.09
N TYR K 184 44.95 -54.15 -33.81
CA TYR K 184 45.69 -53.23 -32.97
C TYR K 184 47.12 -53.75 -32.75
N SER K 185 48.04 -52.84 -32.45
CA SER K 185 49.36 -53.23 -32.01
C SER K 185 49.87 -52.19 -31.03
N LEU K 186 50.54 -52.63 -29.97
CA LEU K 186 51.17 -51.69 -29.05
C LEU K 186 52.60 -52.07 -28.66
N SER K 187 53.30 -51.16 -27.99
CA SER K 187 54.58 -51.50 -27.41
C SER K 187 54.68 -51.14 -25.94
N SER K 188 55.47 -51.88 -25.19
CA SER K 188 55.71 -51.56 -23.79
C SER K 188 57.23 -51.54 -23.52
N VAL K 189 57.76 -50.42 -23.01
CA VAL K 189 59.20 -50.27 -22.74
C VAL K 189 59.52 -50.07 -21.27
N VAL K 190 60.62 -50.68 -20.83
CA VAL K 190 61.10 -50.48 -19.48
C VAL K 190 62.51 -49.94 -19.58
N THR K 191 62.75 -48.81 -18.91
CA THR K 191 64.08 -48.20 -18.82
C THR K 191 64.88 -48.73 -17.61
N VAL K 192 66.06 -49.30 -17.86
CA VAL K 192 66.89 -49.89 -16.80
C VAL K 192 68.39 -49.57 -17.00
N PRO K 193 69.19 -49.71 -15.93
CA PRO K 193 70.66 -49.52 -16.02
C PRO K 193 71.41 -50.46 -16.99
N SER K 194 72.50 -49.94 -17.56
CA SER K 194 73.37 -50.72 -18.45
C SER K 194 74.01 -51.91 -17.78
N SER K 195 74.52 -51.69 -16.57
CA SER K 195 75.18 -52.74 -15.80
C SER K 195 74.38 -54.04 -15.60
N SER K 196 73.15 -53.92 -15.11
CA SER K 196 72.32 -55.09 -14.80
C SER K 196 72.04 -55.97 -16.03
N LEU K 197 71.98 -55.33 -17.21
CA LEU K 197 71.58 -55.95 -18.48
C LEU K 197 71.83 -57.45 -18.71
N GLY K 198 73.06 -57.90 -18.50
CA GLY K 198 73.41 -59.29 -18.72
C GLY K 198 73.07 -60.16 -17.53
N THR K 199 73.38 -59.64 -16.34
CA THR K 199 73.07 -60.32 -15.10
C THR K 199 71.55 -60.42 -14.86
N GLN K 200 70.84 -59.37 -15.23
CA GLN K 200 69.42 -59.24 -14.91
C GLN K 200 68.47 -59.84 -15.94
N THR K 201 67.44 -60.53 -15.44
CA THR K 201 66.45 -61.20 -16.28
C THR K 201 65.10 -60.46 -16.30
N TYR K 202 64.64 -60.07 -17.49
CA TYR K 202 63.41 -59.27 -17.65
C TYR K 202 62.34 -60.00 -18.46
N ILE K 203 61.13 -60.10 -17.91
CA ILE K 203 60.04 -60.82 -18.56
C ILE K 203 58.79 -59.97 -18.62
N CYS K 204 58.20 -59.84 -19.81
CA CYS K 204 56.92 -59.14 -19.91
C CYS K 204 55.70 -60.07 -19.94
N ASN K 205 54.66 -59.64 -19.24
CA ASN K 205 53.45 -60.45 -19.06
C ASN K 205 52.26 -59.82 -19.76
N VAL K 206 52.00 -60.28 -20.98
CA VAL K 206 50.90 -59.74 -21.80
C VAL K 206 49.59 -60.54 -21.59
N ASN K 207 48.49 -59.82 -21.43
CA ASN K 207 47.20 -60.44 -21.14
C ASN K 207 46.10 -59.82 -22.01
N HIS K 208 45.46 -60.63 -22.85
CA HIS K 208 44.39 -60.16 -23.71
C HIS K 208 43.11 -60.92 -23.38
N LYS K 209 42.40 -60.49 -22.33
CA LYS K 209 41.21 -61.20 -21.84
C LYS K 209 40.12 -61.54 -22.87
N PRO K 210 39.83 -60.63 -23.84
CA PRO K 210 38.87 -60.97 -24.90
C PRO K 210 39.10 -62.28 -25.69
N SER K 211 40.34 -62.64 -26.02
CA SER K 211 40.61 -63.90 -26.74
C SER K 211 41.17 -64.95 -25.81
N ASN K 212 41.09 -64.67 -24.49
CA ASN K 212 41.62 -65.55 -23.45
C ASN K 212 43.04 -66.08 -23.70
N THR K 213 43.96 -65.16 -23.99
CA THR K 213 45.37 -65.54 -24.14
C THR K 213 46.25 -64.73 -23.17
N LYS K 214 47.12 -65.42 -22.44
CA LYS K 214 48.17 -64.78 -21.67
C LYS K 214 49.51 -65.20 -22.26
N VAL K 215 50.29 -64.23 -22.71
CA VAL K 215 51.63 -64.57 -23.19
C VAL K 215 52.68 -64.05 -22.20
N ASP K 216 53.68 -64.87 -21.86
CA ASP K 216 54.86 -64.41 -21.10
C ASP K 216 56.09 -64.53 -21.99
N LYS K 217 56.85 -63.44 -22.12
CA LYS K 217 58.00 -63.45 -23.05
C LYS K 217 59.23 -62.83 -22.41
N ARG K 218 60.35 -63.56 -22.35
CA ARG K 218 61.61 -62.99 -21.89
C ARG K 218 62.21 -62.12 -22.98
N VAL K 219 62.91 -61.07 -22.56
CA VAL K 219 63.59 -60.16 -23.45
C VAL K 219 65.07 -60.11 -23.13
N GLU K 220 65.90 -60.56 -24.07
CA GLU K 220 67.34 -60.71 -23.85
C GLU K 220 68.11 -60.12 -25.03
N PRO K 221 69.31 -59.61 -24.78
CA PRO K 221 70.20 -59.13 -25.85
C PRO K 221 70.62 -60.24 -26.82
N VAL L 3 25.69 -28.10 -34.34
CA VAL L 3 26.46 -27.05 -35.01
C VAL L 3 26.77 -25.82 -34.11
N LEU L 4 27.52 -26.09 -33.04
CA LEU L 4 28.00 -25.04 -32.14
C LEU L 4 29.52 -24.90 -32.33
N THR L 5 29.98 -23.68 -32.53
CA THR L 5 31.38 -23.43 -32.91
C THR L 5 32.29 -22.93 -31.78
N GLN L 6 33.31 -23.72 -31.44
CA GLN L 6 34.34 -23.29 -30.50
C GLN L 6 35.68 -23.29 -31.22
N PRO L 7 36.59 -22.40 -30.78
CA PRO L 7 37.97 -22.43 -31.26
C PRO L 7 38.58 -23.76 -30.88
N PRO L 8 39.46 -24.32 -31.74
CA PRO L 8 39.93 -25.68 -31.45
C PRO L 8 40.86 -25.78 -30.24
N SER L 9 41.59 -24.70 -29.93
CA SER L 9 42.51 -24.72 -28.79
C SER L 9 42.81 -23.34 -28.19
N VAL L 10 43.23 -23.33 -26.93
CA VAL L 10 43.54 -22.12 -26.19
C VAL L 10 44.68 -22.40 -25.18
N SER L 11 45.60 -21.44 -25.04
CA SER L 11 46.78 -21.61 -24.19
C SER L 11 47.12 -20.39 -23.34
N ALA L 12 47.56 -20.64 -22.11
CA ALA L 12 48.05 -19.58 -21.21
C ALA L 12 48.91 -20.14 -20.07
N ALA L 13 49.66 -19.25 -19.43
CA ALA L 13 50.57 -19.62 -18.35
C ALA L 13 49.85 -19.79 -17.02
N PRO L 14 50.41 -20.60 -16.09
CA PRO L 14 49.81 -20.81 -14.77
C PRO L 14 49.62 -19.50 -14.02
N GLY L 15 48.43 -19.29 -13.48
CA GLY L 15 48.14 -18.09 -12.70
C GLY L 15 47.34 -17.06 -13.45
N GLN L 16 47.35 -17.14 -14.78
CA GLN L 16 46.61 -16.18 -15.60
C GLN L 16 45.16 -16.55 -15.87
N LYS L 17 44.46 -15.67 -16.59
CA LYS L 17 43.08 -15.90 -16.99
C LYS L 17 42.97 -16.32 -18.47
N VAL L 18 41.99 -17.17 -18.76
CA VAL L 18 41.61 -17.52 -20.13
C VAL L 18 40.12 -17.33 -20.39
N THR L 19 39.74 -17.29 -21.66
CA THR L 19 38.34 -17.37 -22.04
C THR L 19 38.14 -18.30 -23.24
N ILE L 20 37.06 -19.07 -23.19
CA ILE L 20 36.68 -19.97 -24.26
C ILE L 20 35.29 -19.59 -24.77
N SER L 21 35.20 -19.21 -26.04
CA SER L 21 33.92 -18.80 -26.61
C SER L 21 33.24 -19.91 -27.39
N CYS L 22 31.92 -19.76 -27.51
CA CYS L 22 31.08 -20.76 -28.14
C CYS L 22 29.98 -20.00 -28.90
N SER L 23 29.92 -20.17 -30.21
CA SER L 23 28.99 -19.41 -31.03
C SER L 23 27.96 -20.28 -31.75
N GLY L 24 26.74 -19.78 -31.85
CA GLY L 24 25.69 -20.52 -32.50
C GLY L 24 24.65 -19.63 -33.13
N SER L 25 23.41 -20.11 -33.20
CA SER L 25 22.31 -19.34 -33.78
C SER L 25 21.26 -18.98 -32.73
N SER L 26 20.18 -18.34 -33.17
CA SER L 26 19.08 -18.00 -32.27
C SER L 26 18.19 -19.19 -31.88
N SER L 27 18.09 -20.20 -32.74
CA SER L 27 17.33 -21.40 -32.37
C SER L 27 18.00 -22.24 -31.26
N ASN L 28 19.31 -22.10 -31.10
CA ASN L 28 19.98 -22.71 -29.94
C ASN L 28 20.44 -21.75 -28.80
N ILE L 29 21.68 -21.26 -28.85
CA ILE L 29 22.20 -20.40 -27.77
C ILE L 29 21.34 -19.13 -27.51
N GLY L 30 20.84 -18.51 -28.57
CA GLY L 30 20.02 -17.34 -28.44
C GLY L 30 18.80 -17.51 -27.54
N ASN L 31 18.08 -18.61 -27.73
CA ASN L 31 16.82 -18.83 -27.04
C ASN L 31 16.87 -19.86 -25.94
N ASN L 32 18.05 -20.35 -25.58
CA ASN L 32 18.11 -21.32 -24.51
C ASN L 32 19.24 -21.06 -23.51
N TYR L 33 19.40 -21.96 -22.54
CA TYR L 33 20.46 -21.83 -21.55
C TYR L 33 21.72 -22.66 -21.87
N VAL L 34 22.90 -22.06 -21.67
CA VAL L 34 24.16 -22.72 -22.00
C VAL L 34 24.88 -23.40 -20.80
N SER L 35 25.31 -24.63 -20.96
CA SER L 35 26.11 -25.29 -19.94
C SER L 35 27.57 -25.39 -20.39
N TRP L 36 28.48 -25.59 -19.45
CA TRP L 36 29.86 -25.93 -19.83
C TRP L 36 30.26 -27.25 -19.18
N TYR L 37 30.86 -28.13 -19.96
CA TYR L 37 31.34 -29.39 -19.41
C TYR L 37 32.88 -29.50 -19.51
N GLN L 38 33.51 -30.04 -18.46
CA GLN L 38 34.96 -30.26 -18.50
C GLN L 38 35.28 -31.74 -18.58
N GLN L 39 36.26 -32.08 -19.41
CA GLN L 39 36.60 -33.48 -19.55
C GLN L 39 38.09 -33.67 -19.48
N LEU L 40 38.56 -34.13 -18.32
CA LEU L 40 39.94 -34.57 -18.19
C LEU L 40 40.05 -35.92 -18.88
N PRO L 41 41.22 -36.19 -19.50
CA PRO L 41 41.47 -37.45 -20.20
C PRO L 41 41.01 -38.67 -19.39
N GLY L 42 40.16 -39.49 -20.00
CA GLY L 42 39.69 -40.71 -19.38
C GLY L 42 38.71 -40.55 -18.22
N THR L 43 38.01 -39.42 -18.17
CA THR L 43 36.94 -39.28 -17.18
C THR L 43 35.59 -38.94 -17.80
N ALA L 44 34.56 -39.15 -17.01
CA ALA L 44 33.23 -38.68 -17.35
C ALA L 44 33.29 -37.17 -17.43
N PRO L 45 32.62 -36.59 -18.42
CA PRO L 45 32.43 -35.13 -18.41
C PRO L 45 31.80 -34.68 -17.09
N LYS L 46 32.28 -33.55 -16.56
CA LYS L 46 31.75 -32.96 -15.33
C LYS L 46 31.09 -31.61 -15.61
N LEU L 47 30.00 -31.32 -14.92
CA LEU L 47 29.33 -30.04 -15.12
C LEU L 47 30.10 -28.94 -14.39
N LEU L 48 30.52 -27.92 -15.15
CA LEU L 48 31.19 -26.74 -14.59
C LEU L 48 30.24 -25.57 -14.33
N ILE L 49 29.42 -25.29 -15.34
CA ILE L 49 28.52 -24.16 -15.31
C ILE L 49 27.22 -24.49 -16.01
N TYR L 50 26.11 -24.03 -15.45
CA TYR L 50 24.79 -24.22 -16.03
C TYR L 50 23.97 -22.93 -15.95
N ASP L 51 22.86 -22.88 -16.68
CA ASP L 51 22.02 -21.67 -16.74
C ASP L 51 22.86 -20.45 -17.08
N ASN L 52 23.70 -20.59 -18.10
CA ASN L 52 24.61 -19.51 -18.54
C ASN L 52 25.72 -19.10 -17.56
N ASN L 53 25.35 -18.80 -16.31
CA ASN L 53 26.27 -18.22 -15.34
C ASN L 53 26.23 -18.83 -13.93
N LYS L 54 25.37 -19.82 -13.72
CA LYS L 54 25.28 -20.47 -12.40
C LYS L 54 26.27 -21.63 -12.29
N ARG L 55 26.77 -21.83 -11.08
CA ARG L 55 27.85 -22.77 -10.85
C ARG L 55 27.45 -23.72 -9.73
N PRO L 56 27.44 -25.03 -10.02
CA PRO L 56 26.97 -26.04 -9.06
C PRO L 56 27.83 -26.07 -7.82
N SER L 57 27.28 -26.54 -6.70
CA SER L 57 28.04 -26.60 -5.46
C SER L 57 29.17 -27.59 -5.62
N GLY L 58 30.37 -27.17 -5.25
CA GLY L 58 31.55 -28.02 -5.38
C GLY L 58 32.47 -27.64 -6.52
N ILE L 59 32.17 -26.54 -7.20
CA ILE L 59 32.99 -26.04 -8.30
C ILE L 59 33.64 -24.75 -7.87
N PRO L 60 34.99 -24.69 -7.94
CA PRO L 60 35.76 -23.51 -7.53
C PRO L 60 35.20 -22.24 -8.18
N ASP L 61 35.28 -21.12 -7.46
CA ASP L 61 34.68 -19.86 -7.92
C ASP L 61 35.49 -19.13 -8.99
N ARG L 62 36.61 -19.71 -9.41
CA ARG L 62 37.42 -19.09 -10.44
C ARG L 62 36.89 -19.48 -11.82
N PHE L 63 35.87 -20.34 -11.80
CA PHE L 63 35.08 -20.65 -13.01
C PHE L 63 33.85 -19.70 -13.12
N SER L 64 33.72 -19.06 -14.27
CA SER L 64 32.66 -18.08 -14.48
C SER L 64 32.07 -18.24 -15.87
N GLY L 65 30.79 -17.92 -16.01
CA GLY L 65 30.12 -18.09 -17.29
C GLY L 65 29.30 -16.88 -17.67
N SER L 66 29.15 -16.64 -18.96
CA SER L 66 28.37 -15.50 -19.43
C SER L 66 27.81 -15.78 -20.81
N LYS L 67 26.67 -15.14 -21.11
CA LYS L 67 26.04 -15.25 -22.41
C LYS L 67 25.56 -13.89 -22.88
N SER L 68 25.93 -13.53 -24.11
CA SER L 68 25.55 -12.26 -24.70
C SER L 68 25.07 -12.50 -26.12
N GLY L 69 23.78 -12.37 -26.32
CA GLY L 69 23.21 -12.49 -27.65
C GLY L 69 23.18 -13.91 -28.17
N THR L 70 23.98 -14.17 -29.19
CA THR L 70 23.95 -15.47 -29.89
C THR L 70 25.15 -16.33 -29.50
N SER L 71 25.96 -15.84 -28.55
CA SER L 71 27.14 -16.60 -28.10
C SER L 71 27.32 -16.60 -26.57
N ALA L 72 28.22 -17.45 -26.09
CA ALA L 72 28.52 -17.58 -24.66
C ALA L 72 30.02 -17.72 -24.46
N THR L 73 30.53 -17.30 -23.31
CA THR L 73 31.94 -17.48 -22.99
C THR L 73 32.19 -18.09 -21.60
N LEU L 74 33.06 -19.09 -21.53
CA LEU L 74 33.52 -19.61 -20.26
C LEU L 74 34.79 -18.85 -19.86
N GLY L 75 34.99 -18.63 -18.56
CA GLY L 75 36.19 -17.98 -18.07
C GLY L 75 36.82 -18.71 -16.88
N ILE L 76 38.14 -18.85 -16.91
CA ILE L 76 38.88 -19.46 -15.81
C ILE L 76 39.98 -18.52 -15.37
N THR L 77 40.05 -18.23 -14.07
CA THR L 77 41.11 -17.37 -13.54
C THR L 77 42.02 -18.19 -12.63
N GLY L 78 43.21 -17.65 -12.36
CA GLY L 78 44.21 -18.34 -11.56
C GLY L 78 44.42 -19.78 -11.96
N LEU L 79 44.59 -20.02 -13.26
CA LEU L 79 44.53 -21.37 -13.77
C LEU L 79 45.75 -22.20 -13.38
N GLN L 80 45.47 -23.38 -12.86
CA GLN L 80 46.49 -24.30 -12.39
C GLN L 80 46.66 -25.38 -13.44
N THR L 81 47.77 -26.12 -13.37
CA THR L 81 48.08 -27.13 -14.36
C THR L 81 47.02 -28.24 -14.43
N GLY L 82 46.22 -28.36 -13.37
CA GLY L 82 45.19 -29.38 -13.30
C GLY L 82 43.97 -29.06 -14.14
N ASP L 83 43.96 -27.86 -14.72
CA ASP L 83 42.88 -27.40 -15.59
C ASP L 83 42.98 -27.88 -17.06
N GLU L 84 44.11 -28.47 -17.42
CA GLU L 84 44.35 -28.96 -18.77
C GLU L 84 43.35 -30.05 -19.13
N ALA L 85 42.39 -29.73 -20.00
CA ALA L 85 41.39 -30.69 -20.43
C ALA L 85 40.69 -30.21 -21.70
N ASP L 86 39.80 -31.03 -22.25
CA ASP L 86 38.95 -30.58 -23.34
C ASP L 86 37.70 -29.93 -22.70
N TYR L 87 37.27 -28.79 -23.26
CA TYR L 87 36.08 -28.05 -22.77
C TYR L 87 34.97 -27.93 -23.79
N TYR L 88 33.77 -28.34 -23.39
CA TYR L 88 32.65 -28.41 -24.31
C TYR L 88 31.50 -27.56 -23.82
N CYS L 89 30.91 -26.77 -24.72
CA CYS L 89 29.64 -26.09 -24.41
C CYS L 89 28.46 -26.93 -24.89
N GLY L 90 27.30 -26.72 -24.29
CA GLY L 90 26.11 -27.41 -24.72
C GLY L 90 24.82 -26.65 -24.40
N THR L 91 23.81 -26.85 -25.24
CA THR L 91 22.55 -26.18 -25.06
C THR L 91 21.49 -27.00 -25.76
N TRP L 92 20.29 -26.42 -25.86
CA TRP L 92 19.13 -27.03 -26.52
C TRP L 92 18.74 -26.26 -27.80
N ASP L 93 18.60 -26.98 -28.92
CA ASP L 93 18.15 -26.37 -30.15
C ASP L 93 16.60 -26.44 -30.22
N SER L 94 15.98 -25.30 -30.42
CA SER L 94 14.55 -25.19 -30.23
C SER L 94 13.80 -25.27 -31.56
N SER L 95 14.56 -25.40 -32.65
CA SER L 95 13.93 -25.50 -33.98
C SER L 95 13.17 -26.82 -34.10
N LEU L 96 12.58 -27.09 -35.26
CA LEU L 96 11.81 -28.32 -35.45
C LEU L 96 12.64 -29.58 -35.26
N SER L 97 13.96 -29.45 -35.45
CA SER L 97 14.90 -30.51 -35.14
C SER L 97 14.71 -31.03 -33.72
N ALA L 98 14.58 -30.11 -32.77
CA ALA L 98 14.32 -30.41 -31.35
C ALA L 98 15.30 -31.42 -30.73
N TYR L 99 16.50 -30.95 -30.42
CA TYR L 99 17.52 -31.81 -29.85
C TYR L 99 18.59 -31.06 -29.05
N VAL L 100 19.43 -31.84 -28.36
CA VAL L 100 20.53 -31.35 -27.55
C VAL L 100 21.80 -31.27 -28.41
N VAL L 101 22.39 -30.09 -28.51
CA VAL L 101 23.45 -29.87 -29.49
C VAL L 101 24.72 -29.46 -28.73
N PHE L 102 25.90 -29.93 -29.19
CA PHE L 102 27.18 -29.62 -28.52
C PHE L 102 28.15 -28.86 -29.43
N GLY L 103 29.15 -28.27 -28.79
CA GLY L 103 30.24 -27.58 -29.49
C GLY L 103 31.35 -28.52 -29.90
N GLY L 104 32.28 -28.04 -30.71
CA GLY L 104 33.37 -28.87 -31.19
C GLY L 104 34.36 -29.24 -30.10
N GLY L 105 34.42 -28.41 -29.06
CA GLY L 105 35.39 -28.56 -28.00
C GLY L 105 36.59 -27.67 -28.22
N THR L 106 37.21 -27.23 -27.11
CA THR L 106 38.54 -26.62 -27.18
C THR L 106 39.49 -27.26 -26.17
N LYS L 107 40.74 -27.52 -26.58
CA LYS L 107 41.71 -28.13 -25.68
C LYS L 107 42.53 -27.02 -25.05
N LEU L 108 42.44 -26.92 -23.74
CA LEU L 108 43.23 -25.96 -22.97
C LEU L 108 44.56 -26.59 -22.55
N THR L 109 45.67 -26.00 -23.01
CA THR L 109 47.00 -26.44 -22.57
C THR L 109 47.60 -25.40 -21.63
N VAL L 110 48.04 -25.88 -20.45
CA VAL L 110 48.66 -25.00 -19.43
C VAL L 110 50.12 -24.75 -19.74
N LEU L 111 50.45 -23.50 -20.05
CA LEU L 111 51.80 -23.11 -20.45
C LEU L 111 52.85 -23.32 -19.36
N GLY L 112 53.80 -22.40 -19.29
CA GLY L 112 54.80 -22.42 -18.23
C GLY L 112 55.71 -23.65 -18.13
N GLN L 113 55.21 -24.81 -18.59
CA GLN L 113 56.03 -26.01 -18.53
C GLN L 113 57.21 -25.77 -19.46
N PRO L 114 58.40 -26.20 -19.05
CA PRO L 114 59.61 -25.97 -19.85
C PRO L 114 59.65 -26.82 -21.13
N LYS L 115 60.21 -26.30 -22.22
CA LYS L 115 60.47 -27.10 -23.43
C LYS L 115 61.27 -28.30 -22.99
N ALA L 116 60.80 -29.50 -23.33
CA ALA L 116 61.57 -30.72 -23.11
C ALA L 116 61.85 -31.40 -24.44
N ASN L 117 63.14 -31.44 -24.83
CA ASN L 117 63.52 -32.11 -26.07
C ASN L 117 63.26 -33.64 -26.01
N PRO L 118 62.81 -34.24 -27.13
CA PRO L 118 62.38 -35.65 -27.10
C PRO L 118 63.53 -36.64 -27.08
N THR L 119 63.29 -37.78 -26.44
CA THR L 119 64.24 -38.87 -26.45
C THR L 119 63.70 -39.99 -27.34
N VAL L 120 64.55 -40.48 -28.23
CA VAL L 120 64.10 -41.37 -29.30
C VAL L 120 64.77 -42.76 -29.33
N THR L 121 63.98 -43.81 -29.18
CA THR L 121 64.51 -45.17 -29.24
C THR L 121 64.01 -45.89 -30.49
N LEU L 122 64.93 -46.43 -31.29
CA LEU L 122 64.55 -47.15 -32.51
C LEU L 122 64.95 -48.62 -32.49
N PHE L 123 63.96 -49.50 -32.58
CA PHE L 123 64.17 -50.95 -32.68
C PHE L 123 64.01 -51.51 -34.11
N PRO L 124 64.85 -52.47 -34.50
CA PRO L 124 64.71 -53.16 -35.77
C PRO L 124 63.84 -54.41 -35.57
N PRO L 125 63.47 -55.10 -36.66
CA PRO L 125 62.66 -56.31 -36.49
C PRO L 125 63.35 -57.39 -35.64
N SER L 126 62.58 -58.05 -34.76
CA SER L 126 63.10 -59.15 -33.96
C SER L 126 63.34 -60.33 -34.87
N SER L 127 64.23 -61.24 -34.48
CA SER L 127 64.54 -62.35 -35.36
C SER L 127 63.35 -63.31 -35.45
N GLU L 128 62.60 -63.50 -34.36
CA GLU L 128 61.41 -64.37 -34.38
C GLU L 128 60.30 -63.85 -35.27
N GLU L 129 60.28 -62.54 -35.50
CA GLU L 129 59.23 -61.94 -36.31
C GLU L 129 59.55 -62.09 -37.77
N LEU L 130 60.83 -61.95 -38.08
CA LEU L 130 61.33 -62.24 -39.40
C LEU L 130 61.05 -63.71 -39.75
N GLN L 131 61.21 -64.58 -38.76
CA GLN L 131 61.04 -66.01 -38.90
C GLN L 131 59.55 -66.33 -39.08
N ALA L 132 58.73 -65.35 -38.72
CA ALA L 132 57.28 -65.45 -38.91
C ALA L 132 56.82 -64.71 -40.18
N ASN L 133 57.79 -64.39 -41.04
CA ASN L 133 57.55 -63.76 -42.34
C ASN L 133 56.92 -62.37 -42.30
N LYS L 134 57.20 -61.62 -41.25
CA LYS L 134 56.77 -60.24 -41.17
C LYS L 134 57.97 -59.40 -40.70
N ALA L 135 57.89 -58.09 -40.86
CA ALA L 135 58.94 -57.19 -40.35
C ALA L 135 58.41 -55.84 -39.89
N THR L 136 58.70 -55.48 -38.65
CA THR L 136 58.23 -54.22 -38.10
C THR L 136 59.35 -53.41 -37.43
N LEU L 137 59.62 -52.23 -37.99
CA LEU L 137 60.48 -51.24 -37.33
C LEU L 137 59.66 -50.41 -36.35
N VAL L 138 60.15 -50.27 -35.12
CA VAL L 138 59.43 -49.56 -34.06
C VAL L 138 60.19 -48.32 -33.58
N CYS L 139 59.57 -47.15 -33.72
CA CYS L 139 60.20 -45.93 -33.22
C CYS L 139 59.42 -45.37 -32.05
N LEU L 140 60.05 -45.37 -30.88
CA LEU L 140 59.43 -44.82 -29.68
C LEU L 140 60.01 -43.45 -29.25
N ILE L 141 59.11 -42.48 -29.08
CA ILE L 141 59.47 -41.12 -28.74
C ILE L 141 58.82 -40.76 -27.40
N SER L 142 59.63 -40.39 -26.42
CA SER L 142 59.07 -40.00 -25.12
C SER L 142 59.63 -38.72 -24.49
N ASP L 143 58.86 -38.19 -23.52
CA ASP L 143 59.27 -37.06 -22.67
C ASP L 143 59.48 -35.73 -23.37
N PHE L 144 58.71 -35.47 -24.42
CA PHE L 144 58.79 -34.18 -25.09
C PHE L 144 57.69 -33.24 -24.60
N TYR L 145 57.94 -31.92 -24.68
CA TYR L 145 56.90 -30.90 -24.47
C TYR L 145 57.31 -29.63 -25.22
N PRO L 146 56.36 -28.97 -25.94
CA PRO L 146 54.94 -29.31 -26.12
C PRO L 146 54.73 -30.60 -26.92
N GLY L 147 53.49 -31.12 -26.91
CA GLY L 147 53.22 -32.46 -27.41
C GLY L 147 52.90 -32.57 -28.88
N ALA L 148 53.77 -32.03 -29.73
CA ALA L 148 53.57 -32.09 -31.17
C ALA L 148 54.89 -32.37 -31.90
N VAL L 149 54.99 -33.56 -32.49
CA VAL L 149 56.15 -33.95 -33.28
C VAL L 149 55.71 -34.42 -34.64
N THR L 150 56.58 -34.29 -35.64
CA THR L 150 56.34 -34.95 -36.93
C THR L 150 57.39 -36.05 -37.08
N VAL L 151 57.04 -37.14 -37.76
CA VAL L 151 57.95 -38.28 -37.93
C VAL L 151 58.19 -38.58 -39.42
N ALA L 152 59.44 -38.75 -39.81
CA ALA L 152 59.74 -39.11 -41.20
C ALA L 152 60.65 -40.34 -41.33
N TRP L 153 60.27 -41.31 -42.16
CA TRP L 153 61.12 -42.49 -42.38
C TRP L 153 62.04 -42.39 -43.61
N LYS L 154 63.17 -43.09 -43.53
CA LYS L 154 64.17 -43.08 -44.59
C LYS L 154 64.59 -44.50 -44.99
N ALA L 155 64.54 -44.81 -46.28
CA ALA L 155 65.17 -46.02 -46.81
C ALA L 155 66.54 -45.64 -47.37
N ASP L 156 67.60 -46.12 -46.71
CA ASP L 156 68.98 -45.68 -46.98
C ASP L 156 69.10 -44.18 -46.76
N GLY L 157 68.84 -43.41 -47.82
CA GLY L 157 68.88 -41.95 -47.74
C GLY L 157 67.63 -41.26 -48.26
N SER L 158 66.78 -42.00 -48.96
CA SER L 158 65.56 -41.42 -49.52
C SER L 158 64.32 -41.83 -48.71
N PRO L 159 63.32 -40.94 -48.62
CA PRO L 159 62.11 -41.17 -47.83
C PRO L 159 61.22 -42.27 -48.37
N VAL L 160 60.46 -42.91 -47.48
CA VAL L 160 59.42 -43.84 -47.88
C VAL L 160 58.15 -43.47 -47.16
N LYS L 161 57.06 -43.33 -47.91
CA LYS L 161 55.78 -42.92 -47.32
C LYS L 161 54.87 -44.13 -47.14
N ALA L 162 55.16 -45.21 -47.88
CA ALA L 162 54.33 -46.42 -47.86
C ALA L 162 54.66 -47.35 -46.70
N GLY L 163 53.64 -47.72 -45.94
CA GLY L 163 53.79 -48.72 -44.90
C GLY L 163 53.93 -48.13 -43.52
N VAL L 164 53.66 -46.83 -43.42
CA VAL L 164 53.84 -46.07 -42.18
C VAL L 164 52.54 -45.86 -41.39
N GLU L 165 52.60 -46.11 -40.09
CA GLU L 165 51.52 -45.86 -39.13
C GLU L 165 52.11 -45.14 -37.91
N THR L 166 51.59 -43.96 -37.61
CA THR L 166 52.04 -43.19 -36.44
C THR L 166 50.84 -42.89 -35.54
N THR L 167 51.06 -42.81 -34.23
CA THR L 167 49.98 -42.48 -33.29
C THR L 167 49.80 -40.95 -33.11
N LYS L 168 48.65 -40.54 -32.59
CA LYS L 168 48.51 -39.19 -32.07
C LYS L 168 49.39 -39.15 -30.81
N PRO L 169 50.12 -38.05 -30.61
CA PRO L 169 50.89 -37.92 -29.37
C PRO L 169 49.95 -37.93 -28.17
N SER L 170 50.37 -38.51 -27.06
CA SER L 170 49.50 -38.53 -25.88
C SER L 170 50.23 -38.26 -24.57
N LYS L 171 49.67 -37.36 -23.75
CA LYS L 171 50.27 -37.00 -22.46
C LYS L 171 50.50 -38.24 -21.58
N GLN L 172 51.76 -38.46 -21.19
CA GLN L 172 52.12 -39.55 -20.28
C GLN L 172 51.68 -39.19 -18.86
N SER L 173 52.12 -40.01 -17.90
CA SER L 173 51.78 -39.78 -16.49
C SER L 173 52.54 -38.57 -15.94
N ASN L 174 53.82 -38.46 -16.29
CA ASN L 174 54.63 -37.34 -15.82
C ASN L 174 54.41 -36.00 -16.55
N ASN L 175 53.21 -35.82 -17.11
CA ASN L 175 52.79 -34.57 -17.76
C ASN L 175 53.59 -34.16 -18.99
N LYS L 176 54.38 -35.10 -19.53
CA LYS L 176 55.05 -34.92 -20.82
C LYS L 176 54.31 -35.73 -21.88
N TYR L 177 54.81 -35.72 -23.11
CA TYR L 177 54.08 -36.41 -24.18
C TYR L 177 54.87 -37.62 -24.76
N ALA L 178 54.14 -38.58 -25.30
CA ALA L 178 54.76 -39.73 -25.94
C ALA L 178 54.11 -40.03 -27.31
N ALA L 179 54.86 -40.71 -28.18
CA ALA L 179 54.33 -41.10 -29.48
C ALA L 179 55.02 -42.35 -30.04
N SER L 180 54.26 -43.17 -30.75
CA SER L 180 54.82 -44.35 -31.39
C SER L 180 54.69 -44.22 -32.91
N SER L 181 55.69 -44.70 -33.66
CA SER L 181 55.59 -44.86 -35.10
C SER L 181 56.09 -46.23 -35.60
N TYR L 182 55.28 -46.93 -36.37
CA TYR L 182 55.62 -48.26 -36.84
C TYR L 182 55.78 -48.27 -38.37
N LEU L 183 56.86 -48.85 -38.87
CA LEU L 183 57.03 -49.07 -40.31
C LEU L 183 56.96 -50.56 -40.65
N SER L 184 55.95 -50.96 -41.43
CA SER L 184 55.74 -52.37 -41.77
C SER L 184 56.31 -52.78 -43.14
N LEU L 185 57.26 -53.70 -43.13
CA LEU L 185 57.94 -54.15 -44.35
C LEU L 185 57.84 -55.67 -44.54
N THR L 186 58.24 -56.15 -45.72
CA THR L 186 58.48 -57.59 -45.91
C THR L 186 59.90 -57.89 -45.48
N PRO L 187 60.18 -59.13 -45.10
CA PRO L 187 61.58 -59.45 -44.78
C PRO L 187 62.49 -59.22 -45.98
N GLU L 188 61.95 -59.41 -47.18
CA GLU L 188 62.70 -59.17 -48.40
C GLU L 188 63.14 -57.69 -48.51
N GLN L 189 62.22 -56.76 -48.28
CA GLN L 189 62.55 -55.34 -48.25
C GLN L 189 63.53 -54.96 -47.14
N TRP L 190 63.34 -55.50 -45.94
CA TRP L 190 64.19 -55.18 -44.80
C TRP L 190 65.65 -55.54 -45.06
N LYS L 191 65.91 -56.79 -45.48
CA LYS L 191 67.27 -57.23 -45.80
C LYS L 191 67.77 -56.60 -47.12
N SER L 192 66.89 -55.89 -47.82
CA SER L 192 67.22 -55.29 -49.12
C SER L 192 67.92 -53.90 -49.08
N HIS L 193 68.04 -53.32 -47.90
CA HIS L 193 68.65 -52.00 -47.80
C HIS L 193 69.85 -51.96 -46.85
N ARG L 194 70.62 -50.87 -46.96
CA ARG L 194 71.79 -50.64 -46.11
C ARG L 194 71.36 -50.31 -44.68
N SER L 195 70.50 -49.30 -44.55
CA SER L 195 69.98 -48.89 -43.26
C SER L 195 68.63 -48.20 -43.39
N TYR L 196 67.90 -48.14 -42.29
CA TYR L 196 66.64 -47.44 -42.24
C TYR L 196 66.75 -46.43 -41.11
N SER L 197 66.15 -45.24 -41.30
CA SER L 197 66.22 -44.19 -40.30
C SER L 197 64.83 -43.69 -39.88
N CYS L 198 64.65 -43.43 -38.59
CA CYS L 198 63.47 -42.75 -38.03
C CYS L 198 63.87 -41.32 -37.61
N GLN L 199 63.18 -40.31 -38.14
CA GLN L 199 63.58 -38.92 -37.91
C GLN L 199 62.51 -38.06 -37.25
N VAL L 200 62.72 -37.74 -35.98
CA VAL L 200 61.76 -36.98 -35.20
C VAL L 200 62.08 -35.48 -35.18
N THR L 201 61.11 -34.68 -35.61
CA THR L 201 61.27 -33.23 -35.64
C THR L 201 60.35 -32.56 -34.63
N HIS L 202 60.96 -31.96 -33.61
CA HIS L 202 60.23 -31.34 -32.51
C HIS L 202 60.75 -29.91 -32.25
N GLU L 203 59.88 -28.91 -32.39
CA GLU L 203 60.25 -27.51 -32.14
C GLU L 203 61.50 -27.11 -32.94
N GLY L 204 61.47 -27.29 -34.26
CA GLY L 204 62.55 -26.90 -35.13
C GLY L 204 63.90 -27.50 -34.79
N SER L 205 63.89 -28.64 -34.12
CA SER L 205 65.10 -29.42 -33.83
C SER L 205 64.94 -30.84 -34.34
N THR L 206 66.05 -31.48 -34.69
CA THR L 206 65.98 -32.79 -35.31
C THR L 206 66.72 -33.87 -34.53
N VAL L 207 66.04 -34.97 -34.24
CA VAL L 207 66.70 -36.17 -33.70
C VAL L 207 66.50 -37.31 -34.71
N GLU L 208 67.54 -38.08 -34.95
CA GLU L 208 67.49 -39.15 -35.95
C GLU L 208 68.25 -40.41 -35.50
N LYS L 209 67.57 -41.54 -35.45
CA LYS L 209 68.19 -42.82 -35.09
C LYS L 209 68.25 -43.78 -36.28
N THR L 210 69.21 -44.69 -36.28
CA THR L 210 69.44 -45.54 -37.45
C THR L 210 69.59 -47.02 -37.08
N VAL L 211 69.08 -47.90 -37.93
CA VAL L 211 69.28 -49.35 -37.78
C VAL L 211 69.66 -50.02 -39.10
N ALA L 212 70.37 -51.13 -39.00
CA ALA L 212 70.77 -51.88 -40.19
C ALA L 212 70.49 -53.36 -39.93
N PRO L 213 70.17 -54.10 -41.01
CA PRO L 213 69.99 -55.56 -40.98
C PRO L 213 71.12 -56.30 -40.25
N THR L 214 70.97 -56.52 -38.94
CA THR L 214 72.05 -56.87 -37.99
C THR L 214 73.46 -56.67 -38.56
N GLU L 215 73.73 -55.41 -38.92
CA GLU L 215 74.93 -55.00 -39.63
C GLU L 215 75.07 -55.72 -40.98
N GLN M 1 57.40 -8.39 -9.98
CA GLN M 1 58.18 -7.27 -10.52
C GLN M 1 58.79 -6.37 -9.42
N VAL M 2 58.79 -6.86 -8.18
CA VAL M 2 59.44 -6.16 -7.05
C VAL M 2 60.48 -7.04 -6.34
N GLN M 3 61.73 -6.57 -6.31
CA GLN M 3 62.87 -7.32 -5.77
C GLN M 3 63.54 -6.66 -4.56
N LEU M 4 64.02 -7.48 -3.64
CA LEU M 4 64.73 -6.97 -2.45
C LEU M 4 66.20 -7.39 -2.46
N VAL M 5 67.07 -6.44 -2.13
CA VAL M 5 68.51 -6.67 -2.09
C VAL M 5 69.13 -6.00 -0.87
N GLU M 6 69.67 -6.79 0.05
CA GLU M 6 70.27 -6.22 1.25
C GLU M 6 71.75 -5.89 1.08
N SER M 7 72.33 -5.28 2.10
CA SER M 7 73.76 -4.91 2.07
C SER M 7 74.66 -6.10 2.36
N GLY M 8 75.97 -5.88 2.29
CA GLY M 8 76.96 -6.93 2.49
C GLY M 8 77.19 -7.36 3.94
N ALA M 9 77.91 -8.47 4.09
CA ALA M 9 78.21 -9.05 5.40
C ALA M 9 78.94 -8.08 6.33
N GLU M 10 78.66 -8.21 7.63
CA GLU M 10 79.32 -7.37 8.62
C GLU M 10 79.96 -8.20 9.71
N VAL M 11 81.09 -7.72 10.20
CA VAL M 11 81.78 -8.36 11.29
C VAL M 11 82.00 -7.32 12.39
N LYS M 12 81.52 -7.64 13.59
CA LYS M 12 81.44 -6.65 14.67
C LYS M 12 81.94 -7.18 16.01
N LYS M 13 82.52 -6.28 16.79
CA LYS M 13 83.00 -6.65 18.10
C LYS M 13 81.87 -6.35 19.09
N PRO M 14 81.80 -7.11 20.20
CA PRO M 14 80.72 -6.92 21.18
C PRO M 14 80.65 -5.50 21.69
N GLY M 15 79.43 -4.96 21.82
CA GLY M 15 79.22 -3.62 22.34
C GLY M 15 79.05 -2.56 21.26
N SER M 16 79.47 -2.88 20.02
CA SER M 16 79.39 -1.94 18.90
C SER M 16 77.97 -1.95 18.29
N SER M 17 77.76 -1.06 17.32
CA SER M 17 76.50 -1.02 16.58
C SER M 17 76.71 -1.53 15.17
N VAL M 18 75.61 -1.86 14.51
CA VAL M 18 75.65 -2.27 13.11
C VAL M 18 74.37 -1.78 12.44
N LYS M 19 74.50 -1.28 11.21
CA LYS M 19 73.35 -0.76 10.47
C LYS M 19 73.22 -1.37 9.06
N VAL M 20 72.30 -2.33 8.93
CA VAL M 20 72.09 -3.07 7.69
C VAL M 20 71.07 -2.33 6.81
N SER M 21 71.22 -2.40 5.50
CA SER M 21 70.24 -1.77 4.61
C SER M 21 69.60 -2.74 3.62
N CYS M 22 68.40 -2.37 3.15
CA CYS M 22 67.62 -3.18 2.23
C CYS M 22 67.11 -2.28 1.10
N LYS M 23 67.43 -2.63 -0.15
CA LYS M 23 67.03 -1.79 -1.28
C LYS M 23 66.02 -2.47 -2.21
N ALA M 24 64.98 -1.72 -2.60
CA ALA M 24 63.86 -2.27 -3.34
C ALA M 24 63.78 -1.73 -4.77
N SER M 25 63.69 -2.64 -5.75
CA SER M 25 63.40 -2.25 -7.13
C SER M 25 61.88 -2.13 -7.26
N GLY M 26 61.40 -1.84 -8.46
CA GLY M 26 60.00 -1.46 -8.63
C GLY M 26 59.81 -0.20 -7.81
N GLY M 27 58.80 -0.19 -6.94
CA GLY M 27 58.61 0.91 -5.99
C GLY M 27 58.56 2.29 -6.62
N PRO M 28 59.50 3.19 -6.26
CA PRO M 28 60.50 3.02 -5.20
C PRO M 28 59.95 3.48 -3.85
N PHE M 29 59.12 4.52 -3.89
CA PHE M 29 58.33 4.91 -2.74
C PHE M 29 57.35 3.78 -2.49
N ARG M 30 57.22 3.41 -1.24
CA ARG M 30 56.52 2.20 -0.87
C ARG M 30 55.02 2.43 -0.65
N SER M 31 54.27 1.35 -0.80
CA SER M 31 52.86 1.29 -0.43
C SER M 31 52.65 -0.06 0.21
N TYR M 32 53.75 -0.62 0.73
CA TYR M 32 53.76 -1.90 1.43
C TYR M 32 54.66 -1.80 2.66
N ALA M 33 54.31 -2.53 3.72
CA ALA M 33 55.16 -2.58 4.90
C ALA M 33 56.43 -3.39 4.60
N ILE M 34 57.50 -3.12 5.35
CA ILE M 34 58.75 -3.89 5.27
C ILE M 34 59.25 -4.29 6.67
N SER M 35 59.64 -5.55 6.81
CA SER M 35 60.05 -6.09 8.11
C SER M 35 61.50 -6.60 8.10
N TRP M 36 62.06 -6.79 9.29
CA TRP M 36 63.36 -7.45 9.42
C TRP M 36 63.20 -8.74 10.22
N VAL M 37 63.77 -9.83 9.70
CA VAL M 37 63.70 -11.12 10.36
C VAL M 37 65.08 -11.75 10.43
N ARG M 38 65.51 -12.13 11.64
CA ARG M 38 66.80 -12.78 11.77
C ARG M 38 66.65 -14.28 11.99
N GLN M 39 67.72 -15.02 11.70
CA GLN M 39 67.72 -16.45 11.96
C GLN M 39 69.09 -16.87 12.50
N ALA M 40 69.16 -17.15 13.80
CA ALA M 40 70.38 -17.68 14.40
C ALA M 40 70.69 -19.07 13.78
N PRO M 41 71.97 -19.43 13.70
CA PRO M 41 72.29 -20.71 13.05
C PRO M 41 71.63 -21.89 13.77
N GLY M 42 70.89 -22.71 13.02
CA GLY M 42 70.10 -23.79 13.58
C GLY M 42 69.03 -23.30 14.55
N GLN M 43 68.18 -22.42 14.04
CA GLN M 43 67.09 -21.85 14.83
C GLN M 43 65.91 -21.53 13.93
N GLY M 44 64.74 -21.38 14.53
CA GLY M 44 63.61 -20.84 13.80
C GLY M 44 63.85 -19.36 13.57
N PRO M 45 63.22 -18.80 12.52
CA PRO M 45 63.24 -17.35 12.29
C PRO M 45 62.69 -16.57 13.48
N GLU M 46 63.07 -15.30 13.56
CA GLU M 46 62.69 -14.46 14.68
C GLU M 46 62.40 -13.07 14.13
N TRP M 47 61.18 -12.59 14.32
CA TRP M 47 60.82 -11.26 13.85
C TRP M 47 61.47 -10.23 14.74
N MET M 48 62.02 -9.20 14.12
CA MET M 48 62.61 -8.09 14.87
C MET M 48 61.70 -6.85 14.91
N GLY M 49 61.24 -6.44 13.74
CA GLY M 49 60.37 -5.27 13.67
C GLY M 49 60.07 -4.91 12.23
N GLY M 50 59.22 -3.93 12.03
CA GLY M 50 58.84 -3.53 10.68
C GLY M 50 58.38 -2.09 10.61
N ILE M 51 58.28 -1.56 9.39
CA ILE M 51 57.90 -0.16 9.23
C ILE M 51 56.79 0.03 8.18
N ILE M 52 55.73 0.74 8.59
CA ILE M 52 54.57 1.00 7.74
C ILE M 52 54.86 2.13 6.75
N PRO M 53 54.38 2.01 5.50
CA PRO M 53 54.64 3.07 4.50
C PRO M 53 53.83 4.32 4.76
N ILE M 54 54.18 5.41 4.09
CA ILE M 54 53.55 6.71 4.31
C ILE M 54 53.72 7.17 5.76
N PHE M 55 52.86 6.67 6.66
CA PHE M 55 52.80 7.10 8.06
C PHE M 55 54.07 6.83 8.89
N GLY M 56 54.95 5.97 8.38
CA GLY M 56 56.27 5.77 8.98
C GLY M 56 56.30 5.19 10.38
N THR M 57 55.13 4.81 10.88
CA THR M 57 55.05 4.26 12.24
C THR M 57 55.80 2.92 12.30
N THR M 58 56.40 2.66 13.45
CA THR M 58 57.24 1.47 13.59
C THR M 58 56.70 0.55 14.67
N LYS M 59 56.88 -0.75 14.47
CA LYS M 59 56.57 -1.77 15.49
C LYS M 59 57.76 -2.69 15.69
N TYR M 60 58.14 -2.91 16.94
CA TYR M 60 59.30 -3.74 17.25
C TYR M 60 58.89 -4.92 18.11
N ALA M 61 59.54 -6.07 17.91
CA ALA M 61 59.31 -7.25 18.76
C ALA M 61 59.67 -6.91 20.18
N PRO M 62 59.01 -7.59 21.14
CA PRO M 62 59.23 -7.24 22.55
C PRO M 62 60.69 -7.47 22.92
N LYS M 63 61.24 -8.57 22.43
CA LYS M 63 62.61 -8.95 22.77
C LYS M 63 63.66 -7.90 22.39
N PHE M 64 63.45 -7.20 21.29
CA PHE M 64 64.46 -6.27 20.77
C PHE M 64 64.13 -4.83 21.08
N GLN M 65 63.00 -4.64 21.73
CA GLN M 65 62.50 -3.30 22.02
C GLN M 65 63.53 -2.47 22.74
N GLY M 66 63.92 -1.35 22.14
CA GLY M 66 64.80 -0.41 22.81
C GLY M 66 66.24 -0.51 22.37
N ARG M 67 66.61 -1.60 21.69
CA ARG M 67 67.94 -1.64 21.10
C ARG M 67 67.96 -1.90 19.60
N VAL M 68 66.78 -1.94 18.99
CA VAL M 68 66.66 -2.01 17.53
C VAL M 68 65.93 -0.78 17.02
N THR M 69 66.38 -0.22 15.90
CA THR M 69 65.79 0.99 15.32
C THR M 69 65.66 0.79 13.81
N ILE M 70 64.43 0.93 13.32
CA ILE M 70 64.13 0.76 11.90
C ILE M 70 63.71 2.09 11.28
N THR M 71 64.31 2.42 10.13
CA THR M 71 64.08 3.70 9.46
C THR M 71 64.00 3.54 7.95
N ALA M 72 63.45 4.56 7.28
CA ALA M 72 63.31 4.50 5.83
C ALA M 72 63.58 5.83 5.15
N ASP M 73 64.42 5.79 4.12
CA ASP M 73 64.65 6.93 3.24
C ASP M 73 63.84 6.70 1.97
N ASP M 74 62.67 7.34 1.88
CA ASP M 74 61.71 7.08 0.81
C ASP M 74 62.16 7.50 -0.59
N PHE M 75 63.07 8.47 -0.66
CA PHE M 75 63.52 9.04 -1.93
C PHE M 75 64.55 8.16 -2.59
N ALA M 76 64.92 7.08 -1.91
CA ALA M 76 65.89 6.13 -2.45
C ALA M 76 65.36 4.71 -2.42
N GLY M 77 64.12 4.56 -1.92
CA GLY M 77 63.51 3.26 -1.73
C GLY M 77 64.42 2.33 -0.94
N THR M 78 64.80 2.76 0.27
CA THR M 78 65.75 1.99 1.10
C THR M 78 65.32 2.04 2.56
N VAL M 79 65.28 0.88 3.22
CA VAL M 79 64.99 0.83 4.66
C VAL M 79 66.20 0.32 5.43
N TYR M 80 66.36 0.81 6.65
CA TYR M 80 67.51 0.46 7.45
C TYR M 80 67.06 -0.25 8.72
N MET M 81 67.95 -1.07 9.27
CA MET M 81 67.75 -1.69 10.57
C MET M 81 69.02 -1.47 11.36
N GLU M 82 68.89 -0.90 12.55
CA GLU M 82 70.08 -0.66 13.37
C GLU M 82 70.00 -1.37 14.73
N LEU M 83 70.99 -2.21 15.01
CA LEU M 83 71.00 -2.98 16.24
C LEU M 83 72.21 -2.59 17.06
N SER M 84 71.98 -2.16 18.30
CA SER M 84 73.04 -1.61 19.14
C SER M 84 73.33 -2.50 20.34
N SER M 85 74.49 -2.27 20.98
CA SER M 85 74.97 -3.09 22.09
C SER M 85 74.98 -4.58 21.71
N LEU M 86 75.73 -4.91 20.66
CA LEU M 86 75.76 -6.28 20.13
C LEU M 86 76.37 -7.27 21.13
N ARG M 87 75.80 -8.47 21.19
CA ARG M 87 76.39 -9.59 21.92
C ARG M 87 76.62 -10.73 20.94
N SER M 88 77.32 -11.78 21.39
CA SER M 88 77.66 -12.92 20.55
C SER M 88 76.41 -13.66 20.07
N GLU M 89 75.33 -13.59 20.87
CA GLU M 89 74.05 -14.21 20.55
C GLU M 89 73.32 -13.52 19.37
N ASP M 90 73.77 -12.31 19.03
CA ASP M 90 73.17 -11.56 17.92
C ASP M 90 73.70 -12.06 16.56
N THR M 91 74.64 -13.00 16.60
CA THR M 91 75.15 -13.59 15.37
C THR M 91 74.06 -14.39 14.64
N ALA M 92 73.68 -13.90 13.47
CA ALA M 92 72.63 -14.55 12.69
C ALA M 92 72.58 -14.11 11.24
N MET M 93 71.69 -14.75 10.48
CA MET M 93 71.33 -14.28 9.15
C MET M 93 70.22 -13.22 9.28
N TYR M 94 70.37 -12.11 8.56
CA TYR M 94 69.40 -11.01 8.60
C TYR M 94 68.65 -10.73 7.29
N TYR M 95 67.38 -11.13 7.23
CA TYR M 95 66.57 -10.89 6.05
C TYR M 95 65.67 -9.64 6.16
N CYS M 96 65.51 -8.92 5.05
CA CYS M 96 64.37 -8.02 4.92
C CYS M 96 63.28 -8.70 4.09
N ALA M 97 62.03 -8.38 4.39
CA ALA M 97 60.92 -9.00 3.69
C ALA M 97 59.77 -8.01 3.60
N LYS M 98 59.14 -7.95 2.44
CA LYS M 98 57.97 -7.09 2.28
C LYS M 98 56.66 -7.85 2.52
N HIS M 99 55.66 -7.10 2.96
CA HIS M 99 54.36 -7.65 3.26
C HIS M 99 53.41 -7.51 2.05
N MET M 100 52.45 -8.41 1.94
CA MET M 100 51.48 -8.34 0.85
C MET M 100 50.38 -7.33 1.18
N GLY M 101 50.80 -6.09 1.42
CA GLY M 101 49.91 -5.03 1.88
C GLY M 101 50.67 -4.04 2.74
N TYR M 102 49.96 -3.27 3.55
CA TYR M 102 50.58 -2.16 4.26
C TYR M 102 50.77 -2.43 5.75
N GLN M 103 50.32 -3.60 6.20
CA GLN M 103 50.36 -3.92 7.63
C GLN M 103 51.37 -5.02 7.89
N VAL M 104 52.05 -4.93 9.02
CA VAL M 104 52.95 -5.98 9.42
C VAL M 104 52.19 -7.24 9.90
N ARG M 105 50.87 -7.13 10.06
CA ARG M 105 49.98 -8.28 10.44
C ARG M 105 49.74 -9.24 9.27
N GLU M 106 50.47 -9.04 8.17
CA GLU M 106 50.17 -9.72 6.91
C GLU M 106 51.31 -10.53 6.36
N THR M 107 50.97 -11.49 5.50
CA THR M 107 51.93 -12.46 4.98
C THR M 107 53.11 -11.79 4.30
N MET M 108 54.30 -12.31 4.56
CA MET M 108 55.51 -11.79 3.93
C MET M 108 55.77 -12.56 2.64
N ASP M 109 55.48 -11.93 1.52
CA ASP M 109 55.43 -12.63 0.23
C ASP M 109 56.73 -12.60 -0.57
N VAL M 110 57.55 -11.57 -0.32
CA VAL M 110 58.85 -11.44 -1.02
C VAL M 110 59.98 -11.25 -0.03
N TRP M 111 61.02 -12.07 -0.14
CA TRP M 111 62.16 -12.01 0.77
C TRP M 111 63.46 -11.73 0.03
N GLY M 112 64.36 -10.98 0.66
CA GLY M 112 65.71 -10.83 0.11
C GLY M 112 66.56 -12.07 0.35
N LYS M 113 67.68 -12.17 -0.36
CA LYS M 113 68.55 -13.35 -0.26
C LYS M 113 69.14 -13.54 1.15
N GLY M 114 69.37 -12.44 1.84
CA GLY M 114 69.81 -12.49 3.22
C GLY M 114 71.18 -11.88 3.36
N THR M 115 71.54 -11.48 4.58
CA THR M 115 72.89 -11.01 4.88
C THR M 115 73.33 -11.40 6.29
N THR M 116 74.60 -11.77 6.44
CA THR M 116 75.11 -12.21 7.73
C THR M 116 75.80 -11.08 8.52
N VAL M 117 75.44 -10.95 9.79
CA VAL M 117 76.30 -10.24 10.71
C VAL M 117 76.85 -11.21 11.76
N THR M 118 78.15 -11.09 12.01
CA THR M 118 78.88 -11.98 12.89
C THR M 118 79.36 -11.13 14.05
N VAL M 119 79.05 -11.55 15.27
CA VAL M 119 79.57 -10.87 16.45
C VAL M 119 80.58 -11.76 17.17
N SER M 120 81.82 -11.30 17.17
CA SER M 120 82.88 -12.06 17.77
C SER M 120 83.73 -11.13 18.54
N SER M 121 83.88 -11.58 19.77
CA SER M 121 84.85 -11.00 20.64
C SER M 121 86.23 -11.18 20.01
N ALA M 122 86.36 -12.09 19.04
CA ALA M 122 87.62 -12.35 18.34
C ALA M 122 88.17 -11.20 17.48
N SER M 123 89.49 -11.20 17.28
CA SER M 123 90.15 -10.33 16.32
C SER M 123 90.55 -11.13 15.08
N THR M 124 90.92 -10.45 14.01
CA THR M 124 91.11 -11.16 12.73
C THR M 124 92.51 -11.80 12.62
N LYS M 125 92.53 -13.13 12.48
CA LYS M 125 93.79 -13.90 12.43
C LYS M 125 93.84 -14.79 11.19
N GLY M 126 94.99 -14.76 10.51
CA GLY M 126 95.29 -15.69 9.43
C GLY M 126 95.47 -17.12 9.96
N PRO M 127 95.31 -18.12 9.09
CA PRO M 127 95.38 -19.49 9.57
C PRO M 127 96.79 -20.08 9.42
N SER M 128 97.02 -21.19 10.11
CA SER M 128 98.20 -21.99 9.87
C SER M 128 97.75 -23.13 8.96
N VAL M 129 98.61 -23.55 8.03
CA VAL M 129 98.27 -24.68 7.18
C VAL M 129 99.20 -25.86 7.45
N PHE M 130 98.60 -27.01 7.80
CA PHE M 130 99.35 -28.24 8.03
C PHE M 130 98.93 -29.34 7.05
N PRO M 131 99.90 -30.14 6.59
CA PRO M 131 99.62 -31.27 5.68
C PRO M 131 99.03 -32.49 6.38
N LEU M 132 98.00 -33.08 5.79
CA LEU M 132 97.48 -34.35 6.27
C LEU M 132 97.97 -35.46 5.34
N ALA M 133 99.17 -35.95 5.63
CA ALA M 133 99.91 -36.89 4.77
C ALA M 133 99.23 -38.27 4.57
N PRO M 134 99.26 -38.79 3.32
CA PRO M 134 98.60 -40.03 2.91
C PRO M 134 98.80 -41.25 3.86
N SER M 135 99.95 -41.92 3.83
CA SER M 135 100.18 -43.06 4.72
C SER M 135 99.29 -44.31 4.46
N SER M 136 99.71 -45.46 4.99
CA SER M 136 99.02 -46.74 4.82
C SER M 136 97.58 -46.78 5.37
N LYS M 137 97.30 -45.91 6.34
CA LYS M 137 96.01 -45.94 7.02
C LYS M 137 94.94 -45.07 6.36
N SER M 138 95.29 -44.41 5.25
CA SER M 138 94.28 -43.81 4.38
C SER M 138 94.32 -44.42 2.96
N THR M 139 95.21 -45.38 2.76
CA THR M 139 95.23 -46.21 1.54
C THR M 139 94.18 -47.31 1.65
N SER M 140 93.24 -47.30 0.71
CA SER M 140 92.14 -48.26 0.70
C SER M 140 91.82 -48.79 -0.69
N GLY M 141 92.69 -49.65 -1.19
CA GLY M 141 92.41 -50.40 -2.41
C GLY M 141 92.61 -49.60 -3.68
N GLY M 142 93.80 -49.02 -3.81
CA GLY M 142 94.17 -48.26 -4.99
C GLY M 142 93.66 -46.83 -5.01
N THR M 143 93.01 -46.39 -3.93
CA THR M 143 92.60 -44.99 -3.79
C THR M 143 93.03 -44.42 -2.43
N ALA M 144 93.94 -43.44 -2.46
CA ALA M 144 94.44 -42.81 -1.24
C ALA M 144 93.64 -41.56 -0.83
N ALA M 145 93.74 -41.17 0.44
CA ALA M 145 93.28 -39.86 0.91
C ALA M 145 94.43 -39.00 1.44
N LEU M 146 94.45 -37.73 1.05
CA LEU M 146 95.40 -36.76 1.59
C LEU M 146 94.71 -35.42 1.67
N GLY M 147 95.28 -34.49 2.44
CA GLY M 147 94.58 -33.24 2.67
C GLY M 147 95.37 -32.12 3.31
N CYS M 148 94.62 -31.12 3.80
CA CYS M 148 95.18 -29.93 4.44
C CYS M 148 94.36 -29.48 5.64
N LEU M 149 95.04 -29.24 6.76
CA LEU M 149 94.37 -28.72 7.95
C LEU M 149 94.54 -27.19 8.02
N VAL M 150 93.44 -26.46 7.89
CA VAL M 150 93.50 -25.01 7.98
C VAL M 150 93.08 -24.59 9.39
N LYS M 151 94.05 -24.24 10.23
CA LYS M 151 93.86 -24.13 11.68
C LYS M 151 93.83 -22.68 12.24
N ASP M 152 92.89 -22.43 13.15
CA ASP M 152 92.84 -21.18 13.92
C ASP M 152 92.80 -19.89 13.09
N TYR M 153 91.73 -19.71 12.33
CA TYR M 153 91.55 -18.47 11.57
C TYR M 153 90.27 -17.74 11.93
N PHE M 154 90.29 -16.44 11.70
CA PHE M 154 89.11 -15.62 11.87
C PHE M 154 89.11 -14.42 10.93
N PRO M 155 87.96 -14.11 10.30
CA PRO M 155 86.70 -14.87 10.33
C PRO M 155 86.54 -15.74 9.08
N GLU M 156 85.39 -16.38 8.92
CA GLU M 156 85.07 -17.05 7.67
C GLU M 156 85.06 -15.97 6.59
N PRO M 157 85.23 -16.34 5.31
CA PRO M 157 85.42 -17.70 4.80
C PRO M 157 86.86 -17.92 4.42
N VAL M 158 87.15 -19.16 4.03
CA VAL M 158 88.45 -19.50 3.47
C VAL M 158 88.25 -20.29 2.14
N THR M 159 89.22 -20.18 1.24
CA THR M 159 89.13 -20.79 -0.07
C THR M 159 90.25 -21.81 -0.25
N VAL M 160 89.88 -23.07 -0.49
CA VAL M 160 90.89 -24.10 -0.74
C VAL M 160 90.74 -24.74 -2.12
N SER M 161 91.75 -24.60 -2.97
CA SER M 161 91.77 -25.32 -4.25
C SER M 161 93.03 -26.17 -4.32
N TRP M 162 93.13 -27.01 -5.35
CA TRP M 162 94.25 -27.96 -5.47
C TRP M 162 95.02 -27.85 -6.79
N ASN M 163 96.35 -27.90 -6.68
CA ASN M 163 97.25 -27.70 -7.82
C ASN M 163 96.88 -26.46 -8.62
N SER M 164 96.66 -25.35 -7.89
CA SER M 164 96.32 -24.06 -8.48
C SER M 164 95.03 -24.05 -9.33
N GLY M 165 94.20 -25.08 -9.18
CA GLY M 165 92.93 -25.13 -9.89
C GLY M 165 92.77 -26.36 -10.79
N ALA M 166 93.86 -27.11 -11.00
CA ALA M 166 93.78 -28.27 -11.88
C ALA M 166 92.93 -29.43 -11.31
N LEU M 167 93.27 -29.91 -10.12
CA LEU M 167 92.53 -30.99 -9.45
C LEU M 167 91.17 -30.52 -8.94
N THR M 168 90.10 -31.14 -9.43
CA THR M 168 88.76 -30.83 -8.93
C THR M 168 87.93 -32.09 -8.68
N SER M 169 87.86 -32.95 -9.68
CA SER M 169 87.17 -34.23 -9.52
C SER M 169 87.88 -35.03 -8.42
N GLY M 170 87.12 -35.43 -7.40
CA GLY M 170 87.66 -36.14 -6.26
C GLY M 170 88.21 -35.23 -5.18
N VAL M 171 87.58 -34.06 -4.97
CA VAL M 171 88.01 -33.10 -3.94
C VAL M 171 86.86 -32.72 -3.02
N HIS M 172 87.03 -32.98 -1.72
CA HIS M 172 86.05 -32.58 -0.73
C HIS M 172 86.64 -31.61 0.29
N THR M 173 86.00 -30.44 0.45
CA THR M 173 86.40 -29.47 1.48
C THR M 173 85.30 -29.41 2.54
N PHE M 174 85.59 -29.98 3.71
CA PHE M 174 84.64 -30.05 4.83
C PHE M 174 84.28 -28.67 5.39
N PRO M 175 83.04 -28.54 5.86
CA PRO M 175 82.62 -27.32 6.56
C PRO M 175 83.48 -27.11 7.80
N ALA M 176 83.66 -25.86 8.19
CA ALA M 176 84.50 -25.53 9.36
C ALA M 176 83.88 -25.99 10.67
N VAL M 177 84.69 -25.94 11.72
CA VAL M 177 84.25 -26.18 13.09
C VAL M 177 84.59 -24.91 13.86
N LEU M 178 83.78 -24.59 14.86
CA LEU M 178 84.03 -23.39 15.62
C LEU M 178 84.47 -23.78 17.01
N GLN M 179 85.74 -23.54 17.31
CA GLN M 179 86.30 -23.92 18.61
C GLN M 179 85.82 -22.97 19.70
N SER M 180 86.13 -23.31 20.94
CA SER M 180 85.72 -22.50 22.10
C SER M 180 86.60 -21.26 22.26
N SER M 181 87.69 -21.21 21.49
CA SER M 181 88.54 -20.02 21.44
C SER M 181 87.93 -18.94 20.55
N GLY M 182 86.88 -19.29 19.83
CA GLY M 182 86.25 -18.40 18.88
C GLY M 182 87.07 -18.28 17.60
N LEU M 183 87.78 -19.35 17.27
CA LEU M 183 88.52 -19.42 16.02
C LEU M 183 88.01 -20.57 15.19
N TYR M 184 88.19 -20.50 13.89
CA TYR M 184 87.69 -21.54 13.02
C TYR M 184 88.80 -22.49 12.59
N SER M 185 88.41 -23.70 12.21
CA SER M 185 89.35 -24.64 11.60
C SER M 185 88.61 -25.54 10.63
N LEU M 186 89.21 -25.80 9.47
CA LEU M 186 88.61 -26.73 8.52
C LEU M 186 89.62 -27.68 7.89
N SER M 187 89.11 -28.67 7.15
CA SER M 187 89.96 -29.63 6.46
C SER M 187 89.53 -29.77 5.00
N SER M 188 90.46 -30.09 4.12
CA SER M 188 90.14 -30.31 2.73
C SER M 188 90.88 -31.55 2.24
N VAL M 189 90.13 -32.53 1.73
CA VAL M 189 90.70 -33.81 1.31
C VAL M 189 90.49 -34.08 -0.17
N VAL M 190 91.52 -34.65 -0.79
CA VAL M 190 91.42 -35.07 -2.17
C VAL M 190 91.66 -36.57 -2.23
N THR M 191 90.73 -37.29 -2.84
CA THR M 191 90.86 -38.73 -3.04
C THR M 191 91.55 -39.04 -4.38
N VAL M 192 92.67 -39.76 -4.32
CA VAL M 192 93.45 -40.09 -5.52
C VAL M 192 93.94 -41.56 -5.52
N PRO M 193 94.34 -42.09 -6.68
CA PRO M 193 94.92 -43.44 -6.77
C PRO M 193 96.22 -43.70 -5.98
N SER M 194 96.37 -44.94 -5.50
CA SER M 194 97.56 -45.39 -4.78
C SER M 194 98.83 -45.25 -5.61
N SER M 195 98.75 -45.65 -6.88
CA SER M 195 99.90 -45.69 -7.78
C SER M 195 100.59 -44.34 -7.98
N SER M 196 99.81 -43.30 -8.28
CA SER M 196 100.36 -41.97 -8.55
C SER M 196 101.12 -41.39 -7.35
N LEU M 197 100.68 -41.73 -6.14
CA LEU M 197 101.16 -41.17 -4.85
C LEU M 197 102.60 -40.64 -4.76
N GLY M 198 103.57 -41.46 -5.17
CA GLY M 198 104.96 -41.07 -5.08
C GLY M 198 105.40 -40.24 -6.27
N THR M 199 104.94 -40.64 -7.44
CA THR M 199 105.27 -39.96 -8.69
C THR M 199 104.57 -38.59 -8.74
N GLN M 200 103.36 -38.56 -8.20
CA GLN M 200 102.52 -37.38 -8.34
C GLN M 200 102.67 -36.33 -7.22
N THR M 201 102.67 -35.06 -7.62
CA THR M 201 102.86 -33.95 -6.70
C THR M 201 101.56 -33.16 -6.48
N TYR M 202 101.13 -33.08 -5.23
CA TYR M 202 99.86 -32.43 -4.87
C TYR M 202 100.07 -31.20 -3.96
N ILE M 203 99.50 -30.06 -4.36
CA ILE M 203 99.64 -28.84 -3.60
C ILE M 203 98.30 -28.18 -3.32
N CYS M 204 98.03 -27.84 -2.06
CA CYS M 204 96.79 -27.13 -1.71
C CYS M 204 96.98 -25.61 -1.60
N ASN M 205 96.00 -24.87 -2.13
CA ASN M 205 96.07 -23.42 -2.20
C ASN M 205 95.01 -22.76 -1.32
N VAL M 206 95.41 -22.41 -0.10
CA VAL M 206 94.53 -21.80 0.90
C VAL M 206 94.54 -20.26 0.82
N ASN M 207 93.35 -19.67 0.85
CA ASN M 207 93.19 -18.24 0.68
C ASN M 207 92.21 -17.66 1.71
N HIS M 208 92.70 -16.76 2.55
CA HIS M 208 91.87 -16.16 3.58
C HIS M 208 91.86 -14.64 3.36
N LYS M 209 91.03 -14.18 2.42
CA LYS M 209 90.97 -12.76 2.06
C LYS M 209 90.85 -11.72 3.21
N PRO M 210 90.04 -12.02 4.26
CA PRO M 210 89.98 -11.10 5.41
C PRO M 210 91.31 -10.70 6.06
N SER M 211 92.26 -11.62 6.23
CA SER M 211 93.57 -11.27 6.83
C SER M 211 94.66 -11.12 5.77
N ASN M 212 94.22 -11.09 4.51
CA ASN M 212 95.11 -11.03 3.36
C ASN M 212 96.30 -11.99 3.41
N THR M 213 96.02 -13.29 3.60
CA THR M 213 97.05 -14.32 3.55
C THR M 213 96.71 -15.40 2.51
N LYS M 214 97.65 -15.71 1.64
CA LYS M 214 97.51 -16.89 0.78
C LYS M 214 98.62 -17.85 1.17
N VAL M 215 98.26 -19.07 1.55
CA VAL M 215 99.27 -20.07 1.83
C VAL M 215 99.20 -21.18 0.77
N ASP M 216 100.36 -21.60 0.27
CA ASP M 216 100.46 -22.76 -0.61
C ASP M 216 101.28 -23.84 0.09
N LYS M 217 100.77 -25.06 0.16
CA LYS M 217 101.44 -26.11 0.93
C LYS M 217 101.42 -27.45 0.19
N ARG M 218 102.60 -28.02 -0.04
CA ARG M 218 102.68 -29.37 -0.61
C ARG M 218 102.38 -30.42 0.45
N VAL M 219 101.75 -31.51 0.00
CA VAL M 219 101.39 -32.63 0.86
C VAL M 219 102.06 -33.92 0.36
N GLU M 220 103.00 -34.44 1.14
CA GLU M 220 103.80 -35.59 0.74
C GLU M 220 103.82 -36.63 1.84
N PRO M 221 103.98 -37.91 1.46
CA PRO M 221 104.16 -38.99 2.44
C PRO M 221 105.46 -38.84 3.23
N VAL N 3 56.33 -18.68 20.22
CA VAL N 3 56.03 -19.96 20.85
C VAL N 3 55.01 -20.78 20.04
N LEU N 4 55.39 -21.12 18.81
CA LEU N 4 54.58 -21.97 17.93
C LEU N 4 55.28 -23.31 17.79
N THR N 5 54.55 -24.39 18.06
CA THR N 5 55.16 -25.72 18.13
C THR N 5 54.97 -26.56 16.87
N GLN N 6 56.08 -26.98 16.26
CA GLN N 6 56.08 -27.95 15.16
C GLN N 6 56.91 -29.15 15.57
N PRO N 7 56.58 -30.34 15.04
CA PRO N 7 57.45 -31.52 15.20
C PRO N 7 58.81 -31.24 14.56
N PRO N 8 59.89 -31.73 15.16
CA PRO N 8 61.22 -31.37 14.63
C PRO N 8 61.53 -31.95 13.24
N SER N 9 60.96 -33.11 12.91
CA SER N 9 61.21 -33.71 11.61
C SER N 9 60.10 -34.66 11.11
N VAL N 10 60.07 -34.84 9.79
CA VAL N 10 59.07 -35.67 9.12
C VAL N 10 59.70 -36.35 7.89
N SER N 11 59.37 -37.61 7.65
CA SER N 11 59.95 -38.36 6.55
C SER N 11 58.91 -39.20 5.76
N ALA N 12 59.08 -39.27 4.44
CA ALA N 12 58.27 -40.15 3.58
C ALA N 12 58.94 -40.41 2.22
N ALA N 13 58.47 -41.44 1.53
CA ALA N 13 59.06 -41.86 0.26
C ALA N 13 58.56 -41.00 -0.89
N PRO N 14 59.34 -40.91 -1.97
CA PRO N 14 58.92 -40.13 -3.15
C PRO N 14 57.57 -40.61 -3.72
N GLY N 15 56.66 -39.67 -3.97
CA GLY N 15 55.37 -40.00 -4.56
C GLY N 15 54.24 -39.98 -3.54
N GLN N 16 54.59 -40.09 -2.27
CA GLN N 16 53.59 -40.15 -1.23
C GLN N 16 53.22 -38.77 -0.70
N LYS N 17 52.26 -38.77 0.24
CA LYS N 17 51.78 -37.56 0.91
C LYS N 17 52.37 -37.41 2.33
N VAL N 18 52.64 -36.16 2.74
CA VAL N 18 53.02 -35.83 4.14
C VAL N 18 52.14 -34.73 4.72
N THR N 19 52.17 -34.61 6.04
CA THR N 19 51.58 -33.45 6.72
C THR N 19 52.48 -32.91 7.84
N ILE N 20 52.55 -31.59 7.90
CA ILE N 20 53.31 -30.92 8.93
C ILE N 20 52.37 -30.05 9.76
N SER N 21 52.28 -30.34 11.06
CA SER N 21 51.37 -29.61 11.93
C SER N 21 52.08 -28.51 12.73
N CYS N 22 51.32 -27.51 13.12
CA CYS N 22 51.84 -26.36 13.83
C CYS N 22 50.77 -25.95 14.88
N SER N 23 51.16 -25.96 16.15
CA SER N 23 50.20 -25.73 17.23
C SER N 23 50.53 -24.50 18.07
N GLY N 24 49.49 -23.76 18.46
CA GLY N 24 49.69 -22.55 19.24
C GLY N 24 48.52 -22.27 20.16
N SER N 25 48.30 -20.99 20.45
CA SER N 25 47.22 -20.58 21.34
C SER N 25 46.19 -19.78 20.58
N SER N 26 45.19 -19.28 21.31
CA SER N 26 44.14 -18.49 20.69
C SER N 26 44.59 -17.08 20.34
N SER N 27 45.55 -16.53 21.10
CA SER N 27 46.03 -15.17 20.80
C SER N 27 46.84 -15.09 19.50
N ASN N 28 47.37 -16.23 19.05
CA ASN N 28 48.01 -16.33 17.72
C ASN N 28 47.22 -17.12 16.65
N ILE N 29 47.46 -18.42 16.51
CA ILE N 29 46.80 -19.19 15.45
C ILE N 29 45.27 -19.14 15.51
N GLY N 30 44.72 -19.24 16.71
CA GLY N 30 43.28 -19.15 16.90
C GLY N 30 42.59 -17.95 16.23
N ASN N 31 43.17 -16.77 16.43
CA ASN N 31 42.55 -15.51 16.00
C ASN N 31 43.20 -14.83 14.80
N ASN N 32 44.15 -15.49 14.14
CA ASN N 32 44.79 -14.86 12.98
C ASN N 32 45.00 -15.85 11.83
N TYR N 33 45.61 -15.38 10.76
CA TYR N 33 45.83 -16.20 9.57
C TYR N 33 47.23 -16.82 9.50
N VAL N 34 47.31 -18.09 9.13
CA VAL N 34 48.58 -18.81 9.14
C VAL N 34 49.24 -18.87 7.74
N SER N 35 50.54 -18.58 7.68
CA SER N 35 51.33 -18.75 6.46
C SER N 35 52.31 -19.92 6.60
N TRP N 36 52.72 -20.50 5.48
CA TRP N 36 53.78 -21.52 5.50
C TRP N 36 54.94 -21.07 4.63
N TYR N 37 56.16 -21.17 5.16
CA TYR N 37 57.33 -20.76 4.40
C TYR N 37 58.25 -21.96 4.16
N GLN N 38 58.79 -22.06 2.96
CA GLN N 38 59.75 -23.12 2.64
C GLN N 38 61.17 -22.57 2.50
N GLN N 39 62.14 -23.24 3.10
CA GLN N 39 63.52 -22.80 3.00
C GLN N 39 64.46 -23.93 2.62
N LEU N 40 64.81 -23.97 1.33
CA LEU N 40 65.86 -24.86 0.85
C LEU N 40 67.16 -24.30 1.37
N PRO N 41 68.11 -25.19 1.69
CA PRO N 41 69.44 -24.78 2.19
C PRO N 41 70.05 -23.62 1.37
N GLY N 42 70.44 -22.56 2.07
CA GLY N 42 71.08 -21.41 1.43
C GLY N 42 70.21 -20.55 0.52
N THR N 43 68.88 -20.58 0.71
CA THR N 43 68.00 -19.65 -0.01
C THR N 43 67.16 -18.81 0.95
N ALA N 44 66.61 -17.74 0.38
CA ALA N 44 65.60 -16.94 1.05
C ALA N 44 64.40 -17.82 1.26
N PRO N 45 63.75 -17.69 2.43
CA PRO N 45 62.45 -18.34 2.60
C PRO N 45 61.49 -17.91 1.50
N LYS N 46 60.72 -18.86 0.97
CA LYS N 46 59.71 -18.58 -0.05
C LYS N 46 58.30 -18.84 0.52
N LEU N 47 57.32 -18.04 0.07
CA LEU N 47 55.96 -18.18 0.57
C LEU N 47 55.26 -19.32 -0.18
N LEU N 48 54.82 -20.32 0.57
CA LEU N 48 54.10 -21.48 0.02
C LEU N 48 52.58 -21.32 0.11
N ILE N 49 52.12 -20.89 1.29
CA ILE N 49 50.69 -20.77 1.56
C ILE N 49 50.43 -19.59 2.50
N TYR N 50 49.35 -18.86 2.22
CA TYR N 50 48.95 -17.73 3.07
C TYR N 50 47.45 -17.80 3.33
N ASP N 51 46.96 -17.03 4.29
CA ASP N 51 45.54 -16.98 4.61
C ASP N 51 45.02 -18.38 4.87
N ASN N 52 45.82 -19.15 5.61
CA ASN N 52 45.49 -20.53 6.00
C ASN N 52 45.51 -21.54 4.84
N ASN N 53 44.80 -21.24 3.76
CA ASN N 53 44.62 -22.22 2.67
C ASN N 53 44.81 -21.68 1.25
N LYS N 54 45.13 -20.39 1.13
CA LYS N 54 45.35 -19.77 -0.18
C LYS N 54 46.80 -19.92 -0.61
N ARG N 55 46.99 -20.11 -1.91
CA ARG N 55 48.30 -20.43 -2.46
C ARG N 55 48.63 -19.46 -3.57
N PRO N 56 49.77 -18.75 -3.43
CA PRO N 56 50.18 -17.70 -4.38
C PRO N 56 50.41 -18.24 -5.78
N SER N 57 50.28 -17.39 -6.78
CA SER N 57 50.46 -17.83 -8.16
C SER N 57 51.93 -18.23 -8.33
N GLY N 58 52.13 -19.42 -8.90
CA GLY N 58 53.47 -19.91 -9.12
C GLY N 58 53.89 -21.02 -8.17
N ILE N 59 52.95 -21.44 -7.32
CA ILE N 59 53.16 -22.55 -6.39
C ILE N 59 52.34 -23.75 -6.83
N PRO N 60 53.01 -24.89 -7.06
CA PRO N 60 52.36 -26.16 -7.43
C PRO N 60 51.13 -26.47 -6.57
N ASP N 61 50.11 -27.05 -7.18
CA ASP N 61 48.85 -27.30 -6.49
C ASP N 61 48.89 -28.52 -5.54
N ARG N 62 50.03 -29.18 -5.46
CA ARG N 62 50.17 -30.31 -4.54
C ARG N 62 50.50 -29.82 -3.14
N PHE N 63 50.69 -28.50 -3.00
CA PHE N 63 50.76 -27.85 -1.71
C PHE N 63 49.36 -27.41 -1.28
N SER N 64 49.00 -27.73 -0.04
CA SER N 64 47.67 -27.45 0.47
C SER N 64 47.77 -27.07 1.94
N GLY N 65 46.86 -26.20 2.40
CA GLY N 65 46.92 -25.72 3.78
C GLY N 65 45.55 -25.75 4.42
N SER N 66 45.53 -25.87 5.75
CA SER N 66 44.27 -25.91 6.48
C SER N 66 44.48 -25.47 7.91
N LYS N 67 43.43 -24.90 8.50
CA LYS N 67 43.44 -24.49 9.91
C LYS N 67 42.16 -24.95 10.60
N SER N 68 42.32 -25.60 11.74
CA SER N 68 41.18 -26.07 12.54
C SER N 68 41.42 -25.68 14.01
N GLY N 69 40.64 -24.74 14.51
CA GLY N 69 40.77 -24.33 15.90
C GLY N 69 42.04 -23.58 16.26
N THR N 70 42.91 -24.22 17.02
CA THR N 70 44.09 -23.58 17.60
C THR N 70 45.35 -24.05 16.88
N SER N 71 45.18 -24.86 15.83
CA SER N 71 46.32 -25.37 15.06
C SER N 71 46.11 -25.32 13.54
N ALA N 72 47.19 -25.51 12.80
CA ALA N 72 47.16 -25.54 11.33
C ALA N 72 48.03 -26.68 10.78
N THR N 73 47.68 -27.22 9.62
CA THR N 73 48.52 -28.23 9.00
C THR N 73 48.85 -27.91 7.53
N LEU N 74 50.12 -28.08 7.17
CA LEU N 74 50.54 -28.00 5.76
C LEU N 74 50.48 -29.41 5.18
N GLY N 75 50.15 -29.52 3.89
CA GLY N 75 50.14 -30.81 3.22
C GLY N 75 50.85 -30.80 1.87
N ILE N 76 51.66 -31.82 1.64
CA ILE N 76 52.32 -31.98 0.34
C ILE N 76 52.01 -33.36 -0.23
N THR N 77 51.54 -33.41 -1.48
CA THR N 77 51.27 -34.68 -2.14
C THR N 77 52.25 -34.88 -3.30
N GLY N 78 52.37 -36.13 -3.75
CA GLY N 78 53.29 -36.52 -4.82
C GLY N 78 54.67 -35.94 -4.63
N LEU N 79 55.23 -36.13 -3.44
CA LEU N 79 56.41 -35.35 -3.08
C LEU N 79 57.65 -35.84 -3.79
N GLN N 80 58.37 -34.89 -4.38
CA GLN N 80 59.58 -35.16 -5.13
C GLN N 80 60.79 -34.86 -4.25
N THR N 81 61.96 -35.34 -4.66
CA THR N 81 63.16 -35.17 -3.84
C THR N 81 63.54 -33.70 -3.66
N GLY N 82 63.05 -32.84 -4.55
CA GLY N 82 63.36 -31.41 -4.50
C GLY N 82 62.62 -30.68 -3.40
N ASP N 83 61.75 -31.40 -2.69
CA ASP N 83 60.96 -30.86 -1.58
C ASP N 83 61.69 -30.87 -0.23
N GLU N 84 62.85 -31.52 -0.19
CA GLU N 84 63.64 -31.63 1.03
C GLU N 84 64.11 -30.25 1.49
N ALA N 85 63.50 -29.74 2.55
CA ALA N 85 63.88 -28.43 3.11
C ALA N 85 63.39 -28.27 4.56
N ASP N 86 63.74 -27.16 5.19
CA ASP N 86 63.14 -26.81 6.48
C ASP N 86 61.81 -26.06 6.24
N TYR N 87 60.74 -26.41 6.98
CA TYR N 87 59.41 -25.79 6.79
C TYR N 87 58.94 -25.07 8.04
N TYR N 88 58.58 -23.80 7.86
CA TYR N 88 58.22 -22.94 8.99
C TYR N 88 56.79 -22.40 8.84
N CYS N 89 56.03 -22.46 9.94
CA CYS N 89 54.74 -21.77 9.98
C CYS N 89 54.88 -20.39 10.62
N GLY N 90 53.98 -19.48 10.30
CA GLY N 90 54.05 -18.13 10.82
C GLY N 90 52.69 -17.45 10.90
N THR N 91 52.50 -16.63 11.92
CA THR N 91 51.25 -15.92 12.10
C THR N 91 51.49 -14.65 12.91
N TRP N 92 50.41 -14.01 13.32
CA TRP N 92 50.46 -12.81 14.13
C TRP N 92 49.87 -13.05 15.54
N ASP N 93 50.62 -12.69 16.58
CA ASP N 93 50.13 -12.84 17.95
C ASP N 93 49.45 -11.55 18.37
N SER N 94 48.19 -11.66 18.78
CA SER N 94 47.31 -10.52 18.91
C SER N 94 47.28 -10.01 20.35
N SER N 95 48.00 -10.69 21.24
CA SER N 95 48.03 -10.29 22.66
C SER N 95 48.76 -8.96 22.82
N LEU N 96 48.93 -8.51 24.06
CA LEU N 96 49.55 -7.21 24.30
C LEU N 96 50.99 -7.17 23.80
N SER N 97 51.58 -8.35 23.70
CA SER N 97 52.89 -8.53 23.07
C SER N 97 52.93 -7.92 21.68
N ALA N 98 51.90 -8.22 20.87
CA ALA N 98 51.71 -7.65 19.52
C ALA N 98 52.93 -7.81 18.61
N TYR N 99 53.09 -9.01 18.09
CA TYR N 99 54.24 -9.29 17.24
C TYR N 99 54.01 -10.45 16.30
N VAL N 100 54.94 -10.61 15.36
CA VAL N 100 54.97 -11.73 14.43
C VAL N 100 55.72 -12.91 15.07
N VAL N 101 55.09 -14.08 15.10
CA VAL N 101 55.64 -15.22 15.81
C VAL N 101 55.84 -16.37 14.84
N PHE N 102 56.92 -17.15 15.00
CA PHE N 102 57.21 -18.31 14.13
C PHE N 102 57.29 -19.62 14.88
N GLY N 103 57.22 -20.71 14.12
CA GLY N 103 57.34 -22.05 14.67
C GLY N 103 58.79 -22.49 14.73
N GLY N 104 59.01 -23.67 15.29
CA GLY N 104 60.34 -24.20 15.47
C GLY N 104 60.95 -24.65 14.16
N GLY N 105 60.09 -25.00 13.20
CA GLY N 105 60.53 -25.59 11.96
C GLY N 105 60.45 -27.11 12.00
N THR N 106 60.22 -27.72 10.84
CA THR N 106 60.40 -29.16 10.71
C THR N 106 61.25 -29.44 9.48
N LYS N 107 62.19 -30.39 9.59
CA LYS N 107 63.00 -30.79 8.44
C LYS N 107 62.39 -32.02 7.74
N LEU N 108 62.01 -31.81 6.48
CA LEU N 108 61.44 -32.87 5.68
C LEU N 108 62.55 -33.56 4.92
N THR N 109 62.74 -34.85 5.18
CA THR N 109 63.70 -35.66 4.43
C THR N 109 62.94 -36.66 3.53
N VAL N 110 63.27 -36.68 2.25
CA VAL N 110 62.63 -37.63 1.34
C VAL N 110 63.36 -38.98 1.45
N LEU N 111 62.59 -40.05 1.72
CA LEU N 111 63.15 -41.40 1.84
C LEU N 111 63.77 -41.84 0.50
N GLY N 112 63.55 -43.09 0.14
CA GLY N 112 63.95 -43.59 -1.18
C GLY N 112 65.42 -43.45 -1.58
N GLN N 113 66.27 -42.97 -0.67
CA GLN N 113 67.71 -43.04 -0.89
C GLN N 113 68.18 -44.25 -0.11
N PRO N 114 69.11 -45.01 -0.68
CA PRO N 114 69.61 -46.23 -0.02
C PRO N 114 70.53 -45.92 1.17
N LYS N 115 70.47 -46.74 2.23
CA LYS N 115 71.43 -46.64 3.34
C LYS N 115 72.81 -46.68 2.72
N ALA N 116 73.64 -45.72 3.05
CA ALA N 116 75.05 -45.76 2.64
C ALA N 116 75.93 -45.74 3.89
N ASN N 117 76.63 -46.85 4.12
CA ASN N 117 77.55 -46.95 5.25
C ASN N 117 78.78 -45.98 5.11
N PRO N 118 79.17 -45.32 6.22
CA PRO N 118 80.17 -44.25 6.18
C PRO N 118 81.61 -44.72 6.01
N THR N 119 82.37 -43.92 5.27
CA THR N 119 83.78 -44.20 5.06
C THR N 119 84.59 -43.24 5.96
N VAL N 120 85.55 -43.80 6.71
CA VAL N 120 86.20 -43.03 7.77
C VAL N 120 87.73 -42.92 7.61
N THR N 121 88.22 -41.68 7.52
CA THR N 121 89.66 -41.44 7.41
C THR N 121 90.18 -40.75 8.67
N LEU N 122 91.19 -41.33 9.30
CA LEU N 122 91.78 -40.73 10.50
C LEU N 122 93.25 -40.33 10.32
N PHE N 123 93.53 -39.03 10.52
CA PHE N 123 94.89 -38.51 10.46
C PHE N 123 95.43 -38.19 11.86
N PRO N 124 96.73 -38.46 12.10
CA PRO N 124 97.39 -38.10 13.36
C PRO N 124 98.01 -36.69 13.18
N PRO N 125 98.55 -36.10 14.25
CA PRO N 125 99.21 -34.78 14.12
C PRO N 125 100.36 -34.77 13.12
N SER N 126 100.40 -33.74 12.26
CA SER N 126 101.55 -33.54 11.38
C SER N 126 102.82 -33.22 12.19
N SER N 127 103.99 -33.50 11.64
CA SER N 127 105.21 -33.26 12.39
C SER N 127 105.47 -31.75 12.57
N GLU N 128 105.13 -30.94 11.55
CA GLU N 128 105.29 -29.49 11.66
C GLU N 128 104.36 -28.86 12.72
N GLU N 129 103.22 -29.48 12.98
CA GLU N 129 102.30 -28.99 13.99
C GLU N 129 102.80 -29.33 15.39
N LEU N 130 103.33 -30.54 15.56
CA LEU N 130 103.99 -30.90 16.80
C LEU N 130 105.16 -29.96 17.08
N GLN N 131 105.90 -29.62 16.02
CA GLN N 131 107.04 -28.71 16.11
C GLN N 131 106.59 -27.28 16.45
N ALA N 132 105.29 -27.04 16.26
CA ALA N 132 104.67 -25.74 16.61
C ALA N 132 104.01 -25.80 17.99
N ASN N 133 104.29 -26.86 18.73
CA ASN N 133 103.78 -27.10 20.08
C ASN N 133 102.26 -27.27 20.22
N LYS N 134 101.62 -27.81 19.19
CA LYS N 134 100.21 -28.15 19.26
C LYS N 134 100.01 -29.55 18.67
N ALA N 135 98.85 -30.16 18.87
CA ALA N 135 98.57 -31.47 18.31
C ALA N 135 97.07 -31.70 18.05
N THR N 136 96.75 -32.01 16.81
CA THR N 136 95.36 -32.16 16.41
C THR N 136 95.17 -33.46 15.64
N LEU N 137 94.33 -34.34 16.20
CA LEU N 137 93.86 -35.55 15.51
C LEU N 137 92.61 -35.20 14.70
N VAL N 138 92.57 -35.61 13.44
CA VAL N 138 91.50 -35.25 12.53
C VAL N 138 90.76 -36.50 12.04
N CYS N 139 89.46 -36.58 12.35
CA CYS N 139 88.65 -37.69 11.87
C CYS N 139 87.67 -37.18 10.82
N LEU N 140 87.79 -37.67 9.58
CA LEU N 140 86.88 -37.30 8.49
C LEU N 140 85.95 -38.43 8.06
N ILE N 141 84.65 -38.13 8.08
CA ILE N 141 83.59 -39.11 7.80
C ILE N 141 82.79 -38.64 6.59
N SER N 142 82.73 -39.47 5.54
CA SER N 142 82.00 -39.08 4.32
C SER N 142 81.09 -40.16 3.73
N ASP N 143 80.14 -39.71 2.91
CA ASP N 143 79.30 -40.56 2.08
C ASP N 143 78.31 -41.45 2.83
N PHE N 144 77.87 -41.02 4.00
CA PHE N 144 76.84 -41.77 4.71
C PHE N 144 75.41 -41.26 4.46
N TYR N 145 74.44 -42.16 4.57
CA TYR N 145 73.03 -41.79 4.56
C TYR N 145 72.23 -42.85 5.33
N PRO N 146 71.29 -42.43 6.19
CA PRO N 146 70.89 -41.06 6.53
C PRO N 146 71.98 -40.27 7.28
N GLY N 147 71.79 -38.95 7.42
CA GLY N 147 72.85 -38.05 7.88
C GLY N 147 73.00 -37.85 9.38
N ALA N 148 73.06 -38.94 10.14
CA ALA N 148 73.18 -38.87 11.59
C ALA N 148 74.17 -39.91 12.11
N VAL N 149 75.32 -39.43 12.58
CA VAL N 149 76.33 -40.29 13.19
C VAL N 149 76.70 -39.77 14.58
N THR N 150 77.13 -40.67 15.46
CA THR N 150 77.76 -40.26 16.72
C THR N 150 79.25 -40.61 16.67
N VAL N 151 80.08 -39.79 17.33
CA VAL N 151 81.52 -39.99 17.31
C VAL N 151 82.12 -40.12 18.72
N ALA N 152 82.95 -41.14 18.92
CA ALA N 152 83.54 -41.36 20.23
C ALA N 152 85.07 -41.58 20.17
N TRP N 153 85.81 -40.83 20.99
CA TRP N 153 87.28 -40.96 21.00
C TRP N 153 87.80 -41.88 22.10
N LYS N 154 88.94 -42.51 21.84
CA LYS N 154 89.56 -43.46 22.77
C LYS N 154 91.03 -43.15 23.02
N ALA N 155 91.42 -43.04 24.29
CA ALA N 155 92.83 -43.00 24.66
C ALA N 155 93.25 -44.41 25.05
N ASP N 156 94.10 -45.02 24.23
CA ASP N 156 94.45 -46.44 24.33
C ASP N 156 93.20 -47.32 24.19
N GLY N 157 92.53 -47.56 25.32
CA GLY N 157 91.30 -48.33 25.32
C GLY N 157 90.14 -47.65 26.05
N SER N 158 90.43 -46.59 26.80
CA SER N 158 89.40 -45.88 27.56
C SER N 158 89.03 -44.55 26.90
N PRO N 159 87.75 -44.15 27.00
CA PRO N 159 87.26 -42.93 26.36
C PRO N 159 87.84 -41.63 26.94
N VAL N 160 87.90 -40.59 26.11
CA VAL N 160 88.25 -39.25 26.57
C VAL N 160 87.22 -38.27 26.05
N LYS N 161 86.63 -37.48 26.95
CA LYS N 161 85.58 -36.54 26.57
C LYS N 161 86.14 -35.13 26.44
N ALA N 162 87.31 -34.91 27.06
CA ALA N 162 87.96 -33.59 27.09
C ALA N 162 88.78 -33.28 25.83
N GLY N 163 88.50 -32.16 25.18
CA GLY N 163 89.29 -31.72 24.05
C GLY N 163 88.68 -32.03 22.70
N VAL N 164 87.41 -32.44 22.72
CA VAL N 164 86.72 -32.88 21.51
C VAL N 164 85.81 -31.81 20.92
N GLU N 165 85.93 -31.61 19.61
CA GLU N 165 85.03 -30.77 18.81
C GLU N 165 84.54 -31.52 17.58
N THR N 166 83.22 -31.65 17.42
CA THR N 166 82.62 -32.31 16.27
C THR N 166 81.66 -31.34 15.57
N THR N 167 81.57 -31.42 14.24
CA THR N 167 80.60 -30.62 13.48
C THR N 167 79.20 -31.26 13.44
N LYS N 168 78.19 -30.45 13.08
CA LYS N 168 76.91 -30.99 12.64
C LYS N 168 77.13 -31.65 11.27
N PRO N 169 76.53 -32.83 11.06
CA PRO N 169 76.63 -33.47 9.74
C PRO N 169 76.03 -32.56 8.66
N SER N 170 76.59 -32.57 7.45
CA SER N 170 76.08 -31.68 6.41
C SER N 170 76.04 -32.37 5.06
N LYS N 171 74.92 -32.24 4.35
CA LYS N 171 74.76 -32.86 3.03
C LYS N 171 75.83 -32.38 2.06
N GLN N 172 76.57 -33.33 1.49
CA GLN N 172 77.56 -33.03 0.46
C GLN N 172 76.88 -32.71 -0.85
N SER N 173 77.70 -32.58 -1.91
CA SER N 173 77.18 -32.27 -3.23
C SER N 173 76.45 -33.47 -3.79
N ASN N 174 77.02 -34.66 -3.59
CA ASN N 174 76.41 -35.89 -4.12
C ASN N 174 75.24 -36.44 -3.29
N ASN N 175 74.56 -35.56 -2.55
CA ASN N 175 73.36 -35.90 -1.78
C ASN N 175 73.55 -36.91 -0.64
N LYS N 176 74.80 -37.14 -0.26
CA LYS N 176 75.12 -37.88 0.95
C LYS N 176 75.58 -36.91 2.04
N TYR N 177 75.96 -37.43 3.19
CA TYR N 177 76.34 -36.56 4.31
C TYR N 177 77.84 -36.68 4.70
N ALA N 178 78.37 -35.60 5.29
CA ALA N 178 79.76 -35.57 5.76
C ALA N 178 79.86 -34.96 7.16
N ALA N 179 80.92 -35.30 7.87
CA ALA N 179 81.14 -34.78 9.22
C ALA N 179 82.63 -34.81 9.60
N SER N 180 83.06 -33.80 10.35
CA SER N 180 84.43 -33.71 10.85
C SER N 180 84.43 -33.80 12.38
N SER N 181 85.43 -34.47 12.95
CA SER N 181 85.67 -34.42 14.40
C SER N 181 87.16 -34.19 14.71
N TYR N 182 87.45 -33.18 15.53
CA TYR N 182 88.83 -32.86 15.88
C TYR N 182 89.08 -33.09 17.37
N LEU N 183 90.16 -33.80 17.69
CA LEU N 183 90.61 -33.95 19.08
C LEU N 183 91.90 -33.16 19.35
N SER N 184 91.84 -32.15 20.22
CA SER N 184 93.00 -31.26 20.47
C SER N 184 93.80 -31.65 21.73
N LEU N 185 95.07 -32.00 21.52
CA LEU N 185 95.95 -32.46 22.61
C LEU N 185 97.24 -31.62 22.73
N THR N 186 97.97 -31.81 23.82
CA THR N 186 99.35 -31.34 23.89
C THR N 186 100.25 -32.37 23.24
N PRO N 187 101.41 -31.95 22.74
CA PRO N 187 102.36 -32.96 22.24
C PRO N 187 102.77 -33.94 23.34
N GLU N 188 102.79 -33.48 24.59
CA GLU N 188 103.11 -34.35 25.71
C GLU N 188 102.08 -35.47 25.84
N GLN N 189 100.79 -35.14 25.81
CA GLN N 189 99.72 -36.15 25.83
C GLN N 189 99.77 -37.11 24.62
N TRP N 190 99.94 -36.55 23.43
CA TRP N 190 99.96 -37.35 22.21
C TRP N 190 101.02 -38.47 22.26
N LYS N 191 102.28 -38.09 22.56
CA LYS N 191 103.38 -39.06 22.68
C LYS N 191 103.25 -39.91 23.95
N SER N 192 102.27 -39.56 24.79
CA SER N 192 102.07 -40.22 26.08
C SER N 192 101.25 -41.52 26.02
N HIS N 193 100.66 -41.83 24.86
CA HIS N 193 99.80 -43.01 24.75
C HIS N 193 100.25 -44.01 23.66
N ARG N 194 99.72 -45.23 23.75
CA ARG N 194 100.01 -46.29 22.80
C ARG N 194 99.33 -46.00 21.46
N SER N 195 98.01 -45.82 21.50
CA SER N 195 97.26 -45.45 20.32
C SER N 195 96.03 -44.62 20.68
N TYR N 196 95.51 -43.90 19.68
CA TYR N 196 94.25 -43.18 19.81
C TYR N 196 93.27 -43.70 18.74
N SER N 197 91.99 -43.79 19.08
CA SER N 197 90.98 -44.31 18.15
C SER N 197 89.80 -43.36 17.97
N CYS N 198 89.33 -43.23 16.72
CA CYS N 198 88.12 -42.50 16.40
C CYS N 198 87.07 -43.54 16.02
N GLN N 199 85.91 -43.49 16.68
CA GLN N 199 84.89 -44.52 16.50
C GLN N 199 83.53 -43.96 16.05
N VAL N 200 83.19 -44.21 14.79
CA VAL N 200 81.97 -43.70 14.17
C VAL N 200 80.84 -44.74 14.21
N THR N 201 79.71 -44.35 14.81
CA THR N 201 78.54 -45.22 14.92
C THR N 201 77.37 -44.68 14.09
N HIS N 202 77.01 -45.43 13.05
CA HIS N 202 76.00 -45.00 12.10
C HIS N 202 75.03 -46.16 11.87
N GLU N 203 73.74 -45.95 12.19
CA GLU N 203 72.70 -46.97 11.99
C GLU N 203 73.03 -48.32 12.63
N GLY N 204 73.38 -48.30 13.92
CA GLY N 204 73.67 -49.52 14.64
C GLY N 204 74.82 -50.35 14.09
N SER N 205 75.73 -49.70 13.36
CA SER N 205 76.97 -50.32 12.88
C SER N 205 78.18 -49.49 13.29
N THR N 206 79.32 -50.12 13.49
CA THR N 206 80.49 -49.42 14.01
C THR N 206 81.68 -49.47 13.08
N VAL N 207 82.25 -48.30 12.80
CA VAL N 207 83.53 -48.23 12.10
C VAL N 207 84.54 -47.58 13.03
N GLU N 208 85.74 -48.15 13.14
CA GLU N 208 86.76 -47.61 14.03
C GLU N 208 88.16 -47.59 13.38
N LYS N 209 88.79 -46.42 13.34
CA LYS N 209 90.15 -46.27 12.83
C LYS N 209 91.13 -45.94 13.97
N THR N 210 92.40 -46.29 13.79
CA THR N 210 93.41 -46.14 14.86
C THR N 210 94.71 -45.50 14.37
N VAL N 211 95.33 -44.69 15.23
CA VAL N 211 96.65 -44.12 14.96
C VAL N 211 97.58 -44.22 16.16
N ALA N 212 98.88 -44.28 15.91
CA ALA N 212 99.86 -44.34 16.98
C ALA N 212 100.98 -43.34 16.67
N PRO N 213 101.56 -42.74 17.74
CA PRO N 213 102.72 -41.84 17.64
C PRO N 213 103.83 -42.38 16.73
N THR N 214 103.78 -42.02 15.44
CA THR N 214 104.51 -42.70 14.34
C THR N 214 105.10 -44.05 14.72
N GLU N 215 104.20 -44.95 15.15
CA GLU N 215 104.55 -46.25 15.72
C GLU N 215 105.40 -46.12 16.98
N GLN O 1 -15.37 -36.74 -20.62
CA GLN O 1 -15.78 -37.14 -19.30
C GLN O 1 -15.02 -36.38 -18.21
N VAL O 2 -14.36 -35.29 -18.59
CA VAL O 2 -13.67 -34.39 -17.64
C VAL O 2 -14.13 -32.93 -17.74
N GLN O 3 -14.65 -32.37 -16.65
CA GLN O 3 -15.30 -31.06 -16.66
C GLN O 3 -14.59 -30.08 -15.74
N LEU O 4 -14.61 -28.80 -16.13
CA LEU O 4 -14.04 -27.75 -15.29
C LEU O 4 -15.09 -26.75 -14.83
N VAL O 5 -15.02 -26.42 -13.54
CA VAL O 5 -15.93 -25.46 -12.92
C VAL O 5 -15.17 -24.49 -12.00
N GLU O 6 -15.21 -23.21 -12.34
CA GLU O 6 -14.52 -22.24 -11.50
C GLU O 6 -15.42 -21.64 -10.42
N SER O 7 -14.82 -20.83 -9.53
CA SER O 7 -15.53 -20.22 -8.41
C SER O 7 -16.37 -19.04 -8.88
N GLY O 8 -17.13 -18.44 -7.96
CA GLY O 8 -18.01 -17.33 -8.31
C GLY O 8 -17.31 -16.00 -8.50
N ALA O 9 -18.07 -15.01 -8.99
CA ALA O 9 -17.56 -13.68 -9.29
C ALA O 9 -16.98 -12.96 -8.07
N GLU O 10 -15.96 -12.15 -8.31
CA GLU O 10 -15.37 -11.38 -7.22
C GLU O 10 -15.36 -9.87 -7.51
N VAL O 11 -15.47 -9.08 -6.46
CA VAL O 11 -15.40 -7.64 -6.58
C VAL O 11 -14.36 -7.15 -5.59
N LYS O 12 -13.38 -6.40 -6.08
CA LYS O 12 -12.21 -6.08 -5.29
C LYS O 12 -11.87 -4.60 -5.39
N LYS O 13 -11.31 -4.06 -4.31
CA LYS O 13 -10.76 -2.71 -4.33
C LYS O 13 -9.27 -2.74 -4.70
N PRO O 14 -8.78 -1.68 -5.35
CA PRO O 14 -7.39 -1.67 -5.83
C PRO O 14 -6.42 -1.91 -4.68
N GLY O 15 -5.41 -2.75 -4.89
CA GLY O 15 -4.40 -2.97 -3.87
C GLY O 15 -4.61 -4.25 -3.10
N SER O 16 -5.81 -4.79 -3.21
CA SER O 16 -6.14 -6.02 -2.53
C SER O 16 -5.74 -7.24 -3.35
N SER O 17 -5.87 -8.42 -2.74
CA SER O 17 -5.61 -9.68 -3.43
C SER O 17 -6.93 -10.39 -3.79
N VAL O 18 -6.87 -11.32 -4.72
CA VAL O 18 -8.01 -12.19 -5.06
C VAL O 18 -7.54 -13.60 -5.42
N LYS O 19 -8.24 -14.62 -4.92
CA LYS O 19 -7.84 -16.00 -5.14
C LYS O 19 -9.00 -16.79 -5.72
N VAL O 20 -8.96 -17.01 -7.02
CA VAL O 20 -9.94 -17.79 -7.78
C VAL O 20 -9.62 -19.29 -7.79
N SER O 21 -10.63 -20.16 -7.79
CA SER O 21 -10.38 -21.60 -7.80
C SER O 21 -11.01 -22.30 -9.00
N CYS O 22 -10.48 -23.46 -9.34
CA CYS O 22 -11.01 -24.24 -10.44
C CYS O 22 -11.12 -25.69 -10.00
N LYS O 23 -12.32 -26.27 -10.14
CA LYS O 23 -12.55 -27.67 -9.70
C LYS O 23 -12.81 -28.65 -10.84
N ALA O 24 -12.13 -29.79 -10.81
CA ALA O 24 -12.19 -30.74 -11.90
C ALA O 24 -12.91 -32.03 -11.51
N SER O 25 -13.88 -32.44 -12.32
CA SER O 25 -14.51 -33.74 -12.20
C SER O 25 -13.63 -34.76 -12.93
N GLY O 26 -14.07 -36.01 -13.00
CA GLY O 26 -13.19 -37.07 -13.46
C GLY O 26 -12.00 -37.08 -12.52
N GLY O 27 -10.79 -37.02 -13.07
CA GLY O 27 -9.59 -36.88 -12.27
C GLY O 27 -9.43 -37.92 -11.17
N PRO O 28 -9.39 -37.49 -9.90
CA PRO O 28 -9.32 -36.08 -9.47
C PRO O 28 -7.88 -35.62 -9.36
N PHE O 29 -6.99 -36.53 -8.96
CA PHE O 29 -5.56 -36.32 -9.06
C PHE O 29 -5.24 -36.22 -10.53
N ARG O 30 -4.43 -35.23 -10.89
CA ARG O 30 -4.25 -34.88 -12.28
C ARG O 30 -3.11 -35.67 -12.97
N SER O 31 -3.19 -35.75 -14.29
CA SER O 31 -2.11 -36.25 -15.13
C SER O 31 -2.11 -35.36 -16.39
N TYR O 32 -2.60 -34.13 -16.19
CA TYR O 32 -2.66 -33.12 -17.23
C TYR O 32 -2.32 -31.75 -16.62
N ALA O 33 -1.74 -30.87 -17.43
CA ALA O 33 -1.42 -29.53 -16.97
C ALA O 33 -2.68 -28.72 -16.97
N ILE O 34 -2.71 -27.66 -16.15
CA ILE O 34 -3.84 -26.72 -16.06
C ILE O 34 -3.31 -25.29 -16.09
N SER O 35 -3.98 -24.42 -16.86
CA SER O 35 -3.54 -23.04 -17.05
C SER O 35 -4.62 -22.04 -16.69
N TRP O 36 -4.23 -20.80 -16.44
CA TRP O 36 -5.19 -19.74 -16.28
C TRP O 36 -5.04 -18.75 -17.42
N VAL O 37 -6.14 -18.36 -18.04
CA VAL O 37 -6.14 -17.36 -19.09
C VAL O 37 -7.20 -16.30 -18.82
N ARG O 38 -6.81 -15.03 -18.88
CA ARG O 38 -7.76 -13.92 -18.69
C ARG O 38 -8.09 -13.20 -19.97
N GLN O 39 -9.25 -12.56 -20.00
CA GLN O 39 -9.66 -11.79 -21.16
C GLN O 39 -10.27 -10.51 -20.69
N ALA O 40 -9.56 -9.40 -20.94
CA ALA O 40 -10.10 -8.07 -20.65
C ALA O 40 -11.24 -7.79 -21.62
N PRO O 41 -12.22 -6.94 -21.22
CA PRO O 41 -13.38 -6.75 -22.09
C PRO O 41 -12.98 -6.14 -23.43
N GLY O 42 -13.39 -6.77 -24.53
CA GLY O 42 -12.96 -6.37 -25.86
C GLY O 42 -11.46 -6.46 -26.03
N GLN O 43 -10.94 -7.68 -25.85
CA GLN O 43 -9.52 -7.97 -25.95
C GLN O 43 -9.28 -9.42 -26.34
N GLY O 44 -8.09 -9.68 -26.86
CA GLY O 44 -7.64 -11.04 -27.11
C GLY O 44 -7.31 -11.69 -25.79
N PRO O 45 -7.43 -13.02 -25.71
CA PRO O 45 -7.09 -13.75 -24.48
C PRO O 45 -5.62 -13.51 -24.12
N GLU O 46 -5.30 -13.75 -22.85
CA GLU O 46 -3.97 -13.50 -22.35
C GLU O 46 -3.57 -14.60 -21.36
N TRP O 47 -2.52 -15.32 -21.68
CA TRP O 47 -2.11 -16.40 -20.78
C TRP O 47 -1.45 -15.83 -19.56
N MET O 48 -1.82 -16.36 -18.40
CA MET O 48 -1.24 -15.92 -17.13
C MET O 48 -0.21 -16.88 -16.56
N GLY O 49 -0.56 -18.15 -16.47
CA GLY O 49 0.37 -19.16 -16.02
C GLY O 49 -0.28 -20.52 -15.98
N GLY O 50 0.52 -21.53 -15.65
CA GLY O 50 -0.03 -22.88 -15.60
C GLY O 50 0.75 -23.77 -14.67
N ILE O 51 0.22 -24.94 -14.33
CA ILE O 51 0.88 -25.83 -13.38
C ILE O 51 0.91 -27.29 -13.85
N ILE O 52 2.10 -27.87 -13.85
CA ILE O 52 2.33 -29.24 -14.31
C ILE O 52 1.93 -30.24 -13.21
N PRO O 53 1.29 -31.35 -13.60
CA PRO O 53 0.89 -32.35 -12.60
C PRO O 53 2.08 -33.14 -12.06
N ILE O 54 1.86 -33.84 -10.96
CA ILE O 54 2.93 -34.58 -10.26
C ILE O 54 4.03 -33.64 -9.75
N PHE O 55 4.99 -33.33 -10.63
CA PHE O 55 6.13 -32.46 -10.28
C PHE O 55 5.81 -31.05 -9.75
N GLY O 56 4.58 -30.58 -9.97
CA GLY O 56 4.13 -29.32 -9.40
C GLY O 56 4.87 -28.09 -9.86
N THR O 57 5.74 -28.21 -10.85
CA THR O 57 6.47 -27.04 -11.30
C THR O 57 5.51 -26.00 -11.92
N THR O 58 5.82 -24.71 -11.76
CA THR O 58 4.95 -23.66 -12.27
C THR O 58 5.64 -22.75 -13.29
N LYS O 59 4.88 -22.29 -14.28
CA LYS O 59 5.40 -21.37 -15.28
C LYS O 59 4.42 -20.21 -15.37
N TYR O 60 4.97 -19.00 -15.34
CA TYR O 60 4.15 -17.81 -15.37
C TYR O 60 4.49 -16.92 -16.56
N ALA O 61 3.49 -16.25 -17.14
CA ALA O 61 3.73 -15.31 -18.23
C ALA O 61 4.67 -14.19 -17.75
N PRO O 62 5.45 -13.60 -18.66
CA PRO O 62 6.43 -12.60 -18.20
C PRO O 62 5.72 -11.40 -17.57
N LYS O 63 4.64 -10.97 -18.19
CA LYS O 63 3.85 -9.82 -17.73
C LYS O 63 3.35 -9.94 -16.27
N PHE O 64 2.98 -11.14 -15.85
CA PHE O 64 2.40 -11.36 -14.52
C PHE O 64 3.41 -11.90 -13.52
N GLN O 65 4.63 -12.13 -13.98
CA GLN O 65 5.65 -12.74 -13.15
C GLN O 65 5.86 -11.97 -11.86
N GLY O 66 5.74 -12.65 -10.73
CA GLY O 66 6.00 -12.02 -9.44
C GLY O 66 4.77 -11.49 -8.71
N ARG O 67 3.65 -11.33 -9.40
CA ARG O 67 2.42 -10.99 -8.69
C ARG O 67 1.26 -11.93 -8.95
N VAL O 68 1.48 -13.01 -9.70
CA VAL O 68 0.54 -14.14 -9.79
C VAL O 68 1.15 -15.42 -9.18
N THR O 69 0.35 -16.16 -8.43
CA THR O 69 0.78 -17.41 -7.81
C THR O 69 -0.24 -18.53 -8.07
N ILE O 70 0.22 -19.62 -8.65
CA ILE O 70 -0.67 -20.74 -9.00
C ILE O 70 -0.33 -21.97 -8.17
N THR O 71 -1.34 -22.59 -7.57
CA THR O 71 -1.15 -23.73 -6.65
C THR O 71 -2.21 -24.81 -6.83
N ALA O 72 -1.93 -26.00 -6.32
CA ALA O 72 -2.88 -27.10 -6.47
C ALA O 72 -2.98 -27.96 -5.24
N ASP O 73 -4.22 -28.24 -4.84
CA ASP O 73 -4.48 -29.19 -3.79
C ASP O 73 -4.94 -30.46 -4.47
N ASP O 74 -4.05 -31.45 -4.56
CA ASP O 74 -4.30 -32.67 -5.34
C ASP O 74 -5.38 -33.59 -4.75
N PHE O 75 -5.55 -33.53 -3.44
CA PHE O 75 -6.48 -34.41 -2.73
C PHE O 75 -7.94 -33.97 -2.89
N ALA O 76 -8.14 -32.86 -3.57
CA ALA O 76 -9.47 -32.33 -3.80
C ALA O 76 -9.68 -32.03 -5.28
N GLY O 77 -8.67 -32.29 -6.09
CA GLY O 77 -8.70 -31.98 -7.50
C GLY O 77 -9.04 -30.52 -7.78
N THR O 78 -8.31 -29.60 -7.16
CA THR O 78 -8.60 -28.17 -7.25
C THR O 78 -7.30 -27.34 -7.44
N VAL O 79 -7.30 -26.43 -8.42
CA VAL O 79 -6.15 -25.54 -8.61
C VAL O 79 -6.54 -24.11 -8.34
N TYR O 80 -5.62 -23.34 -7.78
CA TYR O 80 -5.91 -21.95 -7.43
C TYR O 80 -5.07 -21.02 -8.25
N MET O 81 -5.58 -19.81 -8.45
CA MET O 81 -4.79 -18.73 -9.04
C MET O 81 -4.92 -17.53 -8.13
N GLU O 82 -3.80 -16.97 -7.67
CA GLU O 82 -3.85 -15.78 -6.80
C GLU O 82 -3.13 -14.59 -7.41
N LEU O 83 -3.88 -13.51 -7.62
CA LEU O 83 -3.32 -12.26 -8.16
C LEU O 83 -3.31 -11.12 -7.13
N SER O 84 -2.15 -10.52 -6.91
CA SER O 84 -1.98 -9.54 -5.84
C SER O 84 -1.72 -8.13 -6.35
N SER O 85 -1.93 -7.14 -5.49
CA SER O 85 -1.76 -5.73 -5.87
C SER O 85 -2.61 -5.39 -7.10
N LEU O 86 -3.92 -5.58 -6.98
CA LEU O 86 -4.83 -5.40 -8.10
C LEU O 86 -4.98 -3.95 -8.53
N ARG O 87 -5.03 -3.73 -9.84
CA ARG O 87 -5.33 -2.43 -10.42
C ARG O 87 -6.59 -2.57 -11.27
N SER O 88 -7.11 -1.44 -11.76
CA SER O 88 -8.34 -1.44 -12.53
C SER O 88 -8.19 -2.20 -13.85
N GLU O 89 -6.98 -2.25 -14.38
CA GLU O 89 -6.67 -2.97 -15.62
C GLU O 89 -6.74 -4.51 -15.46
N ASP O 90 -6.82 -4.99 -14.23
CA ASP O 90 -6.92 -6.41 -13.97
C ASP O 90 -8.36 -6.92 -14.07
N THR O 91 -9.29 -6.01 -14.38
CA THR O 91 -10.68 -6.34 -14.55
C THR O 91 -10.84 -7.15 -15.83
N ALA O 92 -11.29 -8.40 -15.69
CA ALA O 92 -11.39 -9.30 -16.83
C ALA O 92 -12.15 -10.56 -16.51
N MET O 93 -12.40 -11.35 -17.56
CA MET O 93 -12.91 -12.71 -17.42
C MET O 93 -11.73 -13.68 -17.16
N TYR O 94 -11.89 -14.55 -16.17
CA TYR O 94 -10.81 -15.47 -15.81
C TYR O 94 -11.13 -16.97 -16.03
N TYR O 95 -10.59 -17.56 -17.09
CA TYR O 95 -10.79 -18.99 -17.37
C TYR O 95 -9.69 -19.92 -16.80
N CYS O 96 -10.08 -21.10 -16.34
CA CYS O 96 -9.10 -22.18 -16.24
C CYS O 96 -9.27 -23.09 -17.43
N ALA O 97 -8.18 -23.70 -17.86
CA ALA O 97 -8.25 -24.58 -19.02
C ALA O 97 -7.23 -25.70 -18.91
N LYS O 98 -7.64 -26.92 -19.22
CA LYS O 98 -6.71 -28.03 -19.13
C LYS O 98 -6.05 -28.30 -20.47
N HIS O 99 -4.84 -28.83 -20.41
CA HIS O 99 -4.07 -29.15 -21.61
C HIS O 99 -4.26 -30.60 -22.06
N MET O 100 -4.15 -30.85 -23.36
CA MET O 100 -4.28 -32.21 -23.87
C MET O 100 -2.96 -32.95 -23.64
N GLY O 101 -2.58 -33.06 -22.37
CA GLY O 101 -1.34 -33.70 -22.01
C GLY O 101 -0.80 -33.05 -20.76
N TYR O 102 0.52 -33.12 -20.53
CA TYR O 102 1.09 -32.71 -19.25
C TYR O 102 1.91 -31.44 -19.34
N GLN O 103 2.04 -30.93 -20.55
CA GLN O 103 2.83 -29.74 -20.79
C GLN O 103 1.96 -28.53 -21.12
N VAL O 104 2.32 -27.38 -20.58
CA VAL O 104 1.64 -26.16 -20.97
C VAL O 104 1.89 -25.79 -22.45
N ARG O 105 2.82 -26.47 -23.11
CA ARG O 105 3.22 -26.20 -24.51
C ARG O 105 2.19 -26.79 -25.48
N GLU O 106 1.12 -27.33 -24.93
CA GLU O 106 0.13 -28.10 -25.70
C GLU O 106 -1.27 -27.50 -25.71
N THR O 107 -2.07 -27.99 -26.67
CA THR O 107 -3.38 -27.39 -26.95
C THR O 107 -4.31 -27.49 -25.74
N MET O 108 -5.07 -26.41 -25.50
CA MET O 108 -5.98 -26.34 -24.38
C MET O 108 -7.32 -26.84 -24.88
N ASP O 109 -7.64 -28.09 -24.54
CA ASP O 109 -8.78 -28.77 -25.15
C ASP O 109 -10.15 -28.62 -24.42
N VAL O 110 -10.10 -28.42 -23.11
CA VAL O 110 -11.29 -28.22 -22.29
C VAL O 110 -11.19 -26.92 -21.49
N TRP O 111 -12.23 -26.09 -21.53
CA TRP O 111 -12.24 -24.81 -20.81
C TRP O 111 -13.43 -24.71 -19.87
N GLY O 112 -13.23 -24.00 -18.75
CA GLY O 112 -14.32 -23.72 -17.83
C GLY O 112 -15.22 -22.62 -18.38
N LYS O 113 -16.42 -22.44 -17.81
CA LYS O 113 -17.36 -21.46 -18.34
C LYS O 113 -16.79 -20.03 -18.19
N GLY O 114 -16.02 -19.83 -17.14
CA GLY O 114 -15.33 -18.57 -16.92
C GLY O 114 -15.83 -17.93 -15.63
N THR O 115 -15.01 -17.03 -15.04
CA THR O 115 -15.47 -16.25 -13.87
C THR O 115 -14.94 -14.82 -13.91
N THR O 116 -15.74 -13.84 -13.50
CA THR O 116 -15.32 -12.45 -13.59
C THR O 116 -14.78 -11.94 -12.28
N VAL O 117 -13.64 -11.27 -12.35
CA VAL O 117 -13.26 -10.38 -11.26
C VAL O 117 -13.24 -8.94 -11.76
N THR O 118 -13.79 -8.07 -10.91
CA THR O 118 -13.98 -6.66 -11.20
C THR O 118 -13.19 -5.83 -10.20
N VAL O 119 -12.36 -4.93 -10.69
CA VAL O 119 -11.57 -4.07 -9.79
C VAL O 119 -12.00 -2.61 -9.91
N SER O 120 -12.49 -2.04 -8.79
CA SER O 120 -13.07 -0.65 -8.73
C SER O 120 -12.89 0.10 -7.33
N SER O 121 -13.02 1.49 -7.21
CA SER O 121 -12.88 2.38 -5.97
C SER O 121 -14.16 2.61 -5.14
N ALA O 122 -15.27 2.22 -5.74
CA ALA O 122 -16.61 2.39 -5.18
C ALA O 122 -16.89 1.53 -3.97
N SER O 123 -17.86 1.95 -3.15
CA SER O 123 -18.38 1.11 -2.08
C SER O 123 -19.73 0.56 -2.54
N THR O 124 -20.21 -0.48 -1.86
CA THR O 124 -21.46 -1.10 -2.26
C THR O 124 -22.74 -0.28 -1.86
N LYS O 125 -23.52 0.11 -2.87
CA LYS O 125 -24.72 0.92 -2.67
C LYS O 125 -25.94 0.30 -3.38
N GLY O 126 -27.06 0.19 -2.66
CA GLY O 126 -28.31 -0.23 -3.24
C GLY O 126 -28.84 0.82 -4.22
N PRO O 127 -29.71 0.41 -5.14
CA PRO O 127 -30.21 1.37 -6.14
C PRO O 127 -31.49 2.11 -5.68
N SER O 128 -31.84 3.16 -6.41
CA SER O 128 -33.15 3.76 -6.29
C SER O 128 -33.95 3.23 -7.49
N VAL O 129 -35.24 2.99 -7.30
CA VAL O 129 -36.08 2.56 -8.42
C VAL O 129 -37.11 3.64 -8.75
N PHE O 130 -37.13 4.09 -10.00
CA PHE O 130 -38.09 5.09 -10.47
C PHE O 130 -38.92 4.51 -11.62
N PRO O 131 -40.22 4.84 -11.66
CA PRO O 131 -41.12 4.39 -12.75
C PRO O 131 -40.96 5.19 -14.05
N LEU O 132 -40.92 4.49 -15.17
CA LEU O 132 -40.92 5.15 -16.47
C LEU O 132 -42.32 5.03 -17.06
N ALA O 133 -43.17 6.00 -16.73
CA ALA O 133 -44.62 5.95 -17.01
C ALA O 133 -45.00 6.04 -18.50
N PRO O 134 -45.99 5.22 -18.92
CA PRO O 134 -46.43 5.07 -20.33
C PRO O 134 -46.65 6.38 -21.10
N SER O 135 -47.82 7.02 -20.94
CA SER O 135 -48.20 8.31 -21.58
C SER O 135 -48.81 8.24 -23.01
N SER O 136 -48.60 9.30 -23.78
CA SER O 136 -49.18 9.41 -25.13
C SER O 136 -48.16 9.43 -26.27
N LYS O 137 -46.88 9.62 -25.91
CA LYS O 137 -45.75 9.56 -26.86
C LYS O 137 -45.34 8.11 -27.09
N SER O 138 -45.71 7.23 -26.16
CA SER O 138 -45.37 5.81 -26.21
C SER O 138 -46.52 4.93 -26.72
N THR O 139 -47.74 5.48 -26.80
CA THR O 139 -48.83 4.81 -27.51
C THR O 139 -48.56 4.89 -29.02
N SER O 140 -47.83 3.89 -29.53
CA SER O 140 -47.54 3.79 -30.96
C SER O 140 -48.57 2.91 -31.67
N GLY O 141 -49.83 3.27 -31.50
CA GLY O 141 -50.94 2.58 -32.14
C GLY O 141 -51.12 1.13 -31.70
N GLY O 142 -51.94 0.93 -30.67
CA GLY O 142 -52.22 -0.42 -30.19
C GLY O 142 -51.26 -0.92 -29.13
N THR O 143 -50.03 -0.40 -29.11
CA THR O 143 -49.03 -0.73 -28.06
C THR O 143 -48.55 0.50 -27.28
N ALA O 144 -48.00 0.27 -26.08
CA ALA O 144 -47.49 1.35 -25.24
C ALA O 144 -46.44 0.87 -24.21
N ALA O 145 -45.22 1.40 -24.35
CA ALA O 145 -44.05 1.02 -23.57
C ALA O 145 -44.03 1.64 -22.16
N LEU O 146 -43.63 0.84 -21.18
CA LEU O 146 -43.43 1.33 -19.81
C LEU O 146 -42.26 0.59 -19.18
N GLY O 147 -41.72 1.14 -18.10
CA GLY O 147 -40.50 0.61 -17.54
C GLY O 147 -40.11 0.99 -16.13
N CYS O 148 -38.85 0.70 -15.80
CA CYS O 148 -38.26 1.01 -14.50
C CYS O 148 -36.83 1.48 -14.67
N LEU O 149 -36.50 2.60 -14.02
CA LEU O 149 -35.13 3.09 -13.96
C LEU O 149 -34.45 2.64 -12.66
N VAL O 150 -33.42 1.81 -12.77
CA VAL O 150 -32.67 1.36 -11.60
C VAL O 150 -31.41 2.20 -11.53
N LYS O 151 -31.35 3.12 -10.57
CA LYS O 151 -30.35 4.19 -10.61
C LYS O 151 -29.31 4.10 -9.50
N ASP O 152 -28.03 4.32 -9.87
CA ASP O 152 -26.93 4.47 -8.91
C ASP O 152 -26.69 3.29 -7.95
N TYR O 153 -26.36 2.12 -8.50
CA TYR O 153 -26.07 0.96 -7.65
C TYR O 153 -24.68 0.42 -7.87
N PHE O 154 -24.20 -0.30 -6.87
CA PHE O 154 -22.92 -0.97 -6.98
C PHE O 154 -22.86 -2.17 -6.06
N PRO O 155 -22.30 -3.29 -6.56
CA PRO O 155 -21.86 -3.49 -7.94
C PRO O 155 -22.90 -4.25 -8.74
N GLU O 156 -22.59 -4.63 -9.97
CA GLU O 156 -23.44 -5.56 -10.70
C GLU O 156 -23.48 -6.87 -9.91
N PRO O 157 -24.49 -7.72 -10.15
CA PRO O 157 -25.59 -7.54 -11.09
C PRO O 157 -26.88 -7.16 -10.39
N VAL O 158 -27.90 -6.88 -11.18
CA VAL O 158 -29.23 -6.64 -10.64
C VAL O 158 -30.26 -7.50 -11.39
N THR O 159 -31.33 -7.87 -10.70
CA THR O 159 -32.37 -8.76 -11.25
C THR O 159 -33.70 -8.04 -11.36
N VAL O 160 -34.25 -7.94 -12.56
CA VAL O 160 -35.55 -7.29 -12.75
C VAL O 160 -36.54 -8.22 -13.42
N SER O 161 -37.63 -8.54 -12.73
CA SER O 161 -38.70 -9.31 -13.33
C SER O 161 -39.99 -8.49 -13.22
N TRP O 162 -41.07 -8.99 -13.81
CA TRP O 162 -42.34 -8.25 -13.83
C TRP O 162 -43.53 -9.04 -13.29
N ASN O 163 -44.36 -8.35 -12.52
CA ASN O 163 -45.49 -8.97 -11.83
C ASN O 163 -45.10 -10.26 -11.13
N SER O 164 -43.98 -10.19 -10.41
CA SER O 164 -43.45 -11.31 -9.62
C SER O 164 -43.10 -12.55 -10.44
N GLY O 165 -43.05 -12.40 -11.76
CA GLY O 165 -42.63 -13.49 -12.63
C GLY O 165 -43.63 -13.81 -13.73
N ALA O 166 -44.83 -13.26 -13.65
CA ALA O 166 -45.86 -13.60 -14.62
C ALA O 166 -45.56 -13.05 -16.02
N LEU O 167 -45.34 -11.74 -16.13
CA LEU O 167 -45.01 -11.12 -17.41
C LEU O 167 -43.61 -11.48 -17.88
N THR O 168 -43.50 -12.08 -19.06
CA THR O 168 -42.19 -12.38 -19.64
C THR O 168 -42.13 -12.07 -21.12
N SER O 169 -43.09 -12.61 -21.88
CA SER O 169 -43.15 -12.29 -23.28
C SER O 169 -43.39 -10.77 -23.43
N GLY O 170 -42.52 -10.11 -24.19
CA GLY O 170 -42.61 -8.66 -24.35
C GLY O 170 -41.88 -7.87 -23.28
N VAL O 171 -40.76 -8.40 -22.76
CA VAL O 171 -39.99 -7.71 -21.71
C VAL O 171 -38.52 -7.61 -22.11
N HIS O 172 -38.02 -6.38 -22.15
CA HIS O 172 -36.61 -6.13 -22.45
C HIS O 172 -35.92 -5.41 -21.28
N THR O 173 -34.87 -6.02 -20.73
CA THR O 173 -34.04 -5.34 -19.74
C THR O 173 -32.69 -4.96 -20.36
N PHE O 174 -32.48 -3.66 -20.55
CA PHE O 174 -31.27 -3.15 -21.21
C PHE O 174 -30.00 -3.33 -20.36
N PRO O 175 -28.86 -3.52 -21.03
CA PRO O 175 -27.58 -3.61 -20.32
C PRO O 175 -27.29 -2.30 -19.59
N ALA O 176 -26.63 -2.38 -18.44
CA ALA O 176 -26.36 -1.21 -17.64
C ALA O 176 -25.42 -0.21 -18.33
N VAL O 177 -25.29 0.96 -17.75
CA VAL O 177 -24.33 1.96 -18.19
C VAL O 177 -23.46 2.26 -16.99
N LEU O 178 -22.20 2.59 -17.21
CA LEU O 178 -21.32 2.89 -16.11
C LEU O 178 -21.01 4.38 -16.08
N GLN O 179 -21.56 5.07 -15.08
CA GLN O 179 -21.36 6.51 -14.97
C GLN O 179 -19.93 6.85 -14.50
N SER O 180 -19.59 8.14 -14.55
CA SER O 180 -18.26 8.57 -14.13
C SER O 180 -18.14 8.59 -12.60
N SER O 181 -19.25 8.41 -11.90
CA SER O 181 -19.24 8.30 -10.45
C SER O 181 -18.80 6.90 -10.02
N GLY O 182 -18.71 6.00 -11.00
CA GLY O 182 -18.41 4.62 -10.74
C GLY O 182 -19.62 3.87 -10.20
N LEU O 183 -20.81 4.33 -10.56
CA LEU O 183 -22.03 3.65 -10.16
C LEU O 183 -22.75 3.20 -11.42
N TYR O 184 -23.59 2.19 -11.29
CA TYR O 184 -24.30 1.64 -12.43
C TYR O 184 -25.76 2.12 -12.47
N SER O 185 -26.33 2.16 -13.67
CA SER O 185 -27.75 2.39 -13.83
C SER O 185 -28.27 1.63 -15.04
N LEU O 186 -29.45 1.03 -14.90
CA LEU O 186 -30.07 0.33 -16.03
C LEU O 186 -31.55 0.63 -16.17
N SER O 187 -32.13 0.16 -17.27
CA SER O 187 -33.56 0.30 -17.50
C SER O 187 -34.18 -1.01 -17.97
N SER O 188 -35.44 -1.22 -17.60
CA SER O 188 -36.17 -2.43 -18.02
C SER O 188 -37.52 -2.00 -18.57
N VAL O 189 -37.82 -2.43 -19.79
CA VAL O 189 -39.06 -2.03 -20.45
C VAL O 189 -39.91 -3.23 -20.84
N VAL O 190 -41.21 -3.10 -20.63
CA VAL O 190 -42.15 -4.11 -21.07
C VAL O 190 -43.09 -3.48 -22.10
N THR O 191 -43.18 -4.08 -23.28
CA THR O 191 -44.11 -3.65 -24.32
C THR O 191 -45.47 -4.35 -24.19
N VAL O 192 -46.54 -3.56 -24.07
CA VAL O 192 -47.90 -4.08 -23.86
C VAL O 192 -48.95 -3.31 -24.69
N PRO O 193 -50.14 -3.90 -24.90
CA PRO O 193 -51.25 -3.21 -25.61
C PRO O 193 -51.80 -1.92 -24.97
N SER O 194 -52.25 -0.99 -25.82
CA SER O 194 -52.80 0.31 -25.39
C SER O 194 -54.04 0.12 -24.51
N SER O 195 -54.89 -0.81 -24.90
CA SER O 195 -56.17 -1.06 -24.25
C SER O 195 -56.06 -1.42 -22.76
N SER O 196 -55.20 -2.40 -22.44
CA SER O 196 -55.05 -2.87 -21.07
C SER O 196 -54.55 -1.80 -20.10
N LEU O 197 -53.75 -0.86 -20.60
CA LEU O 197 -53.08 0.21 -19.84
C LEU O 197 -53.69 0.71 -18.52
N GLY O 198 -54.95 1.14 -18.58
CA GLY O 198 -55.62 1.64 -17.39
C GLY O 198 -56.18 0.53 -16.51
N THR O 199 -56.74 -0.49 -17.15
CA THR O 199 -57.32 -1.64 -16.45
C THR O 199 -56.22 -2.51 -15.84
N GLN O 200 -55.11 -2.60 -16.54
CA GLN O 200 -54.04 -3.51 -16.15
C GLN O 200 -53.00 -2.92 -15.20
N THR O 201 -52.61 -3.71 -14.21
CA THR O 201 -51.64 -3.30 -13.20
C THR O 201 -50.28 -3.98 -13.40
N TYR O 202 -49.24 -3.16 -13.57
CA TYR O 202 -47.88 -3.65 -13.83
C TYR O 202 -46.92 -3.28 -12.69
N ILE O 203 -46.21 -4.28 -12.16
CA ILE O 203 -45.21 -4.06 -11.11
C ILE O 203 -43.85 -4.68 -11.46
N CYS O 204 -42.78 -3.89 -11.31
CA CYS O 204 -41.43 -4.40 -11.52
C CYS O 204 -40.75 -4.80 -10.20
N ASN O 205 -40.01 -5.90 -10.23
CA ASN O 205 -39.40 -6.47 -9.03
C ASN O 205 -37.90 -6.45 -9.18
N VAL O 206 -37.29 -5.43 -8.59
CA VAL O 206 -35.85 -5.22 -8.65
C VAL O 206 -35.13 -5.87 -7.46
N ASN O 207 -34.06 -6.59 -7.76
CA ASN O 207 -33.32 -7.31 -6.73
C ASN O 207 -31.83 -7.04 -6.88
N HIS O 208 -31.21 -6.47 -5.85
CA HIS O 208 -29.76 -6.27 -5.86
C HIS O 208 -29.07 -7.05 -4.71
N LYS O 209 -28.81 -8.35 -4.92
CA LYS O 209 -28.29 -9.22 -3.84
C LYS O 209 -27.07 -8.70 -3.08
N PRO O 210 -26.11 -8.05 -3.77
CA PRO O 210 -24.93 -7.50 -3.07
C PRO O 210 -25.21 -6.56 -1.90
N SER O 211 -26.19 -5.66 -2.01
CA SER O 211 -26.53 -4.77 -0.89
C SER O 211 -27.77 -5.22 -0.14
N ASN O 212 -28.21 -6.45 -0.41
CA ASN O 212 -29.42 -7.02 0.18
C ASN O 212 -30.65 -6.11 0.16
N THR O 213 -30.99 -5.57 -1.02
CA THR O 213 -32.20 -4.79 -1.18
C THR O 213 -33.08 -5.34 -2.30
N LYS O 214 -34.37 -5.53 -1.99
CA LYS O 214 -35.36 -5.90 -3.00
C LYS O 214 -36.35 -4.75 -3.05
N VAL O 215 -36.50 -4.13 -4.21
CA VAL O 215 -37.51 -3.09 -4.33
C VAL O 215 -38.60 -3.55 -5.29
N ASP O 216 -39.85 -3.33 -4.89
CA ASP O 216 -41.01 -3.55 -5.77
C ASP O 216 -41.67 -2.21 -6.07
N LYS O 217 -41.87 -1.90 -7.35
CA LYS O 217 -42.42 -0.61 -7.73
C LYS O 217 -43.52 -0.71 -8.79
N ARG O 218 -44.70 -0.16 -8.49
CA ARG O 218 -45.78 -0.08 -9.48
C ARG O 218 -45.52 1.05 -10.48
N VAL O 219 -45.89 0.80 -11.73
CA VAL O 219 -45.71 1.77 -12.80
C VAL O 219 -47.07 2.09 -13.39
N GLU O 220 -47.48 3.34 -13.22
CA GLU O 220 -48.81 3.82 -13.63
C GLU O 220 -48.72 5.11 -14.42
N PRO O 221 -49.68 5.35 -15.33
CA PRO O 221 -49.78 6.65 -16.04
C PRO O 221 -50.11 7.81 -15.09
N VAL P 3 1.99 -11.44 -29.37
CA VAL P 3 2.05 -10.59 -30.57
C VAL P 3 1.76 -11.43 -31.82
N LEU P 4 0.54 -11.93 -31.89
CA LEU P 4 0.06 -12.68 -33.05
C LEU P 4 -1.01 -11.87 -33.79
N THR P 5 -0.86 -11.72 -35.10
CA THR P 5 -1.65 -10.75 -35.84
C THR P 5 -2.77 -11.39 -36.68
N GLN P 6 -4.01 -11.06 -36.35
CA GLN P 6 -5.15 -11.45 -37.18
C GLN P 6 -5.87 -10.23 -37.68
N PRO P 7 -6.51 -10.32 -38.86
CA PRO P 7 -7.38 -9.25 -39.34
C PRO P 7 -8.53 -9.06 -38.38
N PRO P 8 -8.98 -7.82 -38.18
CA PRO P 8 -9.95 -7.62 -37.10
C PRO P 8 -11.31 -8.22 -37.43
N SER P 9 -11.67 -8.34 -38.70
CA SER P 9 -12.99 -8.86 -39.07
C SER P 9 -13.05 -9.45 -40.47
N VAL P 10 -14.01 -10.37 -40.67
CA VAL P 10 -14.19 -11.09 -41.93
C VAL P 10 -15.69 -11.38 -42.13
N SER P 11 -16.17 -11.26 -43.38
CA SER P 11 -17.59 -11.38 -43.70
C SER P 11 -17.86 -12.19 -44.98
N ALA P 12 -18.90 -13.03 -44.95
CA ALA P 12 -19.36 -13.75 -46.13
C ALA P 12 -20.81 -14.24 -46.00
N ALA P 13 -21.42 -14.58 -47.14
CA ALA P 13 -22.81 -15.01 -47.16
C ALA P 13 -22.96 -16.49 -46.77
N PRO P 14 -24.15 -16.89 -46.30
CA PRO P 14 -24.38 -18.28 -45.89
C PRO P 14 -24.16 -19.26 -47.05
N GLY P 15 -23.42 -20.33 -46.79
CA GLY P 15 -23.17 -21.34 -47.79
C GLY P 15 -21.79 -21.25 -48.39
N GLN P 16 -21.17 -20.08 -48.26
CA GLN P 16 -19.85 -19.84 -48.84
C GLN P 16 -18.69 -20.21 -47.92
N LYS P 17 -17.47 -20.08 -48.45
CA LYS P 17 -16.25 -20.37 -47.71
C LYS P 17 -15.56 -19.06 -47.23
N VAL P 18 -14.96 -19.11 -46.05
CA VAL P 18 -14.08 -18.04 -45.56
C VAL P 18 -12.71 -18.55 -45.13
N THR P 19 -11.75 -17.64 -45.02
CA THR P 19 -10.48 -17.96 -44.39
C THR P 19 -10.05 -16.85 -43.44
N ILE P 20 -9.48 -17.25 -42.31
CA ILE P 20 -8.96 -16.35 -41.30
C ILE P 20 -7.47 -16.63 -41.11
N SER P 21 -6.63 -15.63 -41.36
CA SER P 21 -5.19 -15.80 -41.26
C SER P 21 -4.64 -15.27 -39.95
N CYS P 22 -3.50 -15.80 -39.56
CA CYS P 22 -2.87 -15.48 -38.29
C CYS P 22 -1.36 -15.46 -38.56
N SER P 23 -0.72 -14.32 -38.36
CA SER P 23 0.69 -14.17 -38.70
C SER P 23 1.56 -13.89 -37.47
N GLY P 24 2.76 -14.46 -37.44
CA GLY P 24 3.68 -14.30 -36.32
C GLY P 24 5.14 -14.37 -36.73
N SER P 25 6.01 -14.78 -35.81
CA SER P 25 7.43 -14.90 -36.09
C SER P 25 7.85 -16.37 -36.04
N SER P 26 9.14 -16.61 -36.21
CA SER P 26 9.66 -17.97 -36.14
C SER P 26 9.76 -18.53 -34.70
N SER P 27 9.90 -17.66 -33.69
CA SER P 27 9.96 -18.15 -32.31
C SER P 27 8.59 -18.68 -31.84
N ASN P 28 7.51 -18.24 -32.48
CA ASN P 28 6.21 -18.80 -32.16
C ASN P 28 5.62 -19.71 -33.26
N ILE P 29 4.84 -19.16 -34.19
CA ILE P 29 4.18 -19.99 -35.23
C ILE P 29 5.17 -20.84 -36.06
N GLY P 30 6.32 -20.25 -36.39
CA GLY P 30 7.32 -20.94 -37.19
C GLY P 30 7.80 -22.25 -36.60
N ASN P 31 8.03 -22.29 -35.29
CA ASN P 31 8.62 -23.46 -34.64
C ASN P 31 7.69 -24.28 -33.76
N ASN P 32 6.41 -23.90 -33.72
CA ASN P 32 5.48 -24.64 -32.87
C ASN P 32 4.17 -24.95 -33.58
N TYR P 33 3.23 -25.56 -32.85
CA TYR P 33 1.93 -25.97 -33.43
C TYR P 33 0.82 -24.98 -33.13
N VAL P 34 0.02 -24.66 -34.14
CA VAL P 34 -1.06 -23.68 -34.00
C VAL P 34 -2.44 -24.32 -33.68
N SER P 35 -3.15 -23.78 -32.68
CA SER P 35 -4.55 -24.14 -32.43
C SER P 35 -5.52 -23.00 -32.79
N TRP P 36 -6.77 -23.34 -33.07
CA TRP P 36 -7.80 -22.33 -33.31
C TRP P 36 -8.91 -22.49 -32.30
N TYR P 37 -9.33 -21.40 -31.68
CA TYR P 37 -10.42 -21.47 -30.72
C TYR P 37 -11.60 -20.63 -31.21
N GLN P 38 -12.81 -21.15 -31.01
CA GLN P 38 -14.02 -20.39 -31.31
C GLN P 38 -14.71 -19.93 -30.05
N GLN P 39 -15.17 -18.68 -30.05
CA GLN P 39 -15.88 -18.17 -28.91
C GLN P 39 -17.19 -17.48 -29.30
N LEU P 40 -18.30 -18.18 -29.12
CA LEU P 40 -19.62 -17.58 -29.27
C LEU P 40 -19.85 -16.69 -28.06
N PRO P 41 -20.59 -15.58 -28.25
CA PRO P 41 -20.86 -14.64 -27.16
C PRO P 41 -21.30 -15.34 -25.90
N GLY P 42 -20.61 -15.09 -24.80
CA GLY P 42 -20.99 -15.65 -23.50
C GLY P 42 -20.72 -17.12 -23.27
N THR P 43 -19.81 -17.70 -24.05
CA THR P 43 -19.41 -19.07 -23.78
C THR P 43 -17.93 -19.18 -23.54
N ALA P 44 -17.55 -20.33 -23.00
CA ALA P 44 -16.16 -20.74 -22.91
C ALA P 44 -15.64 -20.93 -24.31
N PRO P 45 -14.38 -20.53 -24.55
CA PRO P 45 -13.74 -20.85 -25.81
C PRO P 45 -13.74 -22.35 -26.06
N LYS P 46 -13.98 -22.77 -27.31
CA LYS P 46 -13.98 -24.18 -27.66
C LYS P 46 -12.86 -24.45 -28.65
N LEU P 47 -12.19 -25.58 -28.51
CA LEU P 47 -11.12 -25.98 -29.44
C LEU P 47 -11.67 -26.50 -30.77
N LEU P 48 -11.28 -25.83 -31.84
CA LEU P 48 -11.73 -26.16 -33.19
C LEU P 48 -10.70 -27.00 -33.92
N ILE P 49 -9.44 -26.59 -33.82
CA ILE P 49 -8.34 -27.20 -34.55
C ILE P 49 -7.07 -27.17 -33.73
N TYR P 50 -6.32 -28.27 -33.74
CA TYR P 50 -5.05 -28.32 -33.03
C TYR P 50 -3.98 -28.97 -33.90
N ASP P 51 -2.71 -28.87 -33.48
CA ASP P 51 -1.61 -29.43 -34.26
C ASP P 51 -1.66 -28.96 -35.72
N ASN P 52 -1.97 -27.69 -35.91
CA ASN P 52 -2.07 -27.03 -37.23
C ASN P 52 -3.27 -27.43 -38.08
N ASN P 53 -3.47 -28.73 -38.26
CA ASN P 53 -4.51 -29.22 -39.16
C ASN P 53 -5.39 -30.35 -38.63
N LYS P 54 -5.15 -30.81 -37.40
CA LYS P 54 -5.96 -31.88 -36.79
C LYS P 54 -7.23 -31.33 -36.11
N ARG P 55 -8.29 -32.11 -36.16
CA ARG P 55 -9.59 -31.65 -35.72
C ARG P 55 -10.15 -32.62 -34.70
N PRO P 56 -10.44 -32.16 -33.47
CA PRO P 56 -10.90 -33.03 -32.39
C PRO P 56 -12.21 -33.73 -32.74
N SER P 57 -12.48 -34.88 -32.10
CA SER P 57 -13.71 -35.58 -32.37
C SER P 57 -14.86 -34.73 -31.87
N GLY P 58 -15.82 -34.49 -32.75
CA GLY P 58 -16.94 -33.66 -32.35
C GLY P 58 -17.04 -32.32 -33.04
N ILE P 59 -16.10 -32.08 -33.94
CA ILE P 59 -16.06 -30.85 -34.70
C ILE P 59 -16.38 -31.18 -36.17
N PRO P 60 -17.38 -30.50 -36.74
CA PRO P 60 -17.76 -30.65 -38.14
C PRO P 60 -16.57 -30.57 -39.09
N ASP P 61 -16.62 -31.35 -40.17
CA ASP P 61 -15.47 -31.48 -41.06
C ASP P 61 -15.33 -30.30 -42.03
N ARG P 62 -16.23 -29.32 -41.92
CA ARG P 62 -16.12 -28.11 -42.73
C ARG P 62 -15.16 -27.09 -42.12
N PHE P 63 -14.63 -27.42 -40.95
CA PHE P 63 -13.52 -26.68 -40.37
C PHE P 63 -12.23 -27.36 -40.76
N SER P 64 -11.27 -26.56 -41.22
CA SER P 64 -10.00 -27.05 -41.73
C SER P 64 -8.90 -26.09 -41.34
N GLY P 65 -7.69 -26.60 -41.14
CA GLY P 65 -6.59 -25.75 -40.75
C GLY P 65 -5.35 -26.00 -41.57
N SER P 66 -4.48 -25.00 -41.68
CA SER P 66 -3.23 -25.16 -42.39
C SER P 66 -2.17 -24.18 -41.89
N LYS P 67 -0.90 -24.57 -42.01
CA LYS P 67 0.21 -23.74 -41.60
C LYS P 67 1.30 -23.78 -42.65
N SER P 68 1.74 -22.61 -43.09
CA SER P 68 2.80 -22.50 -44.08
C SER P 68 3.81 -21.46 -43.63
N GLY P 69 4.98 -21.92 -43.27
CA GLY P 69 6.03 -21.01 -42.84
C GLY P 69 5.77 -20.31 -41.53
N THR P 70 5.56 -19.00 -41.59
CA THR P 70 5.50 -18.19 -40.38
C THR P 70 4.05 -17.83 -40.07
N SER P 71 3.12 -18.36 -40.87
CA SER P 71 1.70 -18.09 -40.64
C SER P 71 0.77 -19.31 -40.77
N ALA P 72 -0.48 -19.13 -40.34
CA ALA P 72 -1.47 -20.21 -40.34
C ALA P 72 -2.83 -19.67 -40.75
N THR P 73 -3.64 -20.47 -41.42
CA THR P 73 -4.99 -20.05 -41.80
C THR P 73 -6.06 -21.07 -41.40
N LEU P 74 -7.13 -20.55 -40.79
CA LEU P 74 -8.33 -21.35 -40.51
C LEU P 74 -9.32 -21.22 -41.67
N GLY P 75 -10.01 -22.30 -41.99
CA GLY P 75 -10.96 -22.28 -43.08
C GLY P 75 -12.29 -22.87 -42.66
N ILE P 76 -13.38 -22.22 -43.05
CA ILE P 76 -14.73 -22.72 -42.83
C ILE P 76 -15.48 -22.76 -44.16
N THR P 77 -16.06 -23.91 -44.48
CA THR P 77 -16.89 -24.03 -45.68
C THR P 77 -18.36 -24.25 -45.30
N GLY P 78 -19.25 -24.03 -46.26
CA GLY P 78 -20.69 -24.14 -46.04
C GLY P 78 -21.15 -23.43 -44.78
N LEU P 79 -20.72 -22.19 -44.61
CA LEU P 79 -20.86 -21.56 -43.31
C LEU P 79 -22.31 -21.18 -43.05
N GLN P 80 -22.78 -21.56 -41.88
CA GLN P 80 -24.14 -21.32 -41.44
C GLN P 80 -24.14 -20.14 -40.48
N THR P 81 -25.31 -19.57 -40.21
CA THR P 81 -25.40 -18.37 -39.39
C THR P 81 -24.93 -18.60 -37.96
N GLY P 82 -24.89 -19.87 -37.55
CA GLY P 82 -24.46 -20.23 -36.20
C GLY P 82 -22.97 -20.14 -35.99
N ASP P 83 -22.22 -19.85 -37.06
CA ASP P 83 -20.77 -19.71 -37.05
C ASP P 83 -20.28 -18.29 -36.61
N GLU P 84 -21.22 -17.36 -36.49
CA GLU P 84 -20.91 -15.98 -36.12
C GLU P 84 -20.33 -15.91 -34.70
N ALA P 85 -19.03 -15.65 -34.60
CA ALA P 85 -18.35 -15.57 -33.31
C ALA P 85 -16.99 -14.90 -33.44
N ASP P 86 -16.30 -14.71 -32.33
CA ASP P 86 -14.93 -14.25 -32.36
C ASP P 86 -14.00 -15.47 -32.48
N TYR P 87 -13.00 -15.40 -33.37
CA TYR P 87 -12.05 -16.50 -33.62
C TYR P 87 -10.60 -16.15 -33.23
N TYR P 88 -10.01 -16.99 -32.40
CA TYR P 88 -8.66 -16.76 -31.89
C TYR P 88 -7.68 -17.87 -32.28
N CYS P 89 -6.50 -17.51 -32.78
CA CYS P 89 -5.40 -18.44 -32.98
C CYS P 89 -4.52 -18.44 -31.70
N GLY P 90 -3.84 -19.55 -31.43
CA GLY P 90 -2.97 -19.64 -30.27
C GLY P 90 -1.82 -20.60 -30.53
N THR P 91 -0.68 -20.35 -29.91
CA THR P 91 0.50 -21.20 -30.05
C THR P 91 1.45 -21.01 -28.88
N TRP P 92 2.65 -21.56 -29.00
CA TRP P 92 3.67 -21.41 -27.98
C TRP P 92 4.88 -20.64 -28.49
N ASP P 93 5.30 -19.62 -27.75
CA ASP P 93 6.50 -18.85 -28.11
C ASP P 93 7.73 -19.48 -27.43
N SER P 94 8.69 -19.84 -28.26
CA SER P 94 9.80 -20.64 -27.82
C SER P 94 11.03 -19.81 -27.43
N SER P 95 10.96 -18.48 -27.60
CA SER P 95 12.05 -17.58 -27.19
C SER P 95 12.21 -17.55 -25.66
N LEU P 96 13.20 -16.80 -25.16
CA LEU P 96 13.47 -16.81 -23.71
C LEU P 96 12.27 -16.38 -22.87
N SER P 97 11.37 -15.64 -23.50
CA SER P 97 10.09 -15.27 -22.90
C SER P 97 9.34 -16.51 -22.38
N ALA P 98 9.29 -17.57 -23.19
CA ALA P 98 8.69 -18.88 -22.82
C ALA P 98 7.25 -18.84 -22.29
N TYR P 99 6.33 -18.62 -23.22
CA TYR P 99 4.94 -18.51 -22.85
C TYR P 99 3.99 -18.86 -24.01
N VAL P 100 2.71 -18.99 -23.64
CA VAL P 100 1.62 -19.16 -24.56
C VAL P 100 1.11 -17.80 -25.04
N VAL P 101 1.02 -17.64 -26.36
CA VAL P 101 0.72 -16.34 -26.95
C VAL P 101 -0.55 -16.48 -27.84
N PHE P 102 -1.38 -15.44 -27.88
CA PHE P 102 -2.62 -15.48 -28.68
C PHE P 102 -2.68 -14.36 -29.72
N GLY P 103 -3.57 -14.55 -30.69
CA GLY P 103 -3.87 -13.54 -31.69
C GLY P 103 -4.88 -12.51 -31.24
N GLY P 104 -5.10 -11.49 -32.06
CA GLY P 104 -5.98 -10.42 -31.65
C GLY P 104 -7.44 -10.82 -31.68
N GLY P 105 -7.75 -11.82 -32.49
CA GLY P 105 -9.12 -12.21 -32.72
C GLY P 105 -9.63 -11.62 -34.03
N THR P 106 -10.49 -12.36 -34.72
CA THR P 106 -11.29 -11.78 -35.79
C THR P 106 -12.77 -12.08 -35.53
N LYS P 107 -13.64 -11.11 -35.80
CA LYS P 107 -15.09 -11.33 -35.68
C LYS P 107 -15.68 -11.69 -37.04
N LEU P 108 -16.22 -12.89 -37.14
CA LEU P 108 -16.89 -13.36 -38.34
C LEU P 108 -18.37 -12.99 -38.28
N THR P 109 -18.82 -12.20 -39.25
CA THR P 109 -20.23 -11.86 -39.34
C THR P 109 -20.84 -12.52 -40.54
N VAL P 110 -22.00 -13.12 -40.29
CA VAL P 110 -22.77 -13.82 -41.31
C VAL P 110 -23.52 -12.76 -42.08
N LEU P 111 -23.54 -12.92 -43.40
CA LEU P 111 -24.15 -11.90 -44.25
C LEU P 111 -25.63 -12.08 -44.60
N GLY P 112 -26.37 -10.96 -44.58
CA GLY P 112 -27.72 -10.94 -45.10
C GLY P 112 -28.89 -11.08 -44.14
N GLN P 113 -28.76 -10.57 -42.91
CA GLN P 113 -29.92 -10.24 -42.10
C GLN P 113 -30.40 -8.94 -42.71
N PRO P 114 -31.73 -8.72 -42.76
CA PRO P 114 -32.28 -7.51 -43.38
C PRO P 114 -32.03 -6.26 -42.55
N LYS P 115 -31.84 -5.10 -43.19
CA LYS P 115 -31.75 -3.84 -42.47
C LYS P 115 -33.03 -3.73 -41.64
N ALA P 116 -32.88 -3.43 -40.36
CA ALA P 116 -34.04 -3.14 -39.51
C ALA P 116 -33.91 -1.74 -38.90
N ASN P 117 -34.78 -0.82 -39.33
CA ASN P 117 -34.78 0.54 -38.79
C ASN P 117 -35.15 0.54 -37.30
N PRO P 118 -34.47 1.36 -36.49
CA PRO P 118 -34.61 1.32 -35.02
C PRO P 118 -35.88 1.96 -34.51
N THR P 119 -36.37 1.42 -33.41
CA THR P 119 -37.54 1.98 -32.75
C THR P 119 -37.08 2.70 -31.49
N VAL P 120 -37.56 3.93 -31.27
CA VAL P 120 -37.02 4.78 -30.23
C VAL P 120 -38.06 5.26 -29.21
N THR P 121 -37.80 4.94 -27.93
CA THR P 121 -38.66 5.38 -26.84
C THR P 121 -37.97 6.38 -25.92
N LEU P 122 -38.54 7.56 -25.74
CA LEU P 122 -37.94 8.58 -24.87
C LEU P 122 -38.82 8.89 -23.66
N PHE P 123 -38.24 8.70 -22.47
CA PHE P 123 -38.92 9.04 -21.20
C PHE P 123 -38.32 10.30 -20.57
N PRO P 124 -39.16 11.14 -19.95
CA PRO P 124 -38.71 12.32 -19.19
C PRO P 124 -38.56 11.95 -17.72
N PRO P 125 -37.98 12.84 -16.89
CA PRO P 125 -37.79 12.50 -15.48
C PRO P 125 -39.10 12.16 -14.78
N SER P 126 -39.08 11.12 -13.95
CA SER P 126 -40.25 10.77 -13.14
C SER P 126 -40.42 11.83 -12.06
N SER P 127 -41.65 12.01 -11.59
CA SER P 127 -41.89 13.06 -10.59
C SER P 127 -41.20 12.75 -9.25
N GLU P 128 -41.11 11.46 -8.89
CA GLU P 128 -40.45 11.08 -7.62
C GLU P 128 -38.95 11.29 -7.66
N GLU P 129 -38.38 11.29 -8.86
CA GLU P 129 -36.95 11.54 -9.01
C GLU P 129 -36.66 13.03 -8.91
N LEU P 130 -37.52 13.84 -9.52
CA LEU P 130 -37.46 15.29 -9.39
C LEU P 130 -37.60 15.69 -7.91
N GLN P 131 -38.50 15.01 -7.22
CA GLN P 131 -38.71 15.19 -5.79
C GLN P 131 -37.50 14.75 -4.96
N ALA P 132 -36.64 13.93 -5.55
CA ALA P 132 -35.41 13.50 -4.91
C ALA P 132 -34.22 14.36 -5.35
N ASN P 133 -34.54 15.49 -5.98
CA ASN P 133 -33.53 16.46 -6.46
C ASN P 133 -32.54 15.96 -7.52
N LYS P 134 -33.00 15.05 -8.37
CA LYS P 134 -32.21 14.62 -9.51
C LYS P 134 -33.12 14.61 -10.75
N ALA P 135 -32.53 14.53 -11.94
CA ALA P 135 -33.31 14.44 -13.17
C ALA P 135 -32.59 13.65 -14.26
N THR P 136 -33.24 12.59 -14.73
CA THR P 136 -32.66 11.73 -15.76
C THR P 136 -33.61 11.51 -16.95
N LEU P 137 -33.19 11.96 -18.12
CA LEU P 137 -33.87 11.63 -19.37
C LEU P 137 -33.35 10.30 -19.91
N VAL P 138 -34.26 9.41 -20.30
CA VAL P 138 -33.89 8.05 -20.73
C VAL P 138 -34.28 7.78 -22.18
N CYS P 139 -33.29 7.49 -23.04
CA CYS P 139 -33.60 7.16 -24.43
C CYS P 139 -33.25 5.71 -24.72
N LEU P 140 -34.29 4.92 -25.02
CA LEU P 140 -34.10 3.50 -25.33
C LEU P 140 -34.34 3.17 -26.82
N ILE P 141 -33.36 2.49 -27.39
CA ILE P 141 -33.34 2.21 -28.82
C ILE P 141 -33.27 0.71 -29.01
N SER P 142 -34.22 0.14 -29.73
CA SER P 142 -34.24 -1.31 -29.88
C SER P 142 -34.55 -1.79 -31.31
N ASP P 143 -34.20 -3.05 -31.57
CA ASP P 143 -34.54 -3.77 -32.81
C ASP P 143 -33.91 -3.25 -34.09
N PHE P 144 -32.73 -2.64 -33.99
CA PHE P 144 -32.04 -2.18 -35.18
C PHE P 144 -30.98 -3.17 -35.66
N TYR P 145 -30.72 -3.16 -36.98
CA TYR P 145 -29.65 -3.93 -37.60
C TYR P 145 -29.23 -3.24 -38.91
N PRO P 146 -27.92 -3.09 -39.14
CA PRO P 146 -26.78 -3.52 -38.30
C PRO P 146 -26.63 -2.72 -37.02
N GLY P 147 -25.74 -3.17 -36.14
CA GLY P 147 -25.74 -2.74 -34.76
C GLY P 147 -24.90 -1.52 -34.46
N ALA P 148 -25.07 -0.48 -35.25
CA ALA P 148 -24.32 0.76 -35.03
C ALA P 148 -25.18 2.00 -35.21
N VAL P 149 -25.37 2.72 -34.11
CA VAL P 149 -26.12 3.98 -34.10
C VAL P 149 -25.31 5.08 -33.42
N THR P 150 -25.55 6.33 -33.81
CA THR P 150 -25.00 7.45 -33.06
C THR P 150 -26.18 8.18 -32.42
N VAL P 151 -25.96 8.75 -31.25
CA VAL P 151 -27.03 9.45 -30.53
C VAL P 151 -26.68 10.92 -30.24
N ALA P 152 -27.63 11.83 -30.48
CA ALA P 152 -27.38 13.24 -30.24
C ALA P 152 -28.51 13.91 -29.45
N TRP P 153 -28.17 14.62 -28.38
CA TRP P 153 -29.17 15.32 -27.56
C TRP P 153 -29.33 16.80 -27.92
N LYS P 154 -30.55 17.32 -27.70
CA LYS P 154 -30.89 18.70 -28.03
C LYS P 154 -31.53 19.41 -26.83
N ALA P 155 -31.01 20.59 -26.49
CA ALA P 155 -31.69 21.49 -25.56
C ALA P 155 -32.45 22.53 -26.38
N ASP P 156 -33.79 22.46 -26.35
CA ASP P 156 -34.64 23.24 -27.24
C ASP P 156 -34.35 22.92 -28.72
N GLY P 157 -33.43 23.68 -29.32
CA GLY P 157 -32.98 23.44 -30.68
C GLY P 157 -31.48 23.26 -30.84
N SER P 158 -30.71 23.58 -29.79
CA SER P 158 -29.25 23.49 -29.84
C SER P 158 -28.73 22.29 -29.05
N PRO P 159 -27.64 21.67 -29.55
CA PRO P 159 -27.07 20.46 -28.93
C PRO P 159 -26.48 20.70 -27.53
N VAL P 160 -26.47 19.67 -26.70
CA VAL P 160 -25.74 19.70 -25.43
C VAL P 160 -24.87 18.46 -25.31
N LYS P 161 -23.59 18.67 -25.04
CA LYS P 161 -22.66 17.54 -24.98
C LYS P 161 -22.40 17.11 -23.53
N ALA P 162 -22.69 18.03 -22.60
CA ALA P 162 -22.42 17.83 -21.19
C ALA P 162 -23.51 17.03 -20.49
N GLY P 163 -23.13 15.97 -19.78
CA GLY P 163 -24.06 15.22 -18.97
C GLY P 163 -24.60 13.98 -19.66
N VAL P 164 -23.97 13.60 -20.76
CA VAL P 164 -24.44 12.48 -21.58
C VAL P 164 -23.65 11.20 -21.31
N GLU P 165 -24.40 10.09 -21.14
CA GLU P 165 -23.84 8.73 -21.06
C GLU P 165 -24.59 7.78 -22.00
N THR P 166 -23.87 7.14 -22.92
CA THR P 166 -24.47 6.20 -23.87
C THR P 166 -23.75 4.85 -23.76
N THR P 167 -24.50 3.76 -23.92
CA THR P 167 -23.92 2.41 -23.92
C THR P 167 -23.33 2.00 -25.28
N LYS P 168 -22.49 0.98 -25.27
CA LYS P 168 -22.17 0.26 -26.50
C LYS P 168 -23.43 -0.48 -26.93
N PRO P 169 -23.70 -0.52 -28.24
CA PRO P 169 -24.85 -1.31 -28.71
C PRO P 169 -24.63 -2.79 -28.41
N SER P 170 -25.67 -3.54 -28.10
CA SER P 170 -25.49 -4.95 -27.77
C SER P 170 -26.59 -5.82 -28.39
N LYS P 171 -26.20 -6.93 -28.99
CA LYS P 171 -27.15 -7.86 -29.61
C LYS P 171 -28.16 -8.41 -28.60
N GLN P 172 -29.45 -8.20 -28.87
CA GLN P 172 -30.54 -8.68 -28.04
C GLN P 172 -30.70 -10.18 -28.27
N SER P 173 -31.72 -10.75 -27.65
CA SER P 173 -31.98 -12.17 -27.82
C SER P 173 -32.47 -12.45 -29.25
N ASN P 174 -33.30 -11.57 -29.81
CA ASN P 174 -33.84 -11.81 -31.15
C ASN P 174 -32.90 -11.46 -32.31
N ASN P 175 -31.60 -11.46 -32.01
CA ASN P 175 -30.55 -11.23 -33.00
C ASN P 175 -30.53 -9.84 -33.64
N LYS P 176 -31.23 -8.90 -33.02
CA LYS P 176 -31.11 -7.50 -33.40
C LYS P 176 -30.32 -6.77 -32.32
N TYR P 177 -30.16 -5.46 -32.44
CA TYR P 177 -29.33 -4.71 -31.47
C TYR P 177 -30.12 -3.70 -30.63
N ALA P 178 -29.60 -3.39 -29.45
CA ALA P 178 -30.22 -2.42 -28.56
C ALA P 178 -29.18 -1.45 -27.99
N ALA P 179 -29.64 -0.27 -27.55
CA ALA P 179 -28.74 0.70 -26.94
C ALA P 179 -29.49 1.68 -26.03
N SER P 180 -28.85 2.08 -24.95
CA SER P 180 -29.46 3.04 -24.02
C SER P 180 -28.64 4.32 -24.02
N SER P 181 -29.30 5.46 -23.88
CA SER P 181 -28.61 6.75 -23.65
C SER P 181 -29.28 7.56 -22.53
N TYR P 182 -28.50 7.94 -21.52
CA TYR P 182 -29.01 8.72 -20.38
C TYR P 182 -28.46 10.15 -20.33
N LEU P 183 -29.34 11.14 -20.19
CA LEU P 183 -28.94 12.55 -20.02
C LEU P 183 -29.22 13.05 -18.59
N SER P 184 -28.18 13.34 -17.83
CA SER P 184 -28.35 13.71 -16.42
C SER P 184 -28.35 15.23 -16.21
N LEU P 185 -29.45 15.74 -15.67
CA LEU P 185 -29.62 17.18 -15.46
C LEU P 185 -29.99 17.50 -14.00
N THR P 186 -29.94 18.78 -13.64
CA THR P 186 -30.56 19.27 -12.40
C THR P 186 -32.05 19.54 -12.68
N PRO P 187 -32.89 19.46 -11.64
CA PRO P 187 -34.30 19.83 -11.84
C PRO P 187 -34.43 21.28 -12.34
N GLU P 188 -33.50 22.15 -11.90
CA GLU P 188 -33.49 23.53 -12.35
C GLU P 188 -33.31 23.61 -13.86
N GLN P 189 -32.32 22.87 -14.39
CA GLN P 189 -32.09 22.82 -15.84
C GLN P 189 -33.28 22.21 -16.60
N TRP P 190 -33.83 21.13 -16.07
CA TRP P 190 -34.94 20.43 -16.73
C TRP P 190 -36.14 21.36 -16.94
N LYS P 191 -36.60 22.00 -15.85
CA LYS P 191 -37.73 22.91 -15.94
C LYS P 191 -37.36 24.21 -16.68
N SER P 192 -36.07 24.36 -16.97
CA SER P 192 -35.53 25.59 -17.58
C SER P 192 -35.68 25.67 -19.09
N HIS P 193 -36.13 24.59 -19.73
CA HIS P 193 -36.20 24.58 -21.20
C HIS P 193 -37.61 24.26 -21.72
N ARG P 194 -37.83 24.57 -22.99
CA ARG P 194 -39.09 24.29 -23.67
C ARG P 194 -39.26 22.79 -23.90
N SER P 195 -38.28 22.18 -24.57
CA SER P 195 -38.28 20.74 -24.80
C SER P 195 -36.86 20.21 -24.96
N TYR P 196 -36.73 18.90 -24.75
CA TYR P 196 -35.47 18.18 -24.95
C TYR P 196 -35.71 17.08 -25.99
N SER P 197 -34.71 16.84 -26.85
CA SER P 197 -34.86 15.84 -27.92
C SER P 197 -33.73 14.82 -27.94
N CYS P 198 -34.09 13.57 -28.15
CA CYS P 198 -33.12 12.48 -28.36
C CYS P 198 -33.15 12.12 -29.85
N GLN P 199 -31.99 12.14 -30.50
CA GLN P 199 -31.91 11.96 -31.95
C GLN P 199 -31.01 10.81 -32.39
N VAL P 200 -31.65 9.73 -32.83
CA VAL P 200 -30.95 8.51 -33.22
C VAL P 200 -30.70 8.46 -34.73
N THR P 201 -29.44 8.28 -35.11
CA THR P 201 -29.05 8.21 -36.51
C THR P 201 -28.50 6.82 -36.85
N HIS P 202 -29.25 6.10 -37.68
CA HIS P 202 -28.92 4.72 -38.04
C HIS P 202 -29.00 4.54 -39.55
N GLU P 203 -27.88 4.16 -40.18
CA GLU P 203 -27.83 3.94 -41.62
C GLU P 203 -28.33 5.12 -42.45
N GLY P 204 -27.81 6.31 -42.19
CA GLY P 204 -28.19 7.51 -42.93
C GLY P 204 -29.67 7.89 -42.85
N SER P 205 -30.33 7.43 -41.81
CA SER P 205 -31.74 7.80 -41.55
C SER P 205 -31.84 8.36 -40.13
N THR P 206 -32.81 9.21 -39.89
CA THR P 206 -32.93 9.86 -38.59
C THR P 206 -34.28 9.61 -37.91
N VAL P 207 -34.22 9.21 -36.64
CA VAL P 207 -35.42 9.17 -35.82
C VAL P 207 -35.23 10.12 -34.64
N GLU P 208 -36.24 10.91 -34.32
CA GLU P 208 -36.12 11.88 -33.24
C GLU P 208 -37.39 11.93 -32.38
N LYS P 209 -37.22 11.71 -31.07
CA LYS P 209 -38.33 11.86 -30.12
C LYS P 209 -38.16 13.08 -29.20
N THR P 210 -39.26 13.62 -28.70
CA THR P 210 -39.26 14.88 -27.94
C THR P 210 -40.05 14.78 -26.63
N VAL P 211 -39.55 15.44 -25.58
CA VAL P 211 -40.30 15.59 -24.33
C VAL P 211 -40.26 17.02 -23.79
N ALA P 212 -41.28 17.39 -23.03
CA ALA P 212 -41.33 18.72 -22.42
C ALA P 212 -41.72 18.56 -20.94
N PRO P 213 -41.20 19.45 -20.08
CA PRO P 213 -41.55 19.51 -18.66
C PRO P 213 -43.06 19.46 -18.41
N THR P 214 -43.61 18.24 -18.24
CA THR P 214 -45.06 17.93 -18.34
C THR P 214 -45.88 19.03 -19.01
N GLU P 215 -45.51 19.34 -20.25
CA GLU P 215 -46.07 20.44 -21.03
C GLU P 215 -45.84 21.80 -20.36
#